data_5GNZ
#
_entry.id   5GNZ
#
_cell.length_a   97.160
_cell.length_b   214.039
_cell.length_c   99.327
_cell.angle_alpha   90.00
_cell.angle_beta   109.27
_cell.angle_gamma   90.00
#
_symmetry.space_group_name_H-M   'P 1 21 1'
#
loop_
_entity.id
_entity.type
_entity.pdbx_description
1 polymer Beta-glucosidase
2 non-polymer beta-D-glucopyranose
3 non-polymer GLYCEROL
4 water water
#
_entity_poly.entity_id   1
_entity_poly.type   'polypeptide(L)'
_entity_poly.pdbx_seq_one_letter_code
;MGSMTSDTARSYRFPEGFLWGAATAAYQIEGSSMADGAGESIWDRFSHTPGNMKDGDTGDVACDHYNRWREDIELMKRLN
LQAYRFSVSWSRVIPQGRGAINPKGLAFYDRLVDGLLEAGIEPLATLYHWDLPAALDDRGGWLNPDIADWFADYGQVLFE
KFKGRVKTWGTINEPWCIVDGGYLHGALAPGHRSAYEAVIAGHNVLRAHGAAVRRFREVGEGQIGIVLNIEPKYPASDKP
EDEAARRRAEAQMNRWFLDPLMGRGYPEELTDVYGAAWREFPKEDFELIAEPTDWMGLNWYTRAVPENAPDAWPTRSRPV
RQTQHAHTETGWEVYPPALTDTLVWLSEQTGGKLPLMVTENGSAWYDPPHAIDGRIHDPMRVHYLQTHIKALHDAIGKGV
DLRGYMVWSLLDNLEWSLGYSKRFGIVHVNFATQERTIKDSGLFYAEVIKTHGDVLNTLKLHHHHHH
;
_entity_poly.pdbx_strand_id   A,B,C,D,H,I,J,K
#
loop_
_chem_comp.id
_chem_comp.type
_chem_comp.name
_chem_comp.formula
BGC D-saccharide, beta linking beta-D-glucopyranose 'C6 H12 O6'
GOL non-polymer GLYCEROL 'C3 H8 O3'
#
# COMPACT_ATOMS: atom_id res chain seq x y z
N ARG A 10 21.30 22.90 -52.31
CA ARG A 10 20.02 22.48 -51.78
C ARG A 10 20.04 22.43 -50.26
N SER A 11 19.39 23.42 -49.64
CA SER A 11 19.27 23.44 -48.18
C SER A 11 18.10 22.57 -47.71
N TYR A 12 18.21 22.05 -46.49
CA TYR A 12 17.15 21.25 -45.90
C TYR A 12 16.84 21.68 -44.48
N ARG A 13 17.04 22.97 -44.20
CA ARG A 13 16.65 23.54 -42.92
C ARG A 13 15.15 23.48 -42.78
N PHE A 14 14.67 23.05 -41.62
CA PHE A 14 13.24 22.91 -41.40
C PHE A 14 12.66 24.16 -40.75
N PRO A 15 11.33 24.34 -40.86
CA PRO A 15 10.64 25.51 -40.29
C PRO A 15 10.86 25.71 -38.80
N GLU A 16 10.73 26.95 -38.35
CA GLU A 16 10.85 27.28 -36.94
C GLU A 16 9.79 26.53 -36.15
N GLY A 17 10.18 25.91 -35.06
CA GLY A 17 9.23 25.18 -34.23
C GLY A 17 8.92 23.77 -34.71
N PHE A 18 9.52 23.36 -35.83
CA PHE A 18 9.31 22.01 -36.34
C PHE A 18 9.81 20.99 -35.31
N LEU A 19 8.92 20.08 -34.93
CA LEU A 19 9.18 19.21 -33.79
C LEU A 19 9.71 17.83 -34.19
N TRP A 20 10.90 17.49 -33.70
CA TRP A 20 11.51 16.20 -33.98
C TRP A 20 11.35 15.26 -32.80
N GLY A 21 10.93 14.03 -33.07
CA GLY A 21 10.77 13.05 -32.00
C GLY A 21 10.77 11.60 -32.41
N ALA A 22 10.38 10.74 -31.48
CA ALA A 22 10.30 9.30 -31.80
C ALA A 22 9.11 8.66 -31.13
N ALA A 23 8.66 7.51 -31.65
CA ALA A 23 7.40 6.95 -31.20
C ALA A 23 7.47 5.50 -30.75
N THR A 24 6.55 5.13 -29.87
CA THR A 24 6.42 3.76 -29.36
C THR A 24 4.93 3.45 -29.14
N ALA A 25 4.63 2.21 -28.76
CA ALA A 25 3.30 1.85 -28.32
C ALA A 25 3.40 0.96 -27.08
N ALA A 26 2.38 1.02 -26.24
CA ALA A 26 2.43 0.39 -24.92
C ALA A 26 2.70 -1.11 -24.95
N TYR A 27 1.86 -1.88 -25.66
CA TYR A 27 2.02 -3.34 -25.65
C TYR A 27 3.31 -3.75 -26.35
N GLN A 28 3.84 -2.87 -27.18
CA GLN A 28 5.01 -3.21 -27.97
C GLN A 28 6.31 -3.05 -27.19
N ILE A 29 6.30 -2.26 -26.12
CA ILE A 29 7.55 -2.02 -25.38
C ILE A 29 7.49 -2.28 -23.87
N GLU A 30 6.31 -2.17 -23.26
CA GLU A 30 6.22 -2.06 -21.80
C GLU A 30 6.56 -3.33 -21.04
N GLY A 31 5.97 -4.45 -21.43
CA GLY A 31 6.04 -5.64 -20.60
C GLY A 31 5.22 -5.40 -19.34
N SER A 32 5.33 -6.29 -18.35
CA SER A 32 4.62 -6.14 -17.09
C SER A 32 3.15 -5.86 -17.38
N SER A 33 2.58 -6.64 -18.29
CA SER A 33 1.28 -6.32 -18.86
C SER A 33 0.12 -6.41 -17.88
N MET A 34 0.23 -7.31 -16.91
CA MET A 34 -0.80 -7.47 -15.90
C MET A 34 -0.27 -7.11 -14.50
N ALA A 35 0.81 -6.35 -14.46
CA ALA A 35 1.49 -6.00 -13.21
C ALA A 35 0.87 -4.77 -12.53
N ASP A 36 0.99 -4.72 -11.21
CA ASP A 36 0.53 -3.58 -10.41
C ASP A 36 -0.92 -3.21 -10.66
N GLY A 37 -1.80 -4.20 -10.62
CA GLY A 37 -3.23 -3.96 -10.79
C GLY A 37 -3.72 -3.93 -12.22
N ALA A 38 -2.80 -3.94 -13.18
CA ALA A 38 -3.16 -3.83 -14.58
C ALA A 38 -4.06 -4.99 -15.03
N GLY A 39 -5.07 -4.65 -15.82
CA GLY A 39 -6.01 -5.63 -16.34
C GLY A 39 -5.52 -6.42 -17.54
N GLU A 40 -6.32 -7.40 -17.93
CA GLU A 40 -6.06 -8.23 -19.10
C GLU A 40 -6.52 -7.51 -20.37
N SER A 41 -5.67 -7.42 -21.38
CA SER A 41 -6.05 -6.83 -22.65
C SER A 41 -6.28 -7.91 -23.70
N ILE A 42 -6.83 -7.52 -24.84
CA ILE A 42 -7.07 -8.46 -25.93
C ILE A 42 -5.76 -9.03 -26.49
N TRP A 43 -4.66 -8.31 -26.31
CA TRP A 43 -3.37 -8.81 -26.77
C TRP A 43 -2.75 -9.79 -25.79
N ASP A 44 -3.07 -9.66 -24.51
CA ASP A 44 -2.71 -10.66 -23.52
C ASP A 44 -3.30 -12.02 -23.94
N ARG A 45 -4.59 -12.00 -24.31
CA ARG A 45 -5.26 -13.20 -24.78
C ARG A 45 -4.73 -13.69 -26.12
N PHE A 46 -4.67 -12.78 -27.09
CA PHE A 46 -4.29 -13.10 -28.47
C PHE A 46 -2.88 -13.67 -28.58
N SER A 47 -1.93 -13.04 -27.89
CA SER A 47 -0.54 -13.46 -28.01
C SER A 47 -0.25 -14.79 -27.34
N HIS A 48 -1.12 -15.21 -26.44
CA HIS A 48 -0.94 -16.48 -25.74
C HIS A 48 -1.83 -17.59 -26.31
N THR A 49 -2.24 -17.43 -27.56
CA THR A 49 -2.96 -18.47 -28.27
C THR A 49 -2.05 -18.97 -29.38
N PRO A 50 -1.77 -20.29 -29.38
CA PRO A 50 -0.81 -20.85 -30.33
C PRO A 50 -1.21 -20.61 -31.77
N GLY A 51 -0.24 -20.28 -32.62
CA GLY A 51 -0.50 -20.01 -34.02
C GLY A 51 -0.66 -18.55 -34.38
N ASN A 52 -0.94 -17.71 -33.38
CA ASN A 52 -1.19 -16.29 -33.65
C ASN A 52 0.08 -15.47 -33.87
N MET A 53 1.14 -15.81 -33.17
CA MET A 53 2.35 -15.00 -33.17
C MET A 53 3.56 -15.76 -33.70
N LYS A 54 4.38 -15.09 -34.48
CA LYS A 54 5.60 -15.68 -35.01
C LYS A 54 6.54 -16.11 -33.89
N ASP A 55 7.02 -17.36 -33.96
CA ASP A 55 7.91 -17.94 -32.97
C ASP A 55 7.29 -18.01 -31.56
N GLY A 56 5.98 -17.83 -31.49
CA GLY A 56 5.28 -17.81 -30.21
C GLY A 56 5.62 -16.63 -29.34
N ASP A 57 6.09 -15.55 -29.96
CA ASP A 57 6.46 -14.34 -29.24
C ASP A 57 5.25 -13.70 -28.54
N THR A 58 5.47 -13.09 -27.39
CA THR A 58 4.43 -12.34 -26.68
C THR A 58 4.97 -11.01 -26.18
N GLY A 59 4.07 -10.17 -25.68
CA GLY A 59 4.46 -8.90 -25.09
C GLY A 59 4.71 -8.94 -23.59
N ASP A 60 4.91 -10.14 -23.04
CA ASP A 60 5.14 -10.29 -21.60
C ASP A 60 6.35 -9.50 -21.08
N VAL A 61 7.42 -9.50 -21.85
CA VAL A 61 8.64 -8.76 -21.46
C VAL A 61 8.90 -7.58 -22.37
N ALA A 62 8.91 -7.84 -23.68
CA ALA A 62 9.20 -6.82 -24.68
C ALA A 62 10.51 -6.10 -24.39
N CYS A 63 10.44 -4.78 -24.25
CA CYS A 63 11.61 -3.99 -23.94
C CYS A 63 11.74 -3.71 -22.45
N ASP A 64 10.86 -4.33 -21.66
CA ASP A 64 10.84 -4.16 -20.22
C ASP A 64 10.79 -2.67 -19.84
N HIS A 65 10.10 -1.89 -20.67
CA HIS A 65 10.07 -0.43 -20.53
C HIS A 65 9.40 0.05 -19.25
N TYR A 66 8.42 -0.71 -18.78
CA TYR A 66 7.72 -0.38 -17.53
C TYR A 66 8.71 -0.27 -16.38
N ASN A 67 9.79 -1.04 -16.45
CA ASN A 67 10.83 -1.01 -15.43
C ASN A 67 12.03 -0.12 -15.78
N ARG A 68 12.28 0.08 -17.06
CA ARG A 68 13.50 0.76 -17.52
C ARG A 68 13.26 2.12 -18.19
N TRP A 69 12.10 2.72 -17.92
CA TRP A 69 11.69 3.96 -18.58
C TRP A 69 12.68 5.10 -18.34
N ARG A 70 13.28 5.16 -17.16
CA ARG A 70 14.29 6.18 -16.86
C ARG A 70 15.52 6.08 -17.76
N GLU A 71 16.05 4.86 -17.91
CA GLU A 71 17.15 4.61 -18.84
C GLU A 71 16.73 5.04 -20.24
N ASP A 72 15.49 4.71 -20.61
CA ASP A 72 15.02 5.06 -21.95
C ASP A 72 14.93 6.58 -22.15
N ILE A 73 14.57 7.31 -21.09
CA ILE A 73 14.56 8.77 -21.16
C ILE A 73 15.98 9.31 -21.36
N GLU A 74 16.94 8.71 -20.66
CA GLU A 74 18.33 9.12 -20.86
C GLU A 74 18.73 8.88 -22.31
N LEU A 75 18.24 7.79 -22.89
CA LEU A 75 18.48 7.50 -24.30
C LEU A 75 17.86 8.53 -25.23
N MET A 76 16.65 8.98 -24.89
CA MET A 76 16.00 10.04 -25.67
C MET A 76 16.85 11.30 -25.65
N LYS A 77 17.39 11.63 -24.48
CA LYS A 77 18.25 12.81 -24.35
C LYS A 77 19.51 12.68 -25.20
N ARG A 78 20.13 11.50 -25.19
CA ARG A 78 21.31 11.29 -26.04
C ARG A 78 21.00 11.45 -27.53
N LEU A 79 19.76 11.18 -27.93
CA LEU A 79 19.34 11.31 -29.32
C LEU A 79 18.86 12.71 -29.69
N ASN A 80 18.90 13.63 -28.72
CA ASN A 80 18.45 15.00 -28.91
C ASN A 80 16.96 15.11 -29.23
N LEU A 81 16.17 14.15 -28.76
CA LEU A 81 14.74 14.15 -29.06
C LEU A 81 14.06 15.36 -28.43
N GLN A 82 13.13 15.96 -29.16
CA GLN A 82 12.38 17.10 -28.67
C GLN A 82 10.98 16.64 -28.30
N ALA A 83 10.63 15.45 -28.78
CA ALA A 83 9.32 14.88 -28.48
C ALA A 83 9.35 13.35 -28.41
N TYR A 84 8.49 12.83 -27.56
CA TYR A 84 8.33 11.39 -27.43
C TYR A 84 6.85 11.05 -27.52
N ARG A 85 6.50 10.31 -28.57
CA ARG A 85 5.14 9.89 -28.79
C ARG A 85 4.97 8.49 -28.23
N PHE A 86 4.01 8.34 -27.35
CA PHE A 86 3.81 7.07 -26.67
C PHE A 86 2.32 6.84 -26.51
N SER A 87 1.93 5.61 -26.21
CA SER A 87 0.52 5.33 -25.95
C SER A 87 0.31 4.91 -24.51
N VAL A 88 -0.91 5.10 -24.02
CA VAL A 88 -1.29 4.69 -22.68
C VAL A 88 -2.12 3.42 -22.75
N SER A 89 -1.72 2.40 -21.98
CA SER A 89 -2.49 1.16 -21.94
C SER A 89 -3.78 1.36 -21.15
N TRP A 90 -4.90 1.27 -21.87
CA TRP A 90 -6.24 1.43 -21.29
C TRP A 90 -6.46 0.51 -20.10
N SER A 91 -6.08 -0.76 -20.25
CA SER A 91 -6.31 -1.75 -19.22
C SER A 91 -5.35 -1.60 -18.04
N ARG A 92 -4.23 -0.92 -18.25
CA ARG A 92 -3.32 -0.65 -17.16
C ARG A 92 -3.89 0.43 -16.25
N VAL A 93 -4.65 1.36 -16.83
CA VAL A 93 -5.20 2.50 -16.11
C VAL A 93 -6.60 2.19 -15.59
N ILE A 94 -7.39 1.50 -16.41
CA ILE A 94 -8.73 1.07 -16.02
C ILE A 94 -8.88 -0.42 -16.35
N PRO A 95 -8.53 -1.28 -15.38
CA PRO A 95 -8.38 -2.74 -15.58
C PRO A 95 -9.57 -3.42 -16.24
N GLN A 96 -10.78 -2.99 -15.90
CA GLN A 96 -11.99 -3.55 -16.51
C GLN A 96 -12.55 -2.67 -17.63
N GLY A 97 -11.79 -1.66 -18.03
CA GLY A 97 -12.20 -0.79 -19.12
C GLY A 97 -13.17 0.31 -18.69
N ARG A 98 -14.08 -0.06 -17.79
CA ARG A 98 -14.96 0.91 -17.14
C ARG A 98 -14.82 0.77 -15.63
N GLY A 99 -15.19 1.81 -14.90
CA GLY A 99 -15.24 1.71 -13.44
C GLY A 99 -13.98 2.19 -12.75
N ALA A 100 -13.51 1.39 -11.79
CA ALA A 100 -12.41 1.79 -10.92
C ALA A 100 -11.11 2.05 -11.67
N ILE A 101 -10.44 3.15 -11.32
CA ILE A 101 -9.11 3.47 -11.84
C ILE A 101 -8.06 2.70 -11.05
N ASN A 102 -6.99 2.28 -11.73
CA ASN A 102 -5.87 1.61 -11.08
C ASN A 102 -4.76 2.63 -10.80
N PRO A 103 -4.63 3.03 -9.52
CA PRO A 103 -3.70 4.08 -9.08
C PRO A 103 -2.25 3.86 -9.50
N LYS A 104 -1.73 2.65 -9.36
CA LYS A 104 -0.34 2.37 -9.72
C LYS A 104 -0.12 2.52 -11.22
N GLY A 105 -1.09 2.05 -11.99
CA GLY A 105 -1.02 2.11 -13.43
C GLY A 105 -0.98 3.54 -13.93
N LEU A 106 -1.85 4.37 -13.38
CA LEU A 106 -1.87 5.79 -13.72
C LEU A 106 -0.60 6.47 -13.24
N ALA A 107 -0.09 6.02 -12.09
CA ALA A 107 1.12 6.58 -11.49
C ALA A 107 2.34 6.36 -12.37
N PHE A 108 2.39 5.23 -13.05
CA PHE A 108 3.47 4.99 -14.00
C PHE A 108 3.56 6.09 -15.07
N TYR A 109 2.43 6.39 -15.71
CA TYR A 109 2.40 7.40 -16.75
C TYR A 109 2.59 8.79 -16.18
N ASP A 110 2.18 8.98 -14.92
CA ASP A 110 2.43 10.23 -14.23
C ASP A 110 3.94 10.48 -14.10
N ARG A 111 4.66 9.47 -13.60
CA ARG A 111 6.11 9.55 -13.46
C ARG A 111 6.77 9.75 -14.81
N LEU A 112 6.30 9.00 -15.81
CA LEU A 112 6.85 9.07 -17.15
C LEU A 112 6.73 10.49 -17.71
N VAL A 113 5.53 11.07 -17.62
CA VAL A 113 5.29 12.40 -18.17
C VAL A 113 6.10 13.46 -17.43
N ASP A 114 6.15 13.40 -16.10
CA ASP A 114 6.96 14.35 -15.35
C ASP A 114 8.44 14.24 -15.72
N GLY A 115 8.92 13.01 -15.89
CA GLY A 115 10.30 12.77 -16.29
C GLY A 115 10.59 13.32 -17.68
N LEU A 116 9.63 13.21 -18.58
CA LEU A 116 9.78 13.74 -19.94
C LEU A 116 9.84 15.25 -19.93
N LEU A 117 8.92 15.88 -19.21
CA LEU A 117 8.89 17.34 -19.11
C LEU A 117 10.15 17.88 -18.45
N GLU A 118 10.64 17.19 -17.42
CA GLU A 118 11.89 17.55 -16.77
C GLU A 118 13.08 17.51 -17.73
N ALA A 119 13.05 16.59 -18.67
CA ALA A 119 14.15 16.42 -19.62
C ALA A 119 14.02 17.40 -20.78
N GLY A 120 12.93 18.17 -20.80
CA GLY A 120 12.68 19.11 -21.87
C GLY A 120 12.08 18.43 -23.08
N ILE A 121 11.50 17.26 -22.88
CA ILE A 121 10.92 16.48 -23.96
C ILE A 121 9.38 16.53 -23.92
N GLU A 122 8.80 16.89 -25.06
CA GLU A 122 7.35 17.00 -25.19
C GLU A 122 6.67 15.64 -25.28
N PRO A 123 5.79 15.35 -24.32
CA PRO A 123 5.04 14.09 -24.33
C PRO A 123 3.82 14.15 -25.26
N LEU A 124 3.81 13.26 -26.25
CA LEU A 124 2.69 13.18 -27.19
C LEU A 124 1.92 11.90 -26.90
N ALA A 125 0.73 12.04 -26.33
CA ALA A 125 0.05 10.83 -25.83
C ALA A 125 -1.03 10.29 -26.74
N THR A 126 -1.06 8.97 -26.89
CA THR A 126 -2.09 8.28 -27.67
C THR A 126 -3.02 7.50 -26.75
N LEU A 127 -4.32 7.72 -26.89
CA LEU A 127 -5.29 7.07 -26.03
C LEU A 127 -5.42 5.58 -26.34
N TYR A 128 -5.55 5.25 -27.63
CA TYR A 128 -5.77 3.86 -28.02
C TYR A 128 -4.81 3.38 -29.10
N HIS A 129 -3.97 2.43 -28.73
CA HIS A 129 -3.05 1.81 -29.67
C HIS A 129 -3.21 0.30 -29.64
N TRP A 130 -4.44 -0.14 -29.92
CA TRP A 130 -4.78 -1.52 -30.28
C TRP A 130 -4.97 -2.45 -29.08
N ASP A 131 -4.79 -1.93 -27.87
CA ASP A 131 -4.83 -2.76 -26.68
C ASP A 131 -6.09 -2.57 -25.84
N LEU A 132 -7.25 -2.90 -26.43
CA LEU A 132 -8.53 -2.87 -25.72
C LEU A 132 -8.54 -3.79 -24.51
N PRO A 133 -9.08 -3.30 -23.37
CA PRO A 133 -9.31 -4.16 -22.20
C PRO A 133 -10.20 -5.35 -22.55
N ALA A 134 -9.80 -6.55 -22.13
CA ALA A 134 -10.53 -7.77 -22.47
C ALA A 134 -11.96 -7.76 -21.93
N ALA A 135 -12.17 -7.08 -20.81
CA ALA A 135 -13.48 -7.00 -20.19
C ALA A 135 -14.48 -6.28 -21.10
N LEU A 136 -13.99 -5.32 -21.89
CA LEU A 136 -14.85 -4.60 -22.81
C LEU A 136 -15.06 -5.41 -24.08
N ASP A 137 -14.06 -6.21 -24.45
CA ASP A 137 -14.19 -7.13 -25.57
C ASP A 137 -15.24 -8.20 -25.26
N ASP A 138 -15.37 -8.58 -24.00
CA ASP A 138 -16.40 -9.51 -23.59
C ASP A 138 -17.78 -8.87 -23.68
N ARG A 139 -17.82 -7.55 -23.81
CA ARG A 139 -19.07 -6.83 -24.03
C ARG A 139 -19.26 -6.44 -25.50
N GLY A 140 -18.45 -7.04 -26.38
CA GLY A 140 -18.62 -6.85 -27.81
C GLY A 140 -17.54 -6.01 -28.45
N GLY A 141 -16.72 -5.37 -27.61
CA GLY A 141 -15.65 -4.53 -28.10
C GLY A 141 -16.10 -3.41 -29.03
N TRP A 142 -15.41 -3.28 -30.15
CA TRP A 142 -15.71 -2.23 -31.12
C TRP A 142 -17.01 -2.50 -31.89
N LEU A 143 -17.66 -3.63 -31.62
CA LEU A 143 -18.95 -3.92 -32.23
C LEU A 143 -20.10 -3.34 -31.40
N ASN A 144 -19.79 -2.98 -30.16
CA ASN A 144 -20.78 -2.41 -29.25
C ASN A 144 -20.70 -0.89 -29.31
N PRO A 145 -21.81 -0.24 -29.73
CA PRO A 145 -21.83 1.22 -29.88
C PRO A 145 -21.49 1.96 -28.59
N ASP A 146 -21.77 1.35 -27.44
CA ASP A 146 -21.48 1.97 -26.15
C ASP A 146 -19.99 2.24 -25.97
N ILE A 147 -19.16 1.63 -26.80
CA ILE A 147 -17.73 1.82 -26.68
C ILE A 147 -17.39 3.28 -26.91
N ALA A 148 -18.20 3.97 -27.71
CA ALA A 148 -17.97 5.38 -27.96
C ALA A 148 -17.98 6.13 -26.63
N ASP A 149 -18.91 5.76 -25.77
CA ASP A 149 -18.97 6.36 -24.45
C ASP A 149 -17.82 5.86 -23.58
N TRP A 150 -17.54 4.56 -23.64
CA TRP A 150 -16.53 3.97 -22.77
C TRP A 150 -15.23 4.69 -23.01
N PHE A 151 -14.87 4.80 -24.28
CA PHE A 151 -13.63 5.44 -24.68
C PHE A 151 -13.59 6.86 -24.15
N ALA A 152 -14.69 7.58 -24.29
CA ALA A 152 -14.74 8.97 -23.87
C ALA A 152 -14.40 9.06 -22.39
N ASP A 153 -15.00 8.19 -21.60
CA ASP A 153 -14.80 8.25 -20.15
C ASP A 153 -13.32 8.00 -19.87
N TYR A 154 -12.76 7.03 -20.57
CA TYR A 154 -11.36 6.69 -20.39
C TYR A 154 -10.54 7.92 -20.73
N GLY A 155 -10.88 8.54 -21.87
CA GLY A 155 -10.16 9.72 -22.30
C GLY A 155 -10.18 10.78 -21.23
N GLN A 156 -11.34 10.96 -20.59
CA GLN A 156 -11.49 12.02 -19.61
C GLN A 156 -10.46 11.81 -18.49
N VAL A 157 -10.33 10.57 -18.05
CA VAL A 157 -9.43 10.25 -16.95
C VAL A 157 -8.04 10.77 -17.25
N LEU A 158 -7.62 10.63 -18.51
CA LEU A 158 -6.29 11.05 -18.88
C LEU A 158 -6.25 12.57 -19.01
N PHE A 159 -7.27 13.13 -19.68
CA PHE A 159 -7.32 14.56 -19.97
C PHE A 159 -7.16 15.39 -18.72
N GLU A 160 -7.83 14.96 -17.66
CA GLU A 160 -7.80 15.67 -16.40
C GLU A 160 -6.54 15.35 -15.60
N LYS A 161 -6.05 14.11 -15.69
CA LYS A 161 -4.87 13.74 -14.92
C LYS A 161 -3.65 14.50 -15.43
N PHE A 162 -3.57 14.68 -16.74
CA PHE A 162 -2.41 15.30 -17.35
C PHE A 162 -2.71 16.67 -17.94
N LYS A 163 -3.76 17.31 -17.44
CA LYS A 163 -4.09 18.67 -17.87
C LYS A 163 -2.92 19.63 -17.66
N GLY A 164 -2.50 20.28 -18.74
CA GLY A 164 -1.39 21.21 -18.66
C GLY A 164 -0.02 20.57 -18.82
N ARG A 165 0.04 19.25 -18.75
CA ARG A 165 1.30 18.54 -18.93
C ARG A 165 1.39 17.89 -20.30
N VAL A 166 0.36 17.14 -20.67
CA VAL A 166 0.27 16.61 -22.02
C VAL A 166 -0.64 17.53 -22.84
N LYS A 167 -0.05 18.26 -23.78
CA LYS A 167 -0.78 19.24 -24.56
C LYS A 167 -1.18 18.72 -25.93
N THR A 168 -0.52 17.66 -26.38
CA THR A 168 -0.86 17.07 -27.68
C THR A 168 -1.35 15.61 -27.58
N TRP A 169 -2.59 15.44 -28.00
CA TRP A 169 -3.32 14.19 -27.85
C TRP A 169 -3.72 13.54 -29.18
N GLY A 170 -3.49 12.23 -29.25
CA GLY A 170 -4.01 11.38 -30.30
C GLY A 170 -5.11 10.53 -29.72
N THR A 171 -6.17 10.32 -30.49
CA THR A 171 -7.29 9.52 -30.05
C THR A 171 -7.08 8.06 -30.42
N ILE A 172 -7.15 7.80 -31.71
CA ILE A 172 -7.00 6.44 -32.23
C ILE A 172 -5.76 6.33 -33.13
N ASN A 173 -4.97 5.28 -32.93
CA ASN A 173 -3.84 5.03 -33.82
C ASN A 173 -4.24 4.02 -34.89
N GLU A 174 -4.35 4.50 -36.12
CA GLU A 174 -4.64 3.65 -37.29
C GLU A 174 -5.91 2.81 -37.20
N PRO A 175 -7.07 3.45 -37.41
CA PRO A 175 -8.34 2.73 -37.48
C PRO A 175 -8.31 1.57 -38.46
N TRP A 176 -7.64 1.75 -39.60
CA TRP A 176 -7.61 0.71 -40.63
C TRP A 176 -6.92 -0.56 -40.16
N CYS A 177 -5.80 -0.44 -39.47
CA CYS A 177 -5.11 -1.63 -38.95
C CYS A 177 -5.97 -2.34 -37.91
N ILE A 178 -6.58 -1.55 -37.03
CA ILE A 178 -7.47 -2.06 -36.00
C ILE A 178 -8.61 -2.89 -36.59
N VAL A 179 -9.27 -2.36 -37.61
CA VAL A 179 -10.47 -3.00 -38.16
C VAL A 179 -10.15 -4.09 -39.20
N ASP A 180 -9.30 -3.74 -40.16
CA ASP A 180 -8.88 -4.67 -41.21
C ASP A 180 -8.07 -5.84 -40.64
N GLY A 181 -7.18 -5.55 -39.71
CA GLY A 181 -6.39 -6.59 -39.06
C GLY A 181 -7.16 -7.32 -37.97
N GLY A 182 -7.95 -6.59 -37.20
CA GLY A 182 -8.62 -7.17 -36.05
C GLY A 182 -9.97 -7.81 -36.31
N TYR A 183 -10.69 -7.33 -37.32
CA TYR A 183 -12.06 -7.76 -37.54
C TYR A 183 -12.32 -8.32 -38.94
N LEU A 184 -11.58 -7.86 -39.93
CA LEU A 184 -11.80 -8.32 -41.30
C LEU A 184 -11.06 -9.61 -41.62
N HIS A 185 -9.76 -9.64 -41.33
CA HIS A 185 -8.93 -10.80 -41.70
C HIS A 185 -8.45 -11.63 -40.52
N GLY A 186 -8.47 -11.06 -39.32
CA GLY A 186 -8.14 -11.80 -38.11
C GLY A 186 -6.66 -12.04 -37.87
N ALA A 187 -5.82 -11.23 -38.48
CA ALA A 187 -4.38 -11.35 -38.28
C ALA A 187 -3.94 -10.63 -37.01
N LEU A 188 -4.75 -9.69 -36.56
CA LEU A 188 -4.52 -8.98 -35.30
C LEU A 188 -5.65 -9.26 -34.30
N ALA A 189 -5.35 -9.04 -33.02
CA ALA A 189 -6.38 -9.10 -31.98
C ALA A 189 -7.54 -8.16 -32.31
N PRO A 190 -8.79 -8.59 -32.04
CA PRO A 190 -9.18 -9.82 -31.33
C PRO A 190 -9.29 -11.05 -32.23
N GLY A 191 -8.77 -10.96 -33.45
CA GLY A 191 -8.72 -12.12 -34.33
C GLY A 191 -10.05 -12.56 -34.93
N HIS A 192 -10.92 -11.60 -35.22
CA HIS A 192 -12.16 -11.92 -35.93
C HIS A 192 -11.97 -11.82 -37.43
N ARG A 193 -12.77 -12.57 -38.18
CA ARG A 193 -12.73 -12.52 -39.63
C ARG A 193 -14.14 -12.41 -40.20
N SER A 194 -14.56 -11.18 -40.45
CA SER A 194 -15.94 -10.90 -40.86
C SER A 194 -16.08 -9.51 -41.45
N ALA A 195 -16.62 -9.42 -42.66
CA ALA A 195 -16.87 -8.12 -43.29
C ALA A 195 -17.95 -7.34 -42.56
N TYR A 196 -18.96 -8.06 -42.09
CA TYR A 196 -20.06 -7.47 -41.34
C TYR A 196 -19.51 -6.75 -40.10
N GLU A 197 -18.64 -7.48 -39.39
CA GLU A 197 -18.04 -6.98 -38.17
C GLU A 197 -17.07 -5.86 -38.51
N ALA A 198 -16.36 -5.98 -39.61
CA ALA A 198 -15.42 -4.95 -40.03
C ALA A 198 -16.13 -3.62 -40.26
N VAL A 199 -17.25 -3.64 -40.97
CA VAL A 199 -18.00 -2.42 -41.24
C VAL A 199 -18.50 -1.79 -39.95
N ILE A 200 -19.10 -2.61 -39.09
CA ILE A 200 -19.59 -2.08 -37.81
C ILE A 200 -18.46 -1.51 -36.94
N ALA A 201 -17.36 -2.25 -36.84
CA ALA A 201 -16.20 -1.84 -36.04
C ALA A 201 -15.59 -0.53 -36.53
N GLY A 202 -15.44 -0.39 -37.84
CA GLY A 202 -14.93 0.84 -38.39
C GLY A 202 -15.81 2.02 -37.99
N HIS A 203 -17.12 1.82 -38.12
CA HIS A 203 -18.05 2.89 -37.76
C HIS A 203 -17.90 3.29 -36.28
N ASN A 204 -17.82 2.31 -35.40
CA ASN A 204 -17.72 2.60 -33.98
C ASN A 204 -16.37 3.16 -33.54
N VAL A 205 -15.29 2.82 -34.25
CA VAL A 205 -14.00 3.46 -34.00
C VAL A 205 -14.09 4.95 -34.32
N LEU A 206 -14.69 5.26 -35.47
CA LEU A 206 -14.87 6.67 -35.82
C LEU A 206 -15.73 7.41 -34.78
N ARG A 207 -16.82 6.77 -34.37
CA ARG A 207 -17.68 7.36 -33.34
C ARG A 207 -16.94 7.59 -32.02
N ALA A 208 -16.10 6.63 -31.64
CA ALA A 208 -15.34 6.74 -30.41
C ALA A 208 -14.39 7.94 -30.47
N HIS A 209 -13.76 8.11 -31.64
CA HIS A 209 -12.91 9.28 -31.85
C HIS A 209 -13.69 10.57 -31.61
N GLY A 210 -14.87 10.65 -32.22
CA GLY A 210 -15.71 11.84 -32.04
C GLY A 210 -16.09 12.10 -30.59
N ALA A 211 -16.49 11.06 -29.89
CA ALA A 211 -16.86 11.17 -28.48
C ALA A 211 -15.70 11.67 -27.63
N ALA A 212 -14.51 11.16 -27.90
CA ALA A 212 -13.33 11.58 -27.17
C ALA A 212 -13.01 13.05 -27.43
N VAL A 213 -13.19 13.48 -28.67
CA VAL A 213 -12.94 14.89 -28.99
C VAL A 213 -13.93 15.81 -28.27
N ARG A 214 -15.21 15.44 -28.27
CA ARG A 214 -16.20 16.24 -27.52
C ARG A 214 -15.87 16.32 -26.02
N ARG A 215 -15.54 15.16 -25.44
CA ARG A 215 -15.20 15.13 -24.03
C ARG A 215 -13.98 16.00 -23.75
N PHE A 216 -13.03 15.98 -24.69
CA PHE A 216 -11.82 16.79 -24.59
C PHE A 216 -12.16 18.27 -24.60
N ARG A 217 -13.14 18.64 -25.43
CA ARG A 217 -13.60 20.03 -25.46
C ARG A 217 -14.20 20.42 -24.13
N GLU A 218 -14.89 19.47 -23.49
CA GLU A 218 -15.54 19.77 -22.22
C GLU A 218 -14.60 19.85 -21.01
N VAL A 219 -13.60 18.97 -20.94
CA VAL A 219 -12.78 18.89 -19.73
C VAL A 219 -11.28 18.97 -19.97
N GLY A 220 -10.88 19.00 -21.25
CA GLY A 220 -9.47 18.92 -21.58
C GLY A 220 -8.80 20.24 -21.93
N GLU A 221 -7.49 20.19 -22.17
CA GLU A 221 -6.72 21.37 -22.51
C GLU A 221 -5.63 21.02 -23.54
N GLY A 222 -5.57 21.79 -24.62
CA GLY A 222 -4.59 21.57 -25.67
C GLY A 222 -5.15 21.21 -27.03
N GLN A 223 -4.40 20.39 -27.78
CA GLN A 223 -4.79 20.02 -29.14
C GLN A 223 -5.01 18.51 -29.25
N ILE A 224 -6.05 18.12 -29.98
CA ILE A 224 -6.41 16.72 -30.09
C ILE A 224 -6.69 16.33 -31.53
N GLY A 225 -6.35 15.10 -31.90
CA GLY A 225 -6.57 14.62 -33.25
C GLY A 225 -6.45 13.12 -33.38
N ILE A 226 -6.82 12.59 -34.56
CA ILE A 226 -6.68 11.17 -34.84
C ILE A 226 -5.39 10.91 -35.61
N VAL A 227 -4.97 9.66 -35.65
CA VAL A 227 -3.78 9.26 -36.39
C VAL A 227 -4.15 8.22 -37.44
N LEU A 228 -3.96 8.56 -38.71
CA LEU A 228 -4.28 7.65 -39.80
C LEU A 228 -3.04 7.14 -40.49
N ASN A 229 -3.05 5.85 -40.85
CA ASN A 229 -2.07 5.34 -41.79
C ASN A 229 -2.61 5.42 -43.21
N ILE A 230 -1.74 5.78 -44.14
CA ILE A 230 -2.12 5.89 -45.55
C ILE A 230 -1.10 5.15 -46.39
N GLU A 231 -1.56 4.35 -47.34
CA GLU A 231 -0.68 3.67 -48.26
C GLU A 231 -1.14 3.99 -49.68
N PRO A 232 -0.56 5.03 -50.28
CA PRO A 232 -0.96 5.56 -51.59
C PRO A 232 -0.96 4.48 -52.66
N LYS A 233 -2.03 4.41 -53.44
CA LYS A 233 -2.17 3.37 -54.46
C LYS A 233 -1.89 3.91 -55.87
N TYR A 234 -0.81 3.41 -56.45
CA TYR A 234 -0.35 3.84 -57.78
C TYR A 234 -0.83 2.91 -58.90
N PRO A 235 -0.92 3.43 -60.14
CA PRO A 235 -1.43 2.63 -61.27
C PRO A 235 -0.52 1.48 -61.69
N ALA A 236 -1.10 0.30 -61.88
CA ALA A 236 -0.35 -0.87 -62.34
C ALA A 236 -0.27 -0.96 -63.86
N SER A 237 -1.26 -0.39 -64.54
CA SER A 237 -1.39 -0.49 -65.98
C SER A 237 -2.46 0.49 -66.48
N ASP A 238 -2.77 0.43 -67.77
CA ASP A 238 -3.82 1.28 -68.33
C ASP A 238 -5.13 0.52 -68.53
N LYS A 239 -5.13 -0.76 -68.14
CA LYS A 239 -6.35 -1.56 -68.15
C LYS A 239 -7.35 -0.96 -67.16
N PRO A 240 -8.61 -0.79 -67.60
CA PRO A 240 -9.63 -0.14 -66.76
C PRO A 240 -10.01 -0.96 -65.52
N GLU A 241 -9.95 -2.29 -65.62
CA GLU A 241 -10.21 -3.13 -64.47
C GLU A 241 -9.15 -2.94 -63.39
N ASP A 242 -7.93 -2.59 -63.81
CA ASP A 242 -6.87 -2.33 -62.85
C ASP A 242 -7.07 -1.00 -62.14
N GLU A 243 -7.65 -0.02 -62.84
CA GLU A 243 -7.96 1.26 -62.23
C GLU A 243 -9.12 1.12 -61.26
N ALA A 244 -10.09 0.29 -61.63
CA ALA A 244 -11.18 -0.03 -60.73
C ALA A 244 -10.66 -0.73 -59.47
N ALA A 245 -9.71 -1.63 -59.68
CA ALA A 245 -9.04 -2.30 -58.55
C ALA A 245 -8.34 -1.30 -57.64
N ARG A 246 -7.55 -0.41 -58.25
CA ARG A 246 -6.86 0.65 -57.55
C ARG A 246 -7.81 1.49 -56.70
N ARG A 247 -8.96 1.83 -57.28
CA ARG A 247 -9.94 2.64 -56.58
C ARG A 247 -10.61 1.88 -55.44
N ARG A 248 -10.86 0.58 -55.63
CA ARG A 248 -11.35 -0.25 -54.53
C ARG A 248 -10.37 -0.29 -53.36
N ALA A 249 -9.10 -0.56 -53.65
CA ALA A 249 -8.08 -0.67 -52.62
C ALA A 249 -7.89 0.66 -51.89
N GLU A 250 -7.83 1.72 -52.69
CA GLU A 250 -7.69 3.09 -52.19
C GLU A 250 -8.85 3.48 -51.28
N ALA A 251 -10.06 3.12 -51.69
CA ALA A 251 -11.26 3.44 -50.91
C ALA A 251 -11.27 2.69 -49.59
N GLN A 252 -10.94 1.40 -49.67
CA GLN A 252 -11.00 0.55 -48.48
C GLN A 252 -9.91 0.90 -47.47
N MET A 253 -8.74 1.34 -47.95
CA MET A 253 -7.63 1.60 -47.03
C MET A 253 -7.43 3.06 -46.66
N ASN A 254 -7.46 3.94 -47.66
CA ASN A 254 -7.07 5.33 -47.45
C ASN A 254 -8.21 6.32 -47.28
N ARG A 255 -9.40 5.99 -47.79
CA ARG A 255 -10.51 6.92 -47.76
C ARG A 255 -11.63 6.52 -46.79
N TRP A 256 -11.65 5.26 -46.39
CA TRP A 256 -12.66 4.72 -45.49
C TRP A 256 -12.90 5.59 -44.25
N PHE A 257 -11.83 6.03 -43.62
CA PHE A 257 -11.95 6.79 -42.38
C PHE A 257 -11.77 8.29 -42.60
N LEU A 258 -10.84 8.66 -43.48
CA LEU A 258 -10.56 10.07 -43.75
C LEU A 258 -11.77 10.85 -44.28
N ASP A 259 -12.49 10.27 -45.23
CA ASP A 259 -13.64 10.95 -45.85
C ASP A 259 -14.74 11.33 -44.84
N PRO A 260 -15.22 10.36 -44.03
CA PRO A 260 -16.24 10.78 -43.05
C PRO A 260 -15.67 11.73 -41.99
N LEU A 261 -14.37 11.62 -41.71
CA LEU A 261 -13.71 12.55 -40.79
C LEU A 261 -13.72 13.96 -41.38
N MET A 262 -13.73 14.06 -42.71
CA MET A 262 -13.76 15.35 -43.38
C MET A 262 -15.19 15.74 -43.79
N GLY A 263 -16.17 14.97 -43.33
CA GLY A 263 -17.56 15.27 -43.61
C GLY A 263 -18.05 14.91 -44.99
N ARG A 264 -17.35 14.00 -45.66
CA ARG A 264 -17.69 13.62 -47.02
C ARG A 264 -18.45 12.31 -47.11
N GLY A 265 -18.84 11.77 -45.95
CA GLY A 265 -19.49 10.47 -45.90
C GLY A 265 -18.53 9.35 -46.26
N TYR A 266 -19.05 8.12 -46.31
CA TYR A 266 -18.25 6.96 -46.69
C TYR A 266 -18.08 6.90 -48.21
N PRO A 267 -16.88 6.49 -48.66
CA PRO A 267 -16.61 6.25 -50.08
C PRO A 267 -17.65 5.36 -50.74
N GLU A 268 -18.07 5.72 -51.95
CA GLU A 268 -19.11 4.99 -52.65
C GLU A 268 -18.67 3.55 -52.94
N GLU A 269 -17.38 3.39 -53.23
CA GLU A 269 -16.83 2.10 -53.63
C GLU A 269 -16.96 1.04 -52.56
N LEU A 270 -17.11 1.46 -51.31
CA LEU A 270 -17.22 0.52 -50.21
C LEU A 270 -18.48 -0.32 -50.38
N THR A 271 -19.52 0.29 -50.96
CA THR A 271 -20.75 -0.43 -51.22
C THR A 271 -20.44 -1.66 -52.09
N ASP A 272 -19.49 -1.48 -53.01
CA ASP A 272 -19.06 -2.56 -53.87
C ASP A 272 -18.09 -3.51 -53.17
N VAL A 273 -17.24 -2.97 -52.30
CA VAL A 273 -16.23 -3.80 -51.64
C VAL A 273 -16.84 -4.77 -50.65
N TYR A 274 -17.78 -4.29 -49.84
CA TYR A 274 -18.32 -5.06 -48.74
C TYR A 274 -19.68 -5.70 -49.04
N GLY A 275 -20.30 -5.28 -50.14
CA GLY A 275 -21.54 -5.88 -50.61
C GLY A 275 -22.64 -5.94 -49.56
N ALA A 276 -23.13 -7.16 -49.32
CA ALA A 276 -24.22 -7.39 -48.39
C ALA A 276 -23.84 -7.05 -46.95
N ALA A 277 -22.55 -6.93 -46.69
CA ALA A 277 -22.09 -6.59 -45.35
C ALA A 277 -22.13 -5.09 -45.12
N TRP A 278 -22.23 -4.30 -46.19
CA TRP A 278 -22.30 -2.85 -46.03
C TRP A 278 -23.63 -2.43 -45.41
N ARG A 279 -23.60 -1.35 -44.63
CA ARG A 279 -24.77 -0.86 -43.92
C ARG A 279 -24.90 0.64 -44.03
N GLU A 280 -26.13 1.13 -43.89
CA GLU A 280 -26.36 2.55 -43.71
C GLU A 280 -26.48 2.85 -42.23
N PHE A 281 -25.87 3.94 -41.80
CA PHE A 281 -25.89 4.32 -40.40
C PHE A 281 -26.65 5.65 -40.24
N PRO A 282 -27.22 5.88 -39.05
CA PRO A 282 -27.96 7.13 -38.79
C PRO A 282 -27.14 8.38 -39.06
N LYS A 283 -27.79 9.42 -39.56
CA LYS A 283 -27.12 10.66 -39.94
C LYS A 283 -26.36 11.39 -38.82
N GLU A 284 -26.85 11.35 -37.59
CA GLU A 284 -26.19 12.09 -36.51
C GLU A 284 -24.83 11.51 -36.14
N ASP A 285 -24.64 10.23 -36.47
CA ASP A 285 -23.37 9.57 -36.25
C ASP A 285 -22.27 10.32 -36.98
N PHE A 286 -22.56 10.76 -38.19
CA PHE A 286 -21.61 11.48 -39.02
C PHE A 286 -21.36 12.89 -38.52
N GLU A 287 -22.34 13.49 -37.86
CA GLU A 287 -22.10 14.76 -37.16
C GLU A 287 -21.09 14.53 -36.03
N LEU A 288 -21.28 13.44 -35.29
CA LEU A 288 -20.34 13.09 -34.23
C LEU A 288 -18.92 12.79 -34.75
N ILE A 289 -18.83 12.03 -35.84
CA ILE A 289 -17.55 11.59 -36.40
C ILE A 289 -16.70 12.77 -36.89
N ALA A 290 -17.37 13.80 -37.41
CA ALA A 290 -16.68 14.95 -38.00
C ALA A 290 -16.37 16.09 -37.01
N GLU A 291 -16.46 15.81 -35.72
CA GLU A 291 -16.10 16.80 -34.69
C GLU A 291 -14.75 17.45 -34.98
N PRO A 292 -14.71 18.79 -35.08
CA PRO A 292 -13.51 19.52 -35.48
C PRO A 292 -12.29 19.18 -34.65
N THR A 293 -11.17 18.87 -35.31
CA THR A 293 -9.95 18.52 -34.60
C THR A 293 -8.92 19.63 -34.76
N ASP A 294 -7.83 19.53 -34.03
CA ASP A 294 -6.82 20.59 -34.02
C ASP A 294 -5.64 20.22 -34.92
N TRP A 295 -5.40 18.92 -35.07
CA TRP A 295 -4.29 18.42 -35.86
C TRP A 295 -4.57 16.99 -36.34
N MET A 296 -3.76 16.50 -37.28
CA MET A 296 -3.87 15.11 -37.71
C MET A 296 -2.50 14.45 -37.87
N GLY A 297 -2.42 13.20 -37.45
CA GLY A 297 -1.20 12.43 -37.58
C GLY A 297 -1.22 11.50 -38.78
N LEU A 298 -0.10 11.44 -39.48
CA LEU A 298 0.09 10.49 -40.57
C LEU A 298 1.16 9.47 -40.22
N ASN A 299 0.78 8.19 -40.26
CA ASN A 299 1.72 7.10 -40.20
C ASN A 299 2.01 6.63 -41.61
N TRP A 300 3.27 6.66 -42.02
CA TRP A 300 3.59 6.37 -43.41
C TRP A 300 4.86 5.51 -43.55
N TYR A 301 4.81 4.53 -44.44
CA TYR A 301 5.93 3.63 -44.63
C TYR A 301 6.22 3.35 -46.11
N THR A 302 5.17 3.22 -46.92
CA THR A 302 5.32 2.73 -48.28
C THR A 302 4.11 3.03 -49.16
N ARG A 303 4.19 2.58 -50.40
CA ARG A 303 3.08 2.67 -51.35
C ARG A 303 2.69 1.28 -51.84
N ALA A 304 1.63 1.22 -52.64
CA ALA A 304 1.27 -0.03 -53.30
C ALA A 304 0.88 0.20 -54.76
N VAL A 305 1.00 -0.85 -55.56
CA VAL A 305 0.65 -0.78 -56.97
C VAL A 305 -0.35 -1.89 -57.26
N PRO A 306 -1.62 -1.64 -56.95
CA PRO A 306 -2.64 -2.70 -57.02
C PRO A 306 -3.11 -2.99 -58.43
N GLU A 307 -3.37 -4.27 -58.69
CA GLU A 307 -3.96 -4.73 -59.93
C GLU A 307 -5.21 -5.54 -59.58
N ASN A 308 -6.04 -5.80 -60.59
CA ASN A 308 -7.28 -6.54 -60.38
C ASN A 308 -6.97 -7.98 -59.96
N ALA A 309 -7.74 -8.47 -58.99
CA ALA A 309 -7.57 -9.82 -58.49
C ALA A 309 -8.91 -10.33 -57.98
N PRO A 310 -9.70 -10.91 -58.89
CA PRO A 310 -11.09 -11.31 -58.65
C PRO A 310 -11.31 -12.23 -57.45
N ASP A 311 -10.30 -12.98 -57.05
CA ASP A 311 -10.43 -13.92 -55.94
C ASP A 311 -9.91 -13.37 -54.62
N ALA A 312 -9.43 -12.12 -54.63
CA ALA A 312 -8.91 -11.50 -53.43
C ALA A 312 -10.04 -10.85 -52.62
N TRP A 313 -10.31 -11.41 -51.44
CA TRP A 313 -11.41 -10.91 -50.61
C TRP A 313 -10.92 -9.88 -49.60
N PRO A 314 -11.62 -8.75 -49.48
CA PRO A 314 -12.83 -8.36 -50.21
C PRO A 314 -12.64 -7.27 -51.27
N THR A 315 -11.43 -6.73 -51.42
CA THR A 315 -11.23 -5.59 -52.32
C THR A 315 -11.01 -6.03 -53.77
N ARG A 316 -10.86 -7.33 -53.96
CA ARG A 316 -10.56 -7.93 -55.26
C ARG A 316 -9.40 -7.22 -55.96
N SER A 317 -8.35 -6.96 -55.19
CA SER A 317 -7.16 -6.30 -55.71
C SER A 317 -5.93 -6.88 -55.03
N ARG A 318 -4.76 -6.72 -55.66
CA ARG A 318 -3.53 -7.20 -55.05
C ARG A 318 -2.33 -6.38 -55.52
N PRO A 319 -1.35 -6.16 -54.63
CA PRO A 319 -0.18 -5.37 -55.00
C PRO A 319 0.76 -6.06 -55.99
N VAL A 320 1.30 -5.30 -56.93
CA VAL A 320 2.33 -5.81 -57.85
C VAL A 320 3.71 -5.49 -57.28
N ARG A 321 4.55 -6.50 -57.13
CA ARG A 321 5.87 -6.31 -56.55
C ARG A 321 6.74 -5.41 -57.44
N GLN A 322 7.25 -4.32 -56.85
CA GLN A 322 8.07 -3.37 -57.58
C GLN A 322 9.55 -3.72 -57.45
N THR A 323 10.00 -4.65 -58.29
CA THR A 323 11.34 -5.21 -58.15
C THR A 323 12.47 -4.23 -58.46
N GLN A 324 12.14 -3.05 -58.99
CA GLN A 324 13.16 -2.06 -59.31
C GLN A 324 13.68 -1.35 -58.06
N HIS A 325 12.97 -1.51 -56.95
CA HIS A 325 13.34 -0.84 -55.71
C HIS A 325 13.62 -1.80 -54.56
N ALA A 326 14.36 -1.31 -53.57
CA ALA A 326 14.64 -2.06 -52.36
C ALA A 326 13.38 -2.30 -51.55
N HIS A 327 13.33 -3.43 -50.85
CA HIS A 327 12.21 -3.73 -49.97
C HIS A 327 12.69 -3.98 -48.55
N THR A 328 11.89 -3.56 -47.57
CA THR A 328 12.26 -3.75 -46.17
C THR A 328 12.03 -5.20 -45.76
N GLU A 329 12.41 -5.53 -44.53
CA GLU A 329 12.25 -6.90 -44.07
C GLU A 329 10.79 -7.26 -43.82
N THR A 330 9.92 -6.24 -43.74
CA THR A 330 8.48 -6.47 -43.69
C THR A 330 7.90 -6.54 -45.09
N GLY A 331 8.76 -6.47 -46.10
CA GLY A 331 8.33 -6.57 -47.48
C GLY A 331 7.73 -5.31 -48.11
N TRP A 332 8.07 -4.15 -47.55
CA TRP A 332 7.52 -2.89 -48.04
C TRP A 332 8.51 -2.18 -48.97
N GLU A 333 8.02 -1.78 -50.14
CA GLU A 333 8.83 -1.05 -51.10
C GLU A 333 9.35 0.26 -50.51
N VAL A 334 10.62 0.55 -50.78
CA VAL A 334 11.19 1.84 -50.41
C VAL A 334 11.04 2.83 -51.57
N TYR A 335 10.19 3.83 -51.38
CA TYR A 335 9.92 4.80 -52.44
C TYR A 335 9.52 6.14 -51.83
N PRO A 336 10.53 6.92 -51.43
CA PRO A 336 10.36 8.21 -50.75
C PRO A 336 9.46 9.24 -51.47
N PRO A 337 9.47 9.32 -52.82
CA PRO A 337 8.58 10.34 -53.41
C PRO A 337 7.11 10.16 -53.03
N ALA A 338 6.70 8.92 -52.82
CA ALA A 338 5.31 8.62 -52.49
C ALA A 338 4.93 9.20 -51.14
N LEU A 339 5.92 9.46 -50.29
CA LEU A 339 5.63 10.12 -49.02
C LEU A 339 5.22 11.55 -49.33
N THR A 340 6.02 12.22 -50.16
CA THR A 340 5.75 13.60 -50.50
C THR A 340 4.35 13.69 -51.09
N ASP A 341 4.07 12.82 -52.06
CA ASP A 341 2.77 12.81 -52.72
C ASP A 341 1.68 12.67 -51.69
N THR A 342 1.86 11.74 -50.75
CA THR A 342 0.80 11.45 -49.81
C THR A 342 0.52 12.68 -48.99
N LEU A 343 1.59 13.35 -48.56
CA LEU A 343 1.41 14.51 -47.70
C LEU A 343 0.63 15.56 -48.46
N VAL A 344 0.98 15.71 -49.73
CA VAL A 344 0.31 16.71 -50.56
C VAL A 344 -1.14 16.31 -50.66
N TRP A 345 -1.38 15.03 -50.93
CA TRP A 345 -2.72 14.52 -51.09
C TRP A 345 -3.50 14.81 -49.83
N LEU A 346 -2.82 14.63 -48.69
CA LEU A 346 -3.51 14.72 -47.42
C LEU A 346 -3.84 16.18 -47.20
N SER A 347 -2.88 17.04 -47.55
CA SER A 347 -3.08 18.48 -47.45
C SER A 347 -4.29 18.90 -48.25
N GLU A 348 -4.48 18.28 -49.42
CA GLU A 348 -5.61 18.63 -50.26
C GLU A 348 -6.91 18.12 -49.66
N GLN A 349 -6.88 16.93 -49.07
CA GLN A 349 -8.10 16.35 -48.53
C GLN A 349 -8.60 17.11 -47.31
N THR A 350 -7.68 17.74 -46.60
CA THR A 350 -8.01 18.48 -45.38
C THR A 350 -8.12 19.97 -45.66
N GLY A 351 -8.01 20.36 -46.92
CA GLY A 351 -8.19 21.74 -47.32
C GLY A 351 -7.04 22.64 -46.90
N GLY A 352 -5.93 22.04 -46.47
CA GLY A 352 -4.79 22.83 -46.05
C GLY A 352 -4.99 23.46 -44.68
N LYS A 353 -6.18 23.32 -44.13
CA LYS A 353 -6.56 23.97 -42.88
C LYS A 353 -6.12 23.21 -41.62
N LEU A 354 -5.82 21.93 -41.77
CA LEU A 354 -5.51 21.09 -40.61
C LEU A 354 -4.02 20.80 -40.47
N PRO A 355 -3.40 21.28 -39.38
CA PRO A 355 -1.98 21.03 -39.09
C PRO A 355 -1.65 19.54 -39.07
N LEU A 356 -0.61 19.15 -39.80
CA LEU A 356 -0.27 17.74 -39.92
C LEU A 356 1.04 17.42 -39.23
N MET A 357 1.17 16.18 -38.78
CA MET A 357 2.43 15.71 -38.21
C MET A 357 2.65 14.26 -38.62
N VAL A 358 3.85 13.92 -39.04
CA VAL A 358 4.17 12.52 -39.32
C VAL A 358 4.42 11.83 -38.00
N THR A 359 3.44 11.06 -37.55
CA THR A 359 3.52 10.42 -36.24
C THR A 359 4.25 9.09 -36.29
N GLU A 360 4.43 8.55 -37.49
CA GLU A 360 5.25 7.35 -37.67
C GLU A 360 5.87 7.26 -39.05
N ASN A 361 7.19 7.04 -39.06
CA ASN A 361 7.89 6.71 -40.29
C ASN A 361 9.21 6.02 -39.94
N GLY A 362 9.52 4.94 -40.63
CA GLY A 362 10.72 4.17 -40.35
C GLY A 362 10.78 2.89 -41.16
N SER A 363 11.76 2.05 -40.88
CA SER A 363 11.97 0.85 -41.68
C SER A 363 12.59 -0.30 -40.88
N ALA A 364 12.24 -1.52 -41.26
CA ALA A 364 12.78 -2.70 -40.61
C ALA A 364 13.80 -3.40 -41.49
N TRP A 365 15.01 -3.54 -40.97
CA TRP A 365 16.07 -4.29 -41.64
C TRP A 365 16.71 -5.24 -40.65
N TYR A 366 17.43 -6.24 -41.13
CA TYR A 366 18.03 -7.19 -40.22
C TYR A 366 19.13 -6.55 -39.38
N ASP A 367 19.05 -6.79 -38.08
CA ASP A 367 20.12 -6.49 -37.15
C ASP A 367 20.45 -7.74 -36.36
N PRO A 368 21.73 -7.91 -35.98
CA PRO A 368 22.08 -9.04 -35.11
C PRO A 368 21.42 -8.90 -33.74
N PRO A 369 21.27 -10.00 -33.00
CA PRO A 369 20.57 -9.95 -31.71
C PRO A 369 21.39 -9.28 -30.62
N HIS A 370 22.68 -9.08 -30.90
CA HIS A 370 23.56 -8.40 -29.96
C HIS A 370 24.38 -7.35 -30.70
N ALA A 371 24.88 -6.36 -29.97
CA ALA A 371 25.74 -5.35 -30.56
C ALA A 371 27.08 -5.96 -30.97
N ILE A 372 27.75 -5.32 -31.91
CA ILE A 372 29.06 -5.77 -32.36
C ILE A 372 30.08 -4.67 -32.15
N ASP A 373 31.07 -4.96 -31.29
CA ASP A 373 31.77 -3.98 -30.49
C ASP A 373 31.00 -2.68 -30.22
N GLY A 374 29.98 -2.76 -29.38
CA GLY A 374 29.23 -1.58 -28.97
C GLY A 374 28.52 -0.84 -30.09
N ARG A 375 28.29 -1.49 -31.21
CA ARG A 375 27.71 -0.82 -32.37
C ARG A 375 26.71 -1.68 -33.13
N ILE A 376 25.79 -1.01 -33.82
CA ILE A 376 24.89 -1.67 -34.76
C ILE A 376 24.90 -0.89 -36.06
N HIS A 377 25.44 -1.49 -37.12
CA HIS A 377 25.58 -0.81 -38.39
C HIS A 377 24.41 -1.11 -39.31
N ASP A 378 23.50 -0.14 -39.47
CA ASP A 378 22.30 -0.31 -40.27
C ASP A 378 22.21 0.75 -41.38
N PRO A 379 23.09 0.65 -42.39
CA PRO A 379 23.19 1.68 -43.44
C PRO A 379 21.90 1.87 -44.25
N MET A 380 21.12 0.81 -44.43
CA MET A 380 19.86 0.93 -45.16
C MET A 380 18.80 1.70 -44.37
N ARG A 381 18.83 1.57 -43.04
CA ARG A 381 17.88 2.31 -42.20
C ARG A 381 18.27 3.77 -42.18
N VAL A 382 19.58 4.03 -42.18
CA VAL A 382 20.12 5.38 -42.28
C VAL A 382 19.69 6.02 -43.60
N HIS A 383 19.83 5.26 -44.68
CA HIS A 383 19.44 5.69 -46.00
C HIS A 383 17.95 6.04 -46.08
N TYR A 384 17.12 5.13 -45.55
CA TYR A 384 15.68 5.33 -45.51
C TYR A 384 15.38 6.64 -44.81
N LEU A 385 16.03 6.82 -43.67
CA LEU A 385 15.83 8.00 -42.85
C LEU A 385 16.16 9.29 -43.61
N GLN A 386 17.33 9.33 -44.21
CA GLN A 386 17.79 10.56 -44.87
C GLN A 386 16.89 10.89 -46.08
N THR A 387 16.54 9.88 -46.88
CA THR A 387 15.74 10.13 -48.07
C THR A 387 14.31 10.54 -47.73
N HIS A 388 13.73 9.92 -46.71
CA HIS A 388 12.35 10.25 -46.37
C HIS A 388 12.23 11.58 -45.64
N ILE A 389 13.24 11.94 -44.86
CA ILE A 389 13.22 13.26 -44.21
C ILE A 389 13.38 14.35 -45.28
N LYS A 390 14.25 14.10 -46.24
CA LYS A 390 14.34 14.99 -47.40
C LYS A 390 12.97 15.10 -48.09
N ALA A 391 12.25 13.99 -48.16
CA ALA A 391 10.93 13.99 -48.77
C ALA A 391 9.96 14.84 -47.96
N LEU A 392 10.18 14.90 -46.64
CA LEU A 392 9.35 15.75 -45.79
C LEU A 392 9.58 17.20 -46.16
N HIS A 393 10.86 17.57 -46.29
CA HIS A 393 11.19 18.93 -46.67
C HIS A 393 10.56 19.31 -48.00
N ASP A 394 10.64 18.38 -48.96
CA ASP A 394 10.03 18.58 -50.26
C ASP A 394 8.52 18.82 -50.14
N ALA A 395 7.89 18.06 -49.25
CA ALA A 395 6.46 18.20 -49.02
C ALA A 395 6.13 19.58 -48.46
N ILE A 396 6.96 20.09 -47.56
CA ILE A 396 6.73 21.41 -46.98
C ILE A 396 6.87 22.47 -48.05
N GLY A 397 7.86 22.30 -48.93
CA GLY A 397 8.03 23.22 -50.04
C GLY A 397 6.84 23.26 -50.97
N LYS A 398 6.04 22.20 -50.95
CA LYS A 398 4.84 22.12 -51.78
C LYS A 398 3.57 22.55 -51.04
N GLY A 399 3.75 23.17 -49.87
CA GLY A 399 2.65 23.77 -49.15
C GLY A 399 1.97 22.97 -48.06
N VAL A 400 2.50 21.80 -47.73
CA VAL A 400 1.93 21.01 -46.65
C VAL A 400 2.25 21.66 -45.30
N ASP A 401 1.24 21.83 -44.46
CA ASP A 401 1.45 22.46 -43.16
C ASP A 401 1.88 21.38 -42.18
N LEU A 402 3.15 21.01 -42.25
CA LEU A 402 3.69 19.91 -41.45
C LEU A 402 4.48 20.45 -40.25
N ARG A 403 4.07 20.06 -39.06
CA ARG A 403 4.63 20.64 -37.84
C ARG A 403 5.64 19.73 -37.15
N GLY A 404 5.74 18.48 -37.56
CA GLY A 404 6.65 17.56 -36.89
C GLY A 404 6.82 16.17 -37.48
N TYR A 405 7.76 15.43 -36.92
CA TYR A 405 8.16 14.13 -37.42
C TYR A 405 8.59 13.18 -36.31
N MET A 406 7.95 12.02 -36.24
CA MET A 406 8.28 11.02 -35.23
C MET A 406 8.81 9.75 -35.89
N VAL A 407 10.02 9.36 -35.54
CA VAL A 407 10.57 8.11 -36.09
C VAL A 407 9.95 6.90 -35.39
N TRP A 408 9.39 5.98 -36.16
CA TRP A 408 9.07 4.66 -35.63
C TRP A 408 10.23 3.73 -35.95
N SER A 409 10.94 3.26 -34.94
CA SER A 409 10.57 3.49 -33.54
C SER A 409 11.80 3.84 -32.73
N LEU A 410 11.58 4.36 -31.53
CA LEU A 410 12.67 4.61 -30.60
C LEU A 410 13.42 3.31 -30.31
N LEU A 411 12.68 2.24 -30.06
CA LEU A 411 13.27 0.96 -29.69
C LEU A 411 12.88 -0.18 -30.61
N ASP A 412 13.81 -1.11 -30.83
CA ASP A 412 13.44 -2.42 -31.34
C ASP A 412 12.35 -2.95 -30.42
N ASN A 413 11.25 -3.41 -30.97
CA ASN A 413 10.14 -3.84 -30.14
C ASN A 413 9.34 -4.98 -30.75
N LEU A 414 8.22 -5.30 -30.11
CA LEU A 414 7.33 -6.34 -30.61
C LEU A 414 6.49 -5.83 -31.77
N GLU A 415 6.79 -6.34 -32.97
CA GLU A 415 6.03 -5.97 -34.16
C GLU A 415 4.78 -6.85 -34.22
N TRP A 416 3.96 -6.73 -33.18
CA TRP A 416 2.70 -7.44 -33.05
C TRP A 416 2.79 -8.91 -33.47
N SER A 417 1.94 -9.31 -34.40
CA SER A 417 1.88 -10.71 -34.85
C SER A 417 3.17 -11.20 -35.52
N LEU A 418 4.02 -10.28 -35.97
CA LEU A 418 5.30 -10.66 -36.57
C LEU A 418 6.41 -10.77 -35.53
N GLY A 419 6.06 -10.51 -34.27
CA GLY A 419 6.98 -10.68 -33.16
C GLY A 419 8.20 -9.77 -33.17
N TYR A 420 9.29 -10.27 -32.60
CA TYR A 420 10.51 -9.48 -32.43
C TYR A 420 11.44 -9.60 -33.63
N SER A 421 11.01 -10.36 -34.63
CA SER A 421 11.81 -10.60 -35.83
C SER A 421 11.95 -9.35 -36.69
N LYS A 422 11.06 -8.37 -36.51
CA LYS A 422 11.11 -7.14 -37.29
C LYS A 422 11.57 -5.96 -36.43
N ARG A 423 12.82 -5.51 -36.64
CA ARG A 423 13.38 -4.44 -35.84
C ARG A 423 13.21 -3.07 -36.51
N PHE A 424 12.47 -2.19 -35.84
CA PHE A 424 12.18 -0.87 -36.37
C PHE A 424 12.94 0.21 -35.62
N GLY A 425 13.64 -0.20 -34.57
CA GLY A 425 14.30 0.75 -33.69
C GLY A 425 15.48 1.48 -34.31
N ILE A 426 15.66 2.73 -33.87
CA ILE A 426 16.90 3.45 -34.11
C ILE A 426 17.79 3.18 -32.91
N VAL A 427 17.20 2.59 -31.88
CA VAL A 427 17.95 2.03 -30.76
C VAL A 427 17.75 0.52 -30.73
N HIS A 428 18.85 -0.20 -30.81
CA HIS A 428 18.86 -1.66 -30.75
C HIS A 428 18.57 -2.16 -29.34
N VAL A 429 17.71 -3.18 -29.25
CA VAL A 429 17.44 -3.84 -27.98
C VAL A 429 17.88 -5.30 -28.03
N ASN A 430 18.83 -5.66 -27.18
CA ASN A 430 19.19 -7.06 -26.99
C ASN A 430 18.16 -7.70 -26.09
N PHE A 431 17.28 -8.51 -26.68
CA PHE A 431 16.14 -9.07 -25.95
C PHE A 431 16.53 -10.17 -24.97
N ALA A 432 17.77 -10.61 -25.04
CA ALA A 432 18.28 -11.56 -24.06
C ALA A 432 18.69 -10.84 -22.77
N THR A 433 19.19 -9.62 -22.92
CA THR A 433 19.77 -8.89 -21.80
C THR A 433 19.13 -7.53 -21.54
N GLN A 434 18.24 -7.10 -22.44
CA GLN A 434 17.60 -5.78 -22.38
C GLN A 434 18.59 -4.63 -22.55
N GLU A 435 19.82 -4.94 -22.95
CA GLU A 435 20.82 -3.91 -23.24
C GLU A 435 20.41 -3.07 -24.45
N ARG A 436 20.49 -1.75 -24.31
CA ARG A 436 20.23 -0.86 -25.42
C ARG A 436 21.52 -0.38 -26.06
N THR A 437 21.55 -0.35 -27.39
CA THR A 437 22.70 0.17 -28.12
C THR A 437 22.20 1.07 -29.23
N ILE A 438 22.64 2.33 -29.26
CA ILE A 438 22.15 3.23 -30.29
C ILE A 438 22.73 2.84 -31.65
N LYS A 439 21.85 2.66 -32.63
CA LYS A 439 22.25 2.26 -33.97
C LYS A 439 22.81 3.46 -34.72
N ASP A 440 23.50 3.21 -35.82
CA ASP A 440 24.01 4.26 -36.67
C ASP A 440 22.91 5.21 -37.13
N SER A 441 21.71 4.65 -37.33
CA SER A 441 20.54 5.43 -37.73
C SER A 441 20.14 6.41 -36.64
N GLY A 442 20.20 5.97 -35.38
CA GLY A 442 19.93 6.83 -34.25
C GLY A 442 20.94 7.95 -34.12
N LEU A 443 22.21 7.63 -34.32
CA LEU A 443 23.28 8.62 -34.32
C LEU A 443 23.04 9.69 -35.38
N PHE A 444 22.69 9.22 -36.58
CA PHE A 444 22.43 10.12 -37.70
C PHE A 444 21.20 10.99 -37.44
N TYR A 445 20.15 10.39 -36.89
CA TYR A 445 18.92 11.13 -36.58
C TYR A 445 19.20 12.20 -35.53
N ALA A 446 20.06 11.87 -34.57
CA ALA A 446 20.45 12.81 -33.54
C ALA A 446 21.16 14.01 -34.17
N GLU A 447 22.01 13.74 -35.15
CA GLU A 447 22.66 14.84 -35.85
C GLU A 447 21.66 15.65 -36.69
N VAL A 448 20.66 14.98 -37.26
CA VAL A 448 19.62 15.67 -38.03
C VAL A 448 18.85 16.65 -37.15
N ILE A 449 18.47 16.20 -35.96
CA ILE A 449 17.78 17.06 -35.02
C ILE A 449 18.65 18.23 -34.59
N LYS A 450 19.90 17.93 -34.23
CA LYS A 450 20.83 18.96 -33.75
C LYS A 450 21.02 20.09 -34.76
N THR A 451 21.19 19.73 -36.02
CA THR A 451 21.40 20.71 -37.09
C THR A 451 20.09 21.18 -37.72
N HIS A 452 18.96 20.71 -37.18
CA HIS A 452 17.64 21.03 -37.71
C HIS A 452 17.53 20.80 -39.22
N GLY A 453 18.22 19.77 -39.71
CA GLY A 453 18.11 19.38 -41.11
C GLY A 453 19.32 19.73 -41.96
N ASP A 454 20.19 20.60 -41.44
CA ASP A 454 21.33 21.10 -42.20
C ASP A 454 22.34 20.01 -42.56
N VAL A 455 22.31 18.90 -41.85
CA VAL A 455 23.24 17.81 -42.10
C VAL A 455 22.93 17.18 -43.46
N LEU A 456 21.68 17.35 -43.91
CA LEU A 456 21.26 16.79 -45.19
C LEU A 456 21.81 17.56 -46.39
N ASN A 457 22.07 18.85 -46.21
CA ASN A 457 22.71 19.70 -47.22
C ASN A 457 23.78 18.99 -48.05
N ARG B 10 -34.28 45.02 -17.88
CA ARG B 10 -32.87 45.29 -18.07
C ARG B 10 -32.00 44.10 -17.69
N SER B 11 -31.47 43.39 -18.68
CA SER B 11 -30.57 42.28 -18.44
C SER B 11 -29.13 42.76 -18.25
N TYR B 12 -28.34 42.01 -17.48
CA TYR B 12 -26.94 42.34 -17.28
C TYR B 12 -26.03 41.11 -17.42
N ARG B 13 -26.47 40.11 -18.18
CA ARG B 13 -25.61 38.96 -18.46
C ARG B 13 -24.43 39.40 -19.34
N PHE B 14 -23.25 38.90 -19.02
CA PHE B 14 -22.02 39.29 -19.70
C PHE B 14 -21.67 38.36 -20.86
N PRO B 15 -20.80 38.83 -21.80
CA PRO B 15 -20.41 38.03 -22.96
C PRO B 15 -19.81 36.68 -22.62
N GLU B 16 -19.90 35.73 -23.56
CA GLU B 16 -19.30 34.41 -23.37
C GLU B 16 -17.80 34.55 -23.21
N GLY B 17 -17.24 33.86 -22.22
CA GLY B 17 -15.81 33.91 -21.99
C GLY B 17 -15.35 35.11 -21.19
N PHE B 18 -16.28 35.99 -20.80
CA PHE B 18 -15.94 37.15 -19.99
C PHE B 18 -15.36 36.69 -18.66
N LEU B 19 -14.16 37.16 -18.34
CA LEU B 19 -13.39 36.61 -17.24
C LEU B 19 -13.51 37.42 -15.93
N TRP B 20 -13.97 36.77 -14.87
CA TRP B 20 -14.11 37.41 -13.56
C TRP B 20 -12.98 37.05 -12.60
N GLY B 21 -12.43 38.05 -11.91
CA GLY B 21 -11.37 37.81 -10.95
C GLY B 21 -11.14 38.90 -9.92
N ALA B 22 -10.01 38.80 -9.23
CA ALA B 22 -9.59 39.78 -8.24
C ALA B 22 -8.08 39.95 -8.32
N ALA B 23 -7.58 41.07 -7.82
CA ALA B 23 -6.18 41.43 -8.02
C ALA B 23 -5.43 41.77 -6.73
N THR B 24 -4.12 41.59 -6.75
CA THR B 24 -3.23 41.92 -5.63
C THR B 24 -1.89 42.40 -6.16
N ALA B 25 -1.01 42.82 -5.26
CA ALA B 25 0.37 43.13 -5.63
C ALA B 25 1.31 42.57 -4.57
N ALA B 26 2.54 42.25 -4.99
CA ALA B 26 3.46 41.51 -4.15
C ALA B 26 3.78 42.20 -2.82
N TYR B 27 4.27 43.44 -2.87
CA TYR B 27 4.68 44.11 -1.63
C TYR B 27 3.49 44.42 -0.73
N GLN B 28 2.29 44.46 -1.30
CA GLN B 28 1.13 44.85 -0.53
C GLN B 28 0.55 43.69 0.29
N ILE B 29 0.87 42.45 -0.09
CA ILE B 29 0.28 41.30 0.60
C ILE B 29 1.26 40.23 1.12
N GLU B 30 2.44 40.12 0.50
CA GLU B 30 3.28 38.93 0.70
C GLU B 30 3.94 38.85 2.08
N GLY B 31 4.56 39.94 2.53
CA GLY B 31 5.44 39.88 3.68
C GLY B 31 6.68 39.08 3.33
N SER B 32 7.51 38.77 4.33
CA SER B 32 8.73 38.00 4.12
C SER B 32 9.52 38.59 2.95
N SER B 33 9.68 39.91 2.95
CA SER B 33 10.18 40.62 1.78
C SER B 33 11.65 40.34 1.49
N MET B 34 12.42 40.06 2.53
CA MET B 34 13.83 39.75 2.38
C MET B 34 14.15 38.31 2.81
N ALA B 35 13.10 37.49 2.90
CA ALA B 35 13.21 36.12 3.39
C ALA B 35 13.56 35.13 2.27
N ASP B 36 14.22 34.04 2.64
CA ASP B 36 14.58 32.97 1.71
C ASP B 36 15.32 33.48 0.48
N GLY B 37 16.37 34.27 0.72
CA GLY B 37 17.20 34.76 -0.36
C GLY B 37 16.71 36.04 -1.01
N ALA B 38 15.50 36.46 -0.69
CA ALA B 38 14.90 37.62 -1.33
C ALA B 38 15.74 38.89 -1.13
N GLY B 39 15.90 39.65 -2.20
CA GLY B 39 16.66 40.88 -2.15
C GLY B 39 15.92 42.06 -1.55
N GLU B 40 16.66 43.15 -1.33
CA GLU B 40 16.10 44.39 -0.81
C GLU B 40 15.50 45.21 -1.96
N SER B 41 14.27 45.66 -1.79
CA SER B 41 13.64 46.52 -2.79
C SER B 41 13.60 47.97 -2.32
N ILE B 42 13.22 48.88 -3.21
CA ILE B 42 13.13 50.29 -2.86
C ILE B 42 12.07 50.54 -1.79
N TRP B 43 11.08 49.67 -1.70
CA TRP B 43 10.05 49.81 -0.69
C TRP B 43 10.49 49.29 0.68
N ASP B 44 11.41 48.32 0.69
CA ASP B 44 12.04 47.91 1.94
C ASP B 44 12.72 49.11 2.60
N ARG B 45 13.48 49.86 1.79
CA ARG B 45 14.14 51.07 2.26
C ARG B 45 13.14 52.17 2.62
N PHE B 46 12.24 52.45 1.69
CA PHE B 46 11.30 53.56 1.83
C PHE B 46 10.39 53.42 3.05
N SER B 47 9.85 52.22 3.26
CA SER B 47 8.90 51.99 4.34
C SER B 47 9.58 52.02 5.71
N HIS B 48 10.89 51.85 5.76
CA HIS B 48 11.61 51.86 7.02
C HIS B 48 12.34 53.19 7.24
N THR B 49 11.85 54.22 6.56
CA THR B 49 12.34 55.59 6.78
C THR B 49 11.22 56.36 7.45
N PRO B 50 11.49 56.94 8.63
CA PRO B 50 10.43 57.59 9.41
C PRO B 50 9.78 58.75 8.66
N GLY B 51 8.46 58.86 8.77
CA GLY B 51 7.73 59.93 8.12
C GLY B 51 7.12 59.57 6.77
N ASN B 52 7.62 58.51 6.14
CA ASN B 52 7.18 58.14 4.80
C ASN B 52 5.83 57.43 4.80
N MET B 53 5.57 56.65 5.85
CA MET B 53 4.38 55.80 5.88
C MET B 53 3.47 56.17 7.04
N LYS B 54 2.16 56.15 6.78
CA LYS B 54 1.17 56.41 7.82
C LYS B 54 1.31 55.40 8.95
N ASP B 55 1.37 55.92 10.19
CA ASP B 55 1.50 55.11 11.40
C ASP B 55 2.77 54.25 11.42
N GLY B 56 3.70 54.56 10.52
CA GLY B 56 4.92 53.77 10.41
C GLY B 56 4.71 52.35 9.91
N ASP B 57 3.58 52.13 9.22
CA ASP B 57 3.29 50.81 8.67
C ASP B 57 4.34 50.40 7.65
N THR B 58 4.62 49.11 7.58
CA THR B 58 5.52 48.56 6.56
C THR B 58 4.91 47.31 5.95
N GLY B 59 5.53 46.84 4.87
CA GLY B 59 5.12 45.60 4.24
C GLY B 59 5.85 44.37 4.73
N ASP B 60 6.48 44.47 5.90
CA ASP B 60 7.24 43.35 6.48
C ASP B 60 6.39 42.10 6.67
N VAL B 61 5.16 42.28 7.13
CA VAL B 61 4.23 41.16 7.34
C VAL B 61 3.06 41.19 6.37
N ALA B 62 2.41 42.34 6.28
CA ALA B 62 1.23 42.53 5.44
C ALA B 62 0.15 41.47 5.69
N CYS B 63 -0.21 40.73 4.64
CA CYS B 63 -1.20 39.68 4.76
C CYS B 63 -0.57 38.30 4.96
N ASP B 64 0.75 38.28 5.13
CA ASP B 64 1.51 37.05 5.30
C ASP B 64 1.19 36.03 4.21
N HIS B 65 0.94 36.53 3.00
CA HIS B 65 0.52 35.71 1.89
C HIS B 65 1.59 34.70 1.46
N TYR B 66 2.84 35.06 1.67
CA TYR B 66 3.98 34.21 1.34
C TYR B 66 3.87 32.86 2.06
N ASN B 67 3.30 32.89 3.27
CA ASN B 67 3.09 31.67 4.05
C ASN B 67 1.66 31.10 3.95
N ARG B 68 0.67 31.95 3.67
CA ARG B 68 -0.74 31.57 3.75
C ARG B 68 -1.46 31.54 2.39
N TRP B 69 -0.67 31.45 1.32
CA TRP B 69 -1.20 31.50 -0.04
C TRP B 69 -2.21 30.38 -0.33
N ARG B 70 -2.02 29.21 0.29
CA ARG B 70 -2.96 28.11 0.11
C ARG B 70 -4.36 28.45 0.63
N GLU B 71 -4.41 29.00 1.86
CA GLU B 71 -5.66 29.48 2.42
C GLU B 71 -6.27 30.52 1.50
N ASP B 72 -5.42 31.39 0.96
CA ASP B 72 -5.92 32.44 0.07
C ASP B 72 -6.50 31.87 -1.22
N ILE B 73 -5.91 30.80 -1.74
CA ILE B 73 -6.45 30.11 -2.91
C ILE B 73 -7.81 29.48 -2.60
N GLU B 74 -7.93 28.89 -1.41
CA GLU B 74 -9.23 28.36 -1.00
C GLU B 74 -10.28 29.48 -0.94
N LEU B 75 -9.86 30.66 -0.49
CA LEU B 75 -10.77 31.81 -0.50
C LEU B 75 -11.15 32.21 -1.91
N MET B 76 -10.19 32.15 -2.83
CA MET B 76 -10.49 32.44 -4.23
C MET B 76 -11.52 31.48 -4.78
N LYS B 77 -11.39 30.20 -4.43
CA LYS B 77 -12.36 29.19 -4.85
C LYS B 77 -13.74 29.48 -4.27
N ARG B 78 -13.80 29.84 -2.99
CA ARG B 78 -15.08 30.16 -2.36
C ARG B 78 -15.77 31.36 -3.01
N LEU B 79 -15.00 32.27 -3.58
CA LEU B 79 -15.55 33.45 -4.24
C LEU B 79 -15.86 33.16 -5.70
N ASN B 80 -15.61 31.93 -6.13
CA ASN B 80 -15.83 31.50 -7.52
C ASN B 80 -14.98 32.26 -8.53
N LEU B 81 -13.78 32.69 -8.13
CA LEU B 81 -12.91 33.45 -9.02
C LEU B 81 -12.48 32.59 -10.20
N GLN B 82 -12.44 33.19 -11.38
CA GLN B 82 -12.02 32.49 -12.59
C GLN B 82 -10.62 32.92 -12.99
N ALA B 83 -10.16 34.01 -12.39
CA ALA B 83 -8.83 34.54 -12.65
C ALA B 83 -8.28 35.20 -11.40
N TYR B 84 -6.96 35.18 -11.26
CA TYR B 84 -6.30 35.86 -10.16
C TYR B 84 -5.17 36.70 -10.72
N ARG B 85 -5.29 38.01 -10.56
CA ARG B 85 -4.25 38.90 -11.04
C ARG B 85 -3.30 39.25 -9.91
N PHE B 86 -2.02 38.98 -10.14
CA PHE B 86 -1.02 39.17 -9.09
C PHE B 86 0.26 39.70 -9.71
N SER B 87 1.16 40.21 -8.88
CA SER B 87 2.46 40.65 -9.37
C SER B 87 3.58 39.78 -8.83
N VAL B 88 4.70 39.75 -9.53
CA VAL B 88 5.90 39.03 -9.10
C VAL B 88 6.92 40.01 -8.58
N SER B 89 7.43 39.77 -7.38
CA SER B 89 8.47 40.63 -6.81
C SER B 89 9.82 40.37 -7.49
N TRP B 90 10.28 41.38 -8.22
CA TRP B 90 11.55 41.34 -8.94
C TRP B 90 12.71 40.96 -8.03
N SER B 91 12.76 41.58 -6.85
CA SER B 91 13.85 41.36 -5.92
C SER B 91 13.77 40.00 -5.23
N ARG B 92 12.58 39.41 -5.21
CA ARG B 92 12.43 38.07 -4.65
C ARG B 92 13.00 37.03 -5.61
N VAL B 93 12.92 37.32 -6.91
CA VAL B 93 13.34 36.38 -7.94
C VAL B 93 14.79 36.63 -8.33
N ILE B 94 15.17 37.89 -8.42
CA ILE B 94 16.55 38.27 -8.71
C ILE B 94 17.00 39.34 -7.72
N PRO B 95 17.60 38.91 -6.59
CA PRO B 95 17.88 39.80 -5.45
C PRO B 95 18.65 41.07 -5.81
N GLN B 96 19.58 40.97 -6.75
CA GLN B 96 20.35 42.14 -7.17
C GLN B 96 19.80 42.76 -8.45
N GLY B 97 18.65 42.29 -8.91
CA GLY B 97 18.01 42.82 -10.10
C GLY B 97 18.57 42.25 -11.39
N ARG B 98 19.88 42.06 -11.42
CA ARG B 98 20.55 41.37 -12.51
C ARG B 98 21.37 40.22 -11.94
N GLY B 99 21.69 39.24 -12.77
CA GLY B 99 22.59 38.18 -12.34
C GLY B 99 21.88 36.96 -11.79
N ALA B 100 22.38 36.48 -10.65
CA ALA B 100 21.93 35.23 -10.07
C ALA B 100 20.45 35.25 -9.68
N ILE B 101 19.75 34.18 -10.07
CA ILE B 101 18.36 33.96 -9.68
C ILE B 101 18.28 33.35 -8.28
N ASN B 102 17.25 33.71 -7.51
CA ASN B 102 17.03 33.10 -6.21
C ASN B 102 15.98 31.99 -6.32
N PRO B 103 16.45 30.73 -6.27
CA PRO B 103 15.65 29.52 -6.49
C PRO B 103 14.41 29.42 -5.60
N LYS B 104 14.54 29.73 -4.32
CA LYS B 104 13.42 29.62 -3.39
C LYS B 104 12.33 30.63 -3.77
N GLY B 105 12.77 31.83 -4.17
CA GLY B 105 11.86 32.89 -4.56
C GLY B 105 11.06 32.54 -5.80
N LEU B 106 11.74 32.02 -6.82
CA LEU B 106 11.07 31.58 -8.04
C LEU B 106 10.17 30.37 -7.75
N ALA B 107 10.61 29.53 -6.83
CA ALA B 107 9.86 28.35 -6.45
C ALA B 107 8.55 28.72 -5.79
N PHE B 108 8.53 29.82 -5.05
CA PHE B 108 7.27 30.31 -4.47
C PHE B 108 6.21 30.56 -5.52
N TYR B 109 6.56 31.31 -6.56
CA TYR B 109 5.63 31.64 -7.63
C TYR B 109 5.31 30.41 -8.46
N ASP B 110 6.25 29.49 -8.51
CA ASP B 110 6.02 28.19 -9.16
C ASP B 110 4.89 27.45 -8.46
N ARG B 111 5.00 27.33 -7.14
CA ARG B 111 3.98 26.66 -6.32
C ARG B 111 2.65 27.39 -6.43
N LEU B 112 2.72 28.72 -6.38
CA LEU B 112 1.53 29.56 -6.44
C LEU B 112 0.75 29.36 -7.73
N VAL B 113 1.46 29.44 -8.86
CA VAL B 113 0.83 29.29 -10.16
C VAL B 113 0.27 27.88 -10.34
N ASP B 114 1.04 26.86 -9.93
CA ASP B 114 0.53 25.50 -10.01
C ASP B 114 -0.74 25.32 -9.17
N GLY B 115 -0.74 25.91 -7.98
CA GLY B 115 -1.90 25.86 -7.11
C GLY B 115 -3.11 26.53 -7.72
N LEU B 116 -2.87 27.62 -8.44
CA LEU B 116 -3.94 28.33 -9.12
C LEU B 116 -4.52 27.51 -10.27
N LEU B 117 -3.65 26.94 -11.10
CA LEU B 117 -4.09 26.13 -12.22
C LEU B 117 -4.83 24.87 -11.75
N GLU B 118 -4.35 24.26 -10.67
CA GLU B 118 -5.03 23.13 -10.06
C GLU B 118 -6.44 23.53 -9.59
N ALA B 119 -6.57 24.78 -9.16
CA ALA B 119 -7.86 25.26 -8.65
C ALA B 119 -8.76 25.70 -9.80
N GLY B 120 -8.23 25.67 -11.01
CA GLY B 120 -9.00 26.08 -12.19
C GLY B 120 -9.04 27.59 -12.34
N ILE B 121 -8.09 28.28 -11.72
CA ILE B 121 -8.05 29.73 -11.74
C ILE B 121 -6.95 30.23 -12.68
N GLU B 122 -7.33 31.15 -13.57
CA GLU B 122 -6.42 31.70 -14.57
C GLU B 122 -5.40 32.66 -13.96
N PRO B 123 -4.11 32.34 -14.07
CA PRO B 123 -3.10 33.23 -13.51
C PRO B 123 -2.76 34.41 -14.42
N LEU B 124 -2.99 35.62 -13.93
CA LEU B 124 -2.67 36.84 -14.66
C LEU B 124 -1.49 37.53 -14.02
N ALA B 125 -0.34 37.50 -14.69
CA ALA B 125 0.89 37.94 -14.02
C ALA B 125 1.32 39.35 -14.40
N THR B 126 1.75 40.12 -13.41
CA THR B 126 2.30 41.45 -13.63
C THR B 126 3.80 41.43 -13.31
N LEU B 127 4.62 41.88 -14.25
CA LEU B 127 6.06 41.85 -14.06
C LEU B 127 6.51 42.88 -13.04
N TYR B 128 6.01 44.11 -13.18
CA TYR B 128 6.45 45.20 -12.31
C TYR B 128 5.31 45.95 -11.65
N HIS B 129 5.24 45.83 -10.33
CA HIS B 129 4.25 46.56 -9.55
C HIS B 129 4.96 47.33 -8.44
N TRP B 130 5.88 48.20 -8.86
CA TRP B 130 6.43 49.31 -8.07
C TRP B 130 7.58 48.92 -7.14
N ASP B 131 7.95 47.64 -7.13
CA ASP B 131 8.95 47.17 -6.18
C ASP B 131 10.29 46.88 -6.84
N LEU B 132 10.91 47.92 -7.41
CA LEU B 132 12.24 47.80 -7.99
C LEU B 132 13.28 47.37 -6.97
N PRO B 133 14.15 46.42 -7.35
CA PRO B 133 15.29 46.01 -6.52
C PRO B 133 16.19 47.20 -6.20
N ALA B 134 16.55 47.35 -4.92
CA ALA B 134 17.35 48.49 -4.47
C ALA B 134 18.70 48.57 -5.15
N ALA B 135 19.24 47.41 -5.54
CA ALA B 135 20.53 47.36 -6.21
C ALA B 135 20.47 48.06 -7.56
N LEU B 136 19.31 48.03 -8.21
CA LEU B 136 19.13 48.71 -9.49
C LEU B 136 18.86 50.20 -9.28
N ASP B 137 18.21 50.53 -8.16
CA ASP B 137 18.02 51.92 -7.78
C ASP B 137 19.36 52.60 -7.50
N ASP B 138 20.30 51.84 -6.97
CA ASP B 138 21.64 52.35 -6.72
C ASP B 138 22.40 52.61 -8.03
N ARG B 139 21.88 52.06 -9.12
CA ARG B 139 22.43 52.32 -10.45
C ARG B 139 21.58 53.35 -11.20
N GLY B 140 20.70 54.04 -10.48
CA GLY B 140 19.94 55.13 -11.06
C GLY B 140 18.47 54.80 -11.25
N GLY B 141 18.12 53.53 -11.09
CA GLY B 141 16.75 53.10 -11.26
C GLY B 141 16.17 53.44 -12.62
N TRP B 142 14.96 54.02 -12.60
CA TRP B 142 14.26 54.37 -13.82
C TRP B 142 14.85 55.57 -14.54
N LEU B 143 15.90 56.15 -13.96
CA LEU B 143 16.62 57.25 -14.59
C LEU B 143 17.72 56.72 -15.49
N ASN B 144 18.06 55.43 -15.31
CA ASN B 144 19.07 54.77 -16.12
C ASN B 144 18.42 54.04 -17.28
N PRO B 145 18.72 54.45 -18.52
CA PRO B 145 18.12 53.84 -19.72
C PRO B 145 18.39 52.33 -19.83
N ASP B 146 19.49 51.86 -19.25
CA ASP B 146 19.82 50.44 -19.31
C ASP B 146 18.74 49.58 -18.64
N ILE B 147 17.86 50.21 -17.87
CA ILE B 147 16.81 49.48 -17.19
C ILE B 147 15.92 48.80 -18.21
N ALA B 148 15.82 49.37 -19.41
CA ALA B 148 15.01 48.78 -20.46
C ALA B 148 15.50 47.37 -20.73
N ASP B 149 16.81 47.19 -20.74
CA ASP B 149 17.38 45.86 -20.89
C ASP B 149 17.20 45.04 -19.62
N TRP B 150 17.42 45.67 -18.47
CA TRP B 150 17.38 44.95 -17.20
C TRP B 150 16.01 44.33 -17.06
N PHE B 151 14.99 45.17 -17.29
CA PHE B 151 13.61 44.73 -17.19
C PHE B 151 13.38 43.57 -18.14
N ALA B 152 13.87 43.72 -19.37
CA ALA B 152 13.65 42.71 -20.38
C ALA B 152 14.22 41.39 -19.89
N ASP B 153 15.43 41.44 -19.35
CA ASP B 153 16.10 40.21 -18.92
C ASP B 153 15.26 39.59 -17.82
N TYR B 154 14.79 40.42 -16.90
CA TYR B 154 13.97 39.95 -15.80
C TYR B 154 12.75 39.28 -16.40
N GLY B 155 12.12 39.97 -17.35
CA GLY B 155 10.94 39.45 -18.01
C GLY B 155 11.22 38.09 -18.60
N GLN B 156 12.38 37.95 -19.24
CA GLN B 156 12.70 36.72 -19.93
C GLN B 156 12.66 35.56 -18.93
N VAL B 157 13.26 35.78 -17.77
CA VAL B 157 13.34 34.73 -16.75
C VAL B 157 11.96 34.18 -16.45
N LEU B 158 10.98 35.07 -16.40
CA LEU B 158 9.64 34.64 -16.07
C LEU B 158 8.99 33.95 -17.28
N PHE B 159 9.16 34.56 -18.46
CA PHE B 159 8.52 34.08 -19.69
C PHE B 159 8.83 32.61 -19.95
N GLU B 160 10.08 32.24 -19.71
CA GLU B 160 10.53 30.88 -19.93
C GLU B 160 10.15 29.98 -18.76
N LYS B 161 10.17 30.51 -17.54
CA LYS B 161 9.85 29.67 -16.37
C LYS B 161 8.38 29.25 -16.37
N PHE B 162 7.51 30.15 -16.79
CA PHE B 162 6.07 29.90 -16.75
C PHE B 162 5.46 29.77 -18.15
N LYS B 163 6.29 29.44 -19.14
CA LYS B 163 5.79 29.24 -20.50
C LYS B 163 4.70 28.17 -20.53
N GLY B 164 3.55 28.53 -21.06
CA GLY B 164 2.43 27.60 -21.14
C GLY B 164 1.55 27.56 -19.91
N ARG B 165 2.00 28.15 -18.81
CA ARG B 165 1.20 28.22 -17.59
C ARG B 165 0.60 29.60 -17.39
N VAL B 166 1.43 30.64 -17.49
CA VAL B 166 0.90 32.01 -17.47
C VAL B 166 0.78 32.49 -18.91
N LYS B 167 -0.46 32.64 -19.36
CA LYS B 167 -0.73 32.99 -20.75
C LYS B 167 -1.03 34.48 -20.90
N THR B 168 -1.39 35.14 -19.80
CA THR B 168 -1.67 36.58 -19.84
C THR B 168 -0.73 37.40 -18.97
N TRP B 169 0.03 38.27 -19.65
CA TRP B 169 1.10 39.04 -19.05
C TRP B 169 0.87 40.56 -19.11
N GLY B 170 1.09 41.20 -17.97
CA GLY B 170 1.17 42.64 -17.87
C GLY B 170 2.62 43.03 -17.63
N THR B 171 3.06 44.13 -18.22
CA THR B 171 4.43 44.59 -18.06
C THR B 171 4.56 45.53 -16.87
N ILE B 172 4.01 46.73 -17.01
CA ILE B 172 4.04 47.75 -15.97
C ILE B 172 2.64 48.10 -15.47
N ASN B 173 2.50 48.16 -14.14
CA ASN B 173 1.26 48.60 -13.53
C ASN B 173 1.30 50.08 -13.20
N GLU B 174 0.53 50.85 -13.94
CA GLU B 174 0.37 52.29 -13.69
C GLU B 174 1.67 53.07 -13.71
N PRO B 175 2.21 53.32 -14.91
CA PRO B 175 3.39 54.17 -15.09
C PRO B 175 3.24 55.53 -14.39
N TRP B 176 2.03 56.09 -14.44
CA TRP B 176 1.78 57.41 -13.85
C TRP B 176 1.99 57.43 -12.34
N CYS B 177 1.50 56.42 -11.63
CA CYS B 177 1.70 56.38 -10.18
C CYS B 177 3.18 56.23 -9.86
N ILE B 178 3.85 55.36 -10.59
CA ILE B 178 5.29 55.14 -10.43
C ILE B 178 6.11 56.41 -10.56
N VAL B 179 5.84 57.17 -11.63
CA VAL B 179 6.65 58.35 -11.93
C VAL B 179 6.22 59.58 -11.15
N ASP B 180 4.93 59.87 -11.17
CA ASP B 180 4.35 61.01 -10.46
C ASP B 180 4.51 60.90 -8.95
N GLY B 181 4.28 59.70 -8.41
CA GLY B 181 4.45 59.47 -7.00
C GLY B 181 5.89 59.23 -6.58
N GLY B 182 6.64 58.51 -7.42
CA GLY B 182 7.99 58.12 -7.06
C GLY B 182 9.09 59.12 -7.42
N TYR B 183 8.85 59.92 -8.45
CA TYR B 183 9.91 60.80 -8.94
C TYR B 183 9.51 62.28 -8.99
N LEU B 184 8.23 62.56 -9.17
CA LEU B 184 7.78 63.95 -9.27
C LEU B 184 7.49 64.58 -7.90
N HIS B 185 6.69 63.91 -7.08
CA HIS B 185 6.28 64.47 -5.79
C HIS B 185 6.89 63.75 -4.59
N GLY B 186 7.38 62.53 -4.79
CA GLY B 186 8.10 61.82 -3.75
C GLY B 186 7.25 61.19 -2.67
N ALA B 187 5.99 60.95 -2.95
CA ALA B 187 5.11 60.31 -1.97
C ALA B 187 5.28 58.80 -1.98
N LEU B 188 5.79 58.27 -3.08
CA LEU B 188 6.09 56.84 -3.19
C LEU B 188 7.59 56.61 -3.38
N ALA B 189 8.05 55.41 -3.09
CA ALA B 189 9.42 55.00 -3.39
C ALA B 189 9.74 55.23 -4.88
N PRO B 190 10.97 55.68 -5.19
CA PRO B 190 12.09 55.89 -4.27
C PRO B 190 12.09 57.25 -3.58
N GLY B 191 10.99 57.97 -3.66
CA GLY B 191 10.85 59.22 -2.93
C GLY B 191 11.63 60.40 -3.45
N HIS B 192 11.80 60.50 -4.77
CA HIS B 192 12.42 61.69 -5.36
C HIS B 192 11.35 62.73 -5.68
N ARG B 193 11.76 63.99 -5.70
CA ARG B 193 10.85 65.08 -6.05
C ARG B 193 11.53 65.98 -7.08
N SER B 194 11.27 65.71 -8.35
CA SER B 194 11.93 66.39 -9.45
C SER B 194 11.21 66.19 -10.77
N ALA B 195 10.87 67.30 -11.42
CA ALA B 195 10.25 67.24 -12.75
C ALA B 195 11.24 66.72 -13.77
N TYR B 196 12.50 67.14 -13.63
CA TYR B 196 13.58 66.70 -14.49
C TYR B 196 13.68 65.19 -14.46
N GLU B 197 13.62 64.63 -13.26
CA GLU B 197 13.70 63.18 -13.10
C GLU B 197 12.41 62.51 -13.56
N ALA B 198 11.28 63.16 -13.33
CA ALA B 198 9.98 62.61 -13.72
C ALA B 198 9.88 62.38 -15.23
N VAL B 199 10.32 63.35 -16.03
CA VAL B 199 10.25 63.20 -17.48
C VAL B 199 11.05 61.99 -17.97
N ILE B 200 12.29 61.90 -17.49
CA ILE B 200 13.19 60.81 -17.82
C ILE B 200 12.64 59.45 -17.37
N ALA B 201 12.14 59.40 -16.14
CA ALA B 201 11.59 58.17 -15.57
C ALA B 201 10.41 57.67 -16.38
N GLY B 202 9.50 58.58 -16.74
CA GLY B 202 8.36 58.20 -17.56
C GLY B 202 8.83 57.61 -18.88
N HIS B 203 9.78 58.30 -19.51
CA HIS B 203 10.30 57.81 -20.79
C HIS B 203 10.92 56.41 -20.69
N ASN B 204 11.75 56.20 -19.67
CA ASN B 204 12.42 54.91 -19.52
C ASN B 204 11.50 53.79 -19.08
N VAL B 205 10.42 54.12 -18.36
CA VAL B 205 9.40 53.14 -18.05
C VAL B 205 8.74 52.68 -19.36
N LEU B 206 8.41 53.63 -20.23
CA LEU B 206 7.81 53.27 -21.51
C LEU B 206 8.75 52.41 -22.36
N ARG B 207 10.02 52.81 -22.41
CA ARG B 207 11.03 52.04 -23.14
C ARG B 207 11.17 50.63 -22.57
N ALA B 208 11.12 50.52 -21.25
CA ALA B 208 11.23 49.22 -20.60
C ALA B 208 10.07 48.33 -21.00
N HIS B 209 8.87 48.90 -21.04
CA HIS B 209 7.70 48.17 -21.52
C HIS B 209 7.91 47.63 -22.94
N GLY B 210 8.36 48.50 -23.83
CA GLY B 210 8.62 48.08 -25.20
C GLY B 210 9.63 46.95 -25.31
N ALA B 211 10.72 47.09 -24.57
CA ALA B 211 11.77 46.07 -24.55
C ALA B 211 11.23 44.73 -24.07
N ALA B 212 10.39 44.77 -23.03
CA ALA B 212 9.80 43.56 -22.50
C ALA B 212 8.87 42.90 -23.52
N VAL B 213 8.15 43.72 -24.28
CA VAL B 213 7.27 43.18 -25.31
C VAL B 213 8.07 42.48 -26.41
N ARG B 214 9.16 43.12 -26.85
CA ARG B 214 10.04 42.48 -27.84
C ARG B 214 10.61 41.15 -27.36
N ARG B 215 11.13 41.15 -26.13
CA ARG B 215 11.70 39.94 -25.56
C ARG B 215 10.63 38.85 -25.49
N PHE B 216 9.40 39.25 -25.17
CA PHE B 216 8.29 38.32 -25.11
C PHE B 216 8.02 37.74 -26.49
N ARG B 217 8.16 38.55 -27.52
CA ARG B 217 8.02 38.05 -28.88
C ARG B 217 9.09 37.01 -29.17
N GLU B 218 10.28 37.20 -28.63
CA GLU B 218 11.37 36.26 -28.88
C GLU B 218 11.28 34.92 -28.13
N VAL B 219 10.88 34.97 -26.87
CA VAL B 219 10.96 33.76 -26.02
C VAL B 219 9.66 33.42 -25.33
N GLY B 220 8.64 34.26 -25.48
CA GLY B 220 7.42 34.07 -24.71
C GLY B 220 6.30 33.41 -25.48
N GLU B 221 5.22 33.13 -24.75
CA GLU B 221 4.04 32.49 -25.32
C GLU B 221 2.77 33.06 -24.68
N GLY B 222 1.84 33.51 -25.51
CA GLY B 222 0.61 34.10 -25.00
C GLY B 222 0.41 35.55 -25.36
N GLN B 223 -0.23 36.30 -24.47
CA GLN B 223 -0.55 37.70 -24.72
C GLN B 223 0.12 38.62 -23.71
N ILE B 224 0.60 39.77 -24.19
CA ILE B 224 1.30 40.72 -23.33
C ILE B 224 0.73 42.13 -23.54
N GLY B 225 0.70 42.91 -22.47
CA GLY B 225 0.21 44.27 -22.54
C GLY B 225 0.57 45.09 -21.33
N ILE B 226 0.31 46.39 -21.40
CA ILE B 226 0.55 47.29 -20.28
C ILE B 226 -0.74 47.52 -19.50
N VAL B 227 -0.59 48.02 -18.28
CA VAL B 227 -1.74 48.36 -17.44
C VAL B 227 -1.67 49.83 -17.07
N LEU B 228 -2.66 50.61 -17.54
CA LEU B 228 -2.69 52.03 -17.27
C LEU B 228 -3.81 52.40 -16.32
N ASN B 229 -3.55 53.33 -15.40
CA ASN B 229 -4.65 53.96 -14.67
C ASN B 229 -5.09 55.22 -15.39
N ILE B 230 -6.40 55.44 -15.42
CA ILE B 230 -6.96 56.62 -16.07
C ILE B 230 -7.94 57.28 -15.11
N GLU B 231 -7.84 58.59 -14.97
CA GLU B 231 -8.77 59.34 -14.15
C GLU B 231 -9.35 60.48 -14.97
N PRO B 232 -10.51 60.24 -15.58
CA PRO B 232 -11.16 61.18 -16.51
C PRO B 232 -11.38 62.55 -15.89
N LYS B 233 -10.99 63.59 -16.63
CA LYS B 233 -11.10 64.96 -16.13
C LYS B 233 -12.29 65.69 -16.75
N TYR B 234 -13.26 66.02 -15.90
CA TYR B 234 -14.48 66.69 -16.32
C TYR B 234 -14.39 68.21 -16.11
N PRO B 235 -15.15 68.99 -16.89
CA PRO B 235 -15.12 70.45 -16.79
C PRO B 235 -15.69 70.99 -15.49
N ALA B 236 -14.98 71.92 -14.86
CA ALA B 236 -15.44 72.56 -13.64
C ALA B 236 -16.33 73.77 -13.90
N SER B 237 -16.15 74.39 -15.05
CA SER B 237 -16.84 75.63 -15.39
C SER B 237 -16.70 75.97 -16.87
N ASP B 238 -17.18 77.14 -17.27
CA ASP B 238 -17.06 77.58 -18.65
C ASP B 238 -15.92 78.57 -18.83
N LYS B 239 -15.21 78.87 -17.75
CA LYS B 239 -14.01 79.69 -17.80
C LYS B 239 -12.95 78.97 -18.64
N PRO B 240 -12.32 79.71 -19.57
CA PRO B 240 -11.32 79.09 -20.45
C PRO B 240 -10.06 78.67 -19.71
N GLU B 241 -9.70 79.39 -18.65
CA GLU B 241 -8.54 79.03 -17.84
C GLU B 241 -8.73 77.70 -17.11
N ASP B 242 -9.99 77.40 -16.76
CA ASP B 242 -10.30 76.13 -16.11
C ASP B 242 -10.25 74.98 -17.11
N GLU B 243 -10.59 75.27 -18.37
CA GLU B 243 -10.50 74.27 -19.43
C GLU B 243 -9.05 73.98 -19.77
N ALA B 244 -8.24 75.02 -19.77
CA ALA B 244 -6.80 74.86 -19.96
C ALA B 244 -6.20 74.04 -18.82
N ALA B 245 -6.69 74.31 -17.61
CA ALA B 245 -6.28 73.54 -16.44
C ALA B 245 -6.63 72.06 -16.61
N ARG B 246 -7.88 71.82 -17.00
CA ARG B 246 -8.37 70.48 -17.28
C ARG B 246 -7.51 69.74 -18.28
N ARG B 247 -7.13 70.42 -19.36
CA ARG B 247 -6.33 69.78 -20.40
C ARG B 247 -4.91 69.50 -19.92
N ARG B 248 -4.35 70.40 -19.11
CA ARG B 248 -3.05 70.13 -18.48
C ARG B 248 -3.10 68.86 -17.62
N ALA B 249 -4.12 68.79 -16.76
CA ALA B 249 -4.25 67.64 -15.86
C ALA B 249 -4.44 66.34 -16.65
N GLU B 250 -5.32 66.42 -17.65
CA GLU B 250 -5.60 65.30 -18.55
C GLU B 250 -4.37 64.81 -19.28
N ALA B 251 -3.57 65.75 -19.78
CA ALA B 251 -2.37 65.42 -20.53
C ALA B 251 -1.34 64.76 -19.61
N GLN B 252 -1.16 65.34 -18.43
CA GLN B 252 -0.14 64.85 -17.51
C GLN B 252 -0.50 63.49 -16.94
N MET B 253 -1.79 63.23 -16.73
CA MET B 253 -2.18 61.97 -16.09
C MET B 253 -2.66 60.89 -17.06
N ASN B 254 -3.52 61.27 -18.00
CA ASN B 254 -4.20 60.28 -18.84
C ASN B 254 -3.61 60.08 -20.23
N ARG B 255 -2.90 61.07 -20.76
CA ARG B 255 -2.39 61.00 -22.12
C ARG B 255 -0.87 60.83 -22.19
N TRP B 256 -0.19 61.11 -21.08
CA TRP B 256 1.27 61.03 -21.00
C TRP B 256 1.84 59.71 -21.54
N PHE B 257 1.24 58.59 -21.16
CA PHE B 257 1.75 57.29 -21.55
C PHE B 257 0.95 56.64 -22.69
N LEU B 258 -0.37 56.77 -22.68
CA LEU B 258 -1.21 56.19 -23.70
C LEU B 258 -0.87 56.69 -25.10
N ASP B 259 -0.67 58.00 -25.23
CA ASP B 259 -0.40 58.60 -26.54
C ASP B 259 0.87 58.06 -27.23
N PRO B 260 2.02 58.05 -26.54
CA PRO B 260 3.19 57.46 -27.22
C PRO B 260 3.03 55.96 -27.46
N LEU B 261 2.27 55.29 -26.61
CA LEU B 261 1.96 53.88 -26.82
C LEU B 261 1.13 53.70 -28.09
N MET B 262 0.37 54.74 -28.44
CA MET B 262 -0.45 54.70 -29.65
C MET B 262 0.23 55.38 -30.84
N GLY B 263 1.49 55.74 -30.69
CA GLY B 263 2.24 56.34 -31.78
C GLY B 263 1.96 57.81 -32.07
N ARG B 264 1.41 58.52 -31.08
CA ARG B 264 1.06 59.93 -31.27
C ARG B 264 2.06 60.89 -30.64
N GLY B 265 3.18 60.36 -30.16
CA GLY B 265 4.15 61.19 -29.47
C GLY B 265 3.67 61.68 -28.12
N TYR B 266 4.47 62.51 -27.46
CA TYR B 266 4.08 63.08 -26.18
C TYR B 266 3.12 64.24 -26.39
N PRO B 267 2.11 64.34 -25.51
CA PRO B 267 1.20 65.49 -25.53
C PRO B 267 1.96 66.80 -25.47
N GLU B 268 1.57 67.75 -26.32
CA GLU B 268 2.24 69.03 -26.40
C GLU B 268 2.12 69.82 -25.10
N GLU B 269 1.02 69.62 -24.38
CA GLU B 269 0.77 70.36 -23.14
C GLU B 269 1.86 70.07 -22.10
N LEU B 270 2.53 68.93 -22.25
CA LEU B 270 3.57 68.55 -21.31
C LEU B 270 4.70 69.58 -21.38
N THR B 271 4.90 70.13 -22.57
CA THR B 271 5.91 71.16 -22.79
C THR B 271 5.63 72.33 -21.85
N ASP B 272 4.35 72.62 -21.65
CA ASP B 272 3.96 73.68 -20.75
C ASP B 272 3.99 73.23 -19.30
N VAL B 273 3.64 71.96 -19.06
CA VAL B 273 3.55 71.46 -17.69
C VAL B 273 4.94 71.36 -17.06
N TYR B 274 5.90 70.83 -17.80
CA TYR B 274 7.21 70.52 -17.23
C TYR B 274 8.26 71.59 -17.57
N GLY B 275 7.95 72.48 -18.50
CA GLY B 275 8.82 73.60 -18.83
C GLY B 275 10.25 73.23 -19.16
N ALA B 276 11.19 73.83 -18.43
CA ALA B 276 12.62 73.59 -18.65
C ALA B 276 13.03 72.15 -18.37
N ALA B 277 12.18 71.41 -17.66
CA ALA B 277 12.47 70.02 -17.36
C ALA B 277 12.08 69.11 -18.52
N TRP B 278 11.25 69.60 -19.43
CA TRP B 278 10.85 68.80 -20.57
C TRP B 278 12.00 68.56 -21.54
N ARG B 279 11.96 67.41 -22.19
CA ARG B 279 12.99 66.99 -23.12
C ARG B 279 12.45 66.43 -24.41
N GLU B 280 13.27 66.53 -25.45
CA GLU B 280 13.05 65.81 -26.68
C GLU B 280 13.91 64.54 -26.65
N PHE B 281 13.33 63.42 -27.06
CA PHE B 281 14.01 62.14 -27.06
C PHE B 281 14.21 61.60 -28.47
N PRO B 282 15.22 60.72 -28.65
CA PRO B 282 15.51 60.14 -29.98
C PRO B 282 14.29 59.46 -30.61
N LYS B 283 14.20 59.57 -31.94
CA LYS B 283 13.06 59.03 -32.70
C LYS B 283 12.86 57.51 -32.56
N GLU B 284 13.93 56.74 -32.48
CA GLU B 284 13.80 55.29 -32.40
C GLU B 284 13.23 54.82 -31.07
N ASP B 285 13.38 55.65 -30.05
CA ASP B 285 12.81 55.36 -28.74
C ASP B 285 11.31 55.17 -28.83
N PHE B 286 10.66 56.02 -29.62
CA PHE B 286 9.21 55.97 -29.80
C PHE B 286 8.81 54.74 -30.60
N GLU B 287 9.69 54.28 -31.47
CA GLU B 287 9.50 53.00 -32.16
C GLU B 287 9.51 51.84 -31.17
N LEU B 288 10.48 51.84 -30.25
CA LEU B 288 10.52 50.82 -29.22
C LEU B 288 9.27 50.86 -28.32
N ILE B 289 8.89 52.08 -27.93
CA ILE B 289 7.77 52.31 -27.02
C ILE B 289 6.44 51.84 -27.61
N ALA B 290 6.31 51.97 -28.94
CA ALA B 290 5.06 51.64 -29.62
C ALA B 290 4.97 50.19 -30.07
N GLU B 291 5.84 49.33 -29.56
CA GLU B 291 5.79 47.90 -29.86
C GLU B 291 4.39 47.32 -29.68
N PRO B 292 3.84 46.73 -30.75
CA PRO B 292 2.45 46.24 -30.76
C PRO B 292 2.17 45.28 -29.61
N THR B 293 1.08 45.52 -28.91
CA THR B 293 0.70 44.68 -27.77
C THR B 293 -0.54 43.86 -28.11
N ASP B 294 -0.90 42.92 -27.24
CA ASP B 294 -2.02 42.03 -27.51
C ASP B 294 -3.29 42.47 -26.77
N TRP B 295 -3.10 43.14 -25.64
CA TRP B 295 -4.23 43.58 -24.81
C TRP B 295 -3.82 44.77 -23.94
N MET B 296 -4.79 45.44 -23.33
CA MET B 296 -4.46 46.51 -22.40
C MET B 296 -5.35 46.46 -21.16
N GLY B 297 -4.71 46.72 -20.02
CA GLY B 297 -5.41 46.76 -18.74
C GLY B 297 -5.75 48.17 -18.34
N LEU B 298 -6.96 48.35 -17.83
CA LEU B 298 -7.37 49.62 -17.26
C LEU B 298 -7.60 49.48 -15.75
N ASN B 299 -6.89 50.31 -14.99
CA ASN B 299 -7.15 50.46 -13.58
C ASN B 299 -7.98 51.71 -13.39
N TRP B 300 -9.18 51.56 -12.81
CA TRP B 300 -10.10 52.68 -12.72
C TRP B 300 -10.80 52.74 -11.37
N TYR B 301 -10.93 53.95 -10.84
CA TYR B 301 -11.55 54.14 -9.54
C TYR B 301 -12.52 55.31 -9.51
N THR B 302 -12.17 56.39 -10.19
CA THR B 302 -12.91 57.64 -10.04
C THR B 302 -12.63 58.64 -11.15
N ARG B 303 -13.25 59.81 -11.03
CA ARG B 303 -12.99 60.92 -11.94
C ARG B 303 -12.49 62.11 -11.12
N ALA B 304 -12.09 63.17 -11.82
CA ALA B 304 -11.76 64.42 -11.15
C ALA B 304 -12.36 65.60 -11.92
N VAL B 305 -12.55 66.71 -11.21
CA VAL B 305 -13.12 67.90 -11.83
C VAL B 305 -12.15 69.06 -11.57
N PRO B 306 -11.11 69.16 -12.42
CA PRO B 306 -10.03 70.11 -12.17
C PRO B 306 -10.37 71.54 -12.53
N GLU B 307 -9.88 72.47 -11.70
CA GLU B 307 -9.98 73.89 -11.96
C GLU B 307 -8.57 74.47 -11.93
N ASN B 308 -8.42 75.69 -12.41
CA ASN B 308 -7.13 76.36 -12.44
C ASN B 308 -6.60 76.62 -11.05
N ALA B 309 -5.31 76.37 -10.86
CA ALA B 309 -4.64 76.57 -9.58
C ALA B 309 -3.20 76.92 -9.82
N PRO B 310 -2.91 78.21 -10.00
CA PRO B 310 -1.61 78.74 -10.41
C PRO B 310 -0.46 78.30 -9.51
N ASP B 311 -0.75 77.97 -8.27
CA ASP B 311 0.28 77.59 -7.30
C ASP B 311 0.44 76.08 -7.18
N ALA B 312 -0.36 75.33 -7.93
CA ALA B 312 -0.26 73.87 -7.89
C ALA B 312 0.82 73.40 -8.86
N TRP B 313 1.91 72.87 -8.34
CA TRP B 313 3.02 72.43 -9.16
C TRP B 313 2.91 70.94 -9.45
N PRO B 314 3.10 70.54 -10.73
CA PRO B 314 3.40 71.35 -11.91
C PRO B 314 2.25 71.53 -12.90
N THR B 315 1.09 70.92 -12.65
CA THR B 315 0.01 70.95 -13.64
C THR B 315 -0.82 72.23 -13.57
N ARG B 316 -0.55 73.03 -12.54
CA ARG B 316 -1.30 74.26 -12.25
C ARG B 316 -2.80 73.99 -12.26
N SER B 317 -3.20 72.88 -11.64
CA SER B 317 -4.60 72.50 -11.55
C SER B 317 -4.89 71.83 -10.21
N ARG B 318 -6.16 71.83 -9.83
CA ARG B 318 -6.57 71.16 -8.59
C ARG B 318 -8.01 70.70 -8.69
N PRO B 319 -8.32 69.52 -8.13
CA PRO B 319 -9.70 69.02 -8.23
C PRO B 319 -10.70 69.79 -7.38
N VAL B 320 -11.89 69.99 -7.92
CA VAL B 320 -13.00 70.60 -7.18
C VAL B 320 -13.83 69.50 -6.53
N ARG B 321 -14.04 69.61 -5.22
CA ARG B 321 -14.77 68.58 -4.48
C ARG B 321 -16.22 68.47 -4.93
N GLN B 322 -16.62 67.27 -5.34
CA GLN B 322 -17.97 67.02 -5.82
C GLN B 322 -18.88 66.55 -4.67
N THR B 323 -19.38 67.50 -3.90
CA THR B 323 -20.10 67.21 -2.68
C THR B 323 -21.47 66.55 -2.86
N GLN B 324 -21.95 66.49 -4.10
CA GLN B 324 -23.25 65.87 -4.37
C GLN B 324 -23.18 64.34 -4.35
N HIS B 325 -21.96 63.81 -4.35
CA HIS B 325 -21.77 62.37 -4.40
C HIS B 325 -20.99 61.82 -3.22
N ALA B 326 -21.12 60.52 -2.99
CA ALA B 326 -20.36 59.83 -1.95
C ALA B 326 -18.88 59.83 -2.27
N HIS B 327 -18.05 59.88 -1.22
CA HIS B 327 -16.61 59.76 -1.38
C HIS B 327 -16.07 58.62 -0.53
N THR B 328 -15.07 57.93 -1.06
CA THR B 328 -14.43 56.80 -0.39
C THR B 328 -13.49 57.26 0.71
N GLU B 329 -12.89 56.30 1.40
CA GLU B 329 -11.95 56.57 2.49
C GLU B 329 -10.66 57.19 1.99
N THR B 330 -10.38 57.02 0.70
CA THR B 330 -9.25 57.68 0.06
C THR B 330 -9.64 59.02 -0.55
N GLY B 331 -10.91 59.41 -0.37
CA GLY B 331 -11.38 60.69 -0.87
C GLY B 331 -11.72 60.72 -2.34
N TRP B 332 -12.03 59.56 -2.92
CA TRP B 332 -12.32 59.48 -4.34
C TRP B 332 -13.82 59.50 -4.55
N GLU B 333 -14.30 60.40 -5.42
CA GLU B 333 -15.72 60.49 -5.72
C GLU B 333 -16.26 59.18 -6.29
N VAL B 334 -17.46 58.80 -5.83
CA VAL B 334 -18.14 57.65 -6.40
C VAL B 334 -19.01 58.14 -7.55
N TYR B 335 -18.63 57.78 -8.77
CA TYR B 335 -19.34 58.23 -9.97
C TYR B 335 -19.18 57.23 -11.10
N PRO B 336 -20.00 56.17 -11.08
CA PRO B 336 -19.97 55.07 -12.04
C PRO B 336 -20.09 55.44 -13.53
N PRO B 337 -20.87 56.48 -13.91
CA PRO B 337 -20.93 56.74 -15.35
C PRO B 337 -19.57 57.02 -15.97
N ALA B 338 -18.67 57.61 -15.20
CA ALA B 338 -17.35 57.96 -15.69
C ALA B 338 -16.53 56.73 -16.04
N LEU B 339 -16.88 55.59 -15.46
CA LEU B 339 -16.22 54.36 -15.84
C LEU B 339 -16.62 54.03 -17.28
N THR B 340 -17.92 54.08 -17.54
CA THR B 340 -18.43 53.76 -18.86
C THR B 340 -17.75 54.64 -19.89
N ASP B 341 -17.78 55.95 -19.63
CA ASP B 341 -17.19 56.91 -20.55
C ASP B 341 -15.74 56.56 -20.79
N THR B 342 -15.01 56.26 -19.72
CA THR B 342 -13.58 56.04 -19.85
C THR B 342 -13.34 54.86 -20.74
N LEU B 343 -14.13 53.80 -20.54
CA LEU B 343 -13.91 52.59 -21.31
C LEU B 343 -14.13 52.90 -22.77
N VAL B 344 -15.16 53.70 -23.05
CA VAL B 344 -15.46 54.03 -24.42
C VAL B 344 -14.29 54.79 -24.97
N TRP B 345 -13.83 55.77 -24.19
CA TRP B 345 -12.73 56.62 -24.61
C TRP B 345 -11.52 55.77 -24.91
N LEU B 346 -11.28 54.76 -24.08
CA LEU B 346 -10.04 54.01 -24.24
C LEU B 346 -10.17 53.19 -25.50
N SER B 347 -11.37 52.64 -25.71
CA SER B 347 -11.65 51.86 -26.90
C SER B 347 -11.37 52.72 -28.13
N GLU B 348 -11.72 53.99 -28.04
CA GLU B 348 -11.52 54.89 -29.16
C GLU B 348 -10.05 55.22 -29.36
N GLN B 349 -9.31 55.40 -28.27
CA GLN B 349 -7.90 55.77 -28.37
C GLN B 349 -7.06 54.62 -28.92
N THR B 350 -7.53 53.40 -28.70
CA THR B 350 -6.82 52.21 -29.14
C THR B 350 -7.40 51.67 -30.44
N GLY B 351 -8.31 52.41 -31.03
CA GLY B 351 -8.87 52.08 -32.33
C GLY B 351 -9.84 50.90 -32.36
N GLY B 352 -10.27 50.45 -31.18
CA GLY B 352 -11.21 49.34 -31.07
C GLY B 352 -10.59 47.98 -31.35
N LYS B 353 -9.34 47.99 -31.81
CA LYS B 353 -8.63 46.79 -32.21
C LYS B 353 -7.91 46.08 -31.05
N LEU B 354 -7.74 46.78 -29.93
CA LEU B 354 -6.99 46.25 -28.80
C LEU B 354 -7.93 45.77 -27.69
N PRO B 355 -7.91 44.45 -27.41
CA PRO B 355 -8.70 43.84 -26.35
C PRO B 355 -8.42 44.46 -24.98
N LEU B 356 -9.49 44.83 -24.27
CA LEU B 356 -9.32 45.54 -23.00
C LEU B 356 -9.78 44.69 -21.82
N MET B 357 -9.18 44.94 -20.66
CA MET B 357 -9.62 44.29 -19.44
C MET B 357 -9.53 45.27 -18.27
N VAL B 358 -10.57 45.31 -17.45
CA VAL B 358 -10.50 46.13 -16.24
C VAL B 358 -9.68 45.34 -15.24
N THR B 359 -8.41 45.72 -15.08
CA THR B 359 -7.50 44.98 -14.23
C THR B 359 -7.57 45.44 -12.78
N GLU B 360 -8.16 46.62 -12.54
CA GLU B 360 -8.41 47.07 -11.19
C GLU B 360 -9.62 47.99 -11.11
N ASN B 361 -10.52 47.66 -10.19
CA ASN B 361 -11.64 48.52 -9.83
C ASN B 361 -12.16 48.10 -8.45
N GLY B 362 -12.41 49.08 -7.58
CA GLY B 362 -12.87 48.79 -6.24
C GLY B 362 -12.92 50.05 -5.40
N SER B 363 -13.19 49.90 -4.10
CA SER B 363 -13.38 51.05 -3.24
C SER B 363 -12.95 50.78 -1.80
N ALA B 364 -12.47 51.81 -1.13
CA ALA B 364 -12.05 51.70 0.26
C ALA B 364 -13.05 52.36 1.22
N TRP B 365 -13.56 51.58 2.16
CA TRP B 365 -14.42 52.10 3.20
C TRP B 365 -13.94 51.59 4.55
N TYR B 366 -14.38 52.23 5.63
CA TYR B 366 -13.95 51.77 6.95
C TYR B 366 -14.56 50.42 7.28
N ASP B 367 -13.70 49.51 7.73
CA ASP B 367 -14.12 48.25 8.32
C ASP B 367 -13.47 48.15 9.68
N PRO B 368 -14.15 47.49 10.63
CA PRO B 368 -13.51 47.27 11.93
C PRO B 368 -12.28 46.36 11.80
N PRO B 369 -11.37 46.40 12.77
CA PRO B 369 -10.12 45.63 12.66
C PRO B 369 -10.34 44.14 12.86
N HIS B 370 -11.52 43.77 13.35
CA HIS B 370 -11.86 42.37 13.53
C HIS B 370 -13.26 42.09 13.00
N ALA B 371 -13.54 40.84 12.69
CA ALA B 371 -14.88 40.47 12.24
C ALA B 371 -15.87 40.61 13.38
N ILE B 372 -17.15 40.78 13.04
CA ILE B 372 -18.19 40.87 14.06
C ILE B 372 -19.20 39.76 13.80
N ASP B 373 -19.29 38.87 14.78
CA ASP B 373 -19.86 37.54 14.61
C ASP B 373 -19.59 36.97 13.21
N GLY B 374 -18.32 36.70 12.91
CA GLY B 374 -17.94 36.07 11.65
C GLY B 374 -18.28 36.84 10.39
N ARG B 375 -18.51 38.15 10.51
CA ARG B 375 -18.96 38.93 9.36
C ARG B 375 -18.34 40.33 9.26
N ILE B 376 -18.32 40.86 8.04
CA ILE B 376 -17.98 42.26 7.80
C ILE B 376 -19.03 42.88 6.90
N HIS B 377 -19.82 43.80 7.44
CA HIS B 377 -20.90 44.41 6.66
C HIS B 377 -20.45 45.71 6.02
N ASP B 378 -20.22 45.66 4.71
CA ASP B 378 -19.73 46.81 3.97
C ASP B 378 -20.65 47.21 2.82
N PRO B 379 -21.85 47.73 3.14
CA PRO B 379 -22.87 48.02 2.12
C PRO B 379 -22.44 49.05 1.07
N MET B 380 -21.57 49.99 1.42
CA MET B 380 -21.10 50.95 0.44
C MET B 380 -20.16 50.33 -0.59
N ARG B 381 -19.38 49.34 -0.16
CA ARG B 381 -18.48 48.65 -1.07
C ARG B 381 -19.32 47.77 -1.99
N VAL B 382 -20.38 47.20 -1.44
CA VAL B 382 -21.35 46.41 -2.21
C VAL B 382 -22.01 47.28 -3.29
N HIS B 383 -22.45 48.46 -2.89
CA HIS B 383 -23.04 49.43 -3.81
C HIS B 383 -22.09 49.83 -4.93
N TYR B 384 -20.86 50.17 -4.56
CA TYR B 384 -19.84 50.53 -5.53
C TYR B 384 -19.69 49.41 -6.55
N LEU B 385 -19.61 48.20 -6.02
CA LEU B 385 -19.41 47.00 -6.84
C LEU B 385 -20.53 46.84 -7.86
N GLN B 386 -21.77 46.86 -7.39
CA GLN B 386 -22.90 46.61 -8.26
C GLN B 386 -23.06 47.70 -9.33
N THR B 387 -22.90 48.96 -8.94
CA THR B 387 -23.11 50.05 -9.89
C THR B 387 -22.01 50.08 -10.95
N HIS B 388 -20.77 49.79 -10.54
CA HIS B 388 -19.67 49.85 -11.49
C HIS B 388 -19.66 48.65 -12.43
N ILE B 389 -20.11 47.49 -11.94
CA ILE B 389 -20.21 46.34 -12.82
C ILE B 389 -21.32 46.59 -13.86
N LYS B 390 -22.43 47.18 -13.41
CA LYS B 390 -23.47 47.61 -14.35
C LYS B 390 -22.89 48.57 -15.40
N ALA B 391 -22.00 49.46 -14.95
CA ALA B 391 -21.36 50.40 -15.86
C ALA B 391 -20.50 49.68 -16.90
N LEU B 392 -19.93 48.55 -16.48
CA LEU B 392 -19.16 47.73 -17.42
C LEU B 392 -20.09 47.22 -18.48
N HIS B 393 -21.25 46.72 -18.04
CA HIS B 393 -22.23 46.22 -19.01
C HIS B 393 -22.62 47.30 -20.02
N ASP B 394 -22.85 48.52 -19.54
CA ASP B 394 -23.17 49.62 -20.45
C ASP B 394 -22.06 49.88 -21.46
N ALA B 395 -20.82 49.84 -20.98
CA ALA B 395 -19.68 50.06 -21.87
C ALA B 395 -19.61 48.98 -22.96
N ILE B 396 -19.90 47.74 -22.58
CA ILE B 396 -19.89 46.64 -23.55
C ILE B 396 -21.04 46.84 -24.55
N GLY B 397 -22.18 47.30 -24.05
CA GLY B 397 -23.30 47.62 -24.91
C GLY B 397 -22.99 48.72 -25.89
N LYS B 398 -21.99 49.53 -25.58
CA LYS B 398 -21.57 50.58 -26.51
C LYS B 398 -20.41 50.18 -27.41
N GLY B 399 -20.10 48.88 -27.46
CA GLY B 399 -19.14 48.35 -28.40
C GLY B 399 -17.72 48.19 -27.92
N VAL B 400 -17.48 48.42 -26.63
CA VAL B 400 -16.15 48.24 -26.07
C VAL B 400 -15.81 46.75 -26.00
N ASP B 401 -14.62 46.38 -26.48
CA ASP B 401 -14.22 44.98 -26.46
C ASP B 401 -13.60 44.66 -25.10
N LEU B 402 -14.45 44.45 -24.11
CA LEU B 402 -14.01 44.22 -22.74
C LEU B 402 -14.06 42.74 -22.42
N ARG B 403 -12.93 42.16 -22.05
CA ARG B 403 -12.84 40.71 -21.89
C ARG B 403 -12.89 40.25 -20.44
N GLY B 404 -12.74 41.17 -19.49
CA GLY B 404 -12.70 40.77 -18.10
C GLY B 404 -12.66 41.89 -17.08
N TYR B 405 -12.77 41.48 -15.81
CA TYR B 405 -12.88 42.41 -14.68
C TYR B 405 -12.22 41.85 -13.43
N MET B 406 -11.27 42.59 -12.89
CA MET B 406 -10.58 42.18 -11.67
C MET B 406 -10.85 43.17 -10.55
N VAL B 407 -11.42 42.68 -9.46
CA VAL B 407 -11.67 43.55 -8.30
C VAL B 407 -10.40 43.82 -7.51
N TRP B 408 -10.09 45.10 -7.31
CA TRP B 408 -9.09 45.47 -6.31
C TRP B 408 -9.78 45.77 -5.00
N SER B 409 -9.55 44.94 -3.99
CA SER B 409 -8.57 43.88 -4.05
C SER B 409 -9.14 42.61 -3.43
N LEU B 410 -8.48 41.48 -3.68
CA LEU B 410 -8.87 40.23 -3.01
C LEU B 410 -8.79 40.36 -1.50
N LEU B 411 -7.70 40.96 -1.01
CA LEU B 411 -7.47 41.10 0.43
C LEU B 411 -7.29 42.55 0.85
N ASP B 412 -7.80 42.88 2.04
CA ASP B 412 -7.34 44.10 2.72
C ASP B 412 -5.82 44.02 2.79
N ASN B 413 -5.14 45.08 2.39
CA ASN B 413 -3.68 45.03 2.34
C ASN B 413 -3.03 46.38 2.64
N LEU B 414 -1.72 46.44 2.44
CA LEU B 414 -0.98 47.68 2.62
C LEU B 414 -1.22 48.62 1.44
N GLU B 415 -1.96 49.69 1.69
CA GLU B 415 -2.22 50.67 0.64
C GLU B 415 -1.02 51.63 0.59
N TRP B 416 0.13 51.04 0.31
CA TRP B 416 1.40 51.76 0.19
C TRP B 416 1.63 52.78 1.31
N SER B 417 1.90 54.03 0.95
CA SER B 417 2.19 55.08 1.94
C SER B 417 1.06 55.40 2.90
N LEU B 418 -0.17 55.03 2.56
CA LEU B 418 -1.31 55.26 3.47
C LEU B 418 -1.47 54.09 4.42
N GLY B 419 -0.60 53.09 4.30
CA GLY B 419 -0.57 51.98 5.23
C GLY B 419 -1.81 51.10 5.16
N TYR B 420 -2.15 50.50 6.31
CA TYR B 420 -3.24 49.54 6.40
C TYR B 420 -4.59 50.20 6.70
N SER B 421 -4.60 51.52 6.83
CA SER B 421 -5.82 52.25 7.14
C SER B 421 -6.85 52.25 6.01
N LYS B 422 -6.40 51.97 4.79
CA LYS B 422 -7.30 51.96 3.64
C LYS B 422 -7.56 50.53 3.16
N ARG B 423 -8.75 50.03 3.46
CA ARG B 423 -9.10 48.65 3.12
C ARG B 423 -9.85 48.56 1.79
N PHE B 424 -9.24 47.87 0.83
CA PHE B 424 -9.82 47.73 -0.50
C PHE B 424 -10.34 46.32 -0.71
N GLY B 425 -10.06 45.45 0.26
CA GLY B 425 -10.39 44.04 0.11
C GLY B 425 -11.86 43.72 0.10
N ILE B 426 -12.21 42.69 -0.65
CA ILE B 426 -13.53 42.08 -0.54
C ILE B 426 -13.43 40.95 0.47
N VAL B 427 -12.20 40.62 0.85
CA VAL B 427 -11.95 39.76 1.99
C VAL B 427 -11.22 40.55 3.06
N HIS B 428 -11.81 40.61 4.26
CA HIS B 428 -11.23 41.29 5.41
C HIS B 428 -10.04 40.52 5.96
N VAL B 429 -8.99 41.27 6.30
CA VAL B 429 -7.84 40.70 6.98
C VAL B 429 -7.71 41.34 8.35
N ASN B 430 -7.79 40.52 9.39
CA ASN B 430 -7.48 40.97 10.74
C ASN B 430 -5.96 40.96 10.86
N PHE B 431 -5.36 42.15 10.85
CA PHE B 431 -3.90 42.26 10.79
C PHE B 431 -3.23 41.91 12.11
N ALA B 432 -4.02 41.75 13.15
CA ALA B 432 -3.51 41.26 14.43
C ALA B 432 -3.35 39.75 14.43
N THR B 433 -4.26 39.07 13.71
CA THR B 433 -4.34 37.61 13.76
C THR B 433 -4.17 36.94 12.40
N GLN B 434 -4.16 37.75 11.33
CA GLN B 434 -4.10 37.26 9.94
C GLN B 434 -5.33 36.43 9.55
N GLU B 435 -6.35 36.42 10.40
CA GLU B 435 -7.60 35.74 10.08
C GLU B 435 -8.32 36.44 8.94
N ARG B 436 -8.78 35.66 7.96
CA ARG B 436 -9.56 36.18 6.85
C ARG B 436 -11.06 36.00 7.06
N THR B 437 -11.82 37.03 6.71
CA THR B 437 -13.29 36.96 6.78
C THR B 437 -13.89 37.51 5.49
N ILE B 438 -14.69 36.71 4.79
CA ILE B 438 -15.26 37.23 3.55
C ILE B 438 -16.32 38.28 3.84
N LYS B 439 -16.16 39.45 3.24
CA LYS B 439 -17.07 40.56 3.43
C LYS B 439 -18.35 40.34 2.65
N ASP B 440 -19.39 41.11 2.98
CA ASP B 440 -20.64 41.07 2.22
C ASP B 440 -20.40 41.38 0.74
N SER B 441 -19.42 42.24 0.48
CA SER B 441 -19.05 42.59 -0.88
C SER B 441 -18.50 41.38 -1.61
N GLY B 442 -17.69 40.58 -0.92
CA GLY B 442 -17.16 39.35 -1.48
C GLY B 442 -18.24 38.32 -1.78
N LEU B 443 -19.17 38.16 -0.85
CA LEU B 443 -20.31 37.27 -1.04
C LEU B 443 -21.12 37.66 -2.27
N PHE B 444 -21.38 38.97 -2.38
CA PHE B 444 -22.13 39.49 -3.51
C PHE B 444 -21.38 39.32 -4.82
N TYR B 445 -20.06 39.55 -4.82
CA TYR B 445 -19.26 39.38 -6.02
C TYR B 445 -19.29 37.92 -6.46
N ALA B 446 -19.28 37.02 -5.48
CA ALA B 446 -19.37 35.60 -5.76
C ALA B 446 -20.69 35.32 -6.47
N GLU B 447 -21.74 35.99 -6.01
CA GLU B 447 -23.03 35.90 -6.69
C GLU B 447 -23.01 36.47 -8.10
N VAL B 448 -22.30 37.57 -8.32
CA VAL B 448 -22.19 38.15 -9.66
C VAL B 448 -21.49 37.19 -10.62
N ILE B 449 -20.41 36.59 -10.17
CA ILE B 449 -19.69 35.61 -10.98
C ILE B 449 -20.55 34.39 -11.30
N LYS B 450 -21.19 33.82 -10.27
CA LYS B 450 -22.00 32.62 -10.47
C LYS B 450 -23.12 32.80 -11.50
N THR B 451 -23.80 33.94 -11.43
CA THR B 451 -24.92 34.23 -12.34
C THR B 451 -24.45 34.92 -13.61
N HIS B 452 -23.13 35.08 -13.74
CA HIS B 452 -22.51 35.80 -14.84
C HIS B 452 -23.18 37.15 -15.07
N GLY B 453 -23.60 37.79 -13.98
CA GLY B 453 -24.16 39.14 -14.03
C GLY B 453 -25.66 39.23 -13.85
N ASP B 454 -26.34 38.10 -13.97
CA ASP B 454 -27.81 38.06 -13.92
C ASP B 454 -28.39 38.48 -12.58
N VAL B 455 -27.58 38.44 -11.54
CA VAL B 455 -28.03 38.82 -10.20
C VAL B 455 -28.30 40.32 -10.16
N LEU B 456 -27.67 41.06 -11.06
CA LEU B 456 -27.84 42.51 -11.13
C LEU B 456 -29.19 42.91 -11.72
N ASN B 457 -29.75 42.05 -12.57
CA ASN B 457 -31.10 42.23 -13.11
C ASN B 457 -32.11 42.81 -12.11
N SER C 11 -24.87 26.41 15.37
CA SER C 11 -24.69 26.59 13.94
C SER C 11 -25.59 25.65 13.15
N TYR C 12 -25.95 26.05 11.92
CA TYR C 12 -26.78 25.21 11.08
C TYR C 12 -26.23 25.10 9.66
N ARG C 13 -24.92 25.25 9.51
CA ARG C 13 -24.31 25.03 8.20
C ARG C 13 -24.41 23.55 7.89
N PHE C 14 -24.78 23.22 6.66
CA PHE C 14 -24.99 21.83 6.29
C PHE C 14 -23.72 21.22 5.73
N PRO C 15 -23.64 19.87 5.71
CA PRO C 15 -22.43 19.19 5.22
C PRO C 15 -22.06 19.59 3.81
N GLU C 16 -20.77 19.49 3.48
CA GLU C 16 -20.27 19.82 2.15
C GLU C 16 -20.91 18.92 1.09
N GLY C 17 -21.37 19.53 0.01
CA GLY C 17 -21.99 18.79 -1.08
C GLY C 17 -23.46 18.50 -0.86
N PHE C 18 -24.02 18.90 0.29
CA PHE C 18 -25.44 18.71 0.57
C PHE C 18 -26.29 19.45 -0.46
N LEU C 19 -27.22 18.71 -1.08
CA LEU C 19 -27.92 19.21 -2.25
C LEU C 19 -29.30 19.80 -1.92
N TRP C 20 -29.50 21.08 -2.24
CA TRP C 20 -30.77 21.76 -2.02
C TRP C 20 -31.54 21.86 -3.33
N GLY C 21 -32.83 21.52 -3.30
CA GLY C 21 -33.65 21.61 -4.51
C GLY C 21 -35.14 21.67 -4.28
N ALA C 22 -35.89 21.50 -5.37
CA ALA C 22 -37.35 21.49 -5.26
C ALA C 22 -37.98 20.46 -6.19
N ALA C 23 -39.21 20.05 -5.89
CA ALA C 23 -39.79 18.91 -6.60
C ALA C 23 -41.16 19.17 -7.19
N THR C 24 -41.49 18.43 -8.25
CA THR C 24 -42.79 18.49 -8.93
C THR C 24 -43.16 17.11 -9.46
N ALA C 25 -44.36 17.00 -10.03
CA ALA C 25 -44.76 15.79 -10.75
C ALA C 25 -45.48 16.16 -12.04
N ALA C 26 -45.41 15.27 -13.02
CA ALA C 26 -45.86 15.58 -14.38
C ALA C 26 -47.33 16.00 -14.46
N TYR C 27 -48.25 15.14 -13.99
CA TYR C 27 -49.67 15.43 -14.13
C TYR C 27 -50.08 16.64 -13.31
N GLN C 28 -49.29 16.96 -12.30
CA GLN C 28 -49.66 18.04 -11.38
C GLN C 28 -49.30 19.41 -11.97
N ILE C 29 -48.37 19.45 -12.93
CA ILE C 29 -47.93 20.73 -13.46
C ILE C 29 -47.98 20.89 -14.98
N GLU C 30 -47.91 19.80 -15.72
CA GLU C 30 -47.60 19.89 -17.16
C GLU C 30 -48.73 20.45 -18.03
N GLY C 31 -49.95 19.94 -17.87
CA GLY C 31 -51.00 20.25 -18.83
C GLY C 31 -50.66 19.60 -20.16
N SER C 32 -51.39 19.98 -21.21
CA SER C 32 -51.16 19.43 -22.55
C SER C 32 -51.12 17.91 -22.52
N SER C 33 -52.11 17.32 -21.84
CA SER C 33 -52.09 15.90 -21.52
C SER C 33 -52.21 15.03 -22.76
N MET C 34 -52.86 15.57 -23.80
CA MET C 34 -53.05 14.85 -25.05
C MET C 34 -52.27 15.48 -26.20
N ALA C 35 -51.33 16.35 -25.88
CA ALA C 35 -50.65 17.09 -26.94
C ALA C 35 -49.46 16.33 -27.52
N ASP C 36 -49.21 16.57 -28.81
CA ASP C 36 -48.05 16.04 -29.52
C ASP C 36 -47.87 14.53 -29.40
N GLY C 37 -48.94 13.78 -29.62
CA GLY C 37 -48.88 12.33 -29.61
C GLY C 37 -49.05 11.63 -28.27
N ALA C 38 -49.04 12.40 -27.20
CA ALA C 38 -49.10 11.84 -25.85
C ALA C 38 -50.35 11.01 -25.63
N GLY C 39 -50.19 9.85 -25.00
CA GLY C 39 -51.31 8.96 -24.73
C GLY C 39 -52.18 9.37 -23.56
N GLU C 40 -53.28 8.65 -23.40
CA GLU C 40 -54.21 8.85 -22.30
C GLU C 40 -53.72 8.13 -21.04
N SER C 41 -53.70 8.83 -19.91
CA SER C 41 -53.33 8.19 -18.65
C SER C 41 -54.59 7.94 -17.82
N ILE C 42 -54.43 7.19 -16.73
CA ILE C 42 -55.56 6.88 -15.86
C ILE C 42 -56.13 8.13 -15.20
N TRP C 43 -55.30 9.16 -15.07
CA TRP C 43 -55.74 10.42 -14.47
C TRP C 43 -56.51 11.27 -15.47
N ASP C 44 -56.24 11.10 -16.77
CA ASP C 44 -57.07 11.71 -17.80
C ASP C 44 -58.51 11.22 -17.67
N ARG C 45 -58.67 9.91 -17.50
CA ARG C 45 -59.98 9.29 -17.31
C ARG C 45 -60.60 9.69 -15.96
N PHE C 46 -59.82 9.52 -14.89
CA PHE C 46 -60.27 9.76 -13.53
C PHE C 46 -60.74 11.19 -13.31
N SER C 47 -59.95 12.15 -13.77
CA SER C 47 -60.23 13.56 -13.54
C SER C 47 -61.43 14.05 -14.34
N HIS C 48 -61.77 13.33 -15.41
CA HIS C 48 -62.91 13.71 -16.25
C HIS C 48 -64.13 12.84 -15.95
N THR C 49 -64.14 12.26 -14.75
CA THR C 49 -65.30 11.54 -14.26
C THR C 49 -65.89 12.31 -13.10
N PRO C 50 -67.17 12.69 -13.21
CA PRO C 50 -67.81 13.56 -12.22
C PRO C 50 -67.81 12.97 -10.81
N GLY C 51 -67.54 13.81 -9.81
CA GLY C 51 -67.52 13.38 -8.43
C GLY C 51 -66.13 13.03 -7.88
N ASN C 52 -65.17 12.78 -8.77
CA ASN C 52 -63.83 12.36 -8.35
C ASN C 52 -62.94 13.50 -7.88
N MET C 53 -63.10 14.68 -8.47
CA MET C 53 -62.19 15.79 -8.19
C MET C 53 -62.93 16.97 -7.58
N LYS C 54 -62.28 17.59 -6.60
CA LYS C 54 -62.84 18.77 -5.95
C LYS C 54 -63.08 19.89 -6.95
N ASP C 55 -64.29 20.45 -6.93
CA ASP C 55 -64.70 21.53 -7.83
C ASP C 55 -64.60 21.13 -9.31
N GLY C 56 -64.47 19.83 -9.58
CA GLY C 56 -64.30 19.34 -10.94
C GLY C 56 -62.98 19.69 -11.61
N ASP C 57 -61.95 19.97 -10.80
CA ASP C 57 -60.63 20.30 -11.32
C ASP C 57 -60.03 19.15 -12.12
N THR C 58 -59.25 19.49 -13.14
CA THR C 58 -58.51 18.49 -13.92
C THR C 58 -57.07 18.96 -14.12
N GLY C 59 -56.23 18.06 -14.63
CA GLY C 59 -54.87 18.40 -14.99
C GLY C 59 -54.68 18.83 -16.43
N ASP C 60 -55.77 19.21 -17.08
CA ASP C 60 -55.73 19.63 -18.48
C ASP C 60 -54.79 20.80 -18.74
N VAL C 61 -54.79 21.77 -17.84
CA VAL C 61 -53.91 22.94 -17.97
C VAL C 61 -52.85 22.95 -16.88
N ALA C 62 -53.29 22.81 -15.63
CA ALA C 62 -52.41 22.86 -14.47
C ALA C 62 -51.57 24.13 -14.45
N CYS C 63 -50.25 23.95 -14.45
CA CYS C 63 -49.34 25.09 -14.46
C CYS C 63 -48.82 25.42 -15.85
N ASP C 64 -49.37 24.75 -16.86
CA ASP C 64 -48.96 24.93 -18.26
C ASP C 64 -47.45 24.77 -18.42
N HIS C 65 -46.85 23.89 -17.63
CA HIS C 65 -45.39 23.74 -17.60
C HIS C 65 -44.81 23.21 -18.91
N TYR C 66 -45.60 22.41 -19.62
CA TYR C 66 -45.20 21.85 -20.91
C TYR C 66 -44.81 22.96 -21.88
N ASN C 67 -45.48 24.10 -21.75
CA ASN C 67 -45.18 25.27 -22.57
C ASN C 67 -44.30 26.33 -21.89
N ARG C 68 -44.30 26.39 -20.56
CA ARG C 68 -43.63 27.47 -19.83
C ARG C 68 -42.42 27.03 -19.00
N TRP C 69 -41.88 25.86 -19.33
CA TRP C 69 -40.76 25.27 -18.57
C TRP C 69 -39.53 26.16 -18.56
N ARG C 70 -39.30 26.92 -19.64
CA ARG C 70 -38.17 27.83 -19.72
C ARG C 70 -38.24 28.92 -18.64
N GLU C 71 -39.40 29.55 -18.54
CA GLU C 71 -39.66 30.53 -17.49
C GLU C 71 -39.51 29.90 -16.12
N ASP C 72 -40.01 28.67 -15.99
CA ASP C 72 -39.91 27.98 -14.71
C ASP C 72 -38.46 27.71 -14.31
N ILE C 73 -37.61 27.40 -15.28
CA ILE C 73 -36.17 27.23 -15.04
C ILE C 73 -35.52 28.55 -14.64
N GLU C 74 -35.95 29.65 -15.26
CA GLU C 74 -35.44 30.96 -14.84
C GLU C 74 -35.81 31.18 -13.37
N LEU C 75 -37.00 30.72 -12.99
CA LEU C 75 -37.42 30.79 -11.59
C LEU C 75 -36.59 29.91 -10.67
N MET C 76 -36.23 28.72 -11.14
CA MET C 76 -35.36 27.84 -10.37
C MET C 76 -34.03 28.52 -10.09
N LYS C 77 -33.49 29.18 -11.10
CA LYS C 77 -32.24 29.92 -10.93
C LYS C 77 -32.38 31.09 -9.94
N ARG C 78 -33.49 31.83 -10.02
CA ARG C 78 -33.72 32.91 -9.07
C ARG C 78 -33.82 32.40 -7.62
N LEU C 79 -34.26 31.15 -7.45
CA LEU C 79 -34.37 30.54 -6.13
C LEU C 79 -33.08 29.86 -5.69
N ASN C 80 -32.04 29.97 -6.51
CA ASN C 80 -30.73 29.38 -6.24
C ASN C 80 -30.77 27.86 -6.12
N LEU C 81 -31.72 27.22 -6.80
CA LEU C 81 -31.86 25.77 -6.71
C LEU C 81 -30.65 25.07 -7.32
N GLN C 82 -30.23 23.98 -6.67
CA GLN C 82 -29.11 23.19 -7.15
C GLN C 82 -29.64 21.91 -7.76
N ALA C 83 -30.91 21.61 -7.47
CA ALA C 83 -31.53 20.42 -8.01
C ALA C 83 -33.04 20.59 -8.24
N TYR C 84 -33.52 19.91 -9.27
CA TYR C 84 -34.94 19.90 -9.59
C TYR C 84 -35.39 18.47 -9.78
N ARG C 85 -36.28 18.03 -8.89
CA ARG C 85 -36.83 16.69 -8.95
C ARG C 85 -38.16 16.73 -9.67
N PHE C 86 -38.29 15.92 -10.70
CA PHE C 86 -39.46 15.93 -11.55
C PHE C 86 -39.80 14.51 -11.96
N SER C 87 -41.00 14.31 -12.50
CA SER C 87 -41.38 13.00 -12.99
C SER C 87 -41.55 13.02 -14.50
N VAL C 88 -41.41 11.84 -15.11
CA VAL C 88 -41.62 11.70 -16.54
C VAL C 88 -42.97 11.05 -16.77
N SER C 89 -43.81 11.66 -17.61
CA SER C 89 -45.10 11.06 -17.93
C SER C 89 -44.92 9.90 -18.89
N TRP C 90 -45.19 8.71 -18.37
CA TRP C 90 -45.09 7.45 -19.12
C TRP C 90 -45.88 7.50 -20.42
N SER C 91 -47.11 7.98 -20.32
CA SER C 91 -48.01 7.99 -21.46
C SER C 91 -47.63 9.06 -22.48
N ARG C 92 -46.88 10.07 -22.03
CA ARG C 92 -46.37 11.08 -22.95
C ARG C 92 -45.23 10.51 -23.77
N VAL C 93 -44.49 9.56 -23.18
CA VAL C 93 -43.32 8.99 -23.82
C VAL C 93 -43.65 7.70 -24.59
N ILE C 94 -44.52 6.88 -24.01
CA ILE C 94 -44.99 5.65 -24.66
C ILE C 94 -46.50 5.61 -24.57
N PRO C 95 -47.19 6.18 -25.58
CA PRO C 95 -48.63 6.43 -25.53
C PRO C 95 -49.46 5.22 -25.14
N GLN C 96 -49.07 4.04 -25.58
CA GLN C 96 -49.80 2.82 -25.24
C GLN C 96 -49.15 2.05 -24.10
N GLY C 97 -48.15 2.65 -23.46
CA GLY C 97 -47.48 2.02 -22.34
C GLY C 97 -46.41 1.04 -22.80
N ARG C 98 -46.71 0.34 -23.87
CA ARG C 98 -45.75 -0.54 -24.55
C ARG C 98 -45.65 -0.17 -26.02
N GLY C 99 -44.55 -0.56 -26.66
CA GLY C 99 -44.44 -0.41 -28.11
C GLY C 99 -43.79 0.87 -28.58
N ALA C 100 -44.41 1.51 -29.56
CA ALA C 100 -43.83 2.67 -30.23
C ALA C 100 -43.61 3.83 -29.27
N ILE C 101 -42.42 4.42 -29.35
CA ILE C 101 -42.08 5.61 -28.57
C ILE C 101 -42.62 6.86 -29.28
N ASN C 102 -43.05 7.85 -28.50
CA ASN C 102 -43.48 9.13 -29.05
C ASN C 102 -42.36 10.15 -29.00
N PRO C 103 -41.75 10.42 -30.17
CA PRO C 103 -40.55 11.26 -30.33
C PRO C 103 -40.68 12.64 -29.72
N LYS C 104 -41.80 13.31 -29.94
CA LYS C 104 -42.03 14.66 -29.43
C LYS C 104 -42.13 14.67 -27.91
N GLY C 105 -42.80 13.65 -27.37
CA GLY C 105 -42.97 13.51 -25.94
C GLY C 105 -41.64 13.34 -25.24
N LEU C 106 -40.81 12.47 -25.78
CA LEU C 106 -39.46 12.26 -25.27
C LEU C 106 -38.59 13.51 -25.46
N ALA C 107 -38.84 14.21 -26.56
CA ALA C 107 -38.10 15.41 -26.90
C ALA C 107 -38.34 16.55 -25.91
N PHE C 108 -39.56 16.61 -25.36
CA PHE C 108 -39.83 17.59 -24.31
C PHE C 108 -38.89 17.44 -23.12
N TYR C 109 -38.78 16.21 -22.62
CA TYR C 109 -37.93 15.94 -21.48
C TYR C 109 -36.46 16.07 -21.86
N ASP C 110 -36.15 15.80 -23.13
CA ASP C 110 -34.80 16.01 -23.63
C ASP C 110 -34.39 17.48 -23.51
N ARG C 111 -35.23 18.37 -24.04
CA ARG C 111 -34.98 19.80 -23.96
C ARG C 111 -34.95 20.26 -22.52
N LEU C 112 -35.88 19.75 -21.71
CA LEU C 112 -35.96 20.12 -20.31
C LEU C 112 -34.67 19.81 -19.57
N VAL C 113 -34.18 18.59 -19.75
CA VAL C 113 -32.97 18.14 -19.07
C VAL C 113 -31.75 18.95 -19.54
N ASP C 114 -31.64 19.18 -20.85
CA ASP C 114 -30.54 20.00 -21.35
C ASP C 114 -30.58 21.43 -20.78
N GLY C 115 -31.79 21.99 -20.71
CA GLY C 115 -31.99 23.32 -20.16
C GLY C 115 -31.60 23.39 -18.69
N LEU C 116 -31.88 22.31 -17.96
CA LEU C 116 -31.50 22.23 -16.55
C LEU C 116 -30.00 22.16 -16.38
N LEU C 117 -29.35 21.28 -17.14
CA LEU C 117 -27.89 21.14 -17.05
C LEU C 117 -27.16 22.42 -17.45
N GLU C 118 -27.67 23.10 -18.47
CA GLU C 118 -27.11 24.40 -18.85
C GLU C 118 -27.22 25.41 -17.72
N ALA C 119 -28.28 25.31 -16.93
CA ALA C 119 -28.52 26.25 -15.85
C ALA C 119 -27.73 25.87 -14.59
N GLY C 120 -27.06 24.73 -14.64
CA GLY C 120 -26.30 24.26 -13.50
C GLY C 120 -27.15 23.56 -12.46
N ILE C 121 -28.32 23.08 -12.86
CA ILE C 121 -29.23 22.41 -11.96
C ILE C 121 -29.25 20.90 -12.17
N GLU C 122 -29.05 20.15 -11.09
CA GLU C 122 -29.03 18.69 -11.15
C GLU C 122 -30.46 18.17 -11.32
N PRO C 123 -30.71 17.48 -12.45
CA PRO C 123 -32.03 16.90 -12.71
C PRO C 123 -32.22 15.55 -12.01
N LEU C 124 -33.22 15.47 -11.16
CA LEU C 124 -33.53 14.23 -10.44
C LEU C 124 -34.81 13.64 -10.99
N ALA C 125 -34.68 12.53 -11.71
CA ALA C 125 -35.85 12.05 -12.45
C ALA C 125 -36.58 10.90 -11.75
N THR C 126 -37.90 10.97 -11.73
CA THR C 126 -38.74 9.90 -11.18
C THR C 126 -39.50 9.22 -12.32
N LEU C 127 -39.42 7.90 -12.39
CA LEU C 127 -40.04 7.15 -13.48
C LEU C 127 -41.55 7.12 -13.40
N TYR C 128 -42.08 6.85 -12.21
CA TYR C 128 -43.52 6.71 -12.05
C TYR C 128 -44.07 7.57 -10.92
N HIS C 129 -44.90 8.55 -11.29
CA HIS C 129 -45.55 9.39 -10.30
C HIS C 129 -47.06 9.37 -10.52
N TRP C 130 -47.60 8.15 -10.49
CA TRP C 130 -49.02 7.87 -10.29
C TRP C 130 -49.83 7.92 -11.60
N ASP C 131 -49.17 8.25 -12.70
CA ASP C 131 -49.89 8.46 -13.97
C ASP C 131 -49.68 7.31 -14.96
N LEU C 132 -50.15 6.11 -14.60
CA LEU C 132 -50.11 4.95 -15.48
C LEU C 132 -50.88 5.18 -16.78
N PRO C 133 -50.29 4.77 -17.91
CA PRO C 133 -51.00 4.78 -19.20
C PRO C 133 -52.30 3.96 -19.15
N ALA C 134 -53.39 4.53 -19.64
CA ALA C 134 -54.70 3.87 -19.58
C ALA C 134 -54.74 2.55 -20.32
N ALA C 135 -53.94 2.43 -21.37
CA ALA C 135 -53.89 1.20 -22.15
C ALA C 135 -53.38 0.03 -21.32
N LEU C 136 -52.53 0.33 -20.35
CA LEU C 136 -52.00 -0.68 -19.45
C LEU C 136 -53.00 -0.99 -18.33
N ASP C 137 -53.77 0.03 -17.94
CA ASP C 137 -54.83 -0.16 -16.97
C ASP C 137 -55.91 -1.08 -17.54
N ASP C 138 -56.12 -0.99 -18.85
CA ASP C 138 -57.07 -1.86 -19.53
C ASP C 138 -56.57 -3.31 -19.57
N ARG C 139 -55.28 -3.51 -19.31
CA ARG C 139 -54.71 -4.84 -19.18
C ARG C 139 -54.52 -5.22 -17.72
N GLY C 140 -55.14 -4.47 -16.82
CA GLY C 140 -55.14 -4.81 -15.41
C GLY C 140 -54.30 -3.90 -14.54
N GLY C 141 -53.49 -3.05 -15.19
CA GLY C 141 -52.62 -2.13 -14.47
C GLY C 141 -51.68 -2.81 -13.48
N TRP C 142 -51.65 -2.29 -12.25
CA TRP C 142 -50.78 -2.83 -11.21
C TRP C 142 -51.25 -4.18 -10.68
N LEU C 143 -52.37 -4.67 -11.20
CA LEU C 143 -52.84 -6.01 -10.83
C LEU C 143 -52.27 -7.07 -11.76
N ASN C 144 -51.71 -6.64 -12.88
CA ASN C 144 -51.10 -7.55 -13.85
C ASN C 144 -49.61 -7.67 -13.58
N PRO C 145 -49.15 -8.88 -13.23
CA PRO C 145 -47.74 -9.11 -12.92
C PRO C 145 -46.80 -8.70 -14.06
N ASP C 146 -47.30 -8.78 -15.29
CA ASP C 146 -46.51 -8.39 -16.47
C ASP C 146 -46.07 -6.94 -16.41
N ILE C 147 -46.71 -6.15 -15.55
CA ILE C 147 -46.37 -4.74 -15.44
C ILE C 147 -44.93 -4.60 -15.02
N ALA C 148 -44.42 -5.58 -14.27
CA ALA C 148 -43.03 -5.55 -13.83
C ALA C 148 -42.10 -5.42 -15.04
N ASP C 149 -42.43 -6.15 -16.11
CA ASP C 149 -41.66 -6.04 -17.33
C ASP C 149 -41.91 -4.72 -18.06
N TRP C 150 -43.18 -4.31 -18.14
CA TRP C 150 -43.54 -3.12 -18.91
C TRP C 150 -42.76 -1.94 -18.36
N PHE C 151 -42.82 -1.80 -17.05
CA PHE C 151 -42.15 -0.71 -16.35
C PHE C 151 -40.67 -0.75 -16.67
N ALA C 152 -40.09 -1.95 -16.61
CA ALA C 152 -38.66 -2.08 -16.84
C ALA C 152 -38.33 -1.54 -18.22
N ASP C 153 -39.12 -1.93 -19.21
CA ASP C 153 -38.86 -1.53 -20.58
C ASP C 153 -38.97 -0.01 -20.66
N TYR C 154 -39.98 0.53 -19.98
CA TYR C 154 -40.19 1.96 -19.98
C TYR C 154 -38.96 2.61 -19.39
N GLY C 155 -38.50 2.06 -18.27
CA GLY C 155 -37.34 2.59 -17.60
C GLY C 155 -36.17 2.63 -18.55
N GLN C 156 -36.02 1.56 -19.32
CA GLN C 156 -34.87 1.45 -20.22
C GLN C 156 -34.86 2.61 -21.19
N VAL C 157 -36.03 2.94 -21.74
CA VAL C 157 -36.13 4.00 -22.72
C VAL C 157 -35.51 5.27 -22.18
N LEU C 158 -35.77 5.57 -20.91
CA LEU C 158 -35.22 6.77 -20.31
C LEU C 158 -33.76 6.55 -19.94
N PHE C 159 -33.44 5.39 -19.37
CA PHE C 159 -32.08 5.10 -18.90
C PHE C 159 -31.05 5.33 -20.01
N GLU C 160 -31.40 4.90 -21.22
CA GLU C 160 -30.52 5.03 -22.36
C GLU C 160 -30.55 6.45 -22.93
N LYS C 161 -31.72 7.06 -22.92
CA LYS C 161 -31.89 8.37 -23.51
C LYS C 161 -31.14 9.46 -22.75
N PHE C 162 -31.14 9.36 -21.42
CA PHE C 162 -30.56 10.41 -20.60
C PHE C 162 -29.30 9.96 -19.87
N LYS C 163 -28.68 8.90 -20.36
CA LYS C 163 -27.43 8.42 -19.79
C LYS C 163 -26.34 9.49 -19.83
N GLY C 164 -25.77 9.77 -18.67
CA GLY C 164 -24.75 10.79 -18.55
C GLY C 164 -25.30 12.18 -18.28
N ARG C 165 -26.60 12.36 -18.47
CA ARG C 165 -27.25 13.64 -18.18
C ARG C 165 -28.07 13.55 -16.88
N VAL C 166 -28.91 12.53 -16.78
CA VAL C 166 -29.62 12.26 -15.54
C VAL C 166 -28.90 11.16 -14.77
N LYS C 167 -28.29 11.53 -13.64
CA LYS C 167 -27.46 10.60 -12.89
C LYS C 167 -28.18 10.05 -11.65
N THR C 168 -29.24 10.74 -11.22
CA THR C 168 -30.01 10.27 -10.07
C THR C 168 -31.47 9.97 -10.41
N TRP C 169 -31.81 8.70 -10.21
CA TRP C 169 -33.08 8.13 -10.60
C TRP C 169 -33.90 7.63 -9.42
N GLY C 170 -35.18 7.98 -9.43
CA GLY C 170 -36.17 7.41 -8.55
C GLY C 170 -37.01 6.49 -9.41
N THR C 171 -37.41 5.36 -8.86
CA THR C 171 -38.23 4.40 -9.59
C THR C 171 -39.70 4.71 -9.37
N ILE C 172 -40.17 4.47 -8.16
CA ILE C 172 -41.56 4.68 -7.80
C ILE C 172 -41.70 5.77 -6.74
N ASN C 173 -42.63 6.69 -6.94
CA ASN C 173 -42.91 7.69 -5.92
C ASN C 173 -44.09 7.29 -5.04
N GLU C 174 -43.78 6.94 -3.79
CA GLU C 174 -44.80 6.63 -2.78
C GLU C 174 -45.73 5.50 -3.17
N PRO C 175 -45.24 4.25 -3.08
CA PRO C 175 -46.06 3.06 -3.31
C PRO C 175 -47.35 3.06 -2.48
N TRP C 176 -47.25 3.51 -1.23
CA TRP C 176 -48.40 3.50 -0.33
C TRP C 176 -49.53 4.38 -0.83
N CYS C 177 -49.21 5.58 -1.33
CA CYS C 177 -50.23 6.45 -1.87
C CYS C 177 -50.89 5.85 -3.12
N ILE C 178 -50.06 5.29 -3.99
CA ILE C 178 -50.53 4.63 -5.21
C ILE C 178 -51.54 3.52 -4.88
N VAL C 179 -51.21 2.68 -3.91
CA VAL C 179 -52.03 1.51 -3.61
C VAL C 179 -53.20 1.80 -2.68
N ASP C 180 -52.93 2.47 -1.57
CA ASP C 180 -53.94 2.84 -0.59
C ASP C 180 -54.95 3.81 -1.17
N GLY C 181 -54.48 4.77 -1.95
CA GLY C 181 -55.35 5.72 -2.61
C GLY C 181 -56.01 5.16 -3.87
N GLY C 182 -55.24 4.38 -4.65
CA GLY C 182 -55.74 3.90 -5.93
C GLY C 182 -56.51 2.59 -5.96
N TYR C 183 -56.23 1.69 -5.02
CA TYR C 183 -56.81 0.35 -5.09
C TYR C 183 -57.57 -0.04 -3.81
N LEU C 184 -57.15 0.52 -2.68
CA LEU C 184 -57.76 0.17 -1.41
C LEU C 184 -59.01 1.00 -1.13
N HIS C 185 -58.89 2.32 -1.24
CA HIS C 185 -60.00 3.21 -0.90
C HIS C 185 -60.60 3.90 -2.13
N GLY C 186 -59.84 3.95 -3.22
CA GLY C 186 -60.37 4.46 -4.47
C GLY C 186 -60.51 5.96 -4.58
N ALA C 187 -59.76 6.67 -3.74
CA ALA C 187 -59.80 8.12 -3.74
C ALA C 187 -58.91 8.68 -4.84
N LEU C 188 -57.96 7.87 -5.28
CA LEU C 188 -57.08 8.24 -6.39
C LEU C 188 -57.28 7.30 -7.57
N ALA C 189 -56.88 7.74 -8.76
CA ALA C 189 -56.87 6.89 -9.94
C ALA C 189 -56.05 5.64 -9.66
N PRO C 190 -56.52 4.47 -10.14
CA PRO C 190 -57.70 4.29 -11.00
C PRO C 190 -59.02 4.15 -10.25
N GLY C 191 -59.04 4.48 -8.96
CA GLY C 191 -60.28 4.51 -8.21
C GLY C 191 -60.91 3.17 -7.88
N HIS C 192 -60.08 2.18 -7.60
CA HIS C 192 -60.60 0.88 -7.15
C HIS C 192 -60.69 0.86 -5.63
N ARG C 193 -61.61 0.06 -5.10
CA ARG C 193 -61.75 -0.07 -3.65
C ARG C 193 -61.83 -1.55 -3.28
N SER C 194 -60.68 -2.11 -2.97
CA SER C 194 -60.55 -3.56 -2.74
C SER C 194 -59.25 -3.90 -2.01
N ALA C 195 -59.37 -4.60 -0.89
CA ALA C 195 -58.20 -5.06 -0.15
C ALA C 195 -57.42 -6.11 -0.91
N TYR C 196 -58.15 -6.99 -1.60
CA TYR C 196 -57.54 -8.02 -2.42
C TYR C 196 -56.62 -7.38 -3.48
N GLU C 197 -57.18 -6.37 -4.14
CA GLU C 197 -56.48 -5.66 -5.19
C GLU C 197 -55.35 -4.83 -4.59
N ALA C 198 -55.58 -4.27 -3.41
CA ALA C 198 -54.55 -3.49 -2.73
C ALA C 198 -53.30 -4.34 -2.45
N VAL C 199 -53.53 -5.56 -1.94
CA VAL C 199 -52.42 -6.47 -1.65
C VAL C 199 -51.66 -6.81 -2.93
N ILE C 200 -52.41 -7.19 -3.96
CA ILE C 200 -51.77 -7.54 -5.23
C ILE C 200 -51.00 -6.37 -5.85
N ALA C 201 -51.62 -5.20 -5.87
CA ALA C 201 -51.02 -3.99 -6.45
C ALA C 201 -49.75 -3.61 -5.72
N GLY C 202 -49.77 -3.66 -4.39
CA GLY C 202 -48.57 -3.36 -3.62
C GLY C 202 -47.44 -4.29 -4.01
N HIS C 203 -47.76 -5.58 -4.09
CA HIS C 203 -46.73 -6.56 -4.46
C HIS C 203 -46.14 -6.27 -5.84
N ASN C 204 -47.00 -5.98 -6.83
CA ASN C 204 -46.51 -5.73 -8.18
C ASN C 204 -45.80 -4.39 -8.34
N VAL C 205 -46.13 -3.41 -7.51
CA VAL C 205 -45.37 -2.17 -7.48
C VAL C 205 -43.95 -2.44 -7.01
N LEU C 206 -43.82 -3.22 -5.94
CA LEU C 206 -42.48 -3.57 -5.45
C LEU C 206 -41.68 -4.34 -6.51
N ARG C 207 -42.36 -5.31 -7.14
CA ARG C 207 -41.74 -6.10 -8.19
C ARG C 207 -41.28 -5.23 -9.37
N ALA C 208 -42.09 -4.24 -9.73
CA ALA C 208 -41.77 -3.33 -10.81
C ALA C 208 -40.52 -2.52 -10.47
N HIS C 209 -40.46 -2.06 -9.22
CA HIS C 209 -39.26 -1.37 -8.74
C HIS C 209 -38.02 -2.23 -8.91
N GLY C 210 -38.11 -3.48 -8.45
CA GLY C 210 -36.98 -4.40 -8.56
C GLY C 210 -36.54 -4.64 -10.00
N ALA C 211 -37.52 -4.87 -10.87
CA ALA C 211 -37.25 -5.09 -12.29
C ALA C 211 -36.56 -3.89 -12.93
N ALA C 212 -37.02 -2.70 -12.57
CA ALA C 212 -36.45 -1.47 -13.09
C ALA C 212 -35.01 -1.29 -12.60
N VAL C 213 -34.75 -1.66 -11.36
CA VAL C 213 -33.39 -1.57 -10.82
C VAL C 213 -32.46 -2.56 -11.53
N ARG C 214 -32.92 -3.78 -11.76
CA ARG C 214 -32.13 -4.76 -12.52
C ARG C 214 -31.81 -4.25 -13.92
N ARG C 215 -32.82 -3.73 -14.59
CA ARG C 215 -32.64 -3.17 -15.93
C ARG C 215 -31.64 -2.03 -15.89
N PHE C 216 -31.70 -1.24 -14.81
CA PHE C 216 -30.77 -0.14 -14.62
C PHE C 216 -29.35 -0.65 -14.47
N ARG C 217 -29.19 -1.76 -13.77
CA ARG C 217 -27.89 -2.38 -13.63
C ARG C 217 -27.37 -2.85 -14.99
N GLU C 218 -28.27 -3.31 -15.86
CA GLU C 218 -27.83 -3.76 -17.18
C GLU C 218 -27.48 -2.63 -18.15
N VAL C 219 -28.29 -1.57 -18.18
CA VAL C 219 -28.19 -0.57 -19.23
C VAL C 219 -28.05 0.87 -18.75
N GLY C 220 -28.10 1.08 -17.44
CA GLY C 220 -28.10 2.44 -16.93
C GLY C 220 -26.75 2.89 -16.39
N GLU C 221 -26.68 4.17 -16.00
CA GLU C 221 -25.46 4.73 -15.43
C GLU C 221 -25.83 5.73 -14.34
N GLY C 222 -25.24 5.57 -13.16
CA GLY C 222 -25.51 6.45 -12.04
C GLY C 222 -26.16 5.74 -10.86
N GLN C 223 -27.02 6.45 -10.15
CA GLN C 223 -27.64 5.92 -8.93
C GLN C 223 -29.15 5.82 -9.06
N ILE C 224 -29.72 4.73 -8.54
CA ILE C 224 -31.14 4.49 -8.63
C ILE C 224 -31.69 4.08 -7.27
N GLY C 225 -32.94 4.47 -6.99
CA GLY C 225 -33.56 4.13 -5.74
C GLY C 225 -35.05 4.36 -5.75
N ILE C 226 -35.74 3.90 -4.72
CA ILE C 226 -37.17 4.10 -4.59
C ILE C 226 -37.43 5.30 -3.68
N VAL C 227 -38.64 5.85 -3.73
CA VAL C 227 -39.01 6.97 -2.88
C VAL C 227 -40.22 6.59 -2.03
N LEU C 228 -40.03 6.55 -0.71
CA LEU C 228 -41.10 6.18 0.21
C LEU C 228 -41.57 7.39 1.03
N ASN C 229 -42.88 7.47 1.23
CA ASN C 229 -43.42 8.39 2.23
C ASN C 229 -43.60 7.65 3.55
N ILE C 230 -43.30 8.33 4.65
CA ILE C 230 -43.43 7.74 5.97
C ILE C 230 -44.19 8.69 6.88
N GLU C 231 -45.17 8.15 7.61
CA GLU C 231 -45.91 8.93 8.57
C GLU C 231 -45.84 8.21 9.92
N PRO C 232 -44.86 8.58 10.75
CA PRO C 232 -44.57 7.93 12.04
C PRO C 232 -45.79 7.90 12.95
N LYS C 233 -46.07 6.75 13.54
CA LYS C 233 -47.25 6.59 14.37
C LYS C 233 -46.88 6.60 15.85
N TYR C 234 -47.35 7.63 16.55
CA TYR C 234 -47.06 7.81 17.97
C TYR C 234 -48.17 7.24 18.87
N PRO C 235 -47.83 6.88 20.11
CA PRO C 235 -48.80 6.28 21.04
C PRO C 235 -49.89 7.24 21.49
N ALA C 236 -51.13 6.78 21.46
CA ALA C 236 -52.27 7.59 21.93
C ALA C 236 -52.45 7.42 23.43
N SER C 237 -52.02 6.28 23.95
CA SER C 237 -52.18 5.91 25.35
C SER C 237 -51.33 4.67 25.64
N ASP C 238 -51.44 4.14 26.85
CA ASP C 238 -50.71 2.92 27.20
C ASP C 238 -51.66 1.72 27.15
N LYS C 239 -52.90 1.98 26.75
CA LYS C 239 -53.88 0.93 26.52
C LYS C 239 -53.37 0.00 25.45
N PRO C 240 -53.46 -1.33 25.70
CA PRO C 240 -52.91 -2.33 24.77
C PRO C 240 -53.64 -2.38 23.44
N GLU C 241 -54.94 -2.11 23.43
CA GLU C 241 -55.71 -2.09 22.19
C GLU C 241 -55.26 -0.93 21.30
N ASP C 242 -54.83 0.16 21.93
CA ASP C 242 -54.31 1.31 21.20
C ASP C 242 -52.91 1.06 20.67
N GLU C 243 -52.12 0.28 21.39
CA GLU C 243 -50.78 -0.06 20.92
C GLU C 243 -50.87 -1.04 19.75
N ALA C 244 -51.81 -1.97 19.84
CA ALA C 244 -52.09 -2.89 18.75
C ALA C 244 -52.57 -2.13 17.52
N ALA C 245 -53.41 -1.13 17.75
CA ALA C 245 -53.88 -0.24 16.69
C ALA C 245 -52.71 0.49 16.03
N ARG C 246 -51.85 1.09 16.87
CA ARG C 246 -50.67 1.79 16.39
C ARG C 246 -49.81 0.92 15.51
N ARG C 247 -49.59 -0.33 15.93
CA ARG C 247 -48.77 -1.24 15.14
C ARG C 247 -49.46 -1.67 13.85
N ARG C 248 -50.78 -1.85 13.88
CA ARG C 248 -51.50 -2.09 12.63
C ARG C 248 -51.29 -0.94 11.64
N ALA C 249 -51.49 0.28 12.11
CA ALA C 249 -51.35 1.44 11.24
C ALA C 249 -49.94 1.62 10.70
N GLU C 250 -48.96 1.50 11.59
CA GLU C 250 -47.55 1.60 11.24
C GLU C 250 -47.15 0.52 10.23
N ALA C 251 -47.65 -0.69 10.44
CA ALA C 251 -47.33 -1.79 9.53
C ALA C 251 -47.92 -1.54 8.16
N GLN C 252 -49.17 -1.11 8.12
CA GLN C 252 -49.85 -0.89 6.84
C GLN C 252 -49.27 0.28 6.07
N MET C 253 -48.81 1.32 6.77
CA MET C 253 -48.34 2.51 6.09
C MET C 253 -46.81 2.61 5.95
N ASN C 254 -46.09 2.32 7.03
CA ASN C 254 -44.65 2.57 7.06
C ASN C 254 -43.75 1.35 6.83
N ARG C 255 -44.27 0.15 7.10
CA ARG C 255 -43.44 -1.05 7.00
C ARG C 255 -43.81 -1.96 5.83
N TRP C 256 -45.01 -1.77 5.29
CA TRP C 256 -45.51 -2.58 4.16
C TRP C 256 -44.50 -2.72 3.03
N PHE C 257 -43.88 -1.61 2.65
CA PHE C 257 -42.96 -1.60 1.53
C PHE C 257 -41.49 -1.62 1.94
N LEU C 258 -41.15 -0.90 3.00
CA LEU C 258 -39.76 -0.83 3.48
C LEU C 258 -39.17 -2.19 3.87
N ASP C 259 -39.91 -2.98 4.62
CA ASP C 259 -39.42 -4.26 5.10
C ASP C 259 -39.04 -5.23 3.97
N PRO C 260 -39.95 -5.48 3.00
CA PRO C 260 -39.51 -6.36 1.92
C PRO C 260 -38.39 -5.77 1.06
N LEU C 261 -38.33 -4.44 0.97
CA LEU C 261 -37.23 -3.79 0.28
C LEU C 261 -35.91 -4.03 1.00
N MET C 262 -35.98 -4.23 2.32
CA MET C 262 -34.79 -4.49 3.11
C MET C 262 -34.54 -5.99 3.31
N GLY C 263 -35.31 -6.82 2.61
CA GLY C 263 -35.12 -8.26 2.68
C GLY C 263 -35.68 -8.95 3.91
N ARG C 264 -36.58 -8.28 4.63
CA ARG C 264 -37.16 -8.84 5.85
C ARG C 264 -38.58 -9.39 5.64
N GLY C 265 -39.01 -9.48 4.39
CA GLY C 265 -40.36 -9.91 4.09
C GLY C 265 -41.45 -8.92 4.48
N TYR C 266 -42.70 -9.33 4.31
CA TYR C 266 -43.84 -8.51 4.70
C TYR C 266 -44.06 -8.56 6.20
N PRO C 267 -44.42 -7.41 6.81
CA PRO C 267 -44.80 -7.31 8.22
C PRO C 267 -45.88 -8.31 8.59
N GLU C 268 -45.75 -8.94 9.76
CA GLU C 268 -46.70 -9.95 10.19
C GLU C 268 -48.11 -9.39 10.35
N GLU C 269 -48.18 -8.13 10.79
CA GLU C 269 -49.45 -7.48 11.10
C GLU C 269 -50.37 -7.37 9.89
N LEU C 270 -49.79 -7.42 8.70
CA LEU C 270 -50.58 -7.29 7.49
C LEU C 270 -51.56 -8.46 7.41
N THR C 271 -51.14 -9.62 7.91
CA THR C 271 -52.00 -10.79 7.94
C THR C 271 -53.29 -10.47 8.67
N ASP C 272 -53.19 -9.68 9.73
CA ASP C 272 -54.37 -9.28 10.50
C ASP C 272 -55.10 -8.12 9.82
N VAL C 273 -54.34 -7.24 9.17
CA VAL C 273 -54.93 -6.04 8.58
C VAL C 273 -55.85 -6.37 7.40
N TYR C 274 -55.39 -7.27 6.54
CA TYR C 274 -56.10 -7.57 5.29
C TYR C 274 -56.91 -8.86 5.37
N GLY C 275 -56.70 -9.64 6.41
CA GLY C 275 -57.47 -10.86 6.63
C GLY C 275 -57.47 -11.79 5.43
N ALA C 276 -58.67 -12.14 4.96
CA ALA C 276 -58.82 -13.05 3.84
C ALA C 276 -58.24 -12.52 2.53
N ALA C 277 -57.96 -11.22 2.47
CA ALA C 277 -57.39 -10.64 1.27
C ALA C 277 -55.89 -10.83 1.20
N TRP C 278 -55.27 -11.19 2.32
CA TRP C 278 -53.82 -11.39 2.34
C TRP C 278 -53.41 -12.64 1.56
N ARG C 279 -52.22 -12.59 0.98
CA ARG C 279 -51.73 -13.67 0.14
C ARG C 279 -50.29 -14.00 0.45
N GLU C 280 -49.89 -15.22 0.15
CA GLU C 280 -48.50 -15.61 0.18
C GLU C 280 -47.91 -15.49 -1.22
N PHE C 281 -46.72 -14.93 -1.32
CA PHE C 281 -46.07 -14.77 -2.62
C PHE C 281 -44.80 -15.61 -2.74
N PRO C 282 -44.47 -16.01 -3.98
CA PRO C 282 -43.26 -16.81 -4.27
C PRO C 282 -41.97 -16.15 -3.78
N LYS C 283 -41.02 -16.96 -3.32
CA LYS C 283 -39.77 -16.46 -2.76
C LYS C 283 -38.94 -15.60 -3.72
N GLU C 284 -38.95 -15.98 -4.99
CA GLU C 284 -38.14 -15.27 -5.98
C GLU C 284 -38.69 -13.87 -6.20
N ASP C 285 -39.97 -13.69 -5.91
CA ASP C 285 -40.56 -12.35 -5.96
C ASP C 285 -39.85 -11.44 -4.96
N PHE C 286 -39.60 -11.97 -3.77
CA PHE C 286 -38.94 -11.20 -2.72
C PHE C 286 -37.48 -11.02 -3.05
N GLU C 287 -36.89 -11.98 -3.77
CA GLU C 287 -35.52 -11.75 -4.26
C GLU C 287 -35.47 -10.60 -5.27
N LEU C 288 -36.43 -10.55 -6.18
CA LEU C 288 -36.51 -9.44 -7.13
C LEU C 288 -36.74 -8.09 -6.43
N ILE C 289 -37.64 -8.08 -5.46
CA ILE C 289 -38.02 -6.84 -4.77
C ILE C 289 -36.87 -6.21 -3.97
N ALA C 290 -36.02 -7.05 -3.39
CA ALA C 290 -34.95 -6.56 -2.53
C ALA C 290 -33.67 -6.26 -3.31
N GLU C 291 -33.78 -6.19 -4.63
CA GLU C 291 -32.65 -5.84 -5.49
C GLU C 291 -31.97 -4.56 -4.98
N PRO C 292 -30.68 -4.66 -4.65
CA PRO C 292 -29.91 -3.59 -4.01
C PRO C 292 -29.96 -2.26 -4.74
N THR C 293 -30.24 -1.20 -3.99
CA THR C 293 -30.36 0.15 -4.54
C THR C 293 -29.19 1.03 -4.11
N ASP C 294 -29.09 2.22 -4.69
CA ASP C 294 -27.97 3.11 -4.42
C ASP C 294 -28.34 4.19 -3.40
N TRP C 295 -29.61 4.56 -3.36
CA TRP C 295 -30.09 5.62 -2.47
C TRP C 295 -31.57 5.46 -2.19
N MET C 296 -32.07 6.19 -1.19
CA MET C 296 -33.51 6.19 -0.93
C MET C 296 -34.03 7.59 -0.63
N GLY C 297 -35.21 7.89 -1.17
CA GLY C 297 -35.89 9.14 -0.92
C GLY C 297 -36.95 9.02 0.14
N LEU C 298 -37.02 10.01 1.02
CA LEU C 298 -38.09 10.11 2.00
C LEU C 298 -38.98 11.30 1.72
N ASN C 299 -40.27 11.03 1.56
CA ASN C 299 -41.28 12.07 1.51
C ASN C 299 -41.90 12.16 2.90
N TRP C 300 -41.83 13.34 3.51
CA TRP C 300 -42.29 13.50 4.88
C TRP C 300 -43.05 14.80 5.07
N TYR C 301 -44.14 14.75 5.82
CA TYR C 301 -44.97 15.93 6.04
C TYR C 301 -45.41 16.07 7.49
N THR C 302 -45.72 14.95 8.13
CA THR C 302 -46.37 14.98 9.44
C THR C 302 -46.27 13.65 10.16
N ARG C 303 -46.87 13.59 11.34
CA ARG C 303 -46.98 12.37 12.11
C ARG C 303 -48.46 12.05 12.35
N ALA C 304 -48.73 10.89 12.93
CA ALA C 304 -50.08 10.57 13.37
C ALA C 304 -50.07 9.91 14.73
N VAL C 305 -51.20 9.99 15.43
CA VAL C 305 -51.31 9.40 16.75
C VAL C 305 -52.52 8.48 16.74
N PRO C 306 -52.34 7.25 16.23
CA PRO C 306 -53.48 6.36 16.02
C PRO C 306 -53.98 5.71 17.30
N GLU C 307 -55.29 5.55 17.39
CA GLU C 307 -55.95 4.85 18.48
C GLU C 307 -56.82 3.76 17.88
N ASN C 308 -57.30 2.84 18.71
CA ASN C 308 -58.13 1.73 18.25
C ASN C 308 -59.45 2.24 17.69
N ALA C 309 -59.87 1.66 16.57
CA ALA C 309 -61.12 2.04 15.91
C ALA C 309 -61.67 0.85 15.14
N PRO C 310 -62.47 0.02 15.82
CA PRO C 310 -62.96 -1.27 15.34
C PRO C 310 -63.69 -1.19 13.99
N ASP C 311 -64.25 -0.04 13.66
CA ASP C 311 -65.03 0.12 12.44
C ASP C 311 -64.21 0.74 11.30
N ALA C 312 -62.95 1.03 11.57
CA ALA C 312 -62.09 1.62 10.55
C ALA C 312 -61.49 0.54 9.67
N TRP C 313 -61.91 0.50 8.41
CA TRP C 313 -61.46 -0.51 7.48
C TRP C 313 -60.28 0.04 6.68
N PRO C 314 -59.19 -0.76 6.58
CA PRO C 314 -59.02 -2.09 7.15
C PRO C 314 -58.08 -2.16 8.36
N THR C 315 -57.46 -1.05 8.76
CA THR C 315 -56.46 -1.10 9.81
C THR C 315 -57.05 -1.07 11.20
N ARG C 316 -58.35 -0.83 11.30
CA ARG C 316 -59.03 -0.72 12.59
C ARG C 316 -58.31 0.23 13.54
N SER C 317 -57.93 1.37 12.99
CA SER C 317 -57.26 2.44 13.73
C SER C 317 -57.71 3.80 13.19
N ARG C 318 -57.55 4.85 13.99
CA ARG C 318 -57.87 6.21 13.54
C ARG C 318 -57.01 7.22 14.28
N PRO C 319 -56.58 8.28 13.57
CA PRO C 319 -55.72 9.28 14.22
C PRO C 319 -56.45 10.14 15.25
N VAL C 320 -55.75 10.44 16.34
CA VAL C 320 -56.28 11.35 17.36
C VAL C 320 -55.80 12.77 17.06
N ARG C 321 -56.75 13.70 16.96
CA ARG C 321 -56.42 15.08 16.62
C ARG C 321 -55.55 15.74 17.69
N GLN C 322 -54.39 16.22 17.28
CA GLN C 322 -53.46 16.87 18.22
C GLN C 322 -53.68 18.38 18.24
N THR C 323 -54.67 18.80 19.02
CA THR C 323 -55.14 20.19 19.03
C THR C 323 -54.15 21.19 19.60
N GLN C 324 -53.07 20.71 20.21
CA GLN C 324 -52.06 21.62 20.79
C GLN C 324 -51.17 22.24 19.72
N HIS C 325 -51.24 21.71 18.50
CA HIS C 325 -50.36 22.19 17.42
C HIS C 325 -51.12 22.73 16.22
N ALA C 326 -50.42 23.53 15.41
CA ALA C 326 -50.96 24.05 14.16
C ALA C 326 -51.19 22.93 13.15
N HIS C 327 -52.21 23.09 12.32
CA HIS C 327 -52.49 22.14 11.25
C HIS C 327 -52.54 22.81 9.89
N THR C 328 -52.07 22.11 8.87
CA THR C 328 -52.08 22.62 7.49
C THR C 328 -53.48 22.56 6.90
N GLU C 329 -53.65 23.09 5.70
CA GLU C 329 -54.95 23.05 5.03
C GLU C 329 -55.28 21.63 4.57
N THR C 330 -54.28 20.75 4.52
CA THR C 330 -54.54 19.35 4.23
C THR C 330 -54.85 18.61 5.52
N GLY C 331 -54.90 19.35 6.62
CA GLY C 331 -55.24 18.79 7.91
C GLY C 331 -54.12 18.02 8.59
N TRP C 332 -52.88 18.32 8.23
CA TRP C 332 -51.72 17.61 8.78
C TRP C 332 -51.09 18.39 9.93
N GLU C 333 -50.90 17.70 11.05
CA GLU C 333 -50.26 18.30 12.22
C GLU C 333 -48.86 18.81 11.89
N VAL C 334 -48.52 19.99 12.39
CA VAL C 334 -47.18 20.55 12.27
C VAL C 334 -46.34 20.16 13.48
N TYR C 335 -45.35 19.29 13.28
CA TYR C 335 -44.55 18.79 14.39
C TYR C 335 -43.15 18.37 13.94
N PRO C 336 -42.23 19.33 13.85
CA PRO C 336 -40.86 19.12 13.33
C PRO C 336 -40.02 18.01 13.99
N PRO C 337 -40.12 17.78 15.32
CA PRO C 337 -39.26 16.72 15.86
C PRO C 337 -39.51 15.36 15.25
N ALA C 338 -40.74 15.10 14.84
CA ALA C 338 -41.10 13.81 14.28
C ALA C 338 -40.39 13.57 12.96
N LEU C 339 -39.93 14.64 12.30
CA LEU C 339 -39.13 14.46 11.11
C LEU C 339 -37.77 13.88 11.51
N THR C 340 -37.13 14.50 12.51
CA THR C 340 -35.82 14.05 12.96
C THR C 340 -35.90 12.59 13.35
N ASP C 341 -36.90 12.26 14.17
CA ASP C 341 -37.10 10.90 14.62
C ASP C 341 -37.24 9.98 13.43
N THR C 342 -38.02 10.39 12.44
CA THR C 342 -38.30 9.51 11.31
C THR C 342 -36.99 9.24 10.61
N LEU C 343 -36.19 10.30 10.45
CA LEU C 343 -34.93 10.19 9.74
C LEU C 343 -34.02 9.24 10.50
N VAL C 344 -34.09 9.30 11.82
CA VAL C 344 -33.28 8.40 12.63
C VAL C 344 -33.75 6.97 12.39
N TRP C 345 -35.07 6.79 12.46
CA TRP C 345 -35.67 5.46 12.36
C TRP C 345 -35.30 4.80 11.04
N LEU C 346 -35.33 5.58 9.98
CA LEU C 346 -35.12 5.05 8.64
C LEU C 346 -33.67 4.66 8.53
N SER C 347 -32.80 5.49 9.12
CA SER C 347 -31.37 5.20 9.13
C SER C 347 -31.13 3.84 9.76
N GLU C 348 -31.90 3.53 10.79
CA GLU C 348 -31.72 2.25 11.47
C GLU C 348 -32.23 1.12 10.58
N GLN C 349 -33.34 1.37 9.89
CA GLN C 349 -33.95 0.33 9.08
C GLN C 349 -33.09 -0.03 7.88
N THR C 350 -32.31 0.93 7.41
CA THR C 350 -31.44 0.73 6.26
C THR C 350 -30.00 0.48 6.69
N GLY C 351 -29.78 0.35 7.99
CA GLY C 351 -28.47 0.02 8.54
C GLY C 351 -27.44 1.13 8.47
N GLY C 352 -27.89 2.36 8.17
CA GLY C 352 -26.97 3.48 8.07
C GLY C 352 -26.16 3.41 6.80
N LYS C 353 -26.35 2.30 6.09
CA LYS C 353 -25.60 1.98 4.88
C LYS C 353 -26.16 2.60 3.60
N LEU C 354 -27.41 3.05 3.62
CA LEU C 354 -28.04 3.57 2.41
C LEU C 354 -28.17 5.09 2.43
N PRO C 355 -27.49 5.79 1.49
CA PRO C 355 -27.62 7.24 1.40
C PRO C 355 -29.07 7.69 1.26
N LEU C 356 -29.48 8.63 2.11
CA LEU C 356 -30.87 9.08 2.15
C LEU C 356 -30.99 10.50 1.66
N MET C 357 -32.15 10.82 1.11
CA MET C 357 -32.44 12.19 0.68
C MET C 357 -33.90 12.50 0.96
N VAL C 358 -34.20 13.67 1.52
CA VAL C 358 -35.59 14.06 1.68
C VAL C 358 -36.07 14.54 0.31
N THR C 359 -36.83 13.69 -0.36
CA THR C 359 -37.26 13.98 -1.72
C THR C 359 -38.52 14.82 -1.75
N GLU C 360 -39.22 14.91 -0.62
CA GLU C 360 -40.36 15.81 -0.48
C GLU C 360 -40.59 16.26 0.95
N ASN C 361 -40.72 17.56 1.13
CA ASN C 361 -41.15 18.15 2.39
C ASN C 361 -41.72 19.55 2.15
N GLY C 362 -42.86 19.84 2.78
CA GLY C 362 -43.52 21.11 2.58
C GLY C 362 -44.87 21.17 3.25
N SER C 363 -45.62 22.24 2.99
CA SER C 363 -46.89 22.45 3.68
C SER C 363 -47.88 23.24 2.83
N ALA C 364 -49.17 22.97 3.03
CA ALA C 364 -50.22 23.68 2.33
C ALA C 364 -50.95 24.64 3.26
N TRP C 365 -50.94 25.92 2.91
CA TRP C 365 -51.69 26.95 3.62
C TRP C 365 -52.45 27.79 2.61
N TYR C 366 -53.46 28.54 3.07
CA TYR C 366 -54.22 29.35 2.12
C TYR C 366 -53.39 30.50 1.57
N ASP C 367 -53.42 30.62 0.25
CA ASP C 367 -52.91 31.81 -0.44
C ASP C 367 -54.02 32.33 -1.34
N PRO C 368 -54.06 33.66 -1.54
CA PRO C 368 -55.03 34.19 -2.51
C PRO C 368 -54.72 33.74 -3.94
N PRO C 369 -55.72 33.77 -4.83
CA PRO C 369 -55.54 33.26 -6.20
C PRO C 369 -54.69 34.18 -7.07
N HIS C 370 -54.44 35.40 -6.58
CA HIS C 370 -53.61 36.34 -7.31
C HIS C 370 -52.59 36.95 -6.37
N ALA C 371 -51.50 37.46 -6.93
CA ALA C 371 -50.50 38.15 -6.14
C ALA C 371 -51.08 39.42 -5.55
N ILE C 372 -50.48 39.90 -4.48
CA ILE C 372 -50.91 41.14 -3.85
C ILE C 372 -49.70 42.07 -3.89
N ASP C 373 -49.91 43.22 -4.55
CA ASP C 373 -48.92 43.85 -5.43
C ASP C 373 -47.56 43.16 -5.53
N GLY C 374 -47.54 42.11 -6.36
CA GLY C 374 -46.34 41.35 -6.65
C GLY C 374 -45.76 40.52 -5.53
N ARG C 375 -46.57 40.20 -4.53
CA ARG C 375 -46.11 39.45 -3.38
C ARG C 375 -47.14 38.44 -2.89
N ILE C 376 -46.65 37.39 -2.26
CA ILE C 376 -47.50 36.43 -1.55
C ILE C 376 -46.88 36.20 -0.18
N HIS C 377 -47.56 36.65 0.86
CA HIS C 377 -47.03 36.53 2.22
C HIS C 377 -47.56 35.29 2.91
N ASP C 378 -46.71 34.28 3.03
CA ASP C 378 -47.08 33.00 3.62
C ASP C 378 -46.21 32.65 4.81
N PRO C 379 -46.38 33.39 5.93
CA PRO C 379 -45.51 33.25 7.10
C PRO C 379 -45.52 31.86 7.73
N MET C 380 -46.64 31.15 7.66
CA MET C 380 -46.70 29.80 8.23
C MET C 380 -45.90 28.80 7.39
N ARG C 381 -45.84 29.01 6.08
CA ARG C 381 -45.06 28.14 5.21
C ARG C 381 -43.58 28.39 5.46
N VAL C 382 -43.23 29.65 5.69
CA VAL C 382 -41.87 30.03 6.07
C VAL C 382 -41.46 29.36 7.39
N HIS C 383 -42.36 29.43 8.36
CA HIS C 383 -42.13 28.80 9.66
C HIS C 383 -41.91 27.29 9.52
N TYR C 384 -42.79 26.65 8.75
CA TYR C 384 -42.68 25.21 8.51
C TYR C 384 -41.33 24.88 7.91
N LEU C 385 -40.94 25.68 6.91
CA LEU C 385 -39.70 25.44 6.20
C LEU C 385 -38.50 25.51 7.15
N GLN C 386 -38.41 26.59 7.90
CA GLN C 386 -37.25 26.80 8.76
C GLN C 386 -37.18 25.76 9.88
N THR C 387 -38.31 25.43 10.48
CA THR C 387 -38.28 24.48 11.60
C THR C 387 -37.95 23.07 11.13
N HIS C 388 -38.48 22.66 9.97
CA HIS C 388 -38.24 21.30 9.52
C HIS C 388 -36.83 21.14 8.94
N ILE C 389 -36.29 22.20 8.34
CA ILE C 389 -34.91 22.15 7.86
C ILE C 389 -33.96 22.07 9.07
N LYS C 390 -34.26 22.85 10.12
CA LYS C 390 -33.51 22.70 11.36
C LYS C 390 -33.58 21.27 11.88
N ALA C 391 -34.76 20.65 11.73
CA ALA C 391 -34.92 19.27 12.17
C ALA C 391 -34.02 18.34 11.36
N LEU C 392 -33.79 18.70 10.10
CA LEU C 392 -32.89 17.93 9.27
C LEU C 392 -31.48 18.03 9.82
N HIS C 393 -31.09 19.25 10.17
CA HIS C 393 -29.75 19.46 10.74
C HIS C 393 -29.61 18.59 11.99
N ASP C 394 -30.67 18.55 12.80
CA ASP C 394 -30.69 17.70 13.99
C ASP C 394 -30.46 16.23 13.62
N ALA C 395 -31.09 15.79 12.53
CA ALA C 395 -30.92 14.39 12.10
C ALA C 395 -29.49 14.09 11.67
N ILE C 396 -28.87 15.04 10.97
CA ILE C 396 -27.50 14.88 10.50
C ILE C 396 -26.53 14.85 11.69
N GLY C 397 -26.81 15.69 12.68
CA GLY C 397 -26.03 15.69 13.91
C GLY C 397 -26.07 14.38 14.66
N LYS C 398 -27.12 13.59 14.41
CA LYS C 398 -27.23 12.26 15.03
C LYS C 398 -26.70 11.15 14.13
N GLY C 399 -26.03 11.52 13.04
CA GLY C 399 -25.33 10.56 12.22
C GLY C 399 -26.08 10.00 11.03
N VAL C 400 -27.26 10.52 10.74
CA VAL C 400 -28.02 10.07 9.58
C VAL C 400 -27.34 10.56 8.30
N ASP C 401 -27.18 9.66 7.34
CA ASP C 401 -26.50 10.00 6.08
C ASP C 401 -27.48 10.66 5.12
N LEU C 402 -27.71 11.95 5.34
CA LEU C 402 -28.68 12.73 4.56
C LEU C 402 -27.91 13.53 3.52
N ARG C 403 -28.20 13.32 2.24
CA ARG C 403 -27.42 13.93 1.19
C ARG C 403 -28.11 15.14 0.56
N GLY C 404 -29.40 15.32 0.83
CA GLY C 404 -30.14 16.40 0.20
C GLY C 404 -31.56 16.62 0.66
N TYR C 405 -32.16 17.70 0.17
CA TYR C 405 -33.50 18.13 0.58
C TYR C 405 -34.24 18.80 -0.58
N MET C 406 -35.41 18.27 -0.90
CA MET C 406 -36.24 18.82 -1.96
C MET C 406 -37.55 19.35 -1.40
N VAL C 407 -37.81 20.63 -1.62
CA VAL C 407 -39.08 21.21 -1.18
C VAL C 407 -40.23 20.81 -2.10
N TRP C 408 -41.28 20.24 -1.53
CA TRP C 408 -42.55 20.14 -2.24
C TRP C 408 -43.43 21.32 -1.88
N SER C 409 -43.69 22.20 -2.85
CA SER C 409 -43.30 21.99 -4.23
C SER C 409 -42.76 23.29 -4.80
N LEU C 410 -42.09 23.21 -5.96
CA LEU C 410 -41.65 24.41 -6.65
C LEU C 410 -42.84 25.32 -6.98
N LEU C 411 -43.91 24.72 -7.50
CA LEU C 411 -45.07 25.47 -7.95
C LEU C 411 -46.35 25.06 -7.23
N ASP C 412 -47.23 26.02 -6.97
CA ASP C 412 -48.62 25.69 -6.67
C ASP C 412 -49.12 24.82 -7.81
N ASN C 413 -49.74 23.69 -7.49
CA ASN C 413 -50.15 22.78 -8.54
C ASN C 413 -51.44 22.02 -8.20
N LEU C 414 -51.77 21.05 -9.04
CA LEU C 414 -52.93 20.21 -8.81
C LEU C 414 -52.64 19.17 -7.75
N GLU C 415 -53.25 19.34 -6.58
CA GLU C 415 -53.06 18.41 -5.48
C GLU C 415 -54.04 17.25 -5.69
N TRP C 416 -53.85 16.57 -6.82
CA TRP C 416 -54.64 15.42 -7.24
C TRP C 416 -56.14 15.61 -7.01
N SER C 417 -56.77 14.67 -6.31
CA SER C 417 -58.21 14.72 -6.08
C SER C 417 -58.69 15.92 -5.28
N LEU C 418 -57.80 16.59 -4.56
CA LEU C 418 -58.16 17.78 -3.81
C LEU C 418 -58.07 19.04 -4.67
N GLY C 419 -57.67 18.84 -5.92
CA GLY C 419 -57.63 19.92 -6.90
C GLY C 419 -56.62 21.01 -6.60
N TYR C 420 -56.94 22.22 -7.03
CA TYR C 420 -56.02 23.36 -6.93
C TYR C 420 -56.20 24.12 -5.60
N SER C 421 -57.12 23.64 -4.77
CA SER C 421 -57.41 24.30 -3.51
C SER C 421 -56.28 24.18 -2.48
N LYS C 422 -55.39 23.20 -2.67
CA LYS C 422 -54.28 23.01 -1.74
C LYS C 422 -52.96 23.43 -2.37
N ARG C 423 -52.43 24.57 -1.94
CA ARG C 423 -51.21 25.12 -2.50
C ARG C 423 -49.96 24.73 -1.72
N PHE C 424 -49.05 24.02 -2.37
CA PHE C 424 -47.83 23.55 -1.72
C PHE C 424 -46.59 24.31 -2.19
N GLY C 425 -46.78 25.17 -3.19
CA GLY C 425 -45.68 25.86 -3.82
C GLY C 425 -44.96 26.90 -2.97
N ILE C 426 -43.66 27.04 -3.21
CA ILE C 426 -42.93 28.20 -2.70
C ILE C 426 -42.96 29.28 -3.80
N VAL C 427 -43.43 28.89 -4.96
CA VAL C 427 -43.80 29.83 -6.00
C VAL C 427 -45.30 29.75 -6.26
N HIS C 428 -45.96 30.88 -6.10
CA HIS C 428 -47.39 31.03 -6.33
C HIS C 428 -47.70 30.98 -7.81
N VAL C 429 -48.75 30.26 -8.17
CA VAL C 429 -49.24 30.25 -9.53
C VAL C 429 -50.67 30.78 -9.59
N ASN C 430 -50.86 31.86 -10.33
CA ASN C 430 -52.18 32.36 -10.63
C ASN C 430 -52.75 31.52 -11.77
N PHE C 431 -53.68 30.64 -11.44
CA PHE C 431 -54.17 29.67 -12.41
C PHE C 431 -55.11 30.27 -13.45
N ALA C 432 -55.51 31.52 -13.25
CA ALA C 432 -56.29 32.25 -14.26
C ALA C 432 -55.37 32.81 -15.35
N THR C 433 -54.16 33.18 -14.97
CA THR C 433 -53.26 33.90 -15.87
C THR C 433 -51.94 33.17 -16.09
N GLN C 434 -51.72 32.09 -15.32
CA GLN C 434 -50.46 31.34 -15.33
C GLN C 434 -49.28 32.19 -14.85
N GLU C 435 -49.57 33.36 -14.30
CA GLU C 435 -48.53 34.22 -13.74
C GLU C 435 -47.89 33.58 -12.50
N ARG C 436 -46.56 33.57 -12.47
CA ARG C 436 -45.81 33.08 -11.33
C ARG C 436 -45.34 34.21 -10.42
N THR C 437 -45.45 34.00 -9.12
CA THR C 437 -44.96 34.97 -8.14
C THR C 437 -44.20 34.26 -7.03
N ILE C 438 -42.95 34.62 -6.79
CA ILE C 438 -42.20 33.95 -5.73
C ILE C 438 -42.76 34.35 -4.36
N LYS C 439 -43.12 33.35 -3.56
CA LYS C 439 -43.66 33.58 -2.24
C LYS C 439 -42.53 33.93 -1.28
N ASP C 440 -42.87 34.48 -0.13
CA ASP C 440 -41.89 34.76 0.91
C ASP C 440 -41.12 33.50 1.32
N SER C 441 -41.80 32.36 1.29
CA SER C 441 -41.18 31.07 1.61
C SER C 441 -40.10 30.70 0.59
N GLY C 442 -40.37 30.95 -0.68
CA GLY C 442 -39.38 30.71 -1.72
C GLY C 442 -38.17 31.61 -1.58
N LEU C 443 -38.42 32.88 -1.27
CA LEU C 443 -37.36 33.85 -1.04
C LEU C 443 -36.46 33.41 0.11
N PHE C 444 -37.10 32.97 1.19
CA PHE C 444 -36.38 32.48 2.36
C PHE C 444 -35.58 31.23 2.04
N TYR C 445 -36.18 30.33 1.27
CA TYR C 445 -35.51 29.10 0.88
C TYR C 445 -34.28 29.45 0.05
N ALA C 446 -34.41 30.50 -0.76
CA ALA C 446 -33.31 30.99 -1.57
C ALA C 446 -32.18 31.43 -0.65
N GLU C 447 -32.53 32.08 0.46
CA GLU C 447 -31.50 32.42 1.44
C GLU C 447 -30.89 31.22 2.15
N VAL C 448 -31.68 30.20 2.46
CA VAL C 448 -31.16 28.99 3.09
C VAL C 448 -30.15 28.29 2.19
N ILE C 449 -30.49 28.17 0.92
CA ILE C 449 -29.59 27.59 -0.06
C ILE C 449 -28.33 28.42 -0.18
N LYS C 450 -28.52 29.72 -0.36
CA LYS C 450 -27.44 30.67 -0.57
C LYS C 450 -26.41 30.65 0.57
N THR C 451 -26.91 30.65 1.80
CA THR C 451 -26.06 30.66 2.98
C THR C 451 -25.70 29.26 3.45
N HIS C 452 -26.11 28.26 2.69
CA HIS C 452 -25.93 26.84 3.03
C HIS C 452 -26.37 26.50 4.46
N GLY C 453 -27.42 27.17 4.92
CA GLY C 453 -28.01 26.87 6.21
C GLY C 453 -27.69 27.87 7.30
N ASP C 454 -26.68 28.71 7.05
CA ASP C 454 -26.21 29.65 8.07
C ASP C 454 -27.27 30.70 8.45
N VAL C 455 -28.25 30.90 7.58
CA VAL C 455 -29.30 31.89 7.81
C VAL C 455 -30.19 31.51 8.99
N LEU C 456 -30.23 30.21 9.31
CA LEU C 456 -31.04 29.73 10.43
C LEU C 456 -30.45 30.13 11.77
N ASN C 457 -29.13 30.37 11.80
CA ASN C 457 -28.47 30.89 12.99
C ASN C 457 -29.14 32.12 13.57
N ARG D 10 -34.11 -63.53 -27.53
CA ARG D 10 -33.91 -62.17 -27.08
C ARG D 10 -35.00 -61.24 -27.61
N SER D 11 -35.90 -60.83 -26.72
CA SER D 11 -36.94 -59.87 -27.08
C SER D 11 -36.40 -58.45 -26.97
N TYR D 12 -36.96 -57.53 -27.76
CA TYR D 12 -36.53 -56.14 -27.71
C TYR D 12 -37.68 -55.15 -27.63
N ARG D 13 -38.81 -55.58 -27.08
CA ARG D 13 -39.90 -54.66 -26.84
C ARG D 13 -39.51 -53.63 -25.78
N PHE D 14 -39.84 -52.37 -26.04
CA PHE D 14 -39.45 -51.28 -25.16
C PHE D 14 -40.50 -50.99 -24.09
N PRO D 15 -40.11 -50.28 -23.02
CA PRO D 15 -41.06 -50.00 -21.93
C PRO D 15 -42.31 -49.26 -22.41
N GLU D 16 -43.42 -49.45 -21.70
CA GLU D 16 -44.65 -48.73 -22.03
C GLU D 16 -44.44 -47.24 -21.88
N GLY D 17 -44.90 -46.48 -22.86
CA GLY D 17 -44.76 -45.04 -22.85
C GLY D 17 -43.43 -44.55 -23.37
N PHE D 18 -42.54 -45.47 -23.75
CA PHE D 18 -41.26 -45.09 -24.34
C PHE D 18 -41.50 -44.36 -25.65
N LEU D 19 -40.94 -43.16 -25.77
CA LEU D 19 -41.29 -42.25 -26.85
C LEU D 19 -40.33 -42.30 -28.04
N TRP D 20 -40.87 -42.62 -29.22
CA TRP D 20 -40.08 -42.66 -30.45
C TRP D 20 -40.29 -41.39 -31.28
N GLY D 21 -39.20 -40.79 -31.75
CA GLY D 21 -39.32 -39.59 -32.56
C GLY D 21 -38.12 -39.27 -33.43
N ALA D 22 -38.12 -38.06 -33.98
CA ALA D 22 -36.99 -37.61 -34.80
C ALA D 22 -36.68 -36.14 -34.57
N ALA D 23 -35.46 -35.73 -34.89
CA ALA D 23 -35.02 -34.38 -34.51
C ALA D 23 -34.44 -33.56 -35.65
N THR D 24 -34.55 -32.23 -35.51
CA THR D 24 -33.99 -31.27 -36.46
C THR D 24 -33.53 -30.02 -35.70
N ALA D 25 -32.93 -29.09 -36.43
CA ALA D 25 -32.61 -27.77 -35.87
C ALA D 25 -32.94 -26.69 -36.88
N ALA D 26 -33.24 -25.49 -36.37
CA ALA D 26 -33.80 -24.42 -37.20
C ALA D 26 -32.94 -24.03 -38.39
N TYR D 27 -31.69 -23.63 -38.15
CA TYR D 27 -30.86 -23.13 -39.24
C TYR D 27 -30.54 -24.24 -40.24
N GLN D 28 -30.65 -25.49 -39.80
CA GLN D 28 -30.26 -26.61 -40.64
C GLN D 28 -31.34 -27.00 -41.63
N ILE D 29 -32.59 -26.61 -41.37
CA ILE D 29 -33.69 -27.00 -42.24
C ILE D 29 -34.59 -25.87 -42.75
N GLU D 30 -34.67 -24.76 -42.02
CA GLU D 30 -35.74 -23.80 -42.26
C GLU D 30 -35.60 -22.99 -43.55
N GLY D 31 -34.43 -22.41 -43.77
CA GLY D 31 -34.30 -21.43 -44.83
C GLY D 31 -35.06 -20.17 -44.47
N SER D 32 -35.25 -19.29 -45.44
CA SER D 32 -36.02 -18.05 -45.24
C SER D 32 -35.51 -17.26 -44.01
N SER D 33 -34.21 -17.08 -43.94
CA SER D 33 -33.55 -16.55 -42.74
C SER D 33 -33.87 -15.08 -42.45
N MET D 34 -34.17 -14.33 -43.51
CA MET D 34 -34.51 -12.91 -43.40
C MET D 34 -36.00 -12.68 -43.66
N ALA D 35 -36.78 -13.75 -43.63
CA ALA D 35 -38.17 -13.61 -44.01
C ALA D 35 -39.07 -13.16 -42.87
N ASP D 36 -40.09 -12.38 -43.24
CA ASP D 36 -41.15 -11.95 -42.34
C ASP D 36 -40.67 -11.34 -41.03
N GLY D 37 -39.74 -10.39 -41.11
CA GLY D 37 -39.25 -9.69 -39.93
C GLY D 37 -38.08 -10.31 -39.17
N ALA D 38 -37.72 -11.53 -39.53
CA ALA D 38 -36.68 -12.28 -38.83
C ALA D 38 -35.33 -11.55 -38.84
N GLY D 39 -34.65 -11.56 -37.70
CA GLY D 39 -33.35 -10.91 -37.58
C GLY D 39 -32.18 -11.71 -38.13
N GLU D 40 -31.02 -11.06 -38.14
CA GLU D 40 -29.77 -11.68 -38.58
C GLU D 40 -29.15 -12.48 -37.44
N SER D 41 -28.76 -13.73 -37.71
CA SER D 41 -28.08 -14.54 -36.71
C SER D 41 -26.58 -14.63 -37.00
N ILE D 42 -25.83 -15.18 -36.06
CA ILE D 42 -24.39 -15.33 -36.24
C ILE D 42 -24.07 -16.27 -37.41
N TRP D 43 -25.00 -17.16 -37.73
CA TRP D 43 -24.79 -18.11 -38.83
C TRP D 43 -25.10 -17.50 -40.19
N ASP D 44 -25.99 -16.51 -40.24
CA ASP D 44 -26.19 -15.73 -41.45
C ASP D 44 -24.86 -15.08 -41.86
N ARG D 45 -24.18 -14.49 -40.87
CA ARG D 45 -22.88 -13.87 -41.08
C ARG D 45 -21.78 -14.90 -41.40
N PHE D 46 -21.68 -15.92 -40.56
CA PHE D 46 -20.62 -16.92 -40.68
C PHE D 46 -20.67 -17.65 -42.01
N SER D 47 -21.87 -18.06 -42.42
CA SER D 47 -22.04 -18.83 -43.64
C SER D 47 -21.82 -17.97 -44.90
N HIS D 48 -21.94 -16.66 -44.74
CA HIS D 48 -21.75 -15.76 -45.87
C HIS D 48 -20.38 -15.07 -45.84
N THR D 49 -19.45 -15.68 -45.12
CA THR D 49 -18.05 -15.23 -45.13
C THR D 49 -17.22 -16.32 -45.80
N PRO D 50 -16.49 -15.96 -46.86
CA PRO D 50 -15.78 -16.95 -47.68
C PRO D 50 -14.76 -17.78 -46.90
N GLY D 51 -14.71 -19.07 -47.19
CA GLY D 51 -13.77 -19.98 -46.54
C GLY D 51 -14.33 -20.76 -45.36
N ASN D 52 -15.44 -20.30 -44.80
CA ASN D 52 -16.02 -20.92 -43.61
C ASN D 52 -16.79 -22.21 -43.88
N MET D 53 -17.45 -22.28 -45.02
CA MET D 53 -18.36 -23.39 -45.29
C MET D 53 -17.93 -24.21 -46.50
N LYS D 54 -18.09 -25.52 -46.38
CA LYS D 54 -17.77 -26.43 -47.48
C LYS D 54 -18.62 -26.11 -48.70
N ASP D 55 -17.96 -26.00 -49.85
CA ASP D 55 -18.60 -25.69 -51.12
C ASP D 55 -19.32 -24.34 -51.11
N GLY D 56 -19.03 -23.52 -50.10
CA GLY D 56 -19.71 -22.25 -49.94
C GLY D 56 -21.18 -22.38 -49.62
N ASP D 57 -21.56 -23.51 -49.06
CA ASP D 57 -22.96 -23.76 -48.70
C ASP D 57 -23.45 -22.77 -47.65
N THR D 58 -24.73 -22.42 -47.71
CA THR D 58 -25.34 -21.58 -46.69
C THR D 58 -26.69 -22.15 -46.28
N GLY D 59 -27.26 -21.60 -45.21
CA GLY D 59 -28.59 -21.97 -44.77
C GLY D 59 -29.70 -21.12 -45.35
N ASP D 60 -29.42 -20.43 -46.45
CA ASP D 60 -30.41 -19.55 -47.06
C ASP D 60 -31.67 -20.29 -47.47
N VAL D 61 -31.51 -21.48 -48.02
CA VAL D 61 -32.67 -22.28 -48.44
C VAL D 61 -32.82 -23.55 -47.61
N ALA D 62 -31.73 -24.33 -47.51
CA ALA D 62 -31.75 -25.61 -46.81
C ALA D 62 -32.85 -26.53 -47.30
N CYS D 63 -33.72 -26.94 -46.38
CA CYS D 63 -34.83 -27.83 -46.72
C CYS D 63 -36.13 -27.07 -46.99
N ASP D 64 -36.05 -25.75 -47.03
CA ASP D 64 -37.21 -24.90 -47.27
C ASP D 64 -38.36 -25.23 -46.30
N HIS D 65 -38.01 -25.62 -45.08
CA HIS D 65 -38.99 -26.10 -44.10
C HIS D 65 -40.00 -25.03 -43.67
N TYR D 66 -39.56 -23.77 -43.66
CA TYR D 66 -40.39 -22.62 -43.32
C TYR D 66 -41.63 -22.59 -44.21
N ASN D 67 -41.47 -23.03 -45.45
CA ASN D 67 -42.58 -23.12 -46.41
C ASN D 67 -43.21 -24.51 -46.55
N ARG D 68 -42.45 -25.57 -46.25
CA ARG D 68 -42.90 -26.95 -46.53
C ARG D 68 -43.17 -27.78 -45.26
N TRP D 69 -43.38 -27.09 -44.15
CA TRP D 69 -43.54 -27.75 -42.85
C TRP D 69 -44.74 -28.71 -42.82
N ARG D 70 -45.81 -28.38 -43.55
CA ARG D 70 -46.99 -29.24 -43.61
C ARG D 70 -46.66 -30.60 -44.25
N GLU D 71 -45.98 -30.55 -45.38
CA GLU D 71 -45.50 -31.77 -46.05
C GLU D 71 -44.60 -32.56 -45.12
N ASP D 72 -43.73 -31.86 -44.41
CA ASP D 72 -42.81 -32.54 -43.50
C ASP D 72 -43.57 -33.24 -42.37
N ILE D 73 -44.65 -32.62 -41.90
CA ILE D 73 -45.51 -33.24 -40.89
C ILE D 73 -46.22 -34.48 -41.44
N GLU D 74 -46.66 -34.42 -42.69
CA GLU D 74 -47.24 -35.61 -43.32
C GLU D 74 -46.21 -36.74 -43.36
N LEU D 75 -44.95 -36.36 -43.60
CA LEU D 75 -43.86 -37.33 -43.58
C LEU D 75 -43.67 -37.92 -42.20
N MET D 76 -43.80 -37.10 -41.16
CA MET D 76 -43.73 -37.59 -39.79
C MET D 76 -44.82 -38.62 -39.55
N LYS D 77 -46.00 -38.35 -40.09
CA LYS D 77 -47.13 -39.27 -39.98
C LYS D 77 -46.83 -40.61 -40.64
N ARG D 78 -46.27 -40.56 -41.85
CA ARG D 78 -45.91 -41.79 -42.55
C ARG D 78 -44.87 -42.62 -41.79
N LEU D 79 -44.03 -41.94 -41.01
CA LEU D 79 -42.98 -42.60 -40.25
C LEU D 79 -43.47 -43.08 -38.88
N ASN D 80 -44.74 -42.84 -38.59
CA ASN D 80 -45.36 -43.23 -37.32
C ASN D 80 -44.69 -42.58 -36.12
N LEU D 81 -44.13 -41.38 -36.31
CA LEU D 81 -43.43 -40.68 -35.25
C LEU D 81 -44.38 -40.32 -34.11
N GLN D 82 -43.89 -40.44 -32.88
CA GLN D 82 -44.67 -40.07 -31.72
C GLN D 82 -44.17 -38.74 -31.19
N ALA D 83 -42.99 -38.33 -31.64
CA ALA D 83 -42.41 -37.08 -31.21
C ALA D 83 -41.54 -36.42 -32.28
N TYR D 84 -41.55 -35.10 -32.27
CA TYR D 84 -40.70 -34.32 -33.15
C TYR D 84 -39.96 -33.28 -32.34
N ARG D 85 -38.63 -33.44 -32.32
CA ARG D 85 -37.77 -32.53 -31.60
C ARG D 85 -37.25 -31.49 -32.57
N PHE D 86 -37.48 -30.22 -32.23
CA PHE D 86 -37.12 -29.13 -33.12
C PHE D 86 -36.59 -27.98 -32.28
N SER D 87 -35.94 -27.02 -32.92
CA SER D 87 -35.48 -25.83 -32.20
C SER D 87 -36.20 -24.58 -32.68
N VAL D 88 -36.23 -23.56 -31.83
CA VAL D 88 -36.81 -22.28 -32.19
C VAL D 88 -35.70 -21.30 -32.51
N SER D 89 -35.78 -20.66 -33.67
CA SER D 89 -34.77 -19.66 -34.03
C SER D 89 -35.00 -18.37 -33.23
N TRP D 90 -34.05 -18.10 -32.35
CA TRP D 90 -34.09 -16.92 -31.47
C TRP D 90 -34.27 -15.61 -32.24
N SER D 91 -33.52 -15.44 -33.31
CA SER D 91 -33.55 -14.19 -34.08
C SER D 91 -34.80 -14.07 -34.94
N ARG D 92 -35.45 -15.18 -35.23
CA ARG D 92 -36.71 -15.15 -35.96
C ARG D 92 -37.83 -14.64 -35.06
N VAL D 93 -37.73 -14.92 -33.77
CA VAL D 93 -38.77 -14.58 -32.82
C VAL D 93 -38.50 -13.23 -32.17
N ILE D 94 -37.24 -12.98 -31.84
CA ILE D 94 -36.80 -11.70 -31.29
C ILE D 94 -35.58 -11.22 -32.07
N PRO D 95 -35.82 -10.45 -33.14
CA PRO D 95 -34.82 -10.06 -34.14
C PRO D 95 -33.56 -9.45 -33.57
N GLN D 96 -33.69 -8.67 -32.51
CA GLN D 96 -32.53 -8.04 -31.89
C GLN D 96 -32.05 -8.80 -30.66
N GLY D 97 -32.62 -9.98 -30.44
CA GLY D 97 -32.24 -10.82 -29.31
C GLY D 97 -32.91 -10.38 -28.02
N ARG D 98 -33.03 -9.07 -27.87
CA ARG D 98 -33.80 -8.46 -26.78
C ARG D 98 -34.83 -7.53 -27.38
N GLY D 99 -35.87 -7.21 -26.63
CA GLY D 99 -36.81 -6.20 -27.05
C GLY D 99 -38.02 -6.71 -27.81
N ALA D 100 -38.33 -6.02 -28.90
CA ALA D 100 -39.56 -6.28 -29.65
C ALA D 100 -39.61 -7.68 -30.24
N ILE D 101 -40.76 -8.32 -30.06
CA ILE D 101 -41.05 -9.62 -30.65
C ILE D 101 -41.53 -9.45 -32.10
N ASN D 102 -41.16 -10.39 -32.97
CA ASN D 102 -41.65 -10.42 -34.34
C ASN D 102 -42.83 -11.37 -34.45
N PRO D 103 -44.04 -10.81 -34.59
CA PRO D 103 -45.30 -11.57 -34.58
C PRO D 103 -45.36 -12.71 -35.59
N LYS D 104 -44.94 -12.49 -36.83
CA LYS D 104 -44.99 -13.55 -37.84
C LYS D 104 -44.01 -14.67 -37.54
N GLY D 105 -42.83 -14.31 -37.04
CA GLY D 105 -41.81 -15.31 -36.73
C GLY D 105 -42.30 -16.27 -35.67
N LEU D 106 -42.90 -15.71 -34.62
CA LEU D 106 -43.50 -16.51 -33.56
C LEU D 106 -44.73 -17.28 -34.06
N ALA D 107 -45.45 -16.66 -34.98
CA ALA D 107 -46.66 -17.25 -35.55
C ALA D 107 -46.33 -18.52 -36.33
N PHE D 108 -45.16 -18.55 -36.96
CA PHE D 108 -44.70 -19.75 -37.64
C PHE D 108 -44.65 -20.94 -36.69
N TYR D 109 -44.01 -20.77 -35.55
CA TYR D 109 -43.87 -21.84 -34.56
C TYR D 109 -45.21 -22.17 -33.89
N ASP D 110 -46.09 -21.17 -33.79
CA ASP D 110 -47.44 -21.42 -33.30
C ASP D 110 -48.16 -22.39 -34.23
N ARG D 111 -48.06 -22.08 -35.53
CA ARG D 111 -48.66 -22.90 -36.58
C ARG D 111 -48.10 -24.31 -36.57
N LEU D 112 -46.77 -24.39 -36.47
CA LEU D 112 -46.08 -25.67 -36.47
C LEU D 112 -46.53 -26.55 -35.31
N VAL D 113 -46.53 -25.97 -34.10
CA VAL D 113 -46.91 -26.73 -32.90
C VAL D 113 -48.37 -27.17 -32.95
N ASP D 114 -49.27 -26.29 -33.38
CA ASP D 114 -50.67 -26.65 -33.51
C ASP D 114 -50.83 -27.80 -34.51
N GLY D 115 -50.08 -27.72 -35.60
CA GLY D 115 -50.10 -28.76 -36.61
C GLY D 115 -49.59 -30.09 -36.10
N LEU D 116 -48.58 -30.05 -35.25
CA LEU D 116 -48.03 -31.27 -34.67
C LEU D 116 -49.03 -31.92 -33.71
N LEU D 117 -49.62 -31.11 -32.83
CA LEU D 117 -50.59 -31.61 -31.86
C LEU D 117 -51.82 -32.17 -32.54
N GLU D 118 -52.26 -31.51 -33.61
CA GLU D 118 -53.36 -32.00 -34.42
C GLU D 118 -53.06 -33.38 -35.01
N ALA D 119 -51.79 -33.61 -35.34
CA ALA D 119 -51.37 -34.87 -35.93
C ALA D 119 -51.11 -35.96 -34.88
N GLY D 120 -51.21 -35.59 -33.62
CA GLY D 120 -50.93 -36.54 -32.54
C GLY D 120 -49.46 -36.70 -32.24
N ILE D 121 -48.66 -35.70 -32.63
CA ILE D 121 -47.22 -35.74 -32.44
C ILE D 121 -46.77 -34.83 -31.31
N GLU D 122 -46.00 -35.39 -30.38
CA GLU D 122 -45.50 -34.62 -29.25
C GLU D 122 -44.39 -33.67 -29.68
N PRO D 123 -44.62 -32.36 -29.50
CA PRO D 123 -43.60 -31.38 -29.84
C PRO D 123 -42.55 -31.22 -28.73
N LEU D 124 -41.29 -31.48 -29.07
CA LEU D 124 -40.19 -31.33 -28.12
C LEU D 124 -39.36 -30.13 -28.52
N ALA D 125 -39.45 -29.04 -27.76
CA ALA D 125 -38.85 -27.79 -28.24
C ALA D 125 -37.51 -27.51 -27.57
N THR D 126 -36.54 -27.08 -28.37
CA THR D 126 -35.23 -26.67 -27.87
C THR D 126 -35.07 -25.17 -28.05
N LEU D 127 -34.69 -24.47 -26.98
CA LEU D 127 -34.57 -23.01 -27.05
C LEU D 127 -33.39 -22.57 -27.89
N TYR D 128 -32.24 -23.19 -27.68
CA TYR D 128 -31.03 -22.75 -28.35
C TYR D 128 -30.30 -23.87 -29.08
N HIS D 129 -30.26 -23.77 -30.40
CA HIS D 129 -29.50 -24.72 -31.21
C HIS D 129 -28.54 -23.96 -32.13
N TRP D 130 -27.69 -23.15 -31.48
CA TRP D 130 -26.46 -22.59 -32.04
C TRP D 130 -26.65 -21.31 -32.85
N ASP D 131 -27.89 -20.84 -32.96
CA ASP D 131 -28.19 -19.69 -33.82
C ASP D 131 -28.44 -18.41 -33.03
N LEU D 132 -27.42 -17.94 -32.32
CA LEU D 132 -27.49 -16.67 -31.58
C LEU D 132 -27.77 -15.48 -32.49
N PRO D 133 -28.68 -14.58 -32.05
CA PRO D 133 -28.91 -13.31 -32.74
C PRO D 133 -27.64 -12.46 -32.86
N ALA D 134 -27.38 -11.97 -34.06
CA ALA D 134 -26.16 -11.21 -34.33
C ALA D 134 -26.05 -9.95 -33.48
N ALA D 135 -27.21 -9.38 -33.14
CA ALA D 135 -27.25 -8.18 -32.32
C ALA D 135 -26.69 -8.44 -30.92
N LEU D 136 -26.85 -9.66 -30.44
CA LEU D 136 -26.31 -10.04 -29.14
C LEU D 136 -24.84 -10.40 -29.22
N ASP D 137 -24.42 -10.93 -30.37
CA ASP D 137 -23.00 -11.18 -30.60
C ASP D 137 -22.21 -9.88 -30.65
N ASP D 138 -22.83 -8.83 -31.15
CA ASP D 138 -22.19 -7.52 -31.19
C ASP D 138 -22.09 -6.91 -29.79
N ARG D 139 -22.83 -7.50 -28.86
CA ARG D 139 -22.74 -7.11 -27.45
C ARG D 139 -21.91 -8.11 -26.67
N GLY D 140 -21.18 -8.97 -27.38
CA GLY D 140 -20.24 -9.88 -26.76
C GLY D 140 -20.67 -11.34 -26.77
N GLY D 141 -21.93 -11.57 -27.11
CA GLY D 141 -22.47 -12.93 -27.14
C GLY D 141 -22.34 -13.69 -25.84
N TRP D 142 -21.85 -14.92 -25.93
CA TRP D 142 -21.71 -15.79 -24.76
C TRP D 142 -20.57 -15.35 -23.84
N LEU D 143 -19.85 -14.30 -24.23
CA LEU D 143 -18.79 -13.73 -23.40
C LEU D 143 -19.37 -12.69 -22.44
N ASN D 144 -20.58 -12.24 -22.73
CA ASN D 144 -21.26 -11.26 -21.90
C ASN D 144 -22.17 -11.96 -20.89
N PRO D 145 -21.88 -11.80 -19.59
CA PRO D 145 -22.65 -12.48 -18.55
C PRO D 145 -24.14 -12.16 -18.60
N ASP D 146 -24.48 -10.97 -19.09
CA ASP D 146 -25.87 -10.54 -19.19
C ASP D 146 -26.68 -11.45 -20.10
N ILE D 147 -26.01 -12.27 -20.90
CA ILE D 147 -26.70 -13.18 -21.80
C ILE D 147 -27.58 -14.13 -21.00
N ALA D 148 -27.16 -14.42 -19.77
CA ALA D 148 -27.92 -15.31 -18.91
C ALA D 148 -29.33 -14.76 -18.74
N ASP D 149 -29.43 -13.44 -18.58
CA ASP D 149 -30.73 -12.80 -18.47
C ASP D 149 -31.45 -12.77 -19.82
N TRP D 150 -30.71 -12.47 -20.89
CA TRP D 150 -31.32 -12.33 -22.21
C TRP D 150 -32.04 -13.62 -22.55
N PHE D 151 -31.31 -14.71 -22.39
CA PHE D 151 -31.81 -16.04 -22.70
C PHE D 151 -33.06 -16.29 -21.88
N ALA D 152 -33.01 -15.93 -20.60
CA ALA D 152 -34.14 -16.19 -19.73
C ALA D 152 -35.37 -15.52 -20.30
N ASP D 153 -35.21 -14.25 -20.70
CA ASP D 153 -36.33 -13.48 -21.20
C ASP D 153 -36.86 -14.16 -22.46
N TYR D 154 -35.94 -14.59 -23.32
CA TYR D 154 -36.31 -15.25 -24.57
C TYR D 154 -37.10 -16.49 -24.18
N GLY D 155 -36.56 -17.24 -23.22
CA GLY D 155 -37.20 -18.45 -22.77
C GLY D 155 -38.62 -18.16 -22.33
N GLN D 156 -38.79 -17.07 -21.59
CA GLN D 156 -40.10 -16.75 -21.04
C GLN D 156 -41.10 -16.60 -22.16
N VAL D 157 -40.69 -15.89 -23.21
CA VAL D 157 -41.57 -15.65 -24.34
C VAL D 157 -42.15 -16.95 -24.88
N LEU D 158 -41.31 -17.97 -24.95
CA LEU D 158 -41.77 -19.24 -25.49
C LEU D 158 -42.62 -19.94 -24.44
N PHE D 159 -42.15 -19.94 -23.20
CA PHE D 159 -42.80 -20.66 -22.10
C PHE D 159 -44.27 -20.26 -21.98
N GLU D 160 -44.52 -18.97 -22.12
CA GLU D 160 -45.87 -18.42 -22.01
C GLU D 160 -46.66 -18.65 -23.29
N LYS D 161 -46.00 -18.54 -24.43
CA LYS D 161 -46.70 -18.66 -25.70
C LYS D 161 -47.21 -20.07 -25.93
N PHE D 162 -46.42 -21.05 -25.54
CA PHE D 162 -46.75 -22.45 -25.79
C PHE D 162 -47.10 -23.21 -24.51
N LYS D 163 -47.47 -22.46 -23.46
CA LYS D 163 -47.87 -23.05 -22.20
C LYS D 163 -49.05 -24.01 -22.37
N GLY D 164 -48.86 -25.25 -21.94
CA GLY D 164 -49.89 -26.27 -22.07
C GLY D 164 -49.87 -27.02 -23.38
N ARG D 165 -49.12 -26.51 -24.35
CA ARG D 165 -48.98 -27.18 -25.64
C ARG D 165 -47.61 -27.87 -25.78
N VAL D 166 -46.55 -27.14 -25.49
CA VAL D 166 -45.22 -27.74 -25.45
C VAL D 166 -44.85 -28.04 -24.00
N LYS D 167 -44.81 -29.33 -23.68
CA LYS D 167 -44.59 -29.78 -22.30
C LYS D 167 -43.15 -30.23 -22.05
N THR D 168 -42.40 -30.50 -23.12
CA THR D 168 -41.01 -30.89 -22.95
C THR D 168 -40.03 -29.91 -23.63
N TRP D 169 -39.22 -29.31 -22.77
CA TRP D 169 -38.33 -28.23 -23.15
C TRP D 169 -36.86 -28.58 -22.94
N GLY D 170 -36.06 -28.29 -23.95
CA GLY D 170 -34.61 -28.33 -23.84
C GLY D 170 -34.15 -26.89 -23.81
N THR D 171 -33.14 -26.61 -23.01
CA THR D 171 -32.63 -25.25 -22.91
C THR D 171 -31.56 -25.06 -23.97
N ILE D 172 -30.43 -25.69 -23.76
CA ILE D 172 -29.29 -25.59 -24.67
C ILE D 172 -28.93 -26.95 -25.27
N ASN D 173 -28.71 -26.96 -26.58
CA ASN D 173 -28.28 -28.17 -27.28
C ASN D 173 -26.77 -28.22 -27.42
N GLU D 174 -26.15 -29.12 -26.67
CA GLU D 174 -24.71 -29.37 -26.77
C GLU D 174 -23.85 -28.14 -26.52
N PRO D 175 -23.71 -27.74 -25.24
CA PRO D 175 -22.81 -26.65 -24.86
C PRO D 175 -21.40 -26.85 -25.39
N TRP D 176 -20.92 -28.09 -25.39
CA TRP D 176 -19.55 -28.37 -25.84
C TRP D 176 -19.34 -28.02 -27.30
N CYS D 177 -20.28 -28.36 -28.17
CA CYS D 177 -20.13 -28.00 -29.58
C CYS D 177 -20.14 -26.49 -29.77
N ILE D 178 -21.06 -25.82 -29.08
CA ILE D 178 -21.15 -24.37 -29.10
C ILE D 178 -19.83 -23.69 -28.72
N VAL D 179 -19.22 -24.16 -27.63
CA VAL D 179 -18.03 -23.50 -27.09
C VAL D 179 -16.72 -23.95 -27.76
N ASP D 180 -16.55 -25.26 -27.87
CA ASP D 180 -15.36 -25.84 -28.49
C ASP D 180 -15.28 -25.49 -29.96
N GLY D 181 -16.43 -25.57 -30.64
CA GLY D 181 -16.50 -25.23 -32.04
C GLY D 181 -16.57 -23.74 -32.30
N GLY D 182 -17.30 -23.02 -31.46
CA GLY D 182 -17.52 -21.60 -31.68
C GLY D 182 -16.51 -20.64 -31.09
N TYR D 183 -15.87 -21.02 -30.00
CA TYR D 183 -15.00 -20.10 -29.27
C TYR D 183 -13.57 -20.61 -29.07
N LEU D 184 -13.40 -21.93 -29.00
CA LEU D 184 -12.08 -22.50 -28.77
C LEU D 184 -11.30 -22.66 -30.08
N HIS D 185 -11.92 -23.28 -31.08
CA HIS D 185 -11.22 -23.57 -32.33
C HIS D 185 -11.71 -22.75 -33.54
N GLY D 186 -12.92 -22.20 -33.45
CA GLY D 186 -13.41 -21.31 -34.49
C GLY D 186 -13.93 -21.94 -35.77
N ALA D 187 -14.28 -23.21 -35.70
CA ALA D 187 -14.80 -23.90 -36.88
C ALA D 187 -16.29 -23.61 -37.05
N LEU D 188 -16.95 -23.21 -35.96
CA LEU D 188 -18.35 -22.83 -35.98
C LEU D 188 -18.53 -21.35 -35.64
N ALA D 189 -19.68 -20.79 -36.03
CA ALA D 189 -20.03 -19.44 -35.61
C ALA D 189 -19.98 -19.33 -34.09
N PRO D 190 -19.48 -18.19 -33.57
CA PRO D 190 -19.06 -16.99 -34.31
C PRO D 190 -17.63 -17.02 -34.82
N GLY D 191 -16.99 -18.18 -34.80
CA GLY D 191 -15.66 -18.33 -35.38
C GLY D 191 -14.52 -17.71 -34.59
N HIS D 192 -14.60 -17.73 -33.26
CA HIS D 192 -13.48 -17.29 -32.43
C HIS D 192 -12.57 -18.45 -32.09
N ARG D 193 -11.29 -18.16 -31.85
CA ARG D 193 -10.34 -19.18 -31.46
C ARG D 193 -9.52 -18.71 -30.27
N SER D 194 -9.96 -19.08 -29.07
CA SER D 194 -9.39 -18.58 -27.82
C SER D 194 -9.79 -19.43 -26.63
N ALA D 195 -8.80 -19.92 -25.88
CA ALA D 195 -9.08 -20.68 -24.67
C ALA D 195 -9.69 -19.78 -23.60
N TYR D 196 -9.17 -18.56 -23.53
CA TYR D 196 -9.66 -17.54 -22.60
C TYR D 196 -11.14 -17.31 -22.82
N GLU D 197 -11.54 -17.16 -24.08
CA GLU D 197 -12.92 -16.94 -24.42
C GLU D 197 -13.74 -18.21 -24.21
N ALA D 198 -13.13 -19.36 -24.50
CA ALA D 198 -13.81 -20.65 -24.36
C ALA D 198 -14.29 -20.94 -22.93
N VAL D 199 -13.42 -20.71 -21.93
CA VAL D 199 -13.84 -20.98 -20.56
C VAL D 199 -15.02 -20.08 -20.14
N ILE D 200 -14.93 -18.79 -20.48
CA ILE D 200 -15.96 -17.81 -20.17
C ILE D 200 -17.29 -18.15 -20.85
N ALA D 201 -17.20 -18.49 -22.13
CA ALA D 201 -18.38 -18.85 -22.89
C ALA D 201 -19.06 -20.07 -22.32
N GLY D 202 -18.27 -21.10 -21.97
CA GLY D 202 -18.82 -22.29 -21.34
C GLY D 202 -19.56 -21.95 -20.06
N HIS D 203 -18.91 -21.14 -19.23
CA HIS D 203 -19.50 -20.72 -17.96
C HIS D 203 -20.82 -19.99 -18.14
N ASN D 204 -20.86 -19.04 -19.07
CA ASN D 204 -22.08 -18.27 -19.31
C ASN D 204 -23.18 -19.07 -20.00
N VAL D 205 -22.79 -20.08 -20.79
CA VAL D 205 -23.77 -21.01 -21.34
C VAL D 205 -24.45 -21.78 -20.21
N LEU D 206 -23.65 -22.26 -19.26
CA LEU D 206 -24.20 -22.95 -18.10
C LEU D 206 -25.12 -22.04 -17.28
N ARG D 207 -24.66 -20.80 -17.05
CA ARG D 207 -25.46 -19.81 -16.32
C ARG D 207 -26.78 -19.52 -17.04
N ALA D 208 -26.73 -19.43 -18.36
CA ALA D 208 -27.92 -19.16 -19.15
C ALA D 208 -28.91 -20.30 -18.97
N HIS D 209 -28.41 -21.53 -19.00
CA HIS D 209 -29.25 -22.69 -18.74
C HIS D 209 -29.94 -22.59 -17.37
N GLY D 210 -29.16 -22.30 -16.33
CA GLY D 210 -29.73 -22.17 -15.00
C GLY D 210 -30.80 -21.11 -14.89
N ALA D 211 -30.51 -19.95 -15.47
CA ALA D 211 -31.46 -18.83 -15.48
C ALA D 211 -32.74 -19.22 -16.19
N ALA D 212 -32.60 -19.93 -17.31
CA ALA D 212 -33.77 -20.38 -18.06
C ALA D 212 -34.62 -21.36 -17.26
N VAL D 213 -33.96 -22.24 -16.51
CA VAL D 213 -34.69 -23.21 -15.70
C VAL D 213 -35.46 -22.49 -14.59
N ARG D 214 -34.81 -21.53 -13.94
CA ARG D 214 -35.49 -20.72 -12.92
C ARG D 214 -36.71 -19.96 -13.47
N ARG D 215 -36.51 -19.30 -14.61
CA ARG D 215 -37.59 -18.55 -15.24
C ARG D 215 -38.74 -19.51 -15.56
N PHE D 216 -38.37 -20.72 -15.98
CA PHE D 216 -39.36 -21.74 -16.27
C PHE D 216 -40.13 -22.14 -15.02
N ARG D 217 -39.45 -22.21 -13.87
CA ARG D 217 -40.13 -22.51 -12.62
C ARG D 217 -41.12 -21.40 -12.28
N GLU D 218 -40.76 -20.18 -12.62
CA GLU D 218 -41.61 -19.03 -12.30
C GLU D 218 -42.84 -18.92 -13.21
N VAL D 219 -42.66 -19.18 -14.50
CA VAL D 219 -43.71 -18.86 -15.46
C VAL D 219 -44.10 -20.02 -16.37
N GLY D 220 -43.38 -21.14 -16.27
CA GLY D 220 -43.59 -22.23 -17.22
C GLY D 220 -44.42 -23.40 -16.72
N GLU D 221 -44.66 -24.36 -17.61
CA GLU D 221 -45.43 -25.55 -17.28
C GLU D 221 -44.86 -26.77 -18.01
N GLY D 222 -44.58 -27.84 -17.25
CA GLY D 222 -44.04 -29.06 -17.82
C GLY D 222 -42.64 -29.41 -17.34
N GLN D 223 -41.86 -30.04 -18.22
CA GLN D 223 -40.53 -30.49 -17.86
C GLN D 223 -39.46 -29.81 -18.71
N ILE D 224 -38.35 -29.45 -18.08
CA ILE D 224 -37.28 -28.73 -18.75
C ILE D 224 -35.93 -29.38 -18.40
N GLY D 225 -35.01 -29.35 -19.37
CA GLY D 225 -33.69 -29.91 -19.15
C GLY D 225 -32.70 -29.47 -20.21
N ILE D 226 -31.43 -29.80 -20.01
CA ILE D 226 -30.39 -29.48 -20.99
C ILE D 226 -30.10 -30.72 -21.85
N VAL D 227 -29.43 -30.50 -22.97
CA VAL D 227 -29.04 -31.59 -23.86
C VAL D 227 -27.51 -31.59 -24.03
N LEU D 228 -26.87 -32.66 -23.58
CA LEU D 228 -25.41 -32.77 -23.68
C LEU D 228 -25.01 -33.82 -24.69
N ASN D 229 -23.98 -33.54 -25.48
CA ASN D 229 -23.34 -34.61 -26.26
C ASN D 229 -22.22 -35.22 -25.45
N ILE D 230 -22.08 -36.53 -25.53
CA ILE D 230 -21.03 -37.25 -24.82
C ILE D 230 -20.33 -38.18 -25.79
N GLU D 231 -19.00 -38.16 -25.76
CA GLU D 231 -18.21 -39.05 -26.59
C GLU D 231 -17.23 -39.79 -25.69
N PRO D 232 -17.62 -40.99 -25.26
CA PRO D 232 -16.86 -41.80 -24.30
C PRO D 232 -15.42 -42.04 -24.73
N LYS D 233 -14.48 -41.82 -23.81
CA LYS D 233 -13.06 -41.95 -24.12
C LYS D 233 -12.47 -43.25 -23.58
N TYR D 234 -12.07 -44.13 -24.50
CA TYR D 234 -11.52 -45.44 -24.14
C TYR D 234 -9.99 -45.44 -24.15
N PRO D 235 -9.38 -46.37 -23.38
CA PRO D 235 -7.91 -46.42 -23.30
C PRO D 235 -7.26 -46.87 -24.61
N ALA D 236 -6.21 -46.16 -25.02
CA ALA D 236 -5.46 -46.49 -26.23
C ALA D 236 -4.38 -47.52 -25.92
N SER D 237 -3.96 -47.55 -24.67
CA SER D 237 -2.88 -48.41 -24.22
C SER D 237 -2.87 -48.40 -22.70
N ASP D 238 -1.90 -49.08 -22.10
CA ASP D 238 -1.77 -49.10 -20.64
C ASP D 238 -0.65 -48.17 -20.19
N LYS D 239 -0.05 -47.47 -21.15
CA LYS D 239 0.93 -46.42 -20.89
C LYS D 239 0.28 -45.29 -20.09
N PRO D 240 0.96 -44.82 -19.03
CA PRO D 240 0.38 -43.80 -18.14
C PRO D 240 0.15 -42.42 -18.76
N GLU D 241 1.01 -41.98 -19.68
CA GLU D 241 0.78 -40.71 -20.34
C GLU D 241 -0.47 -40.75 -21.20
N ASP D 242 -0.80 -41.92 -21.72
CA ASP D 242 -2.01 -42.09 -22.52
C ASP D 242 -3.27 -42.08 -21.65
N GLU D 243 -3.15 -42.58 -20.43
CA GLU D 243 -4.30 -42.54 -19.51
C GLU D 243 -4.52 -41.10 -19.05
N ALA D 244 -3.42 -40.38 -18.83
CA ALA D 244 -3.52 -38.96 -18.50
C ALA D 244 -4.15 -38.16 -19.65
N ALA D 245 -3.76 -38.51 -20.87
CA ALA D 245 -4.35 -37.92 -22.07
C ALA D 245 -5.85 -38.18 -22.13
N ARG D 246 -6.21 -39.45 -21.93
CA ARG D 246 -7.61 -39.87 -21.91
C ARG D 246 -8.43 -39.06 -20.90
N ARG D 247 -7.87 -38.87 -19.71
CA ARG D 247 -8.60 -38.13 -18.68
C ARG D 247 -8.72 -36.65 -19.01
N ARG D 248 -7.67 -36.07 -19.62
CA ARG D 248 -7.76 -34.69 -20.12
C ARG D 248 -8.89 -34.54 -21.15
N ALA D 249 -8.92 -35.42 -22.14
CA ALA D 249 -9.92 -35.34 -23.21
C ALA D 249 -11.33 -35.53 -22.65
N GLU D 250 -11.45 -36.54 -21.78
CA GLU D 250 -12.70 -36.84 -21.10
C GLU D 250 -13.20 -35.66 -20.30
N ALA D 251 -12.28 -34.99 -19.61
CA ALA D 251 -12.63 -33.84 -18.80
C ALA D 251 -13.10 -32.68 -19.66
N GLN D 252 -12.38 -32.42 -20.75
CA GLN D 252 -12.70 -31.28 -21.60
C GLN D 252 -14.00 -31.46 -22.37
N MET D 253 -14.32 -32.70 -22.74
CA MET D 253 -15.49 -32.91 -23.59
C MET D 253 -16.74 -33.39 -22.82
N ASN D 254 -16.56 -34.34 -21.91
CA ASN D 254 -17.69 -35.01 -21.27
C ASN D 254 -18.06 -34.54 -19.86
N ARG D 255 -17.11 -33.98 -19.12
CA ARG D 255 -17.36 -33.61 -17.73
C ARG D 255 -17.42 -32.11 -17.48
N TRP D 256 -16.92 -31.33 -18.42
CA TRP D 256 -16.90 -29.87 -18.33
C TRP D 256 -18.24 -29.28 -17.91
N PHE D 257 -19.31 -29.77 -18.49
CA PHE D 257 -20.64 -29.23 -18.23
C PHE D 257 -21.46 -30.08 -17.26
N LEU D 258 -21.39 -31.39 -17.40
CA LEU D 258 -22.17 -32.31 -16.56
C LEU D 258 -21.87 -32.14 -15.07
N ASP D 259 -20.59 -32.04 -14.72
CA ASP D 259 -20.18 -31.92 -13.32
C ASP D 259 -20.73 -30.68 -12.59
N PRO D 260 -20.54 -29.47 -13.16
CA PRO D 260 -21.15 -28.34 -12.45
C PRO D 260 -22.67 -28.39 -12.46
N LEU D 261 -23.26 -29.01 -13.49
CA LEU D 261 -24.70 -29.22 -13.53
C LEU D 261 -25.17 -30.15 -12.42
N MET D 262 -24.30 -31.04 -11.97
CA MET D 262 -24.65 -31.94 -10.88
C MET D 262 -24.17 -31.40 -9.55
N GLY D 263 -23.71 -30.16 -9.55
CA GLY D 263 -23.26 -29.52 -8.32
C GLY D 263 -21.88 -29.97 -7.88
N ARG D 264 -21.10 -30.52 -8.81
CA ARG D 264 -19.80 -31.08 -8.47
C ARG D 264 -18.64 -30.13 -8.81
N GLY D 265 -18.95 -28.91 -9.22
CA GLY D 265 -17.93 -27.97 -9.67
C GLY D 265 -17.29 -28.37 -10.99
N TYR D 266 -16.30 -27.60 -11.44
CA TYR D 266 -15.57 -27.91 -12.66
C TYR D 266 -14.51 -28.99 -12.43
N PRO D 267 -14.36 -29.88 -13.41
CA PRO D 267 -13.31 -30.92 -13.41
C PRO D 267 -11.93 -30.32 -13.15
N GLU D 268 -11.15 -30.97 -12.29
CA GLU D 268 -9.85 -30.45 -11.91
C GLU D 268 -8.90 -30.39 -13.11
N GLU D 269 -9.03 -31.36 -14.01
CA GLU D 269 -8.12 -31.48 -15.15
C GLU D 269 -8.19 -30.26 -16.07
N LEU D 270 -9.28 -29.51 -15.99
CA LEU D 270 -9.44 -28.36 -16.84
C LEU D 270 -8.36 -27.34 -16.54
N THR D 271 -7.94 -27.28 -15.28
CA THR D 271 -6.86 -26.38 -14.86
C THR D 271 -5.61 -26.66 -15.69
N ASP D 272 -5.39 -27.93 -15.99
CA ASP D 272 -4.25 -28.33 -16.80
C ASP D 272 -4.51 -28.12 -18.30
N VAL D 273 -5.76 -28.32 -18.72
CA VAL D 273 -6.07 -28.23 -20.14
C VAL D 273 -5.99 -26.77 -20.60
N TYR D 274 -6.56 -25.87 -19.81
CA TYR D 274 -6.69 -24.47 -20.21
C TYR D 274 -5.63 -23.55 -19.60
N GLY D 275 -4.90 -24.07 -18.61
CA GLY D 275 -3.79 -23.36 -18.00
C GLY D 275 -4.13 -21.96 -17.52
N ALA D 276 -3.37 -20.98 -18.01
CA ALA D 276 -3.53 -19.59 -17.63
C ALA D 276 -4.88 -19.00 -18.07
N ALA D 277 -5.56 -19.67 -18.98
CA ALA D 277 -6.86 -19.20 -19.44
C ALA D 277 -7.98 -19.60 -18.49
N TRP D 278 -7.70 -20.57 -17.62
CA TRP D 278 -8.69 -21.01 -16.64
C TRP D 278 -8.97 -19.92 -15.63
N ARG D 279 -10.20 -19.88 -15.13
CA ARG D 279 -10.60 -18.84 -14.20
C ARG D 279 -11.39 -19.42 -13.04
N GLU D 280 -11.35 -18.74 -11.90
CA GLU D 280 -12.25 -19.06 -10.81
C GLU D 280 -13.46 -18.14 -10.89
N PHE D 281 -14.64 -18.69 -10.69
CA PHE D 281 -15.86 -17.91 -10.76
C PHE D 281 -16.55 -17.89 -9.39
N PRO D 282 -17.34 -16.84 -9.13
CA PRO D 282 -18.08 -16.68 -7.87
C PRO D 282 -18.97 -17.87 -7.53
N LYS D 283 -19.09 -18.16 -6.24
CA LYS D 283 -19.82 -19.32 -5.75
C LYS D 283 -21.30 -19.39 -6.17
N GLU D 284 -21.98 -18.25 -6.22
CA GLU D 284 -23.41 -18.25 -6.54
C GLU D 284 -23.68 -18.63 -7.99
N ASP D 285 -22.67 -18.45 -8.85
CA ASP D 285 -22.79 -18.87 -10.24
C ASP D 285 -23.10 -20.36 -10.32
N PHE D 286 -22.41 -21.14 -9.49
CA PHE D 286 -22.58 -22.59 -9.46
C PHE D 286 -23.91 -22.98 -8.84
N GLU D 287 -24.43 -22.15 -7.94
CA GLU D 287 -25.78 -22.32 -7.44
C GLU D 287 -26.80 -22.14 -8.55
N LEU D 288 -26.62 -21.11 -9.37
CA LEU D 288 -27.48 -20.89 -10.53
C LEU D 288 -27.38 -22.04 -11.53
N ILE D 289 -26.15 -22.48 -11.81
CA ILE D 289 -25.88 -23.51 -12.80
C ILE D 289 -26.49 -24.86 -12.43
N ALA D 290 -26.50 -25.17 -11.13
CA ALA D 290 -26.98 -26.47 -10.67
C ALA D 290 -28.48 -26.48 -10.38
N GLU D 291 -29.18 -25.45 -10.84
CA GLU D 291 -30.63 -25.39 -10.71
C GLU D 291 -31.27 -26.69 -11.22
N PRO D 292 -32.00 -27.40 -10.33
CA PRO D 292 -32.55 -28.72 -10.59
C PRO D 292 -33.42 -28.83 -11.84
N THR D 293 -33.15 -29.86 -12.64
CA THR D 293 -33.88 -30.08 -13.89
C THR D 293 -34.81 -31.28 -13.77
N ASP D 294 -35.66 -31.46 -14.77
CA ASP D 294 -36.66 -32.53 -14.73
C ASP D 294 -36.22 -33.74 -15.56
N TRP D 295 -35.41 -33.50 -16.57
CA TRP D 295 -34.93 -34.56 -17.46
C TRP D 295 -33.62 -34.14 -18.12
N MET D 296 -32.94 -35.10 -18.75
CA MET D 296 -31.74 -34.75 -19.50
C MET D 296 -31.68 -35.46 -20.84
N GLY D 297 -31.24 -34.73 -21.86
CA GLY D 297 -31.07 -35.28 -23.18
C GLY D 297 -29.62 -35.64 -23.46
N LEU D 298 -29.44 -36.80 -24.07
CA LEU D 298 -28.13 -37.23 -24.52
C LEU D 298 -28.08 -37.28 -26.03
N ASN D 299 -27.11 -36.56 -26.59
CA ASN D 299 -26.75 -36.69 -27.99
C ASN D 299 -25.55 -37.59 -28.10
N TRP D 300 -25.69 -38.70 -28.83
CA TRP D 300 -24.63 -39.69 -28.88
C TRP D 300 -24.45 -40.21 -30.31
N TYR D 301 -23.20 -40.38 -30.71
CA TYR D 301 -22.90 -40.83 -32.06
C TYR D 301 -21.80 -41.89 -32.08
N THR D 302 -20.80 -41.73 -31.24
CA THR D 302 -19.60 -42.54 -31.33
C THR D 302 -18.75 -42.47 -30.07
N ARG D 303 -17.62 -43.17 -30.11
CA ARG D 303 -16.63 -43.11 -29.04
C ARG D 303 -15.31 -42.59 -29.59
N ALA D 304 -14.34 -42.37 -28.70
CA ALA D 304 -13.00 -42.03 -29.12
C ALA D 304 -11.96 -42.79 -28.31
N VAL D 305 -10.77 -42.94 -28.87
CA VAL D 305 -9.68 -43.64 -28.21
C VAL D 305 -8.46 -42.72 -28.19
N PRO D 306 -8.42 -41.81 -27.20
CA PRO D 306 -7.38 -40.78 -27.20
C PRO D 306 -6.03 -41.30 -26.72
N GLU D 307 -4.98 -40.79 -27.35
CA GLU D 307 -3.61 -41.06 -26.93
C GLU D 307 -2.91 -39.73 -26.71
N ASN D 308 -1.75 -39.77 -26.06
CA ASN D 308 -0.99 -38.56 -25.76
C ASN D 308 -0.51 -37.86 -27.04
N ALA D 309 -0.64 -36.53 -27.05
CA ALA D 309 -0.24 -35.72 -28.20
C ALA D 309 0.19 -34.34 -27.75
N PRO D 310 1.48 -34.19 -27.42
CA PRO D 310 2.02 -32.99 -26.78
C PRO D 310 1.75 -31.68 -27.52
N ASP D 311 1.57 -31.73 -28.83
CA ASP D 311 1.37 -30.53 -29.63
C ASP D 311 -0.10 -30.26 -29.98
N ALA D 312 -0.99 -31.13 -29.51
CA ALA D 312 -2.41 -30.96 -29.79
C ALA D 312 -3.02 -30.00 -28.77
N TRP D 313 -3.42 -28.82 -29.23
CA TRP D 313 -3.94 -27.78 -28.35
C TRP D 313 -5.46 -27.82 -28.27
N PRO D 314 -6.02 -27.74 -27.05
CA PRO D 314 -5.32 -27.62 -25.77
C PRO D 314 -5.31 -28.87 -24.89
N THR D 315 -5.95 -29.96 -25.31
CA THR D 315 -6.09 -31.14 -24.46
C THR D 315 -4.89 -32.07 -24.51
N ARG D 316 -3.98 -31.79 -25.44
CA ARG D 316 -2.79 -32.61 -25.69
C ARG D 316 -3.13 -34.08 -25.83
N SER D 317 -4.18 -34.36 -26.59
CA SER D 317 -4.61 -35.71 -26.86
C SER D 317 -5.11 -35.79 -28.30
N ARG D 318 -5.14 -37.00 -28.85
CA ARG D 318 -5.67 -37.18 -30.21
C ARG D 318 -6.24 -38.59 -30.36
N PRO D 319 -7.34 -38.72 -31.11
CA PRO D 319 -7.95 -40.04 -31.26
C PRO D 319 -7.13 -41.00 -32.12
N VAL D 320 -7.11 -42.27 -31.71
CA VAL D 320 -6.47 -43.32 -32.49
C VAL D 320 -7.51 -43.97 -33.39
N ARG D 321 -7.22 -44.00 -34.70
CA ARG D 321 -8.18 -44.55 -35.66
C ARG D 321 -8.40 -46.03 -35.40
N GLN D 322 -9.66 -46.40 -35.18
CA GLN D 322 -10.01 -47.79 -34.89
C GLN D 322 -10.39 -48.48 -36.20
N THR D 323 -9.37 -48.93 -36.93
CA THR D 323 -9.55 -49.45 -38.27
C THR D 323 -10.30 -50.79 -38.33
N GLN D 324 -10.54 -51.39 -37.18
CA GLN D 324 -11.24 -52.67 -37.13
C GLN D 324 -12.75 -52.50 -37.34
N HIS D 325 -13.23 -51.26 -37.27
CA HIS D 325 -14.67 -51.01 -37.40
C HIS D 325 -15.02 -50.09 -38.57
N ALA D 326 -16.28 -50.14 -38.98
CA ALA D 326 -16.79 -49.25 -40.02
C ALA D 326 -16.80 -47.80 -39.53
N HIS D 327 -16.58 -46.86 -40.46
CA HIS D 327 -16.67 -45.44 -40.14
C HIS D 327 -17.66 -44.70 -41.02
N THR D 328 -18.34 -43.72 -40.44
CA THR D 328 -19.31 -42.90 -41.15
C THR D 328 -18.66 -41.84 -42.04
N GLU D 329 -19.49 -41.08 -42.74
CA GLU D 329 -19.02 -40.01 -43.64
C GLU D 329 -18.42 -38.84 -42.87
N THR D 330 -18.76 -38.74 -41.59
CA THR D 330 -18.14 -37.76 -40.72
C THR D 330 -16.90 -38.31 -40.03
N GLY D 331 -16.55 -39.55 -40.36
CA GLY D 331 -15.36 -40.18 -39.81
C GLY D 331 -15.52 -40.70 -38.41
N TRP D 332 -16.75 -40.98 -37.99
CA TRP D 332 -17.00 -41.44 -36.64
C TRP D 332 -17.13 -42.95 -36.60
N GLU D 333 -16.37 -43.57 -35.70
CA GLU D 333 -16.39 -45.03 -35.54
C GLU D 333 -17.79 -45.52 -35.17
N VAL D 334 -18.19 -46.62 -35.80
CA VAL D 334 -19.45 -47.27 -35.47
C VAL D 334 -19.21 -48.36 -34.42
N TYR D 335 -19.68 -48.13 -33.20
CA TYR D 335 -19.45 -49.05 -32.09
C TYR D 335 -20.53 -48.93 -31.03
N PRO D 336 -21.66 -49.63 -31.26
CA PRO D 336 -22.87 -49.60 -30.42
C PRO D 336 -22.69 -49.88 -28.92
N PRO D 337 -21.77 -50.78 -28.51
CA PRO D 337 -21.70 -51.01 -27.06
C PRO D 337 -21.40 -49.74 -26.26
N ALA D 338 -20.63 -48.83 -26.84
CA ALA D 338 -20.24 -47.61 -26.16
C ALA D 338 -21.45 -46.73 -25.89
N LEU D 339 -22.52 -46.93 -26.63
CA LEU D 339 -23.76 -46.21 -26.35
C LEU D 339 -24.31 -46.73 -25.03
N THR D 340 -24.41 -48.06 -24.91
CA THR D 340 -24.94 -48.69 -23.71
C THR D 340 -24.13 -48.23 -22.51
N ASP D 341 -22.82 -48.34 -22.63
CA ASP D 341 -21.92 -47.96 -21.56
C ASP D 341 -22.20 -46.53 -21.17
N THR D 342 -22.33 -45.66 -22.17
CA THR D 342 -22.45 -44.24 -21.91
C THR D 342 -23.72 -44.02 -21.11
N LEU D 343 -24.79 -44.70 -21.51
CA LEU D 343 -26.06 -44.49 -20.87
C LEU D 343 -25.93 -44.89 -19.42
N VAL D 344 -25.24 -46.00 -19.17
CA VAL D 344 -25.07 -46.47 -17.81
C VAL D 344 -24.29 -45.43 -17.06
N TRP D 345 -23.21 -44.98 -17.70
CA TRP D 345 -22.32 -44.00 -17.08
C TRP D 345 -23.13 -42.79 -16.71
N LEU D 346 -24.03 -42.40 -17.62
CA LEU D 346 -24.73 -41.14 -17.43
C LEU D 346 -25.70 -41.32 -16.27
N SER D 347 -26.34 -42.50 -16.24
CA SER D 347 -27.26 -42.81 -15.15
C SER D 347 -26.56 -42.69 -13.81
N GLU D 348 -25.30 -43.12 -13.78
CA GLU D 348 -24.55 -43.08 -12.55
C GLU D 348 -24.18 -41.64 -12.18
N GLN D 349 -23.84 -40.84 -13.18
CA GLN D 349 -23.40 -39.47 -12.93
C GLN D 349 -24.56 -38.61 -12.42
N THR D 350 -25.77 -38.97 -12.82
CA THR D 350 -26.96 -38.23 -12.42
C THR D 350 -27.70 -38.95 -11.29
N GLY D 351 -27.07 -40.01 -10.77
CA GLY D 351 -27.60 -40.72 -9.62
C GLY D 351 -28.81 -41.60 -9.85
N GLY D 352 -29.14 -41.84 -11.12
CA GLY D 352 -30.28 -42.67 -11.46
C GLY D 352 -31.61 -41.98 -11.24
N LYS D 353 -31.56 -40.79 -10.66
CA LYS D 353 -32.75 -40.02 -10.31
C LYS D 353 -33.29 -39.18 -11.45
N LEU D 354 -32.48 -38.95 -12.48
CA LEU D 354 -32.87 -38.07 -13.56
C LEU D 354 -33.28 -38.84 -14.81
N PRO D 355 -34.56 -38.73 -15.19
CA PRO D 355 -35.07 -39.34 -16.42
C PRO D 355 -34.29 -38.87 -17.65
N LEU D 356 -33.85 -39.83 -18.44
CA LEU D 356 -33.00 -39.55 -19.59
C LEU D 356 -33.72 -39.81 -20.90
N MET D 357 -33.30 -39.10 -21.94
CA MET D 357 -33.82 -39.33 -23.29
C MET D 357 -32.68 -39.17 -24.28
N VAL D 358 -32.58 -40.10 -25.22
CA VAL D 358 -31.62 -39.93 -26.30
C VAL D 358 -32.23 -38.96 -27.30
N THR D 359 -31.76 -37.71 -27.25
CA THR D 359 -32.35 -36.66 -28.09
C THR D 359 -31.73 -36.60 -29.47
N GLU D 360 -30.59 -37.24 -29.65
CA GLU D 360 -29.97 -37.39 -30.96
C GLU D 360 -29.16 -38.66 -31.07
N ASN D 361 -29.43 -39.42 -32.12
CA ASN D 361 -28.60 -40.55 -32.50
C ASN D 361 -28.83 -40.86 -33.97
N GLY D 362 -27.75 -41.07 -34.71
CA GLY D 362 -27.85 -41.32 -36.14
C GLY D 362 -26.48 -41.36 -36.79
N SER D 363 -26.46 -41.44 -38.12
CA SER D 363 -25.21 -41.62 -38.86
C SER D 363 -25.28 -41.02 -40.25
N ALA D 364 -24.13 -40.58 -40.74
CA ALA D 364 -24.03 -40.02 -42.09
C ALA D 364 -23.33 -40.98 -43.05
N TRP D 365 -24.01 -41.34 -44.12
CA TRP D 365 -23.44 -42.15 -45.19
C TRP D 365 -23.74 -41.50 -46.53
N TYR D 366 -23.00 -41.85 -47.58
CA TYR D 366 -23.26 -41.24 -48.87
C TYR D 366 -24.60 -41.69 -49.45
N ASP D 367 -25.37 -40.71 -49.88
CA ASP D 367 -26.56 -40.95 -50.69
C ASP D 367 -26.45 -40.12 -51.95
N PRO D 368 -27.00 -40.61 -53.06
CA PRO D 368 -27.04 -39.80 -54.28
C PRO D 368 -27.92 -38.56 -54.08
N PRO D 369 -27.72 -37.52 -54.90
CA PRO D 369 -28.46 -36.27 -54.71
C PRO D 369 -29.92 -36.37 -55.13
N HIS D 370 -30.27 -37.45 -55.81
CA HIS D 370 -31.65 -37.66 -56.23
C HIS D 370 -32.08 -39.09 -55.89
N ALA D 371 -33.39 -39.30 -55.78
CA ALA D 371 -33.90 -40.64 -55.55
C ALA D 371 -33.63 -41.52 -56.77
N ILE D 372 -33.59 -42.83 -56.55
CA ILE D 372 -33.39 -43.77 -57.64
C ILE D 372 -34.54 -44.76 -57.70
N ASP D 373 -35.23 -44.73 -58.84
CA ASP D 373 -36.64 -45.06 -58.97
C ASP D 373 -37.43 -44.98 -57.66
N GLY D 374 -37.68 -43.75 -57.21
CA GLY D 374 -38.47 -43.50 -56.02
C GLY D 374 -37.91 -44.04 -54.72
N ARG D 375 -36.61 -44.32 -54.69
CA ARG D 375 -36.01 -44.95 -53.52
C ARG D 375 -34.60 -44.43 -53.18
N ILE D 376 -34.24 -44.58 -51.91
CA ILE D 376 -32.88 -44.37 -51.44
C ILE D 376 -32.47 -45.55 -50.57
N HIS D 377 -31.52 -46.35 -51.05
CA HIS D 377 -31.09 -47.54 -50.33
C HIS D 377 -29.85 -47.27 -49.48
N ASP D 378 -30.05 -47.18 -48.16
CA ASP D 378 -28.95 -46.86 -47.25
C ASP D 378 -28.76 -47.95 -46.19
N PRO D 379 -28.27 -49.13 -46.60
CA PRO D 379 -28.17 -50.29 -45.71
C PRO D 379 -27.27 -50.08 -44.48
N MET D 380 -26.24 -49.25 -44.60
CA MET D 380 -25.37 -48.98 -43.46
C MET D 380 -26.07 -48.12 -42.40
N ARG D 381 -26.93 -47.21 -42.85
CA ARG D 381 -27.68 -46.37 -41.92
C ARG D 381 -28.72 -47.22 -41.20
N VAL D 382 -29.30 -48.16 -41.92
CA VAL D 382 -30.23 -49.13 -41.35
C VAL D 382 -29.54 -49.97 -40.28
N HIS D 383 -28.34 -50.45 -40.61
CA HIS D 383 -27.52 -51.23 -39.68
C HIS D 383 -27.21 -50.45 -38.41
N TYR D 384 -26.76 -49.21 -38.58
CA TYR D 384 -26.46 -48.33 -37.46
C TYR D 384 -27.69 -48.22 -36.58
N LEU D 385 -28.83 -48.01 -37.23
CA LEU D 385 -30.08 -47.83 -36.53
C LEU D 385 -30.45 -49.04 -35.67
N GLN D 386 -30.48 -50.22 -36.27
CA GLN D 386 -30.94 -51.39 -35.51
C GLN D 386 -29.97 -51.73 -34.39
N THR D 387 -28.66 -51.63 -34.66
CA THR D 387 -27.70 -52.02 -33.62
C THR D 387 -27.71 -51.04 -32.45
N HIS D 388 -27.86 -49.76 -32.73
CA HIS D 388 -27.82 -48.78 -31.65
C HIS D 388 -29.14 -48.76 -30.86
N ILE D 389 -30.25 -49.07 -31.53
CA ILE D 389 -31.53 -49.17 -30.83
C ILE D 389 -31.51 -50.41 -29.91
N LYS D 390 -30.96 -51.51 -30.42
CA LYS D 390 -30.73 -52.68 -29.56
C LYS D 390 -29.86 -52.31 -28.37
N ALA D 391 -28.86 -51.46 -28.60
CA ALA D 391 -27.98 -51.02 -27.52
C ALA D 391 -28.76 -50.21 -26.48
N LEU D 392 -29.79 -49.50 -26.94
CA LEU D 392 -30.65 -48.76 -26.02
C LEU D 392 -31.38 -49.75 -25.14
N HIS D 393 -31.92 -50.79 -25.76
CA HIS D 393 -32.60 -51.82 -24.99
C HIS D 393 -31.68 -52.42 -23.94
N ASP D 394 -30.43 -52.70 -24.32
CA ASP D 394 -29.44 -53.21 -23.39
C ASP D 394 -29.24 -52.26 -22.22
N ALA D 395 -29.19 -50.96 -22.51
CA ALA D 395 -29.02 -49.97 -21.45
C ALA D 395 -30.22 -49.99 -20.48
N ILE D 396 -31.43 -50.14 -21.04
CA ILE D 396 -32.63 -50.18 -20.23
C ILE D 396 -32.64 -51.40 -19.32
N GLY D 397 -32.21 -52.54 -19.85
CA GLY D 397 -32.09 -53.76 -19.07
C GLY D 397 -31.12 -53.67 -17.90
N LYS D 398 -30.18 -52.72 -17.96
CA LYS D 398 -29.22 -52.53 -16.88
C LYS D 398 -29.67 -51.45 -15.89
N GLY D 399 -30.93 -51.04 -16.00
CA GLY D 399 -31.53 -50.16 -15.02
C GLY D 399 -31.53 -48.68 -15.33
N VAL D 400 -31.09 -48.29 -16.53
CA VAL D 400 -31.12 -46.90 -16.93
C VAL D 400 -32.54 -46.44 -17.20
N ASP D 401 -32.91 -45.28 -16.66
CA ASP D 401 -34.26 -44.74 -16.82
C ASP D 401 -34.35 -43.98 -18.13
N LEU D 402 -34.53 -44.73 -19.23
CA LEU D 402 -34.54 -44.17 -20.57
C LEU D 402 -35.98 -44.00 -21.05
N ARG D 403 -36.37 -42.78 -21.35
CA ARG D 403 -37.78 -42.51 -21.66
C ARG D 403 -38.07 -42.35 -23.16
N GLY D 404 -37.04 -42.20 -23.98
CA GLY D 404 -37.26 -41.97 -25.39
C GLY D 404 -36.03 -41.92 -26.27
N TYR D 405 -36.27 -41.85 -27.58
CA TYR D 405 -35.22 -41.89 -28.59
C TYR D 405 -35.60 -41.05 -29.81
N MET D 406 -34.73 -40.11 -30.13
CA MET D 406 -34.94 -39.25 -31.29
C MET D 406 -33.85 -39.46 -32.32
N VAL D 407 -34.23 -39.87 -33.53
CA VAL D 407 -33.25 -40.05 -34.60
C VAL D 407 -32.80 -38.71 -35.17
N TRP D 408 -31.49 -38.49 -35.20
CA TRP D 408 -30.92 -37.42 -36.01
C TRP D 408 -30.51 -37.98 -37.37
N SER D 409 -31.18 -37.57 -38.43
CA SER D 409 -32.19 -36.52 -38.38
C SER D 409 -33.39 -36.91 -39.24
N LEU D 410 -34.50 -36.22 -39.06
CA LEU D 410 -35.67 -36.42 -39.90
C LEU D 410 -35.33 -36.19 -41.37
N LEU D 411 -34.62 -35.11 -41.64
CA LEU D 411 -34.29 -34.73 -43.01
C LEU D 411 -32.78 -34.60 -43.23
N ASP D 412 -32.32 -34.98 -44.42
CA ASP D 412 -31.01 -34.53 -44.89
C ASP D 412 -31.01 -33.02 -44.78
N ASN D 413 -29.98 -32.45 -44.18
CA ASN D 413 -29.95 -31.02 -43.95
C ASN D 413 -28.56 -30.42 -44.01
N LEU D 414 -28.45 -29.16 -43.65
CA LEU D 414 -27.16 -28.49 -43.60
C LEU D 414 -26.39 -28.91 -42.35
N GLU D 415 -25.35 -29.71 -42.55
CA GLU D 415 -24.49 -30.14 -41.46
C GLU D 415 -23.46 -29.06 -41.16
N TRP D 416 -23.99 -27.89 -40.79
CA TRP D 416 -23.21 -26.71 -40.44
C TRP D 416 -22.05 -26.44 -41.39
N SER D 417 -20.84 -26.32 -40.86
CA SER D 417 -19.67 -26.00 -41.67
C SER D 417 -19.32 -27.05 -42.73
N LEU D 418 -19.82 -28.26 -42.57
CA LEU D 418 -19.57 -29.32 -43.53
C LEU D 418 -20.61 -29.30 -44.66
N GLY D 419 -21.55 -28.36 -44.58
CA GLY D 419 -22.51 -28.17 -45.64
C GLY D 419 -23.49 -29.32 -45.85
N TYR D 420 -23.92 -29.49 -47.10
CA TYR D 420 -24.95 -30.47 -47.44
C TYR D 420 -24.33 -31.82 -47.82
N SER D 421 -23.01 -31.90 -47.76
CA SER D 421 -22.28 -33.12 -48.12
C SER D 421 -22.48 -34.26 -47.12
N LYS D 422 -22.91 -33.94 -45.90
CA LYS D 422 -23.12 -34.96 -44.87
C LYS D 422 -24.60 -35.19 -44.60
N ARG D 423 -25.12 -36.32 -45.07
CA ARG D 423 -26.55 -36.62 -44.94
C ARG D 423 -26.87 -37.49 -43.72
N PHE D 424 -27.66 -36.94 -42.81
CA PHE D 424 -28.02 -37.62 -41.57
C PHE D 424 -29.48 -38.06 -41.58
N GLY D 425 -30.21 -37.66 -42.61
CA GLY D 425 -31.63 -37.90 -42.68
C GLY D 425 -32.05 -39.35 -42.84
N ILE D 426 -33.21 -39.68 -42.26
CA ILE D 426 -33.89 -40.92 -42.58
C ILE D 426 -34.88 -40.62 -43.71
N VAL D 427 -35.06 -39.33 -43.99
CA VAL D 427 -35.73 -38.91 -45.20
C VAL D 427 -34.74 -38.13 -46.07
N HIS D 428 -34.59 -38.61 -47.30
CA HIS D 428 -33.73 -37.99 -48.30
C HIS D 428 -34.33 -36.69 -48.81
N VAL D 429 -33.49 -35.67 -48.92
CA VAL D 429 -33.89 -34.41 -49.51
C VAL D 429 -33.06 -34.11 -50.76
N ASN D 430 -33.75 -34.00 -51.90
CA ASN D 430 -33.14 -33.51 -53.13
C ASN D 430 -33.10 -31.99 -53.05
N PHE D 431 -31.92 -31.43 -52.81
CA PHE D 431 -31.79 -30.00 -52.56
C PHE D 431 -31.94 -29.14 -53.83
N ALA D 432 -31.97 -29.78 -54.99
CA ALA D 432 -32.23 -29.07 -56.23
C ALA D 432 -33.72 -28.82 -56.42
N THR D 433 -34.54 -29.75 -55.95
CA THR D 433 -35.98 -29.73 -56.20
C THR D 433 -36.79 -29.68 -54.92
N GLN D 434 -36.13 -29.83 -53.78
CA GLN D 434 -36.76 -29.90 -52.45
C GLN D 434 -37.68 -31.10 -52.28
N GLU D 435 -37.64 -32.02 -53.23
CA GLU D 435 -38.38 -33.28 -53.16
C GLU D 435 -37.89 -34.20 -52.04
N ARG D 436 -38.82 -34.73 -51.25
CA ARG D 436 -38.49 -35.69 -50.21
C ARG D 436 -38.73 -37.13 -50.63
N THR D 437 -37.81 -38.01 -50.26
CA THR D 437 -37.96 -39.45 -50.51
C THR D 437 -37.58 -40.22 -49.25
N ILE D 438 -38.49 -41.02 -48.73
CA ILE D 438 -38.19 -41.78 -47.52
C ILE D 438 -37.17 -42.88 -47.79
N LYS D 439 -36.09 -42.88 -47.02
CA LYS D 439 -35.02 -43.86 -47.15
C LYS D 439 -35.42 -45.19 -46.53
N ASP D 440 -34.67 -46.23 -46.85
CA ASP D 440 -34.86 -47.54 -46.24
C ASP D 440 -34.75 -47.47 -44.71
N SER D 441 -33.90 -46.57 -44.22
CA SER D 441 -33.72 -46.36 -42.79
C SER D 441 -34.95 -45.79 -42.10
N GLY D 442 -35.60 -44.81 -42.75
CA GLY D 442 -36.84 -44.24 -42.26
C GLY D 442 -37.94 -45.28 -42.25
N LEU D 443 -37.96 -46.07 -43.31
CA LEU D 443 -38.90 -47.18 -43.43
C LEU D 443 -38.79 -48.18 -42.29
N PHE D 444 -37.55 -48.58 -42.04
CA PHE D 444 -37.25 -49.54 -40.99
C PHE D 444 -37.59 -48.96 -39.64
N TYR D 445 -37.28 -47.69 -39.46
CA TYR D 445 -37.57 -47.01 -38.21
C TYR D 445 -39.06 -46.95 -37.97
N ALA D 446 -39.83 -46.76 -39.04
CA ALA D 446 -41.28 -46.74 -38.94
C ALA D 446 -41.77 -48.09 -38.44
N GLU D 447 -41.15 -49.16 -38.97
CA GLU D 447 -41.50 -50.49 -38.48
C GLU D 447 -41.08 -50.73 -37.02
N VAL D 448 -39.95 -50.17 -36.60
CA VAL D 448 -39.51 -50.28 -35.21
C VAL D 448 -40.50 -49.60 -34.27
N ILE D 449 -40.96 -48.40 -34.65
CA ILE D 449 -41.94 -47.68 -33.86
C ILE D 449 -43.23 -48.47 -33.77
N LYS D 450 -43.75 -48.88 -34.93
CA LYS D 450 -45.03 -49.58 -34.98
C LYS D 450 -45.03 -50.84 -34.12
N THR D 451 -43.94 -51.61 -34.19
CA THR D 451 -43.85 -52.85 -33.42
C THR D 451 -43.29 -52.59 -32.03
N HIS D 452 -43.07 -51.32 -31.71
CA HIS D 452 -42.46 -50.90 -30.44
C HIS D 452 -41.19 -51.67 -30.12
N GLY D 453 -40.44 -52.02 -31.16
CA GLY D 453 -39.15 -52.66 -30.99
C GLY D 453 -39.16 -54.15 -31.32
N ASP D 454 -40.35 -54.74 -31.39
CA ASP D 454 -40.48 -56.18 -31.60
C ASP D 454 -39.91 -56.67 -32.92
N VAL D 455 -39.74 -55.77 -33.89
CA VAL D 455 -39.22 -56.14 -35.20
C VAL D 455 -37.75 -56.58 -35.10
N LEU D 456 -37.07 -56.11 -34.05
CA LEU D 456 -35.67 -56.41 -33.83
C LEU D 456 -35.36 -57.82 -33.33
N ASN D 457 -36.31 -58.41 -32.60
CA ASN D 457 -36.20 -59.79 -32.08
C ASN D 457 -35.44 -60.77 -32.98
N SER E 11 37.13 41.08 11.05
CA SER E 11 36.97 41.25 12.49
C SER E 11 35.81 40.39 13.01
N TYR E 12 35.88 40.00 14.28
CA TYR E 12 34.81 39.24 14.90
C TYR E 12 34.39 39.80 16.25
N ARG E 13 34.59 41.11 16.44
CA ARG E 13 34.07 41.76 17.64
C ARG E 13 32.54 41.76 17.60
N PHE E 14 31.93 41.45 18.73
CA PHE E 14 30.49 41.32 18.81
C PHE E 14 29.82 42.64 19.20
N PRO E 15 28.51 42.77 18.94
CA PRO E 15 27.80 44.02 19.26
C PRO E 15 27.90 44.43 20.72
N GLU E 16 27.78 45.73 20.98
CA GLU E 16 27.82 46.24 22.35
C GLU E 16 26.66 45.67 23.16
N GLY E 17 26.94 45.23 24.38
CA GLY E 17 25.91 44.68 25.24
C GLY E 17 25.64 43.21 25.01
N PHE E 18 26.36 42.62 24.06
CA PHE E 18 26.22 41.19 23.76
C PHE E 18 26.56 40.35 24.98
N LEU E 19 25.65 39.47 25.36
CA LEU E 19 25.74 38.77 26.65
C LEU E 19 26.35 37.37 26.53
N TRP E 20 27.46 37.16 27.24
CA TRP E 20 28.14 35.87 27.25
C TRP E 20 27.87 35.07 28.52
N GLY E 21 27.56 33.78 28.37
CA GLY E 21 27.31 32.93 29.51
C GLY E 21 27.43 31.44 29.27
N ALA E 22 26.94 30.68 30.25
CA ALA E 22 26.90 29.22 30.18
C ALA E 22 25.61 28.72 30.81
N ALA E 23 25.23 27.50 30.48
CA ALA E 23 23.92 26.99 30.88
C ALA E 23 23.99 25.64 31.57
N THR E 24 23.00 25.37 32.41
CA THR E 24 22.87 24.10 33.13
C THR E 24 21.39 23.77 33.28
N ALA E 25 21.10 22.59 33.82
CA ALA E 25 19.73 22.25 34.20
C ALA E 25 19.75 21.54 35.54
N ALA E 26 18.66 21.66 36.29
CA ALA E 26 18.62 21.22 37.68
C ALA E 26 18.93 19.74 37.89
N TYR E 27 18.17 18.86 37.25
CA TYR E 27 18.35 17.42 37.49
C TYR E 27 19.70 16.92 37.00
N GLN E 28 20.31 17.66 36.08
CA GLN E 28 21.56 17.25 35.48
C GLN E 28 22.77 17.57 36.35
N ILE E 29 22.62 18.52 37.28
CA ILE E 29 23.76 18.95 38.10
C ILE E 29 23.55 18.94 39.60
N GLU E 30 22.31 19.07 40.06
CA GLU E 30 22.07 19.40 41.47
C GLU E 30 22.38 18.29 42.47
N GLY E 31 21.88 17.09 42.21
CA GLY E 31 21.90 16.05 43.22
C GLY E 31 20.94 16.43 44.34
N SER E 32 21.00 15.70 45.45
CA SER E 32 20.15 15.98 46.62
C SER E 32 18.68 16.10 46.21
N SER E 33 18.21 15.17 45.39
CA SER E 33 16.91 15.28 44.76
C SER E 33 15.78 15.15 45.77
N MET E 34 16.02 14.45 46.86
CA MET E 34 15.00 14.26 47.88
C MET E 34 15.32 14.99 49.18
N ALA E 35 16.26 15.92 49.14
CA ALA E 35 16.72 16.60 50.34
C ALA E 35 15.89 17.83 50.71
N ASP E 36 15.81 18.10 52.02
CA ASP E 36 15.19 19.31 52.55
C ASP E 36 13.77 19.58 52.03
N GLY E 37 12.90 18.58 52.10
CA GLY E 37 11.52 18.75 51.70
C GLY E 37 11.23 18.54 50.22
N ALA E 38 12.28 18.40 49.42
CA ALA E 38 12.14 18.29 47.97
C ALA E 38 11.27 17.11 47.57
N GLY E 39 10.38 17.35 46.62
CA GLY E 39 9.51 16.30 46.13
C GLY E 39 10.14 15.35 45.14
N GLU E 40 9.41 14.29 44.83
CA GLU E 40 9.83 13.30 43.85
C GLU E 40 9.44 13.75 42.44
N SER E 41 10.38 13.70 41.51
CA SER E 41 10.07 14.03 40.12
C SER E 41 9.99 12.77 39.27
N ILE E 42 9.54 12.93 38.02
CA ILE E 42 9.44 11.82 37.10
C ILE E 42 10.80 11.21 36.76
N TRP E 43 11.85 12.01 36.88
CA TRP E 43 13.21 11.52 36.62
C TRP E 43 13.80 10.75 37.80
N ASP E 44 13.35 11.07 39.01
CA ASP E 44 13.69 10.26 40.18
C ASP E 44 13.21 8.82 39.95
N ARG E 45 11.99 8.69 39.48
CA ARG E 45 11.42 7.40 39.14
C ARG E 45 12.12 6.74 37.94
N PHE E 46 12.23 7.51 36.86
CA PHE E 46 12.76 6.99 35.59
C PHE E 46 14.18 6.46 35.72
N SER E 47 15.04 7.23 36.39
CA SER E 47 16.44 6.86 36.50
C SER E 47 16.67 5.67 37.42
N HIS E 48 15.69 5.38 38.28
CA HIS E 48 15.83 4.26 39.21
C HIS E 48 15.03 3.06 38.74
N THR E 49 14.74 3.00 37.44
CA THR E 49 14.14 1.83 36.83
C THR E 49 15.19 1.23 35.91
N PRO E 50 15.54 -0.04 36.14
CA PRO E 50 16.64 -0.68 35.40
C PRO E 50 16.41 -0.70 33.89
N GLY E 51 17.47 -0.43 33.14
CA GLY E 51 17.39 -0.43 31.68
C GLY E 51 17.18 0.94 31.05
N ASN E 52 16.71 1.91 31.84
CA ASN E 52 16.41 3.23 31.30
C ASN E 52 17.64 4.10 31.09
N MET E 53 18.64 3.92 31.95
CA MET E 53 19.81 4.79 31.95
C MET E 53 21.08 4.00 31.67
N LYS E 54 21.96 4.58 30.87
CA LYS E 54 23.24 3.96 30.56
C LYS E 54 24.06 3.75 31.83
N ASP E 55 24.57 2.53 31.99
CA ASP E 55 25.38 2.15 33.15
C ASP E 55 24.62 2.27 34.49
N GLY E 56 23.30 2.43 34.42
CA GLY E 56 22.49 2.63 35.61
C GLY E 56 22.69 3.95 36.31
N ASP E 57 23.19 4.96 35.58
CA ASP E 57 23.41 6.28 36.14
C ASP E 57 22.12 6.93 36.63
N THR E 58 22.23 7.73 37.68
CA THR E 58 21.10 8.52 38.17
C THR E 58 21.57 9.94 38.47
N GLY E 59 20.61 10.83 38.73
CA GLY E 59 20.92 12.20 39.13
C GLY E 59 21.00 12.40 40.64
N ASP E 60 21.17 11.31 41.38
CA ASP E 60 21.24 11.36 42.84
C ASP E 60 22.33 12.28 43.36
N VAL E 61 23.50 12.24 42.71
CA VAL E 61 24.62 13.08 43.12
C VAL E 61 24.94 14.11 42.06
N ALA E 62 25.09 13.65 40.82
CA ALA E 62 25.44 14.51 39.70
C ALA E 62 26.70 15.31 40.00
N CYS E 63 26.59 16.64 39.94
CA CYS E 63 27.71 17.51 40.24
C CYS E 63 27.67 18.03 41.68
N ASP E 64 26.73 17.52 42.47
CA ASP E 64 26.55 17.95 43.86
C ASP E 64 26.45 19.48 43.96
N HIS E 65 25.85 20.10 42.94
CA HIS E 65 25.78 21.55 42.85
C HIS E 65 24.94 22.17 43.98
N TYR E 66 23.97 21.42 44.48
CA TYR E 66 23.14 21.86 45.59
C TYR E 66 23.99 22.21 46.80
N ASN E 67 25.11 21.49 46.95
CA ASN E 67 26.05 21.73 48.04
C ASN E 67 27.25 22.61 47.64
N ARG E 68 27.61 22.61 46.37
CA ARG E 68 28.84 23.28 45.91
C ARG E 68 28.61 24.49 44.98
N TRP E 69 27.41 25.07 45.06
CA TRP E 69 27.06 26.17 44.16
C TRP E 69 27.95 27.40 44.30
N ARG E 70 28.44 27.70 45.50
CA ARG E 70 29.36 28.82 45.68
C ARG E 70 30.67 28.59 44.93
N GLU E 71 31.24 27.40 45.06
CA GLU E 71 32.43 27.02 44.32
C GLU E 71 32.17 27.15 42.82
N ASP E 72 30.98 26.72 42.39
CA ASP E 72 30.63 26.80 40.99
C ASP E 72 30.53 28.25 40.51
N ILE E 73 30.04 29.14 41.36
CA ILE E 73 29.98 30.57 41.05
C ILE E 73 31.38 31.18 40.94
N GLU E 74 32.28 30.77 41.83
CA GLU E 74 33.67 31.22 41.75
C GLU E 74 34.26 30.78 40.42
N LEU E 75 33.86 29.57 39.99
CA LEU E 75 34.27 29.07 38.68
C LEU E 75 33.70 29.94 37.56
N MET E 76 32.45 30.39 37.71
CA MET E 76 31.86 31.30 36.73
C MET E 76 32.67 32.59 36.64
N LYS E 77 33.10 33.10 37.78
CA LYS E 77 33.93 34.31 37.82
C LYS E 77 35.27 34.09 37.12
N ARG E 78 35.89 32.95 37.34
CA ARG E 78 37.13 32.66 36.62
C ARG E 78 36.93 32.61 35.11
N LEU E 79 35.71 32.26 34.68
CA LEU E 79 35.37 32.20 33.26
C LEU E 79 34.86 33.52 32.66
N ASN E 80 34.80 34.56 33.48
CA ASN E 80 34.33 35.89 33.05
C ASN E 80 32.87 35.88 32.56
N LEU E 81 32.06 34.97 33.09
CA LEU E 81 30.67 34.87 32.65
C LEU E 81 29.87 36.13 33.01
N GLN E 82 29.01 36.56 32.11
CA GLN E 82 28.17 37.73 32.33
C GLN E 82 26.73 37.31 32.59
N ALA E 83 26.44 36.04 32.27
CA ALA E 83 25.12 35.48 32.49
C ALA E 83 25.23 34.00 32.81
N TYR E 84 24.28 33.51 33.60
CA TYR E 84 24.22 32.09 33.92
C TYR E 84 22.80 31.59 33.71
N ARG E 85 22.62 30.69 32.76
CA ARG E 85 21.30 30.13 32.52
C ARG E 85 21.13 28.82 33.26
N PHE E 86 20.08 28.74 34.08
CA PHE E 86 19.87 27.58 34.90
C PHE E 86 18.37 27.30 34.99
N SER E 87 18.00 26.11 35.44
CA SER E 87 16.59 25.82 35.63
C SER E 87 16.27 25.61 37.11
N VAL E 88 15.00 25.82 37.46
CA VAL E 88 14.53 25.59 38.81
C VAL E 88 13.74 24.30 38.86
N SER E 89 14.08 23.42 39.79
CA SER E 89 13.34 22.18 39.94
C SER E 89 11.98 22.45 40.59
N TRP E 90 10.93 22.23 39.82
CA TRP E 90 9.54 22.42 40.24
C TRP E 90 9.24 21.68 41.53
N SER E 91 9.67 20.42 41.60
CA SER E 91 9.36 19.59 42.75
C SER E 91 10.22 19.96 43.97
N ARG E 92 11.34 20.63 43.76
CA ARG E 92 12.15 21.10 44.86
C ARG E 92 11.46 22.29 45.53
N VAL E 93 10.72 23.05 44.73
CA VAL E 93 10.05 24.25 45.22
C VAL E 93 8.63 23.92 45.65
N ILE E 94 7.96 23.07 44.87
CA ILE E 94 6.62 22.62 45.18
C ILE E 94 6.53 21.10 45.06
N PRO E 95 6.79 20.38 46.18
CA PRO E 95 6.96 18.93 46.20
C PRO E 95 5.81 18.15 45.59
N GLN E 96 4.58 18.62 45.74
CA GLN E 96 3.43 17.94 45.16
C GLN E 96 2.99 18.58 43.85
N GLY E 97 3.76 19.53 43.35
CA GLY E 97 3.46 20.20 42.10
C GLY E 97 2.43 21.31 42.29
N ARG E 98 1.46 21.05 43.15
CA ARG E 98 0.50 22.05 43.61
C ARG E 98 0.51 22.10 45.13
N GLY E 99 0.04 23.20 45.70
CA GLY E 99 -0.11 23.29 47.14
C GLY E 99 1.05 23.91 47.88
N ALA E 100 1.47 23.27 48.95
CA ALA E 100 2.45 23.82 49.87
C ALA E 100 3.81 24.08 49.22
N ILE E 101 4.36 25.26 49.49
CA ILE E 101 5.70 25.60 49.03
C ILE E 101 6.71 24.99 50.00
N ASN E 102 7.85 24.54 49.47
CA ASN E 102 8.93 24.02 50.30
C ASN E 102 9.95 25.12 50.52
N PRO E 103 9.95 25.68 51.74
CA PRO E 103 10.75 26.86 52.10
C PRO E 103 12.24 26.74 51.82
N LYS E 104 12.85 25.63 52.21
CA LYS E 104 14.28 25.44 52.01
C LYS E 104 14.64 25.29 50.53
N GLY E 105 13.78 24.61 49.78
CA GLY E 105 14.00 24.40 48.36
C GLY E 105 14.01 25.71 47.61
N LEU E 106 13.04 26.56 47.90
CA LEU E 106 12.97 27.89 47.29
C LEU E 106 14.14 28.74 47.79
N ALA E 107 14.53 28.51 49.05
CA ALA E 107 15.63 29.25 49.66
C ALA E 107 16.96 28.97 48.96
N PHE E 108 17.14 27.75 48.47
CA PHE E 108 18.33 27.41 47.70
C PHE E 108 18.50 28.34 46.51
N TYR E 109 17.43 28.50 45.73
CA TYR E 109 17.46 29.36 44.55
C TYR E 109 17.53 30.83 44.94
N ASP E 110 16.99 31.16 46.11
CA ASP E 110 17.13 32.51 46.65
C ASP E 110 18.61 32.85 46.88
N ARG E 111 19.29 31.96 47.59
CA ARG E 111 20.72 32.12 47.89
C ARG E 111 21.52 32.14 46.60
N LEU E 112 21.19 31.23 45.68
CA LEU E 112 21.89 31.12 44.41
C LEU E 112 21.79 32.41 43.60
N VAL E 113 20.57 32.92 43.43
CA VAL E 113 20.34 34.12 42.63
C VAL E 113 21.01 35.34 43.27
N ASP E 114 20.88 35.47 44.59
CA ASP E 114 21.51 36.57 45.30
C ASP E 114 23.03 36.53 45.13
N GLY E 115 23.58 35.31 45.23
CA GLY E 115 25.01 35.08 45.05
C GLY E 115 25.49 35.41 43.66
N LEU E 116 24.65 35.12 42.67
CA LEU E 116 24.98 35.44 41.28
C LEU E 116 25.03 36.95 41.09
N LEU E 117 24.02 37.62 41.63
CA LEU E 117 23.95 39.08 41.54
C LEU E 117 25.14 39.75 42.24
N GLU E 118 25.58 39.18 43.36
CA GLU E 118 26.77 39.69 44.03
C GLU E 118 28.01 39.64 43.14
N ALA E 119 28.09 38.60 42.31
CA ALA E 119 29.24 38.40 41.44
C ALA E 119 29.15 39.16 40.12
N GLY E 120 28.01 39.83 39.90
CA GLY E 120 27.81 40.56 38.66
C GLY E 120 27.37 39.69 37.50
N ILE E 121 26.80 38.53 37.81
CA ILE E 121 26.35 37.60 36.79
C ILE E 121 24.81 37.60 36.68
N GLU E 122 24.31 37.81 35.46
CA GLU E 122 22.86 37.85 35.21
C GLU E 122 22.19 36.48 35.25
N PRO E 123 21.22 36.31 36.15
CA PRO E 123 20.52 35.03 36.24
C PRO E 123 19.43 34.87 35.18
N LEU E 124 19.57 33.83 34.35
CA LEU E 124 18.59 33.52 33.33
C LEU E 124 17.84 32.27 33.76
N ALA E 125 16.58 32.43 34.16
CA ALA E 125 15.90 31.31 34.80
C ALA E 125 14.96 30.56 33.87
N THR E 126 14.99 29.24 33.93
CA THR E 126 14.07 28.40 33.17
C THR E 126 13.10 27.70 34.13
N LEU E 127 11.80 27.82 33.87
CA LEU E 127 10.80 27.24 34.76
C LEU E 127 10.78 25.72 34.67
N TYR E 128 10.80 25.20 33.44
CA TYR E 128 10.67 23.77 33.24
C TYR E 128 11.76 23.19 32.35
N HIS E 129 12.60 22.34 32.96
CA HIS E 129 13.63 21.65 32.21
C HIS E 129 13.51 20.14 32.46
N TRP E 130 12.33 19.63 32.14
CA TRP E 130 12.05 18.20 31.95
C TRP E 130 11.76 17.45 33.25
N ASP E 131 11.80 18.14 34.39
CA ASP E 131 11.67 17.47 35.67
C ASP E 131 10.30 17.70 36.32
N LEU E 132 9.25 17.21 35.67
CA LEU E 132 7.89 17.29 36.22
C LEU E 132 7.77 16.59 37.58
N PRO E 133 7.08 17.24 38.53
CA PRO E 133 6.75 16.59 39.80
C PRO E 133 5.95 15.31 39.57
N ALA E 134 6.36 14.21 40.20
CA ALA E 134 5.70 12.92 39.99
C ALA E 134 4.23 12.93 40.38
N ALA E 135 3.88 13.76 41.35
CA ALA E 135 2.51 13.87 41.81
C ALA E 135 1.58 14.38 40.72
N LEU E 136 2.11 15.22 39.84
CA LEU E 136 1.34 15.74 38.72
C LEU E 136 1.29 14.70 37.60
N ASP E 137 2.34 13.90 37.50
CA ASP E 137 2.39 12.78 36.57
C ASP E 137 1.35 11.73 36.89
N ASP E 138 1.09 11.53 38.18
CA ASP E 138 0.06 10.61 38.61
C ASP E 138 -1.34 11.14 38.29
N ARG E 139 -1.41 12.44 37.98
CA ARG E 139 -2.66 13.06 37.53
C ARG E 139 -2.67 13.23 36.02
N GLY E 140 -1.74 12.57 35.33
CA GLY E 140 -1.74 12.54 33.88
C GLY E 140 -0.61 13.34 33.22
N GLY E 141 0.09 14.14 34.01
CA GLY E 141 1.17 14.96 33.50
C GLY E 141 0.76 15.87 32.36
N TRP E 142 1.55 15.86 31.29
CA TRP E 142 1.30 16.71 30.12
C TRP E 142 0.11 16.28 29.28
N LEU E 143 -0.54 15.19 29.68
CA LEU E 143 -1.75 14.74 29.00
C LEU E 143 -2.97 15.42 29.62
N ASN E 144 -2.78 15.97 30.81
CA ASN E 144 -3.85 16.67 31.52
C ASN E 144 -3.78 18.17 31.24
N PRO E 145 -4.83 18.71 30.58
CA PRO E 145 -4.88 20.13 30.23
C PRO E 145 -4.75 21.07 31.42
N ASP E 146 -5.17 20.60 32.60
CA ASP E 146 -5.08 21.40 33.82
C ASP E 146 -3.64 21.79 34.15
N ILE E 147 -2.68 21.10 33.53
CA ILE E 147 -1.28 21.40 33.78
C ILE E 147 -0.97 22.83 33.36
N ALA E 148 -1.73 23.32 32.38
CA ALA E 148 -1.53 24.69 31.91
C ALA E 148 -1.71 25.64 33.08
N ASP E 149 -2.71 25.37 33.90
CA ASP E 149 -2.93 26.15 35.10
C ASP E 149 -1.87 25.85 36.15
N TRP E 150 -1.55 24.57 36.33
CA TRP E 150 -0.61 24.17 37.38
C TRP E 150 0.69 24.90 37.15
N PHE E 151 1.17 24.82 35.91
CA PHE E 151 2.41 25.44 35.51
C PHE E 151 2.35 26.92 35.78
N ALA E 152 1.23 27.53 35.42
CA ALA E 152 1.09 28.97 35.59
C ALA E 152 1.29 29.32 37.06
N ASP E 153 0.65 28.56 37.94
CA ASP E 153 0.74 28.85 39.36
C ASP E 153 2.18 28.74 39.80
N TYR E 154 2.85 27.70 39.31
CA TYR E 154 4.24 27.46 39.66
C TYR E 154 5.03 28.67 39.20
N GLY E 155 4.80 29.09 37.97
CA GLY E 155 5.50 30.25 37.42
C GLY E 155 5.33 31.43 38.35
N GLN E 156 4.10 31.63 38.82
CA GLN E 156 3.81 32.80 39.64
C GLN E 156 4.69 32.81 40.87
N VAL E 157 4.84 31.64 41.50
CA VAL E 157 5.63 31.54 42.73
C VAL E 157 7.01 32.11 42.48
N LEU E 158 7.57 31.80 41.32
CA LEU E 158 8.91 32.27 41.03
C LEU E 158 8.86 33.74 40.64
N PHE E 159 7.87 34.10 39.81
CA PHE E 159 7.75 35.45 39.28
C PHE E 159 7.74 36.50 40.38
N GLU E 160 7.02 36.20 41.45
CA GLU E 160 6.90 37.11 42.58
C GLU E 160 8.13 37.02 43.49
N LYS E 161 8.68 35.82 43.65
CA LYS E 161 9.81 35.63 44.56
C LYS E 161 11.07 36.32 44.08
N PHE E 162 11.30 36.30 42.77
CA PHE E 162 12.52 36.85 42.21
C PHE E 162 12.25 38.10 41.39
N LYS E 163 11.13 38.75 41.68
CA LYS E 163 10.75 39.98 41.02
C LYS E 163 11.85 41.04 41.16
N GLY E 164 12.35 41.53 40.04
CA GLY E 164 13.42 42.53 40.05
C GLY E 164 14.83 41.97 40.10
N ARG E 165 14.96 40.69 40.41
CA ARG E 165 16.26 40.04 40.46
C ARG E 165 16.51 39.17 39.23
N VAL E 166 15.53 38.33 38.89
CA VAL E 166 15.56 37.58 37.64
C VAL E 166 14.69 38.31 36.62
N LYS E 167 15.32 38.89 35.61
CA LYS E 167 14.60 39.71 34.64
C LYS E 167 14.35 38.96 33.33
N THR E 168 15.11 37.90 33.10
CA THR E 168 14.92 37.11 31.89
C THR E 168 14.51 35.66 32.17
N TRP E 169 13.31 35.35 31.69
CA TRP E 169 12.63 34.09 31.98
C TRP E 169 12.37 33.25 30.75
N GLY E 170 12.68 31.96 30.87
CA GLY E 170 12.28 30.95 29.93
C GLY E 170 11.19 30.12 30.56
N THR E 171 10.19 29.74 29.78
CA THR E 171 9.09 28.93 30.29
C THR E 171 9.45 27.46 30.16
N ILE E 172 9.46 26.98 28.93
CA ILE E 172 9.76 25.58 28.65
C ILE E 172 11.02 25.41 27.80
N ASN E 173 11.87 24.48 28.22
CA ASN E 173 13.08 24.14 27.47
C ASN E 173 12.85 22.94 26.56
N GLU E 174 12.84 23.22 25.25
CA GLU E 174 12.73 22.18 24.21
C GLU E 174 11.50 21.30 24.33
N PRO E 175 10.33 21.83 23.94
CA PRO E 175 9.10 21.05 23.88
C PRO E 175 9.25 19.76 23.06
N TRP E 176 10.02 19.81 21.97
CA TRP E 176 10.18 18.64 21.11
C TRP E 176 10.86 17.48 21.82
N CYS E 177 11.91 17.76 22.58
CA CYS E 177 12.58 16.70 23.32
C CYS E 177 11.66 16.12 24.39
N ILE E 178 10.94 17.00 25.08
CA ILE E 178 9.98 16.59 26.11
C ILE E 178 8.94 15.62 25.55
N VAL E 179 8.35 15.97 24.41
CA VAL E 179 7.24 15.17 23.87
C VAL E 179 7.71 13.96 23.04
N ASP E 180 8.63 14.19 22.11
CA ASP E 180 9.17 13.14 21.26
C ASP E 180 9.96 12.12 22.08
N GLY E 181 10.76 12.60 23.02
CA GLY E 181 11.53 11.71 23.88
C GLY E 181 10.70 11.12 25.02
N GLY E 182 9.82 11.93 25.59
CA GLY E 182 9.07 11.51 26.77
C GLY E 182 7.76 10.78 26.52
N TYR E 183 7.10 11.06 25.40
CA TYR E 183 5.76 10.52 25.15
C TYR E 183 5.64 9.74 23.85
N LEU E 184 6.45 10.09 22.84
CA LEU E 184 6.37 9.43 21.55
C LEU E 184 7.20 8.15 21.50
N HIS E 185 8.47 8.24 21.89
CA HIS E 185 9.38 7.10 21.79
C HIS E 185 9.75 6.50 23.15
N GLY E 186 9.58 7.27 24.21
CA GLY E 186 9.78 6.76 25.56
C GLY E 186 11.21 6.62 26.02
N ALA E 187 12.13 7.33 25.38
CA ALA E 187 13.54 7.25 25.78
C ALA E 187 13.81 8.16 26.97
N LEU E 188 12.95 9.14 27.17
CA LEU E 188 13.03 10.05 28.32
C LEU E 188 11.82 9.88 29.23
N ALA E 189 11.96 10.31 30.48
CA ALA E 189 10.83 10.38 31.42
C ALA E 189 9.71 11.21 30.83
N PRO E 190 8.45 10.78 31.04
CA PRO E 190 8.04 9.65 31.89
C PRO E 190 8.05 8.31 31.17
N GLY E 191 8.65 8.24 29.99
CA GLY E 191 8.83 6.97 29.29
C GLY E 191 7.61 6.35 28.63
N HIS E 192 6.72 7.17 28.09
CA HIS E 192 5.58 6.66 27.34
C HIS E 192 5.92 6.52 25.85
N ARG E 193 5.24 5.61 25.16
CA ARG E 193 5.45 5.43 23.72
C ARG E 193 4.10 5.39 23.00
N SER E 194 3.68 6.55 22.51
CA SER E 194 2.36 6.72 21.92
C SER E 194 2.26 7.99 21.10
N ALA E 195 1.84 7.86 19.84
CA ALA E 195 1.63 9.04 19.00
C ALA E 195 0.45 9.87 19.49
N TYR E 196 -0.60 9.20 19.96
CA TYR E 196 -1.78 9.87 20.50
C TYR E 196 -1.39 10.80 21.66
N GLU E 197 -0.61 10.24 22.57
CA GLU E 197 -0.17 10.97 23.75
C GLU E 197 0.80 12.05 23.34
N ALA E 198 1.62 11.77 22.34
CA ALA E 198 2.58 12.76 21.86
C ALA E 198 1.85 14.01 21.34
N VAL E 199 0.80 13.80 20.55
CA VAL E 199 0.03 14.93 20.02
C VAL E 199 -0.62 15.75 21.14
N ILE E 200 -1.29 15.04 22.04
CA ILE E 200 -1.95 15.74 23.16
C ILE E 200 -0.94 16.49 24.03
N ALA E 201 0.15 15.84 24.37
CA ALA E 201 1.20 16.41 25.20
C ALA E 201 1.84 17.65 24.57
N GLY E 202 2.11 17.59 23.28
CA GLY E 202 2.66 18.75 22.59
C GLY E 202 1.71 19.93 22.73
N HIS E 203 0.43 19.66 22.48
CA HIS E 203 -0.57 20.73 22.58
C HIS E 203 -0.61 21.34 23.98
N ASN E 204 -0.60 20.50 25.02
CA ASN E 204 -0.67 21.00 26.39
C ASN E 204 0.62 21.68 26.84
N VAL E 205 1.76 21.29 26.28
CA VAL E 205 3.01 22.01 26.53
C VAL E 205 2.93 23.43 26.00
N LEU E 206 2.45 23.57 24.76
CA LEU E 206 2.29 24.91 24.19
C LEU E 206 1.30 25.76 24.99
N ARG E 207 0.17 25.15 25.36
CA ARG E 207 -0.82 25.85 26.18
C ARG E 207 -0.25 26.29 27.52
N ALA E 208 0.56 25.42 28.12
CA ALA E 208 1.17 25.73 29.42
C ALA E 208 2.10 26.93 29.29
N HIS E 209 2.88 26.96 28.20
CA HIS E 209 3.71 28.12 27.91
C HIS E 209 2.89 29.39 27.86
N GLY E 210 1.79 29.35 27.09
CA GLY E 210 0.92 30.51 26.99
C GLY E 210 0.36 31.00 28.32
N ALA E 211 -0.11 30.05 29.12
CA ALA E 211 -0.66 30.36 30.44
C ALA E 211 0.40 31.02 31.32
N ALA E 212 1.61 30.49 31.27
CA ALA E 212 2.70 31.04 32.06
C ALA E 212 3.04 32.47 31.63
N VAL E 213 2.98 32.72 30.32
CA VAL E 213 3.25 34.08 29.84
C VAL E 213 2.17 35.06 30.29
N ARG E 214 0.90 34.66 30.20
CA ARG E 214 -0.19 35.51 30.71
C ARG E 214 -0.02 35.82 32.20
N ARG E 215 0.28 34.78 32.98
CA ARG E 215 0.49 34.96 34.40
C ARG E 215 1.64 35.94 34.65
N PHE E 216 2.66 35.83 33.81
CA PHE E 216 3.79 36.74 33.88
C PHE E 216 3.38 38.18 33.58
N ARG E 217 2.46 38.35 32.63
CA ARG E 217 1.97 39.69 32.33
C ARG E 217 1.23 40.29 33.52
N GLU E 218 0.47 39.45 34.22
CA GLU E 218 -0.32 39.99 35.34
C GLU E 218 0.51 40.23 36.60
N VAL E 219 1.47 39.35 36.91
CA VAL E 219 2.16 39.43 38.19
C VAL E 219 3.69 39.51 38.09
N GLY E 220 4.23 39.40 36.88
CA GLY E 220 5.66 39.32 36.70
C GLY E 220 6.31 40.62 36.27
N GLU E 221 7.63 40.62 36.18
CA GLU E 221 8.40 41.79 35.78
C GLU E 221 9.59 41.38 34.91
N GLY E 222 9.74 42.01 33.74
CA GLY E 222 10.85 41.69 32.86
C GLY E 222 10.44 41.10 31.52
N GLN E 223 11.28 40.21 31.01
CA GLN E 223 11.07 39.60 29.70
C GLN E 223 10.90 38.08 29.83
N ILE E 224 9.96 37.53 29.05
CA ILE E 224 9.66 36.10 29.11
C ILE E 224 9.60 35.52 27.71
N GLY E 225 10.01 34.27 27.55
CA GLY E 225 9.97 33.60 26.27
C GLY E 225 10.16 32.11 26.37
N ILE E 226 9.96 31.40 25.26
CA ILE E 226 10.17 29.96 25.22
C ILE E 226 11.54 29.66 24.63
N VAL E 227 12.02 28.44 24.84
CA VAL E 227 13.28 28.00 24.29
C VAL E 227 13.05 26.77 23.41
N LEU E 228 13.34 26.92 22.12
CA LEU E 228 13.15 25.82 21.18
C LEU E 228 14.49 25.27 20.73
N ASN E 229 14.60 23.95 20.59
CA ASN E 229 15.73 23.39 19.86
C ASN E 229 15.32 23.22 18.41
N ILE E 230 16.23 23.52 17.51
CA ILE E 230 15.98 23.41 16.08
C ILE E 230 17.11 22.63 15.42
N GLU E 231 16.74 21.67 14.58
CA GLU E 231 17.71 20.88 13.84
C GLU E 231 17.37 20.93 12.35
N PRO E 232 18.00 21.87 11.63
CA PRO E 232 17.71 22.15 10.22
C PRO E 232 17.83 20.92 9.34
N LYS E 233 16.84 20.70 8.48
CA LYS E 233 16.81 19.50 7.63
C LYS E 233 17.22 19.82 6.19
N TYR E 234 18.37 19.29 5.79
CA TYR E 234 18.94 19.54 4.47
C TYR E 234 18.60 18.41 3.47
N PRO E 235 18.61 18.73 2.16
CA PRO E 235 18.27 17.74 1.13
C PRO E 235 19.28 16.61 1.01
N ALA E 236 18.80 15.37 0.95
CA ALA E 236 19.66 14.20 0.77
C ALA E 236 19.90 13.93 -0.72
N SER E 237 18.95 14.38 -1.54
CA SER E 237 18.96 14.13 -2.97
C SER E 237 17.90 15.01 -3.65
N ASP E 238 17.72 14.83 -4.96
CA ASP E 238 16.70 15.58 -5.68
C ASP E 238 15.47 14.72 -5.95
N LYS E 239 15.51 13.49 -5.45
CA LYS E 239 14.38 12.58 -5.48
C LYS E 239 13.23 13.20 -4.68
N PRO E 240 12.01 13.18 -5.24
CA PRO E 240 10.87 13.84 -4.59
C PRO E 240 10.40 13.20 -3.28
N GLU E 241 10.50 11.88 -3.17
CA GLU E 241 10.12 11.20 -1.94
C GLU E 241 11.06 11.57 -0.79
N ASP E 242 12.30 11.89 -1.12
CA ASP E 242 13.27 12.32 -0.12
C ASP E 242 12.99 13.75 0.33
N GLU E 243 12.47 14.57 -0.58
CA GLU E 243 12.08 15.92 -0.22
C GLU E 243 10.83 15.92 0.65
N ALA E 244 9.90 15.02 0.33
CA ALA E 244 8.72 14.84 1.15
C ALA E 244 9.12 14.34 2.54
N ALA E 245 10.10 13.45 2.57
CA ALA E 245 10.67 12.97 3.83
C ALA E 245 11.26 14.13 4.63
N ARG E 246 12.06 14.94 3.95
CA ARG E 246 12.66 16.12 4.56
C ARG E 246 11.61 17.02 5.19
N ARG E 247 10.51 17.26 4.48
CA ARG E 247 9.46 18.12 5.02
C ARG E 247 8.70 17.48 6.18
N ARG E 248 8.48 16.17 6.13
CA ARG E 248 7.90 15.47 7.28
C ARG E 248 8.77 15.64 8.52
N ALA E 249 10.07 15.40 8.38
CA ALA E 249 10.99 15.51 9.50
C ALA E 249 11.06 16.94 10.04
N GLU E 250 11.19 17.89 9.12
CA GLU E 250 11.23 19.31 9.44
C GLU E 250 9.97 19.76 10.17
N ALA E 251 8.82 19.29 9.70
CA ALA E 251 7.55 19.66 10.31
C ALA E 251 7.42 19.07 11.70
N GLN E 252 7.79 17.81 11.84
CA GLN E 252 7.64 17.12 13.12
C GLN E 252 8.59 17.66 14.18
N MET E 253 9.78 18.09 13.76
CA MET E 253 10.78 18.53 14.73
C MET E 253 10.89 20.05 14.88
N ASN E 254 10.91 20.77 13.75
CA ASN E 254 11.24 22.19 13.76
C ASN E 254 10.05 23.16 13.66
N ARG E 255 8.94 22.70 13.09
CA ARG E 255 7.80 23.58 12.85
C ARG E 255 6.60 23.27 13.75
N TRP E 256 6.60 22.08 14.33
CA TRP E 256 5.50 21.62 15.21
C TRP E 256 5.12 22.68 16.25
N PHE E 257 6.12 23.29 16.87
CA PHE E 257 5.88 24.25 17.96
C PHE E 257 6.02 25.70 17.52
N LEU E 258 7.01 26.00 16.68
CA LEU E 258 7.26 27.37 16.22
C LEU E 258 6.05 27.98 15.49
N ASP E 259 5.46 27.22 14.58
CA ASP E 259 4.34 27.71 13.79
C ASP E 259 3.11 28.12 14.63
N PRO E 260 2.63 27.25 15.54
CA PRO E 260 1.51 27.73 16.36
C PRO E 260 1.90 28.87 17.29
N LEU E 261 3.17 28.93 17.70
CA LEU E 261 3.65 30.05 18.49
C LEU E 261 3.62 31.36 17.71
N MET E 262 3.76 31.27 16.39
CA MET E 262 3.73 32.47 15.55
C MET E 262 2.33 32.71 14.99
N GLY E 263 1.36 31.93 15.47
CA GLY E 263 -0.02 32.09 15.04
C GLY E 263 -0.43 31.50 13.70
N ARG E 264 0.36 30.57 13.19
CA ARG E 264 0.09 29.95 11.89
C ARG E 264 -0.49 28.54 11.99
N GLY E 265 -0.86 28.12 13.20
CA GLY E 265 -1.38 26.78 13.41
C GLY E 265 -0.38 25.65 13.26
N TYR E 266 -0.87 24.42 13.34
CA TYR E 266 -0.03 23.25 13.17
C TYR E 266 0.29 22.98 11.71
N PRO E 267 1.53 22.56 11.42
CA PRO E 267 1.98 22.15 10.09
C PRO E 267 1.04 21.12 9.46
N GLU E 268 0.76 21.29 8.16
CA GLU E 268 -0.17 20.41 7.47
C GLU E 268 0.36 18.97 7.48
N GLU E 269 1.68 18.84 7.39
CA GLU E 269 2.34 17.55 7.28
C GLU E 269 2.09 16.66 8.49
N LEU E 270 1.76 17.28 9.62
CA LEU E 270 1.55 16.54 10.85
C LEU E 270 0.35 15.61 10.68
N THR E 271 -0.64 16.06 9.92
CA THR E 271 -1.83 15.23 9.64
C THR E 271 -1.38 13.92 9.00
N ASP E 272 -0.35 14.00 8.18
CA ASP E 272 0.20 12.83 7.53
C ASP E 272 1.11 12.02 8.46
N VAL E 273 1.84 12.72 9.33
CA VAL E 273 2.82 12.06 10.19
C VAL E 273 2.15 11.19 11.25
N TYR E 274 1.11 11.72 11.88
CA TYR E 274 0.51 11.09 13.04
C TYR E 274 -0.78 10.32 12.71
N GLY E 275 -1.28 10.51 11.50
CA GLY E 275 -2.44 9.78 11.01
C GLY E 275 -3.65 9.85 11.93
N ALA E 276 -4.16 8.70 12.33
CA ALA E 276 -5.34 8.62 13.18
C ALA E 276 -5.11 9.21 14.57
N ALA E 277 -3.85 9.41 14.92
CA ALA E 277 -3.54 9.98 16.23
C ALA E 277 -3.63 11.50 16.25
N TRP E 278 -3.63 12.12 15.08
CA TRP E 278 -3.74 13.57 15.00
C TRP E 278 -5.14 14.02 15.43
N ARG E 279 -5.21 15.21 16.01
CA ARG E 279 -6.47 15.72 16.54
C ARG E 279 -6.70 17.16 16.12
N GLU E 280 -7.97 17.56 16.09
CA GLU E 280 -8.33 18.95 15.95
C GLU E 280 -8.57 19.54 17.33
N PHE E 281 -8.04 20.74 17.56
CA PHE E 281 -8.21 21.38 18.84
C PHE E 281 -9.02 22.68 18.70
N PRO E 282 -9.72 23.06 19.78
CA PRO E 282 -10.52 24.29 19.86
C PRO E 282 -9.76 25.56 19.51
N LYS E 283 -10.48 26.51 18.93
CA LYS E 283 -9.93 27.76 18.41
C LYS E 283 -9.19 28.59 19.47
N GLU E 284 -9.73 28.62 20.67
CA GLU E 284 -9.17 29.43 21.74
C GLU E 284 -7.82 28.94 22.27
N ASP E 285 -7.55 27.64 22.10
CA ASP E 285 -6.26 27.08 22.49
C ASP E 285 -5.10 27.76 21.76
N PHE E 286 -5.28 27.98 20.48
CA PHE E 286 -4.24 28.59 19.65
C PHE E 286 -4.09 30.07 19.99
N GLU E 287 -5.18 30.69 20.42
CA GLU E 287 -5.13 32.05 20.94
C GLU E 287 -4.26 32.10 22.19
N LEU E 288 -4.46 31.15 23.09
CA LEU E 288 -3.63 31.05 24.29
C LEU E 288 -2.15 30.81 23.94
N ILE E 289 -1.91 29.90 23.00
CA ILE E 289 -0.57 29.48 22.62
C ILE E 289 0.26 30.60 21.99
N ALA E 290 -0.38 31.47 21.21
CA ALA E 290 0.35 32.52 20.50
C ALA E 290 0.49 33.78 21.31
N GLU E 291 0.21 33.68 22.61
CA GLU E 291 0.41 34.81 23.53
C GLU E 291 1.79 35.41 23.34
N PRO E 292 1.85 36.70 22.98
CA PRO E 292 3.07 37.40 22.60
C PRO E 292 4.18 37.31 23.64
N THR E 293 5.38 36.98 23.18
CA THR E 293 6.55 36.85 24.04
C THR E 293 7.51 38.00 23.79
N ASP E 294 8.52 38.14 24.64
CA ASP E 294 9.46 39.24 24.53
C ASP E 294 10.77 38.81 23.87
N TRP E 295 11.11 37.53 23.98
CA TRP E 295 12.34 37.00 23.43
C TRP E 295 12.20 35.52 23.14
N MET E 296 13.13 34.95 22.39
CA MET E 296 13.13 33.50 22.17
C MET E 296 14.53 32.90 22.26
N GLY E 297 14.60 31.72 22.88
CA GLY E 297 15.85 31.01 23.00
C GLY E 297 15.96 29.93 21.94
N LEU E 298 17.15 29.81 21.35
CA LEU E 298 17.45 28.73 20.43
C LEU E 298 18.51 27.81 21.01
N ASN E 299 18.18 26.54 21.09
CA ASN E 299 19.15 25.50 21.40
C ASN E 299 19.60 24.85 20.10
N TRP E 300 20.89 24.90 19.82
CA TRP E 300 21.38 24.41 18.54
C TRP E 300 22.67 23.63 18.70
N TYR E 301 22.77 22.51 17.98
CA TYR E 301 23.94 21.65 18.05
C TYR E 301 24.40 21.18 16.67
N THR E 302 23.44 20.88 15.80
CA THR E 302 23.76 20.22 14.54
C THR E 302 22.63 20.31 13.52
N ARG E 303 22.86 19.67 12.37
CA ARG E 303 21.85 19.56 11.32
C ARG E 303 21.59 18.10 11.05
N ALA E 304 20.60 17.82 10.20
CA ALA E 304 20.37 16.46 9.73
C ALA E 304 20.08 16.46 8.23
N VAL E 305 20.31 15.31 7.60
CA VAL E 305 20.07 15.16 6.17
C VAL E 305 19.14 13.98 5.96
N PRO E 306 17.83 14.23 6.09
CA PRO E 306 16.86 13.14 6.08
C PRO E 306 16.56 12.59 4.70
N GLU E 307 16.38 11.28 4.63
CA GLU E 307 15.96 10.61 3.43
C GLU E 307 14.71 9.80 3.76
N ASN E 308 14.01 9.34 2.73
CA ASN E 308 12.81 8.55 2.92
C ASN E 308 13.09 7.21 3.60
N ALA E 309 12.25 6.85 4.56
CA ALA E 309 12.38 5.59 5.27
C ALA E 309 11.01 5.15 5.74
N PRO E 310 10.28 4.43 4.87
CA PRO E 310 8.88 4.07 5.06
C PRO E 310 8.58 3.34 6.37
N ASP E 311 9.57 2.67 6.93
CA ASP E 311 9.37 1.87 8.14
C ASP E 311 9.79 2.61 9.41
N ALA E 312 10.26 3.84 9.26
CA ALA E 312 10.67 4.64 10.41
C ALA E 312 9.46 5.35 11.00
N TRP E 313 9.07 4.96 12.21
CA TRP E 313 7.86 5.51 12.82
C TRP E 313 8.15 6.72 13.71
N PRO E 314 7.36 7.80 13.56
CA PRO E 314 6.25 7.94 12.64
C PRO E 314 6.51 8.87 11.43
N THR E 315 7.69 9.48 11.34
CA THR E 315 7.94 10.47 10.30
C THR E 315 8.33 9.86 8.97
N ARG E 316 8.55 8.55 8.98
CA ARG E 316 9.01 7.80 7.81
C ARG E 316 10.21 8.45 7.15
N SER E 317 11.17 8.87 7.96
CA SER E 317 12.40 9.50 7.49
C SER E 317 13.57 9.08 8.37
N ARG E 318 14.78 9.20 7.86
CA ARG E 318 15.97 8.90 8.66
C ARG E 318 17.18 9.69 8.17
N PRO E 319 18.06 10.09 9.11
CA PRO E 319 19.23 10.87 8.72
C PRO E 319 20.28 10.05 7.95
N VAL E 320 20.89 10.69 6.96
CA VAL E 320 21.99 10.09 6.22
C VAL E 320 23.29 10.51 6.86
N ARG E 321 24.14 9.55 7.24
CA ARG E 321 25.39 9.88 7.91
C ARG E 321 26.28 10.70 6.98
N GLN E 322 26.66 11.89 7.45
CA GLN E 322 27.50 12.79 6.67
C GLN E 322 28.97 12.56 6.99
N THR E 323 29.54 11.55 6.35
CA THR E 323 30.88 11.07 6.68
C THR E 323 32.00 12.04 6.31
N GLN E 324 31.68 13.11 5.60
CA GLN E 324 32.70 14.09 5.21
C GLN E 324 33.09 14.99 6.37
N HIS E 325 32.30 14.96 7.43
CA HIS E 325 32.55 15.82 8.58
C HIS E 325 32.75 15.08 9.90
N ALA E 326 33.34 15.77 10.87
CA ALA E 326 33.52 15.24 12.22
C ALA E 326 32.20 15.04 12.93
N HIS E 327 32.13 14.03 13.79
CA HIS E 327 30.95 13.80 14.61
C HIS E 327 31.28 13.78 16.09
N THR E 328 30.36 14.31 16.89
CA THR E 328 30.53 14.36 18.34
C THR E 328 30.33 12.98 18.96
N GLU E 329 30.57 12.86 20.26
CA GLU E 329 30.40 11.59 20.93
C GLU E 329 28.92 11.22 21.07
N THR E 330 28.04 12.21 20.88
CA THR E 330 26.61 11.95 20.81
C THR E 330 26.17 11.64 19.38
N GLY E 331 27.14 11.58 18.47
CA GLY E 331 26.86 11.25 17.09
C GLY E 331 26.30 12.37 16.23
N TRP E 332 26.55 13.61 16.64
CA TRP E 332 26.03 14.77 15.91
C TRP E 332 27.09 15.36 14.99
N GLU E 333 26.72 15.57 13.73
CA GLU E 333 27.61 16.17 12.76
C GLU E 333 28.08 17.56 13.18
N VAL E 334 29.37 17.83 12.97
CA VAL E 334 29.92 19.15 13.20
C VAL E 334 29.83 19.97 11.92
N TYR E 335 28.95 20.96 11.90
CA TYR E 335 28.74 21.75 10.70
C TYR E 335 28.22 23.15 11.03
N PRO E 336 29.13 24.06 11.39
CA PRO E 336 28.82 25.43 11.81
C PRO E 336 27.98 26.27 10.84
N PRO E 337 28.14 26.11 9.51
CA PRO E 337 27.31 26.98 8.66
C PRO E 337 25.81 26.82 8.90
N ALA E 338 25.40 25.61 9.27
CA ALA E 338 23.97 25.33 9.49
C ALA E 338 23.44 26.10 10.68
N LEU E 339 24.33 26.52 11.58
CA LEU E 339 23.92 27.37 12.67
C LEU E 339 23.53 28.73 12.12
N THR E 340 24.41 29.30 11.29
CA THR E 340 24.17 30.62 10.72
C THR E 340 22.83 30.62 10.01
N ASP E 341 22.66 29.63 9.13
CA ASP E 341 21.44 29.51 8.35
C ASP E 341 20.24 29.45 9.28
N THR E 342 20.36 28.64 10.33
CA THR E 342 19.22 28.40 11.21
C THR E 342 18.84 29.71 11.85
N LEU E 343 19.84 30.47 12.28
CA LEU E 343 19.57 31.70 12.99
C LEU E 343 18.81 32.62 12.05
N VAL E 344 19.27 32.65 10.80
CA VAL E 344 18.64 33.52 9.81
C VAL E 344 17.22 33.04 9.63
N TRP E 345 17.07 31.73 9.49
CA TRP E 345 15.77 31.14 9.26
C TRP E 345 14.86 31.53 10.42
N LEU E 346 15.41 31.52 11.63
CA LEU E 346 14.58 31.73 12.79
C LEU E 346 14.17 33.19 12.79
N SER E 347 15.13 34.04 12.44
CA SER E 347 14.88 35.47 12.35
C SER E 347 13.72 35.73 11.41
N GLU E 348 13.69 34.98 10.31
CA GLU E 348 12.64 35.17 9.32
C GLU E 348 11.30 34.62 9.81
N GLN E 349 11.31 33.49 10.52
CA GLN E 349 10.05 32.89 10.97
C GLN E 349 9.38 33.75 12.04
N THR E 350 10.19 34.49 12.80
CA THR E 350 9.66 35.34 13.84
C THR E 350 9.58 36.80 13.38
N GLY E 351 9.86 37.02 12.11
CA GLY E 351 9.74 38.33 11.49
C GLY E 351 10.78 39.35 11.88
N GLY E 352 11.83 38.92 12.55
CA GLY E 352 12.89 39.82 12.96
C GLY E 352 12.55 40.73 14.12
N LYS E 353 11.30 40.70 14.56
CA LYS E 353 10.82 41.59 15.62
C LYS E 353 11.13 41.04 17.00
N LEU E 354 11.44 39.74 17.06
CA LEU E 354 11.64 39.07 18.33
C LEU E 354 13.11 38.83 18.60
N PRO E 355 13.65 39.46 19.66
CA PRO E 355 15.04 39.26 20.08
C PRO E 355 15.36 37.80 20.34
N LEU E 356 16.47 37.35 19.77
CA LEU E 356 16.84 35.94 19.85
C LEU E 356 18.07 35.79 20.72
N MET E 357 18.19 34.64 21.36
CA MET E 357 19.40 34.35 22.14
C MET E 357 19.71 32.87 21.98
N VAL E 358 20.98 32.55 21.73
CA VAL E 358 21.38 31.15 21.70
C VAL E 358 21.51 30.70 23.14
N THR E 359 20.51 29.96 23.59
CA THR E 359 20.46 29.55 24.99
C THR E 359 21.23 28.27 25.24
N GLU E 360 21.55 27.54 24.17
CA GLU E 360 22.42 26.37 24.27
C GLU E 360 23.18 26.08 22.99
N ASN E 361 24.49 25.91 23.12
CA ASN E 361 25.33 25.41 22.03
C ASN E 361 26.62 24.81 22.59
N GLY E 362 27.01 23.65 22.07
CA GLY E 362 28.20 22.97 22.56
C GLY E 362 28.38 21.59 21.97
N SER E 363 29.36 20.84 22.47
CA SER E 363 29.71 19.55 21.89
C SER E 363 30.29 18.59 22.93
N ALA E 364 30.03 17.30 22.74
CA ALA E 364 30.55 16.26 23.63
C ALA E 364 31.67 15.46 22.99
N TRP E 365 32.84 15.45 23.65
CA TRP E 365 33.97 14.64 23.21
C TRP E 365 34.52 13.88 24.41
N TYR E 366 35.31 12.84 24.18
CA TYR E 366 35.86 12.09 25.30
C TYR E 366 36.89 12.91 26.06
N ASP E 367 36.73 12.92 27.37
CA ASP E 367 37.75 13.42 28.28
C ASP E 367 38.02 12.31 29.31
N PRO E 368 39.25 12.24 29.81
CA PRO E 368 39.53 11.28 30.88
C PRO E 368 38.73 11.61 32.15
N PRO E 369 38.53 10.61 33.03
CA PRO E 369 37.69 10.84 34.21
C PRO E 369 38.35 11.74 35.25
N HIS E 370 39.64 11.99 35.08
CA HIS E 370 40.36 12.88 35.99
C HIS E 370 41.21 13.86 35.19
N ALA E 371 41.57 14.97 35.83
CA ALA E 371 42.46 15.94 35.22
C ALA E 371 43.85 15.35 35.05
N ILE E 372 44.63 15.90 34.12
CA ILE E 372 46.01 15.46 33.89
C ILE E 372 46.98 16.62 34.08
N ASP E 373 47.88 16.47 35.04
CA ASP E 373 48.50 17.56 35.78
C ASP E 373 47.70 18.86 35.74
N GLY E 374 46.58 18.89 36.44
CA GLY E 374 45.76 20.08 36.56
C GLY E 374 45.14 20.59 35.26
N ARG E 375 45.05 19.71 34.25
CA ARG E 375 44.55 20.15 32.94
C ARG E 375 43.66 19.11 32.24
N ILE E 376 42.79 19.61 31.36
CA ILE E 376 42.02 18.77 30.45
C ILE E 376 42.13 19.35 29.04
N HIS E 377 42.78 18.61 28.14
CA HIS E 377 43.00 19.10 26.79
C HIS E 377 41.94 18.58 25.81
N ASP E 378 41.02 19.47 25.43
CA ASP E 378 39.91 19.09 24.55
C ASP E 378 39.86 19.93 23.27
N PRO E 379 40.84 19.73 22.36
CA PRO E 379 41.00 20.56 21.17
C PRO E 379 39.79 20.55 20.22
N MET E 380 39.06 19.45 20.16
CA MET E 380 37.87 19.38 19.32
C MET E 380 36.71 20.22 19.85
N ARG E 381 36.60 20.31 21.19
CA ARG E 381 35.56 21.13 21.80
C ARG E 381 35.93 22.60 21.60
N VAL E 382 37.23 22.88 21.69
CA VAL E 382 37.75 24.21 21.43
C VAL E 382 37.43 24.64 20.00
N HIS E 383 37.66 23.71 19.06
CA HIS E 383 37.36 23.93 17.65
C HIS E 383 35.88 24.19 17.41
N TYR E 384 35.02 23.36 18.01
CA TYR E 384 33.57 23.52 17.89
C TYR E 384 33.19 24.92 18.37
N LEU E 385 33.75 25.29 19.52
CA LEU E 385 33.44 26.58 20.12
C LEU E 385 33.79 27.74 19.21
N GLN E 386 35.04 27.76 18.74
CA GLN E 386 35.49 28.90 17.95
C GLN E 386 34.76 29.00 16.60
N THR E 387 34.54 27.87 15.94
CA THR E 387 33.91 27.90 14.63
C THR E 387 32.44 28.31 14.75
N HIS E 388 31.76 27.84 15.79
CA HIS E 388 30.34 28.16 15.93
C HIS E 388 30.12 29.59 16.42
N ILE E 389 31.03 30.10 17.24
CA ILE E 389 30.93 31.50 17.66
C ILE E 389 31.17 32.41 16.46
N LYS E 390 32.15 32.07 15.63
CA LYS E 390 32.33 32.79 14.37
C LYS E 390 31.05 32.73 13.53
N ALA E 391 30.37 31.58 13.55
CA ALA E 391 29.14 31.43 12.80
C ALA E 391 28.06 32.37 13.35
N LEU E 392 28.12 32.62 14.66
CA LEU E 392 27.19 33.58 15.27
C LEU E 392 27.46 34.96 14.72
N HIS E 393 28.74 35.32 14.66
CA HIS E 393 29.11 36.62 14.13
C HIS E 393 28.59 36.78 12.71
N ASP E 394 28.74 35.73 11.91
CA ASP E 394 28.22 35.75 10.54
C ASP E 394 26.72 35.97 10.51
N ALA E 395 26.01 35.32 11.43
CA ALA E 395 24.56 35.48 11.49
C ALA E 395 24.17 36.92 11.83
N ILE E 396 24.90 37.54 12.74
CA ILE E 396 24.62 38.92 13.12
C ILE E 396 24.90 39.82 11.91
N GLY E 397 25.95 39.51 11.16
CA GLY E 397 26.24 40.24 9.94
C GLY E 397 25.14 40.17 8.88
N LYS E 398 24.29 39.14 8.96
CA LYS E 398 23.17 39.02 8.03
C LYS E 398 21.87 39.60 8.59
N GLY E 399 21.98 40.34 9.69
CA GLY E 399 20.84 41.08 10.23
C GLY E 399 20.04 40.43 11.34
N VAL E 400 20.51 39.31 11.87
CA VAL E 400 19.81 38.65 12.97
C VAL E 400 19.94 39.43 14.27
N ASP E 401 18.82 39.67 14.95
CA ASP E 401 18.85 40.39 16.22
C ASP E 401 19.16 39.40 17.32
N LEU E 402 20.45 39.05 17.44
CA LEU E 402 20.91 38.04 18.37
C LEU E 402 21.58 38.74 19.56
N ARG E 403 21.09 38.48 20.77
CA ARG E 403 21.51 39.24 21.94
C ARG E 403 22.51 38.55 22.85
N GLY E 404 22.72 37.25 22.68
CA GLY E 404 23.61 36.53 23.58
C GLY E 404 23.88 35.08 23.24
N TYR E 405 24.79 34.49 24.00
CA TYR E 405 25.25 33.14 23.73
C TYR E 405 25.59 32.43 25.04
N MET E 406 24.94 31.30 25.25
CA MET E 406 25.16 30.49 26.44
C MET E 406 25.70 29.14 26.04
N VAL E 407 26.90 28.81 26.55
CA VAL E 407 27.50 27.51 26.27
C VAL E 407 26.87 26.37 27.06
N TRP E 408 26.42 25.34 26.38
CA TRP E 408 26.12 24.08 27.05
C TRP E 408 27.34 23.18 26.98
N SER E 409 27.97 22.91 28.12
CA SER E 409 27.45 23.32 29.41
C SER E 409 28.58 23.85 30.29
N LEU E 410 28.21 24.53 31.37
CA LEU E 410 29.19 24.96 32.37
C LEU E 410 29.95 23.78 32.93
N LEU E 411 29.21 22.73 33.28
CA LEU E 411 29.79 21.56 33.92
C LEU E 411 29.52 20.28 33.14
N ASP E 412 30.49 19.36 33.15
CA ASP E 412 30.21 17.99 32.79
C ASP E 412 29.07 17.53 33.69
N ASN E 413 28.04 16.94 33.12
CA ASN E 413 26.87 16.58 33.91
C ASN E 413 26.17 15.34 33.42
N LEU E 414 25.01 15.04 34.00
CA LEU E 414 24.22 13.89 33.57
C LEU E 414 23.49 14.18 32.28
N GLU E 415 23.93 13.53 31.20
CA GLU E 415 23.28 13.71 29.91
C GLU E 415 22.07 12.76 29.86
N TRP E 416 21.15 12.97 30.80
CA TRP E 416 19.91 12.21 30.93
C TRP E 416 20.12 10.71 30.77
N SER E 417 19.39 10.08 29.85
CA SER E 417 19.46 8.63 29.66
C SER E 417 20.84 8.14 29.20
N LEU E 418 21.66 9.05 28.69
CA LEU E 418 23.01 8.69 28.25
C LEU E 418 24.02 8.79 29.39
N GLY E 419 23.52 9.17 30.56
CA GLY E 419 24.34 9.21 31.75
C GLY E 419 25.47 10.21 31.70
N TYR E 420 26.56 9.89 32.42
CA TYR E 420 27.71 10.77 32.55
C TYR E 420 28.74 10.52 31.45
N SER E 421 28.44 9.56 30.58
CA SER E 421 29.36 9.19 29.51
C SER E 421 29.48 10.29 28.46
N LYS E 422 28.50 11.19 28.41
CA LYS E 422 28.54 12.29 27.45
C LYS E 422 28.85 13.59 28.19
N ARG E 423 30.09 14.05 28.04
CA ARG E 423 30.58 15.24 28.72
C ARG E 423 30.46 16.49 27.85
N PHE E 424 29.66 17.46 28.30
CA PHE E 424 29.40 18.67 27.54
C PHE E 424 30.07 19.90 28.14
N GLY E 425 30.66 19.73 29.32
CA GLY E 425 31.22 20.85 30.06
C GLY E 425 32.43 21.53 29.46
N ILE E 426 32.53 22.83 29.69
CA ILE E 426 33.77 23.56 29.45
C ILE E 426 34.57 23.55 30.75
N VAL E 427 33.91 23.11 31.82
CA VAL E 427 34.58 22.78 33.06
C VAL E 427 34.40 21.30 33.34
N HIS E 428 35.53 20.59 33.48
CA HIS E 428 35.55 19.17 33.77
C HIS E 428 35.14 18.86 35.21
N VAL E 429 34.32 17.83 35.36
CA VAL E 429 33.94 17.34 36.67
C VAL E 429 34.42 15.89 36.86
N ASN E 430 35.28 15.68 37.85
CA ASN E 430 35.65 14.34 38.28
C ASN E 430 34.55 13.83 39.20
N PHE E 431 33.74 12.89 38.71
CA PHE E 431 32.57 12.44 39.44
C PHE E 431 32.90 11.53 40.62
N ALA E 432 34.16 11.13 40.73
CA ALA E 432 34.62 10.38 41.89
C ALA E 432 34.89 11.29 43.08
N THR E 433 35.35 12.50 42.80
CA THR E 433 35.80 13.42 43.84
C THR E 433 35.08 14.76 43.84
N GLN E 434 34.25 15.00 42.82
CA GLN E 434 33.56 16.28 42.61
C GLN E 434 34.54 17.42 42.34
N GLU E 435 35.80 17.06 42.11
CA GLU E 435 36.83 18.02 41.75
C GLU E 435 36.56 18.65 40.39
N ARG E 436 36.61 19.98 40.33
CA ARG E 436 36.44 20.69 39.06
C ARG E 436 37.78 21.12 38.48
N THR E 437 37.93 20.95 37.17
CA THR E 437 39.12 21.42 36.46
C THR E 437 38.70 22.14 35.20
N ILE E 438 39.09 23.40 35.05
CA ILE E 438 38.68 24.13 33.85
C ILE E 438 39.43 23.59 32.63
N LYS E 439 38.66 23.21 31.61
CA LYS E 439 39.21 22.65 30.38
C LYS E 439 39.79 23.76 29.50
N ASP E 440 40.59 23.36 28.52
CA ASP E 440 41.14 24.30 27.54
C ASP E 440 40.03 25.08 26.82
N SER E 441 38.89 24.43 26.63
CA SER E 441 37.74 25.07 26.02
C SER E 441 37.21 26.19 26.90
N GLY E 442 37.20 25.95 28.21
CA GLY E 442 36.81 26.96 29.17
C GLY E 442 37.75 28.16 29.21
N LEU E 443 39.05 27.89 29.21
CA LEU E 443 40.07 28.93 29.16
C LEU E 443 39.91 29.82 27.91
N PHE E 444 39.72 29.13 26.78
CA PHE E 444 39.53 29.81 25.52
C PHE E 444 38.25 30.62 25.51
N TYR E 445 37.17 30.07 26.06
CA TYR E 445 35.90 30.76 26.12
C TYR E 445 36.02 32.02 26.98
N ALA E 446 36.80 31.90 28.05
CA ALA E 446 37.03 33.04 28.93
C ALA E 446 37.71 34.16 28.15
N GLU E 447 38.70 33.80 27.32
CA GLU E 447 39.32 34.81 26.47
C GLU E 447 38.37 35.37 25.42
N VAL E 448 37.48 34.55 24.87
CA VAL E 448 36.51 35.04 23.91
C VAL E 448 35.62 36.11 24.55
N ILE E 449 35.18 35.85 25.77
CA ILE E 449 34.37 36.82 26.50
C ILE E 449 35.13 38.11 26.80
N LYS E 450 36.31 37.97 27.39
CA LYS E 450 37.08 39.14 27.80
C LYS E 450 37.41 40.08 26.64
N THR E 451 37.78 39.52 25.50
CA THR E 451 38.14 40.34 24.35
C THR E 451 36.90 40.68 23.54
N HIS E 452 35.76 40.25 24.06
CA HIS E 452 34.47 40.40 23.38
C HIS E 452 34.53 39.95 21.92
N GLY E 453 35.31 38.88 21.68
CA GLY E 453 35.37 38.25 20.38
C GLY E 453 36.64 38.51 19.58
N ASP E 454 37.42 39.49 19.99
CA ASP E 454 38.61 39.89 19.24
C ASP E 454 39.67 38.79 19.15
N VAL E 455 39.61 37.82 20.07
CA VAL E 455 40.59 36.74 20.09
C VAL E 455 40.41 35.85 18.85
N LEU E 456 39.21 35.89 18.26
CA LEU E 456 38.92 35.10 17.08
C LEU E 456 39.59 35.62 15.82
N ASN E 457 39.92 36.92 15.78
CA ASN E 457 40.69 37.48 14.67
C ASN E 457 41.94 36.67 14.35
N ARG F 10 -16.90 -44.12 41.37
CA ARG F 10 -16.50 -42.74 41.59
C ARG F 10 -17.49 -41.78 40.94
N SER F 11 -18.31 -41.13 41.75
CA SER F 11 -19.24 -40.13 41.24
C SER F 11 -18.58 -38.78 41.05
N TYR F 12 -19.07 -38.02 40.08
CA TYR F 12 -18.60 -36.67 39.82
C TYR F 12 -19.81 -35.76 39.64
N ARG F 13 -20.91 -36.14 40.26
CA ARG F 13 -22.10 -35.31 40.31
C ARG F 13 -21.77 -34.08 41.13
N PHE F 14 -22.14 -32.91 40.64
CA PHE F 14 -21.81 -31.67 41.33
C PHE F 14 -22.98 -31.26 42.21
N PRO F 15 -22.71 -30.40 43.22
CA PRO F 15 -23.78 -29.99 44.14
C PRO F 15 -24.97 -29.35 43.43
N GLU F 16 -26.14 -29.44 44.05
CA GLU F 16 -27.35 -28.84 43.47
C GLU F 16 -27.19 -27.33 43.36
N GLY F 17 -27.58 -26.79 42.21
CA GLY F 17 -27.47 -25.37 41.96
C GLY F 17 -26.11 -24.93 41.45
N PHE F 18 -25.18 -25.88 41.31
CA PHE F 18 -23.85 -25.56 40.78
C PHE F 18 -23.98 -25.02 39.36
N LEU F 19 -23.41 -23.84 39.13
CA LEU F 19 -23.65 -23.11 37.89
C LEU F 19 -22.54 -23.31 36.85
N TRP F 20 -22.93 -23.81 35.67
CA TRP F 20 -22.01 -24.03 34.56
C TRP F 20 -22.14 -22.90 33.54
N GLY F 21 -21.03 -22.35 33.07
CA GLY F 21 -21.07 -21.28 32.09
C GLY F 21 -19.79 -21.09 31.30
N ALA F 22 -19.70 -19.97 30.59
CA ALA F 22 -18.52 -19.62 29.82
C ALA F 22 -18.29 -18.12 29.88
N ALA F 23 -17.07 -17.67 29.61
CA ALA F 23 -16.71 -16.28 29.85
C ALA F 23 -16.08 -15.56 28.66
N THR F 24 -16.22 -14.25 28.62
CA THR F 24 -15.62 -13.40 27.59
C THR F 24 -15.21 -12.06 28.18
N ALA F 25 -14.58 -11.23 27.37
CA ALA F 25 -14.31 -9.84 27.73
C ALA F 25 -14.59 -8.95 26.53
N ALA F 26 -14.96 -7.70 26.79
CA ALA F 26 -15.45 -6.81 25.74
C ALA F 26 -14.46 -6.59 24.60
N TYR F 27 -13.27 -6.10 24.92
CA TYR F 27 -12.31 -5.75 23.87
C TYR F 27 -11.83 -6.97 23.12
N GLN F 28 -11.96 -8.14 23.71
CA GLN F 28 -11.42 -9.35 23.10
C GLN F 28 -12.37 -9.92 22.06
N ILE F 29 -13.65 -9.57 22.13
CA ILE F 29 -14.63 -10.13 21.20
C ILE F 29 -15.50 -9.12 20.43
N GLU F 30 -15.69 -7.93 20.99
CA GLU F 30 -16.76 -7.07 20.50
C GLU F 30 -16.51 -6.44 19.12
N GLY F 31 -15.34 -5.84 18.93
CA GLY F 31 -15.13 -5.04 17.75
C GLY F 31 -15.99 -3.79 17.81
N SER F 32 -16.12 -3.09 16.69
CA SER F 32 -16.94 -1.88 16.61
C SER F 32 -16.57 -0.89 17.71
N SER F 33 -15.27 -0.66 17.86
CA SER F 33 -14.73 0.05 19.01
C SER F 33 -15.08 1.54 19.03
N MET F 34 -15.26 2.14 17.85
CA MET F 34 -15.59 3.55 17.79
C MET F 34 -17.00 3.76 17.25
N ALA F 35 -17.80 2.70 17.24
CA ALA F 35 -19.12 2.78 16.64
C ALA F 35 -20.17 3.28 17.62
N ASP F 36 -21.19 3.95 17.07
CA ASP F 36 -22.35 4.42 17.82
C ASP F 36 -22.03 5.23 19.07
N GLY F 37 -21.13 6.21 18.93
CA GLY F 37 -20.81 7.09 20.05
C GLY F 37 -19.73 6.61 21.00
N ALA F 38 -19.33 5.34 20.85
CA ALA F 38 -18.38 4.73 21.76
C ALA F 38 -17.06 5.49 21.79
N GLY F 39 -16.53 5.70 23.00
CA GLY F 39 -15.27 6.41 23.17
C GLY F 39 -14.02 5.60 22.91
N GLU F 40 -12.89 6.30 22.93
CA GLU F 40 -11.57 5.70 22.77
C GLU F 40 -11.06 5.13 24.10
N SER F 41 -10.60 3.88 24.09
CA SER F 41 -10.01 3.28 25.28
C SER F 41 -8.49 3.18 25.14
N ILE F 42 -7.81 2.82 26.23
CA ILE F 42 -6.37 2.68 26.21
C ILE F 42 -5.90 1.57 25.28
N TRP F 43 -6.76 0.58 25.04
CA TRP F 43 -6.42 -0.50 24.13
C TRP F 43 -6.61 -0.11 22.67
N ASP F 44 -7.53 0.82 22.41
CA ASP F 44 -7.63 1.43 21.09
C ASP F 44 -6.31 2.08 20.70
N ARG F 45 -5.74 2.83 21.63
CA ARG F 45 -4.45 3.48 21.42
C ARG F 45 -3.32 2.46 21.34
N PHE F 46 -3.27 1.58 22.34
CA PHE F 46 -2.19 0.61 22.48
C PHE F 46 -2.06 -0.33 21.29
N SER F 47 -3.19 -0.87 20.82
CA SER F 47 -3.15 -1.84 19.75
C SER F 47 -2.81 -1.20 18.39
N HIS F 48 -2.97 0.12 18.30
CA HIS F 48 -2.67 0.84 17.07
C HIS F 48 -1.33 1.57 17.17
N THR F 49 -0.48 1.11 18.08
CA THR F 49 0.89 1.62 18.17
C THR F 49 1.81 0.48 17.75
N PRO F 50 2.66 0.73 16.74
CA PRO F 50 3.47 -0.35 16.14
C PRO F 50 4.39 -1.06 17.12
N GLY F 51 4.46 -2.38 17.03
CA GLY F 51 5.33 -3.16 17.89
C GLY F 51 4.66 -3.74 19.13
N ASN F 52 3.52 -3.20 19.51
CA ASN F 52 2.86 -3.61 20.75
C ASN F 52 2.14 -4.95 20.63
N MET F 53 1.62 -5.25 19.45
CA MET F 53 0.77 -6.43 19.27
C MET F 53 1.37 -7.40 18.28
N LYS F 54 1.24 -8.69 18.57
CA LYS F 54 1.70 -9.74 17.68
C LYS F 54 0.99 -9.65 16.34
N ASP F 55 1.77 -9.69 15.25
CA ASP F 55 1.26 -9.60 13.89
C ASP F 55 0.52 -8.29 13.60
N GLY F 56 0.66 -7.32 14.50
CA GLY F 56 -0.04 -6.06 14.37
C GLY F 56 -1.55 -6.21 14.54
N ASP F 57 -1.98 -7.27 15.22
CA ASP F 57 -3.41 -7.51 15.44
C ASP F 57 -4.04 -6.41 16.29
N THR F 58 -5.32 -6.14 16.04
CA THR F 58 -6.07 -5.18 16.86
C THR F 58 -7.44 -5.76 17.22
N GLY F 59 -8.14 -5.09 18.13
CA GLY F 59 -9.49 -5.47 18.49
C GLY F 59 -10.58 -4.77 17.70
N ASP F 60 -10.20 -4.20 16.55
CA ASP F 60 -11.15 -3.46 15.71
C ASP F 60 -12.33 -4.31 15.27
N VAL F 61 -12.08 -5.56 14.92
CA VAL F 61 -13.15 -6.46 14.49
C VAL F 61 -13.38 -7.58 15.48
N ALA F 62 -12.31 -8.26 15.86
CA ALA F 62 -12.36 -9.40 16.77
C ALA F 62 -13.36 -10.45 16.32
N CYS F 63 -14.33 -10.75 17.19
CA CYS F 63 -15.37 -11.73 16.88
C CYS F 63 -16.63 -11.07 16.35
N ASP F 64 -16.57 -9.76 16.11
CA ASP F 64 -17.71 -9.00 15.61
C ASP F 64 -18.96 -9.24 16.48
N HIS F 65 -18.74 -9.43 17.79
CA HIS F 65 -19.81 -9.80 18.71
C HIS F 65 -20.88 -8.71 18.85
N TYR F 66 -20.46 -7.45 18.70
CA TYR F 66 -21.37 -6.31 18.76
C TYR F 66 -22.50 -6.45 17.75
N ASN F 67 -22.19 -7.06 16.61
CA ASN F 67 -23.17 -7.29 15.56
C ASN F 67 -23.79 -8.70 15.57
N ARG F 68 -23.06 -9.68 16.09
CA ARG F 68 -23.46 -11.09 15.99
C ARG F 68 -23.83 -11.74 17.33
N TRP F 69 -24.14 -10.91 18.32
CA TRP F 69 -24.41 -11.39 19.68
C TRP F 69 -25.60 -12.34 19.76
N ARG F 70 -26.61 -12.14 18.92
CA ARG F 70 -27.76 -13.04 18.89
C ARG F 70 -27.33 -14.46 18.47
N GLU F 71 -26.53 -14.54 17.41
CA GLU F 71 -25.96 -15.82 16.98
C GLU F 71 -25.15 -16.45 18.10
N ASP F 72 -24.36 -15.62 18.79
CA ASP F 72 -23.53 -16.15 19.88
C ASP F 72 -24.37 -16.70 21.02
N ILE F 73 -25.50 -16.05 21.29
CA ILE F 73 -26.44 -16.55 22.30
C ILE F 73 -27.05 -17.88 21.85
N GLU F 74 -27.36 -18.01 20.57
CA GLU F 74 -27.84 -19.30 20.06
C GLU F 74 -26.80 -20.38 20.30
N LEU F 75 -25.52 -20.00 20.15
CA LEU F 75 -24.42 -20.92 20.43
C LEU F 75 -24.38 -21.29 21.91
N MET F 76 -24.63 -20.32 22.78
CA MET F 76 -24.69 -20.58 24.22
C MET F 76 -25.78 -21.59 24.53
N LYS F 77 -26.93 -21.46 23.86
CA LYS F 77 -28.04 -22.40 24.05
C LYS F 77 -27.64 -23.81 23.64
N ARG F 78 -26.97 -23.90 22.49
CA ARG F 78 -26.50 -25.19 21.99
C ARG F 78 -25.49 -25.87 22.92
N LEU F 79 -24.75 -25.07 23.68
CA LEU F 79 -23.78 -25.59 24.64
C LEU F 79 -24.38 -25.86 26.03
N ASN F 80 -25.69 -25.62 26.15
CA ASN F 80 -26.41 -25.81 27.41
C ASN F 80 -25.92 -24.89 28.52
N LEU F 81 -25.41 -23.71 28.17
CA LEU F 81 -24.86 -22.81 29.18
C LEU F 81 -25.95 -22.32 30.14
N GLN F 82 -25.62 -22.25 31.41
CA GLN F 82 -26.54 -21.77 32.43
C GLN F 82 -26.15 -20.37 32.85
N ALA F 83 -24.94 -19.96 32.47
CA ALA F 83 -24.44 -18.63 32.79
C ALA F 83 -23.52 -18.13 31.68
N TYR F 84 -23.49 -16.81 31.51
CA TYR F 84 -22.56 -16.19 30.57
C TYR F 84 -21.85 -15.04 31.27
N ARG F 85 -20.55 -15.17 31.42
CA ARG F 85 -19.76 -14.13 32.06
C ARG F 85 -19.16 -13.24 31.00
N PHE F 86 -19.42 -11.94 31.12
CA PHE F 86 -18.98 -10.97 30.15
C PHE F 86 -18.58 -9.69 30.86
N SER F 87 -17.86 -8.82 30.16
CA SER F 87 -17.52 -7.52 30.71
C SER F 87 -18.18 -6.40 29.93
N VAL F 88 -18.36 -5.26 30.58
CA VAL F 88 -18.93 -4.08 29.94
C VAL F 88 -17.81 -3.08 29.63
N SER F 89 -17.76 -2.62 28.39
CA SER F 89 -16.77 -1.62 28.01
C SER F 89 -17.13 -0.25 28.57
N TRP F 90 -16.31 0.21 29.51
CA TRP F 90 -16.48 1.50 30.16
C TRP F 90 -16.61 2.64 29.16
N SER F 91 -15.74 2.63 28.15
CA SER F 91 -15.70 3.70 27.16
C SER F 91 -16.87 3.64 26.18
N ARG F 92 -17.48 2.47 26.04
CA ARG F 92 -18.67 2.35 25.20
C ARG F 92 -19.87 2.97 25.90
N VAL F 93 -19.87 2.93 27.23
CA VAL F 93 -21.01 3.40 28.02
C VAL F 93 -20.84 4.86 28.42
N ILE F 94 -19.61 5.22 28.79
CA ILE F 94 -19.29 6.61 29.13
C ILE F 94 -18.02 7.02 28.38
N PRO F 95 -18.21 7.60 27.18
CA PRO F 95 -17.10 7.84 26.23
C PRO F 95 -15.92 8.58 26.83
N GLN F 96 -16.17 9.52 27.73
CA GLN F 96 -15.08 10.25 28.37
C GLN F 96 -14.76 9.70 29.75
N GLY F 97 -15.37 8.58 30.11
CA GLY F 97 -15.12 7.95 31.41
C GLY F 97 -15.93 8.59 32.52
N ARG F 98 -16.08 9.91 32.43
CA ARG F 98 -16.96 10.66 33.32
C ARG F 98 -17.95 11.44 32.46
N GLY F 99 -19.08 11.83 33.05
CA GLY F 99 -20.01 12.69 32.34
C GLY F 99 -21.14 11.97 31.62
N ALA F 100 -21.36 12.38 30.37
CA ALA F 100 -22.50 11.93 29.59
C ALA F 100 -22.48 10.42 29.31
N ILE F 101 -23.64 9.79 29.47
CA ILE F 101 -23.81 8.38 29.12
C ILE F 101 -24.02 8.29 27.61
N ASN F 102 -23.49 7.23 26.99
CA ASN F 102 -23.75 6.99 25.57
C ASN F 102 -24.90 6.02 25.43
N PRO F 103 -26.08 6.53 25.05
CA PRO F 103 -27.34 5.79 24.98
C PRO F 103 -27.25 4.51 24.16
N LYS F 104 -26.63 4.59 22.98
CA LYS F 104 -26.52 3.43 22.09
C LYS F 104 -25.66 2.33 22.70
N GLY F 105 -24.55 2.76 23.32
CA GLY F 105 -23.60 1.85 23.94
C GLY F 105 -24.22 1.08 25.08
N LEU F 106 -24.93 1.77 25.95
CA LEU F 106 -25.65 1.14 27.05
C LEU F 106 -26.79 0.27 26.53
N ALA F 107 -27.41 0.72 25.44
CA ALA F 107 -28.53 -0.01 24.84
C ALA F 107 -28.09 -1.37 24.32
N PHE F 108 -26.85 -1.46 23.82
CA PHE F 108 -26.32 -2.75 23.39
C PHE F 108 -26.35 -3.77 24.52
N TYR F 109 -25.81 -3.39 25.68
CA TYR F 109 -25.76 -4.29 26.82
C TYR F 109 -27.14 -4.54 27.40
N ASP F 110 -28.04 -3.58 27.27
CA ASP F 110 -29.43 -3.79 27.66
C ASP F 110 -30.07 -4.91 26.83
N ARG F 111 -29.91 -4.82 25.52
CA ARG F 111 -30.43 -5.84 24.61
C ARG F 111 -29.78 -7.18 24.90
N LEU F 112 -28.48 -7.17 25.13
CA LEU F 112 -27.72 -8.38 25.41
C LEU F 112 -28.24 -9.09 26.65
N VAL F 113 -28.40 -8.34 27.74
CA VAL F 113 -28.85 -8.92 29.00
C VAL F 113 -30.28 -9.44 28.86
N ASP F 114 -31.16 -8.69 28.19
CA ASP F 114 -32.52 -9.15 27.98
C ASP F 114 -32.56 -10.44 27.16
N GLY F 115 -31.72 -10.51 26.13
CA GLY F 115 -31.62 -11.70 25.29
C GLY F 115 -31.11 -12.89 26.07
N LEU F 116 -30.20 -12.65 26.99
CA LEU F 116 -29.68 -13.72 27.84
C LEU F 116 -30.74 -14.24 28.79
N LEU F 117 -31.46 -13.33 29.44
CA LEU F 117 -32.52 -13.71 30.38
C LEU F 117 -33.63 -14.48 29.66
N GLU F 118 -33.95 -14.05 28.44
CA GLU F 118 -34.94 -14.76 27.62
C GLU F 118 -34.54 -16.21 27.34
N ALA F 119 -33.24 -16.43 27.15
CA ALA F 119 -32.72 -17.75 26.81
C ALA F 119 -32.53 -18.62 28.04
N GLY F 120 -32.78 -18.06 29.21
CA GLY F 120 -32.59 -18.78 30.45
C GLY F 120 -31.15 -18.80 30.91
N ILE F 121 -30.36 -17.83 30.42
CA ILE F 121 -28.95 -17.75 30.79
C ILE F 121 -28.70 -16.62 31.77
N GLU F 122 -28.05 -16.96 32.89
CA GLU F 122 -27.74 -15.99 33.92
C GLU F 122 -26.59 -15.10 33.46
N PRO F 123 -26.84 -13.79 33.37
CA PRO F 123 -25.78 -12.85 32.98
C PRO F 123 -24.85 -12.47 34.12
N LEU F 124 -23.56 -12.76 33.96
CA LEU F 124 -22.57 -12.43 34.98
C LEU F 124 -21.70 -11.29 34.46
N ALA F 125 -21.89 -10.10 35.00
CA ALA F 125 -21.26 -8.91 34.45
C ALA F 125 -20.01 -8.49 35.23
N THR F 126 -18.97 -8.12 34.49
CA THR F 126 -17.74 -7.58 35.06
C THR F 126 -17.60 -6.11 34.69
N LEU F 127 -17.34 -5.26 35.69
CA LEU F 127 -17.25 -3.82 35.44
C LEU F 127 -15.99 -3.45 34.67
N TYR F 128 -14.85 -3.99 35.08
CA TYR F 128 -13.58 -3.60 34.47
C TYR F 128 -12.75 -4.79 34.02
N HIS F 129 -12.56 -4.89 32.70
CA HIS F 129 -11.72 -5.93 32.13
C HIS F 129 -10.68 -5.30 31.22
N TRP F 130 -9.91 -4.38 31.81
CA TRP F 130 -8.63 -3.86 31.29
C TRP F 130 -8.77 -2.71 30.31
N ASP F 131 -10.00 -2.30 29.99
CA ASP F 131 -10.19 -1.29 28.96
C ASP F 131 -10.59 0.08 29.51
N LEU F 132 -9.69 0.69 30.27
CA LEU F 132 -9.89 2.05 30.78
C LEU F 132 -10.07 3.07 29.67
N PRO F 133 -11.05 3.98 29.82
CA PRO F 133 -11.22 5.11 28.90
C PRO F 133 -9.97 5.97 28.79
N ALA F 134 -9.56 6.27 27.57
CA ALA F 134 -8.33 7.03 27.33
C ALA F 134 -8.38 8.41 27.96
N ALA F 135 -9.58 8.98 28.04
CA ALA F 135 -9.76 10.29 28.65
C ALA F 135 -9.40 10.30 30.12
N LEU F 136 -9.62 9.17 30.79
CA LEU F 136 -9.25 9.04 32.19
C LEU F 136 -7.77 8.73 32.32
N ASP F 137 -7.22 8.03 31.32
CA ASP F 137 -5.80 7.76 31.25
C ASP F 137 -5.01 9.06 31.07
N ASP F 138 -5.60 10.01 30.36
CA ASP F 138 -4.98 11.33 30.21
C ASP F 138 -5.02 12.09 31.53
N ARG F 139 -5.86 11.61 32.45
CA ARG F 139 -5.91 12.16 33.81
C ARG F 139 -5.15 11.29 34.80
N GLY F 140 -4.34 10.37 34.28
CA GLY F 140 -3.45 9.58 35.12
C GLY F 140 -3.86 8.13 35.27
N GLY F 141 -5.08 7.82 34.83
CA GLY F 141 -5.58 6.46 34.92
C GLY F 141 -5.55 5.92 36.34
N TRP F 142 -4.99 4.73 36.49
CA TRP F 142 -4.92 4.07 37.80
C TRP F 142 -3.90 4.68 38.75
N LEU F 143 -3.18 5.71 38.30
CA LEU F 143 -2.25 6.41 39.17
C LEU F 143 -2.95 7.56 39.92
N ASN F 144 -4.13 7.93 39.43
CA ASN F 144 -4.92 8.99 40.04
C ASN F 144 -5.93 8.40 41.00
N PRO F 145 -5.82 8.73 42.31
CA PRO F 145 -6.72 8.18 43.33
C PRO F 145 -8.19 8.46 43.05
N ASP F 146 -8.47 9.55 42.34
CA ASP F 146 -9.84 9.93 42.00
C ASP F 146 -10.54 8.85 41.18
N ILE F 147 -9.77 7.93 40.61
CA ILE F 147 -10.37 6.86 39.81
C ILE F 147 -11.30 6.02 40.66
N ALA F 148 -11.02 5.94 41.96
CA ALA F 148 -11.86 5.17 42.86
C ALA F 148 -13.28 5.72 42.78
N ASP F 149 -13.39 7.04 42.71
CA ASP F 149 -14.69 7.67 42.56
C ASP F 149 -15.24 7.45 41.16
N TRP F 150 -14.39 7.61 40.15
CA TRP F 150 -14.82 7.51 38.76
C TRP F 150 -15.45 6.15 38.55
N PHE F 151 -14.71 5.13 38.97
CA PHE F 151 -15.13 3.76 38.82
C PHE F 151 -16.47 3.56 39.51
N ALA F 152 -16.58 4.11 40.72
CA ALA F 152 -17.80 3.94 41.48
C ALA F 152 -18.97 4.50 40.70
N ASP F 153 -18.79 5.70 40.15
CA ASP F 153 -19.88 6.35 39.43
C ASP F 153 -20.25 5.48 38.25
N TYR F 154 -19.23 4.97 37.58
CA TYR F 154 -19.44 4.12 36.41
C TYR F 154 -20.23 2.91 36.86
N GLY F 155 -19.79 2.30 37.96
CA GLY F 155 -20.45 1.13 38.48
C GLY F 155 -21.92 1.42 38.70
N GLN F 156 -22.20 2.59 39.28
CA GLN F 156 -23.57 2.94 39.65
C GLN F 156 -24.45 2.89 38.41
N VAL F 157 -23.95 3.44 37.31
CA VAL F 157 -24.72 3.53 36.08
C VAL F 157 -25.24 2.16 35.69
N LEU F 158 -24.41 1.14 35.85
CA LEU F 158 -24.84 -0.20 35.49
C LEU F 158 -25.74 -0.78 36.57
N PHE F 159 -25.37 -0.58 37.84
CA PHE F 159 -26.10 -1.16 38.97
C PHE F 159 -27.59 -0.83 38.91
N GLU F 160 -27.89 0.41 38.56
CA GLU F 160 -29.26 0.88 38.48
C GLU F 160 -29.91 0.47 37.16
N LYS F 161 -29.12 0.45 36.09
CA LYS F 161 -29.67 0.13 34.77
C LYS F 161 -30.12 -1.32 34.69
N PHE F 162 -29.38 -2.21 35.35
CA PHE F 162 -29.66 -3.64 35.26
C PHE F 162 -30.14 -4.22 36.58
N LYS F 163 -30.68 -3.36 37.45
CA LYS F 163 -31.22 -3.80 38.74
C LYS F 163 -32.29 -4.88 38.56
N GLY F 164 -32.08 -6.04 39.18
CA GLY F 164 -33.02 -7.13 39.08
C GLY F 164 -32.79 -8.05 37.89
N ARG F 165 -31.97 -7.61 36.95
CA ARG F 165 -31.64 -8.45 35.79
C ARG F 165 -30.24 -9.04 35.93
N VAL F 166 -29.27 -8.18 36.24
CA VAL F 166 -27.93 -8.65 36.55
C VAL F 166 -27.78 -8.68 38.07
N LYS F 167 -27.75 -9.89 38.64
CA LYS F 167 -27.73 -10.05 40.10
C LYS F 167 -26.35 -10.41 40.66
N THR F 168 -25.46 -10.88 39.80
CA THR F 168 -24.11 -11.23 40.23
C THR F 168 -23.07 -10.38 39.51
N TRP F 169 -22.32 -9.60 40.28
CA TRP F 169 -21.41 -8.61 39.73
C TRP F 169 -19.94 -8.88 40.05
N GLY F 170 -19.09 -8.72 39.05
CA GLY F 170 -17.66 -8.71 39.26
C GLY F 170 -17.20 -7.27 39.11
N THR F 171 -16.26 -6.88 39.96
CA THR F 171 -15.74 -5.51 39.92
C THR F 171 -14.53 -5.42 39.01
N ILE F 172 -13.42 -6.01 39.45
CA ILE F 172 -12.18 -5.97 38.71
C ILE F 172 -11.79 -7.37 38.28
N ASN F 173 -11.42 -7.54 37.02
CA ASN F 173 -10.91 -8.82 36.56
C ASN F 173 -9.39 -8.81 36.58
N GLU F 174 -8.82 -9.57 37.52
CA GLU F 174 -7.38 -9.76 37.60
C GLU F 174 -6.57 -8.48 37.76
N PRO F 175 -6.59 -7.90 38.97
CA PRO F 175 -5.76 -6.72 39.28
C PRO F 175 -4.28 -6.94 38.93
N TRP F 176 -3.77 -8.14 39.16
CA TRP F 176 -2.36 -8.43 38.91
C TRP F 176 -2.00 -8.28 37.45
N CYS F 177 -2.85 -8.76 36.55
CA CYS F 177 -2.58 -8.62 35.12
C CYS F 177 -2.60 -7.15 34.72
N ILE F 178 -3.58 -6.42 35.21
CA ILE F 178 -3.72 -5.00 34.94
C ILE F 178 -2.47 -4.22 35.35
N VAL F 179 -1.98 -4.47 36.56
CA VAL F 179 -0.88 -3.68 37.12
C VAL F 179 0.50 -4.17 36.66
N ASP F 180 0.73 -5.47 36.79
CA ASP F 180 1.99 -6.08 36.38
C ASP F 180 2.22 -5.99 34.88
N GLY F 181 1.17 -6.22 34.10
CA GLY F 181 1.27 -6.10 32.66
C GLY F 181 1.19 -4.66 32.17
N GLY F 182 0.33 -3.86 32.80
CA GLY F 182 0.10 -2.51 32.34
C GLY F 182 1.01 -1.43 32.87
N TYR F 183 1.54 -1.62 34.09
CA TYR F 183 2.29 -0.57 34.76
C TYR F 183 3.70 -0.99 35.17
N LEU F 184 3.89 -2.27 35.46
CA LEU F 184 5.20 -2.75 35.89
C LEU F 184 6.11 -3.08 34.70
N HIS F 185 5.62 -3.90 33.77
CA HIS F 185 6.47 -4.35 32.67
C HIS F 185 6.06 -3.76 31.30
N GLY F 186 4.83 -3.27 31.20
CA GLY F 186 4.39 -2.57 30.01
C GLY F 186 4.06 -3.40 28.78
N ALA F 187 3.76 -4.67 28.98
CA ALA F 187 3.39 -5.54 27.86
C ALA F 187 1.92 -5.35 27.50
N LEU F 188 1.16 -4.82 28.45
CA LEU F 188 -0.25 -4.51 28.24
C LEU F 188 -0.50 -3.00 28.34
N ALA F 189 -1.60 -2.56 27.76
CA ALA F 189 -2.06 -1.18 27.92
C ALA F 189 -2.19 -0.85 29.40
N PRO F 190 -1.80 0.38 29.80
CA PRO F 190 -1.35 1.49 28.94
C PRO F 190 0.15 1.46 28.61
N GLY F 191 0.83 0.35 28.86
CA GLY F 191 2.20 0.20 28.44
C GLY F 191 3.27 0.97 29.21
N HIS F 192 3.07 1.14 30.51
CA HIS F 192 4.08 1.77 31.35
C HIS F 192 5.01 0.72 31.97
N ARG F 193 6.24 1.12 32.30
CA ARG F 193 7.20 0.22 32.94
C ARG F 193 7.85 0.91 34.14
N SER F 194 7.28 0.67 35.32
CA SER F 194 7.70 1.36 36.54
C SER F 194 7.19 0.67 37.81
N ALA F 195 8.10 0.36 38.71
CA ALA F 195 7.72 -0.22 40.00
C ALA F 195 6.94 0.78 40.86
N TYR F 196 7.36 2.05 40.81
CA TYR F 196 6.67 3.12 41.53
C TYR F 196 5.21 3.20 41.10
N GLU F 197 5.02 3.22 39.80
CA GLU F 197 3.69 3.32 39.22
C GLU F 197 2.94 2.03 39.51
N ALA F 198 3.65 0.91 39.48
CA ALA F 198 3.02 -0.38 39.75
C ALA F 198 2.41 -0.44 41.15
N VAL F 199 3.17 -0.05 42.18
CA VAL F 199 2.64 -0.07 43.53
C VAL F 199 1.45 0.90 43.67
N ILE F 200 1.61 2.12 43.14
CA ILE F 200 0.52 3.08 43.24
C ILE F 200 -0.76 2.58 42.53
N ALA F 201 -0.58 2.04 41.33
CA ALA F 201 -1.68 1.50 40.53
C ALA F 201 -2.38 0.34 41.22
N GLY F 202 -1.62 -0.58 41.79
CA GLY F 202 -2.20 -1.70 42.52
C GLY F 202 -3.07 -1.19 43.66
N HIS F 203 -2.53 -0.24 44.42
CA HIS F 203 -3.27 0.34 45.54
C HIS F 203 -4.60 0.97 45.08
N ASN F 204 -4.54 1.75 44.00
CA ASN F 204 -5.75 2.41 43.52
C ASN F 204 -6.75 1.45 42.85
N VAL F 205 -6.28 0.36 42.28
CA VAL F 205 -7.19 -0.68 41.79
C VAL F 205 -7.97 -1.28 42.94
N LEU F 206 -7.26 -1.59 44.03
CA LEU F 206 -7.94 -2.12 45.22
C LEU F 206 -8.95 -1.12 45.79
N ARG F 207 -8.53 0.14 45.88
CA ARG F 207 -9.41 1.21 46.37
C ARG F 207 -10.66 1.36 45.49
N ALA F 208 -10.48 1.28 44.17
CA ALA F 208 -11.58 1.40 43.24
C ALA F 208 -12.57 0.27 43.45
N HIS F 209 -12.05 -0.94 43.64
CA HIS F 209 -12.91 -2.07 43.98
C HIS F 209 -13.74 -1.81 45.22
N GLY F 210 -13.08 -1.36 46.29
CA GLY F 210 -13.79 -1.07 47.53
C GLY F 210 -14.88 -0.03 47.36
N ALA F 211 -14.56 1.04 46.65
CA ALA F 211 -15.51 2.10 46.37
C ALA F 211 -16.71 1.58 45.60
N ALA F 212 -16.46 0.71 44.63
CA ALA F 212 -17.52 0.14 43.83
C ALA F 212 -18.43 -0.73 44.69
N VAL F 213 -17.84 -1.46 45.63
CA VAL F 213 -18.63 -2.30 46.52
C VAL F 213 -19.52 -1.44 47.44
N ARG F 214 -18.96 -0.36 47.98
CA ARG F 214 -19.75 0.56 48.80
C ARG F 214 -20.91 1.15 48.01
N ARG F 215 -20.63 1.63 46.80
CA ARG F 215 -21.65 2.21 45.95
C ARG F 215 -22.72 1.16 45.66
N PHE F 216 -22.30 -0.08 45.49
CA PHE F 216 -23.22 -1.18 45.25
C PHE F 216 -24.14 -1.41 46.46
N ARG F 217 -23.59 -1.28 47.66
CA ARG F 217 -24.42 -1.36 48.85
C ARG F 217 -25.43 -0.22 48.86
N GLU F 218 -25.02 0.92 48.33
CA GLU F 218 -25.88 2.10 48.30
C GLU F 218 -27.03 2.05 47.28
N VAL F 219 -26.75 1.57 46.07
CA VAL F 219 -27.73 1.66 44.99
C VAL F 219 -27.99 0.35 44.28
N GLY F 220 -27.25 -0.68 44.61
CA GLY F 220 -27.33 -1.92 43.86
C GLY F 220 -28.15 -3.00 44.51
N GLU F 221 -28.33 -4.10 43.78
CA GLU F 221 -29.10 -5.23 44.26
C GLU F 221 -28.47 -6.53 43.77
N GLY F 222 -28.21 -7.46 44.69
CA GLY F 222 -27.59 -8.72 44.35
C GLY F 222 -26.25 -8.96 45.04
N GLN F 223 -25.36 -9.66 44.37
CA GLN F 223 -24.08 -10.05 44.95
C GLN F 223 -22.90 -9.48 44.17
N ILE F 224 -21.89 -9.02 44.90
CA ILE F 224 -20.73 -8.38 44.27
C ILE F 224 -19.43 -8.93 44.84
N GLY F 225 -18.41 -9.03 43.99
CA GLY F 225 -17.11 -9.51 44.41
C GLY F 225 -16.04 -9.21 43.38
N ILE F 226 -14.79 -9.43 43.76
CA ILE F 226 -13.67 -9.22 42.85
C ILE F 226 -13.25 -10.54 42.23
N VAL F 227 -12.48 -10.46 41.14
CA VAL F 227 -11.99 -11.66 40.47
C VAL F 227 -10.47 -11.68 40.46
N LEU F 228 -9.89 -12.67 41.12
CA LEU F 228 -8.43 -12.79 41.17
C LEU F 228 -7.95 -13.97 40.35
N ASN F 229 -6.83 -13.77 39.67
CA ASN F 229 -6.10 -14.87 39.11
C ASN F 229 -5.04 -15.31 40.13
N ILE F 230 -4.86 -16.62 40.26
CA ILE F 230 -3.89 -17.16 41.18
C ILE F 230 -3.06 -18.19 40.43
N GLU F 231 -1.75 -18.11 40.58
CA GLU F 231 -0.84 -19.08 39.98
C GLU F 231 0.05 -19.61 41.08
N PRO F 232 -0.36 -20.74 41.68
CA PRO F 232 0.30 -21.34 42.84
C PRO F 232 1.78 -21.60 42.57
N LYS F 233 2.64 -21.20 43.51
CA LYS F 233 4.08 -21.34 43.33
C LYS F 233 4.63 -22.53 44.13
N TYR F 234 5.11 -23.53 43.40
CA TYR F 234 5.63 -24.76 43.98
C TYR F 234 7.17 -24.79 44.14
N PRO F 235 7.67 -25.62 45.07
CA PRO F 235 9.11 -25.67 45.35
C PRO F 235 9.96 -26.22 44.20
N ALA F 236 11.04 -25.53 43.88
CA ALA F 236 11.98 -25.97 42.85
C ALA F 236 13.03 -26.90 43.42
N SER F 237 13.27 -26.74 44.72
CA SER F 237 14.34 -27.47 45.41
C SER F 237 14.18 -27.30 46.92
N ASP F 238 15.15 -27.82 47.66
CA ASP F 238 15.14 -27.69 49.11
C ASP F 238 16.07 -26.57 49.56
N LYS F 239 16.70 -25.91 48.58
CA LYS F 239 17.49 -24.71 48.87
C LYS F 239 16.64 -23.57 49.41
N PRO F 240 17.13 -22.90 50.46
CA PRO F 240 16.42 -21.78 51.07
C PRO F 240 16.31 -20.57 50.14
N GLU F 241 17.29 -20.36 49.26
CA GLU F 241 17.21 -19.25 48.32
C GLU F 241 16.07 -19.46 47.32
N ASP F 242 15.78 -20.71 47.01
CA ASP F 242 14.68 -21.04 46.10
C ASP F 242 13.35 -20.87 46.82
N GLU F 243 13.33 -21.09 48.13
CA GLU F 243 12.12 -20.88 48.90
C GLU F 243 11.85 -19.38 49.02
N ALA F 244 12.91 -18.61 49.18
CA ALA F 244 12.79 -17.16 49.18
C ALA F 244 12.29 -16.65 47.83
N ALA F 245 12.77 -17.26 46.75
CA ALA F 245 12.29 -16.96 45.41
C ALA F 245 10.80 -17.25 45.28
N ARG F 246 10.41 -18.45 45.72
CA ARG F 246 9.01 -18.88 45.72
C ARG F 246 8.13 -17.90 46.48
N ARG F 247 8.61 -17.46 47.63
CA ARG F 247 7.84 -16.55 48.47
C ARG F 247 7.72 -15.16 47.85
N ARG F 248 8.80 -14.69 47.23
CA ARG F 248 8.76 -13.42 46.49
C ARG F 248 7.73 -13.47 45.35
N ALA F 249 7.80 -14.52 44.53
CA ALA F 249 6.90 -14.65 43.39
C ALA F 249 5.46 -14.75 43.85
N GLU F 250 5.24 -15.59 44.86
CA GLU F 250 3.93 -15.79 45.45
C GLU F 250 3.35 -14.51 46.03
N ALA F 251 4.19 -13.75 46.72
CA ALA F 251 3.74 -12.51 47.35
C ALA F 251 3.39 -11.48 46.29
N GLN F 252 4.22 -11.38 45.26
CA GLN F 252 4.00 -10.39 44.21
C GLN F 252 2.77 -10.72 43.37
N MET F 253 2.50 -12.01 43.16
CA MET F 253 1.42 -12.41 42.28
C MET F 253 0.13 -12.84 42.97
N ASN F 254 0.24 -13.66 44.01
CA ASN F 254 -0.95 -14.27 44.60
C ASN F 254 -1.44 -13.64 45.90
N ARG F 255 -0.58 -12.94 46.62
CA ARG F 255 -0.97 -12.37 47.92
C ARG F 255 -1.09 -10.86 47.91
N TRP F 256 -0.52 -10.22 46.90
CA TRP F 256 -0.52 -8.75 46.76
C TRP F 256 -1.89 -8.13 46.97
N PHE F 257 -2.92 -8.72 46.36
CA PHE F 257 -4.26 -8.16 46.43
C PHE F 257 -5.16 -8.87 47.44
N LEU F 258 -5.05 -10.20 47.50
CA LEU F 258 -5.88 -11.00 48.41
C LEU F 258 -5.72 -10.60 49.88
N ASP F 259 -4.49 -10.43 50.33
CA ASP F 259 -4.23 -10.13 51.73
C ASP F 259 -4.89 -8.82 52.22
N PRO F 260 -4.68 -7.70 51.50
CA PRO F 260 -5.40 -6.49 51.96
C PRO F 260 -6.91 -6.59 51.81
N LEU F 261 -7.38 -7.36 50.83
CA LEU F 261 -8.82 -7.61 50.67
C LEU F 261 -9.36 -8.38 51.87
N MET F 262 -8.51 -9.18 52.51
CA MET F 262 -8.93 -9.93 53.67
C MET F 262 -8.57 -9.20 54.97
N GLY F 263 -8.12 -7.96 54.83
CA GLY F 263 -7.78 -7.15 55.99
C GLY F 263 -6.46 -7.48 56.65
N ARG F 264 -5.57 -8.15 55.91
CA ARG F 264 -4.30 -8.59 56.47
C ARG F 264 -3.16 -7.65 56.08
N GLY F 265 -3.49 -6.54 55.43
CA GLY F 265 -2.47 -5.63 54.93
C GLY F 265 -1.68 -6.18 53.77
N TYR F 266 -0.67 -5.43 53.32
CA TYR F 266 0.21 -5.88 52.25
C TYR F 266 1.25 -6.87 52.78
N PRO F 267 1.56 -7.91 51.99
CA PRO F 267 2.63 -8.87 52.28
C PRO F 267 3.96 -8.17 52.59
N GLU F 268 4.68 -8.66 53.60
CA GLU F 268 5.94 -8.04 54.00
C GLU F 268 6.97 -8.09 52.87
N GLU F 269 6.92 -9.18 52.11
CA GLU F 269 7.91 -9.44 51.07
C GLU F 269 7.93 -8.37 49.99
N LEU F 270 6.82 -7.65 49.85
CA LEU F 270 6.71 -6.62 48.84
C LEU F 270 7.73 -5.53 49.11
N THR F 271 8.00 -5.29 50.40
CA THR F 271 8.99 -4.30 50.81
C THR F 271 10.32 -4.63 50.16
N ASP F 272 10.61 -5.92 50.06
CA ASP F 272 11.84 -6.39 49.42
C ASP F 272 11.74 -6.38 47.90
N VAL F 273 10.56 -6.69 47.36
CA VAL F 273 10.42 -6.82 45.92
C VAL F 273 10.53 -5.47 45.23
N TYR F 274 9.87 -4.46 45.77
CA TYR F 274 9.77 -3.17 45.11
C TYR F 274 10.75 -2.14 45.68
N GLY F 275 11.36 -2.48 46.82
CA GLY F 275 12.39 -1.64 47.41
C GLY F 275 11.99 -0.19 47.61
N ALA F 276 12.79 0.70 47.04
CA ALA F 276 12.58 2.14 47.15
C ALA F 276 11.27 2.61 46.51
N ALA F 277 10.68 1.78 45.67
CA ALA F 277 9.42 2.15 45.04
C ALA F 277 8.22 1.87 45.93
N TRP F 278 8.43 1.05 46.96
CA TRP F 278 7.35 0.72 47.90
C TRP F 278 6.92 1.92 48.74
N ARG F 279 5.65 1.96 49.09
CA ARG F 279 5.11 3.07 49.86
C ARG F 279 4.22 2.57 50.99
N GLU F 280 4.12 3.37 52.04
CA GLU F 280 3.14 3.13 53.08
C GLU F 280 1.92 4.01 52.78
N PHE F 281 0.73 3.43 52.93
CA PHE F 281 -0.49 4.17 52.66
C PHE F 281 -1.33 4.37 53.92
N PRO F 282 -2.16 5.43 53.95
CA PRO F 282 -3.04 5.70 55.09
C PRO F 282 -3.95 4.51 55.43
N LYS F 283 -4.21 4.31 56.71
CA LYS F 283 -5.00 3.17 57.20
C LYS F 283 -6.42 3.09 56.62
N GLU F 284 -7.04 4.25 56.44
CA GLU F 284 -8.43 4.29 55.99
C GLU F 284 -8.53 3.77 54.57
N ASP F 285 -7.43 3.85 53.82
CA ASP F 285 -7.39 3.23 52.50
C ASP F 285 -7.65 1.74 52.64
N PHE F 286 -7.01 1.14 53.64
CA PHE F 286 -7.14 -0.28 53.89
C PHE F 286 -8.49 -0.66 54.45
N GLU F 287 -9.13 0.24 55.20
CA GLU F 287 -10.51 -0.02 55.57
C GLU F 287 -11.42 -0.03 54.33
N LEU F 288 -11.21 0.93 53.43
CA LEU F 288 -11.97 0.97 52.17
C LEU F 288 -11.75 -0.29 51.33
N ILE F 289 -10.50 -0.73 51.24
CA ILE F 289 -10.12 -1.88 50.42
C ILE F 289 -10.76 -3.18 50.91
N ALA F 290 -10.90 -3.31 52.23
CA ALA F 290 -11.42 -4.54 52.82
C ALA F 290 -12.94 -4.55 52.95
N GLU F 291 -13.60 -3.61 52.29
CA GLU F 291 -15.06 -3.55 52.25
C GLU F 291 -15.63 -4.93 51.86
N PRO F 292 -16.45 -5.51 52.75
CA PRO F 292 -16.97 -6.88 52.64
C PRO F 292 -17.69 -7.19 51.32
N THR F 293 -17.34 -8.33 50.73
CA THR F 293 -17.93 -8.76 49.46
C THR F 293 -18.85 -9.96 49.68
N ASP F 294 -19.59 -10.34 48.65
CA ASP F 294 -20.54 -11.44 48.77
C ASP F 294 -19.96 -12.73 48.20
N TRP F 295 -19.04 -12.59 47.24
CA TRP F 295 -18.42 -13.74 46.60
C TRP F 295 -17.07 -13.35 46.01
N MET F 296 -16.29 -14.36 45.61
CA MET F 296 -15.02 -14.09 44.94
C MET F 296 -14.83 -15.03 43.75
N GLY F 297 -14.29 -14.48 42.66
CA GLY F 297 -14.01 -15.27 41.48
C GLY F 297 -12.55 -15.66 41.42
N LEU F 298 -12.29 -16.91 41.04
CA LEU F 298 -10.93 -17.34 40.81
C LEU F 298 -10.70 -17.65 39.34
N ASN F 299 -9.70 -16.98 38.76
CA ASN F 299 -9.22 -17.33 37.44
C ASN F 299 -7.99 -18.20 37.58
N TRP F 300 -8.04 -19.41 37.02
CA TRP F 300 -6.96 -20.37 37.22
C TRP F 300 -6.62 -21.10 35.93
N TYR F 301 -5.33 -21.27 35.69
CA TYR F 301 -4.87 -21.93 34.47
C TYR F 301 -3.75 -22.92 34.71
N THR F 302 -2.83 -22.59 35.60
CA THR F 302 -1.61 -23.36 35.76
C THR F 302 -0.88 -23.04 37.06
N ARG F 303 0.26 -23.68 37.25
CA ARG F 303 1.12 -23.39 38.39
C ARG F 303 2.48 -22.93 37.90
N ALA F 304 3.35 -22.52 38.81
CA ALA F 304 4.73 -22.23 38.47
C ALA F 304 5.66 -22.80 39.53
N VAL F 305 6.90 -23.06 39.13
CA VAL F 305 7.89 -23.61 40.04
C VAL F 305 9.11 -22.70 40.01
N PRO F 306 9.05 -21.60 40.78
CA PRO F 306 10.09 -20.56 40.70
C PRO F 306 11.38 -20.93 41.42
N GLU F 307 12.49 -20.51 40.84
CA GLU F 307 13.81 -20.64 41.43
C GLU F 307 14.43 -19.25 41.52
N ASN F 308 15.52 -19.14 42.26
CA ASN F 308 16.21 -17.88 42.43
C ASN F 308 16.76 -17.38 41.10
N ALA F 309 16.61 -16.07 40.87
CA ALA F 309 17.07 -15.44 39.64
C ALA F 309 17.43 -14.01 39.92
N PRO F 310 18.69 -13.78 40.33
CA PRO F 310 19.18 -12.49 40.83
C PRO F 310 18.97 -11.31 39.88
N ASP F 311 18.91 -11.58 38.58
CA ASP F 311 18.77 -10.53 37.58
C ASP F 311 17.35 -10.34 37.07
N ALA F 312 16.42 -11.14 37.58
CA ALA F 312 15.02 -11.03 37.15
C ALA F 312 14.31 -9.94 37.94
N TRP F 313 13.95 -8.85 37.26
CA TRP F 313 13.35 -7.71 37.92
C TRP F 313 11.82 -7.79 37.85
N PRO F 314 11.14 -7.54 38.99
CA PRO F 314 11.71 -7.21 40.29
C PRO F 314 11.65 -8.32 41.35
N THR F 315 11.07 -9.46 41.03
CA THR F 315 10.85 -10.51 42.03
C THR F 315 12.08 -11.39 42.25
N ARG F 316 13.08 -11.20 41.40
CA ARG F 316 14.31 -12.00 41.40
C ARG F 316 14.02 -13.49 41.41
N SER F 317 13.07 -13.92 40.58
CA SER F 317 12.69 -15.31 40.48
C SER F 317 12.37 -15.68 39.04
N ARG F 318 12.42 -16.97 38.72
CA ARG F 318 12.04 -17.40 37.38
C ARG F 318 11.49 -18.82 37.39
N PRO F 319 10.50 -19.09 36.55
CA PRO F 319 9.91 -20.44 36.55
C PRO F 319 10.85 -21.50 35.98
N VAL F 320 10.84 -22.68 36.61
CA VAL F 320 11.58 -23.84 36.10
C VAL F 320 10.64 -24.65 35.22
N ARG F 321 11.04 -24.89 33.99
CA ARG F 321 10.20 -25.62 33.03
C ARG F 321 9.95 -27.05 33.49
N GLN F 322 8.68 -27.42 33.62
CA GLN F 322 8.32 -28.76 34.06
C GLN F 322 8.13 -29.67 32.86
N THR F 323 9.23 -30.19 32.35
CA THR F 323 9.24 -30.94 31.10
C THR F 323 8.54 -32.29 31.20
N GLN F 324 8.19 -32.71 32.41
CA GLN F 324 7.51 -33.99 32.59
C GLN F 324 6.03 -33.91 32.21
N HIS F 325 5.52 -32.70 32.03
CA HIS F 325 4.10 -32.53 31.72
C HIS F 325 3.86 -31.78 30.41
N ALA F 326 2.65 -31.93 29.88
CA ALA F 326 2.22 -31.22 28.67
C ALA F 326 2.12 -29.72 28.92
N HIS F 327 2.39 -28.93 27.88
CA HIS F 327 2.24 -27.48 27.94
C HIS F 327 1.32 -26.93 26.85
N THR F 328 0.58 -25.89 27.19
CA THR F 328 -0.33 -25.22 26.27
C THR F 328 0.45 -24.34 25.29
N GLU F 329 -0.26 -23.74 24.32
CA GLU F 329 0.38 -22.85 23.36
C GLU F 329 0.82 -21.54 24.00
N THR F 330 0.30 -21.24 25.17
CA THR F 330 0.74 -20.07 25.93
C THR F 330 1.93 -20.41 26.82
N GLY F 331 2.38 -21.66 26.76
CA GLY F 331 3.53 -22.07 27.54
C GLY F 331 3.23 -22.40 28.99
N TRP F 332 1.97 -22.72 29.28
CA TRP F 332 1.56 -23.02 30.65
C TRP F 332 1.47 -24.52 30.90
N GLU F 333 2.13 -24.96 31.98
CA GLU F 333 2.10 -26.37 32.36
C GLU F 333 0.67 -26.83 32.64
N VAL F 334 0.33 -28.03 32.17
CA VAL F 334 -0.96 -28.63 32.48
C VAL F 334 -0.82 -29.52 33.71
N TYR F 335 -1.43 -29.09 34.82
CA TYR F 335 -1.29 -29.83 36.08
C TYR F 335 -2.49 -29.60 37.02
N PRO F 336 -3.55 -30.39 36.81
CA PRO F 336 -4.84 -30.31 37.51
C PRO F 336 -4.83 -30.40 39.05
N PRO F 337 -3.93 -31.18 39.68
CA PRO F 337 -3.98 -31.19 41.14
C PRO F 337 -3.77 -29.81 41.78
N ALA F 338 -3.00 -28.96 41.09
CA ALA F 338 -2.70 -27.63 41.58
C ALA F 338 -3.94 -26.73 41.62
N LEU F 339 -4.95 -27.06 40.82
CA LEU F 339 -6.22 -26.36 40.87
C LEU F 339 -6.91 -26.66 42.20
N THR F 340 -6.96 -27.95 42.54
CA THR F 340 -7.54 -28.40 43.80
C THR F 340 -6.82 -27.73 44.96
N ASP F 341 -5.49 -27.76 44.90
CA ASP F 341 -4.66 -27.16 45.94
C ASP F 341 -4.99 -25.68 46.08
N THR F 342 -5.11 -24.98 44.96
CA THR F 342 -5.35 -23.55 44.97
C THR F 342 -6.72 -23.25 45.58
N LEU F 343 -7.71 -24.07 45.24
CA LEU F 343 -9.06 -23.88 45.72
C LEU F 343 -9.10 -24.06 47.25
N VAL F 344 -8.36 -25.05 47.75
CA VAL F 344 -8.31 -25.28 49.19
C VAL F 344 -7.62 -24.11 49.89
N TRP F 345 -6.49 -23.69 49.31
CA TRP F 345 -5.70 -22.57 49.86
C TRP F 345 -6.55 -21.31 49.94
N LEU F 346 -7.37 -21.12 48.91
CA LEU F 346 -8.19 -19.92 48.78
C LEU F 346 -9.32 -19.99 49.79
N SER F 347 -9.87 -21.19 49.95
CA SER F 347 -10.89 -21.43 50.97
C SER F 347 -10.37 -21.07 52.35
N GLU F 348 -9.12 -21.43 52.61
CA GLU F 348 -8.51 -21.16 53.91
C GLU F 348 -8.22 -19.68 54.09
N GLN F 349 -7.77 -19.01 53.04
CA GLN F 349 -7.42 -17.60 53.14
C GLN F 349 -8.67 -16.76 53.38
N THR F 350 -9.81 -17.24 52.90
CA THR F 350 -11.07 -16.52 53.05
C THR F 350 -11.93 -17.08 54.18
N GLY F 351 -11.40 -18.04 54.92
CA GLY F 351 -12.06 -18.59 56.09
C GLY F 351 -13.28 -19.47 55.84
N GLY F 352 -13.49 -19.87 54.59
CA GLY F 352 -14.63 -20.72 54.28
C GLY F 352 -15.94 -19.95 54.25
N LYS F 353 -15.87 -18.67 54.62
CA LYS F 353 -17.05 -17.82 54.75
C LYS F 353 -17.47 -17.20 53.42
N LEU F 354 -16.55 -17.16 52.47
CA LEU F 354 -16.78 -16.46 51.21
C LEU F 354 -17.01 -17.43 50.04
N PRO F 355 -18.23 -17.39 49.47
CA PRO F 355 -18.60 -18.20 48.30
C PRO F 355 -17.67 -17.97 47.11
N LEU F 356 -17.17 -19.04 46.51
CA LEU F 356 -16.20 -18.94 45.43
C LEU F 356 -16.75 -19.42 44.09
N MET F 357 -16.20 -18.89 43.01
CA MET F 357 -16.54 -19.35 41.68
C MET F 357 -15.30 -19.34 40.79
N VAL F 358 -15.09 -20.40 40.03
CA VAL F 358 -14.03 -20.38 39.04
C VAL F 358 -14.59 -19.59 37.87
N THR F 359 -14.17 -18.32 37.78
CA THR F 359 -14.72 -17.43 36.78
C THR F 359 -13.95 -17.56 35.46
N GLU F 360 -12.79 -18.21 35.52
CA GLU F 360 -12.04 -18.53 34.32
C GLU F 360 -11.17 -19.77 34.48
N ASN F 361 -11.33 -20.70 33.54
CA ASN F 361 -10.44 -21.84 33.40
C ASN F 361 -10.55 -22.39 31.98
N GLY F 362 -9.40 -22.69 31.37
CA GLY F 362 -9.37 -23.18 30.01
C GLY F 362 -7.94 -23.27 29.51
N SER F 363 -7.78 -23.56 28.22
CA SER F 363 -6.46 -23.79 27.65
C SER F 363 -6.38 -23.43 26.17
N ALA F 364 -5.19 -23.01 25.75
CA ALA F 364 -4.95 -22.67 24.36
C ALA F 364 -4.11 -23.73 23.66
N TRP F 365 -4.65 -24.29 22.58
CA TRP F 365 -3.92 -25.24 21.76
C TRP F 365 -4.09 -24.83 20.31
N TYR F 366 -3.23 -25.33 19.42
CA TYR F 366 -3.35 -24.94 18.03
C TYR F 366 -4.61 -25.52 17.43
N ASP F 367 -5.37 -24.65 16.76
CA ASP F 367 -6.47 -25.06 15.92
C ASP F 367 -6.23 -24.45 14.54
N PRO F 368 -6.66 -25.15 13.48
CA PRO F 368 -6.57 -24.50 12.17
C PRO F 368 -7.48 -23.28 12.10
N PRO F 369 -7.19 -22.32 11.19
CA PRO F 369 -7.93 -21.06 11.12
C PRO F 369 -9.34 -21.22 10.55
N HIS F 370 -9.61 -22.38 9.97
CA HIS F 370 -10.92 -22.66 9.42
C HIS F 370 -11.37 -24.03 9.91
N ALA F 371 -12.69 -24.26 9.90
CA ALA F 371 -13.20 -25.57 10.27
C ALA F 371 -12.77 -26.60 9.24
N ILE F 372 -12.71 -27.85 9.64
CA ILE F 372 -12.36 -28.92 8.70
C ILE F 372 -13.46 -29.96 8.67
N ASP F 373 -14.07 -30.10 7.51
CA ASP F 373 -15.43 -30.59 7.34
C ASP F 373 -16.34 -30.28 8.53
N GLY F 374 -16.66 -29.01 8.75
CA GLY F 374 -17.58 -28.60 9.79
C GLY F 374 -17.18 -28.95 11.21
N ARG F 375 -15.90 -29.23 11.44
CA ARG F 375 -15.46 -29.70 12.76
C ARG F 375 -14.12 -29.12 13.18
N ILE F 376 -13.89 -29.07 14.48
CA ILE F 376 -12.57 -28.75 15.05
C ILE F 376 -12.23 -29.79 16.12
N HIS F 377 -11.25 -30.62 15.85
CA HIS F 377 -10.87 -31.68 16.78
C HIS F 377 -9.71 -31.22 17.67
N ASP F 378 -10.02 -30.92 18.92
CA ASP F 378 -9.03 -30.40 19.88
C ASP F 378 -8.94 -31.31 21.11
N PRO F 379 -8.38 -32.51 20.94
CA PRO F 379 -8.37 -33.54 21.98
C PRO F 379 -7.65 -33.12 23.27
N MET F 380 -6.62 -32.29 23.15
CA MET F 380 -5.90 -31.84 24.33
C MET F 380 -6.72 -30.85 25.15
N ARG F 381 -7.54 -30.05 24.47
CA ARG F 381 -8.41 -29.10 25.17
C ARG F 381 -9.52 -29.86 25.90
N VAL F 382 -10.01 -30.92 25.27
CA VAL F 382 -10.99 -31.80 25.88
C VAL F 382 -10.40 -32.44 27.14
N HIS F 383 -9.16 -32.92 27.01
CA HIS F 383 -8.45 -33.52 28.13
C HIS F 383 -8.29 -32.54 29.29
N TYR F 384 -7.85 -31.32 28.97
CA TYR F 384 -7.70 -30.27 29.97
C TYR F 384 -9.01 -30.05 30.70
N LEU F 385 -10.07 -29.95 29.92
CA LEU F 385 -11.39 -29.68 30.44
C LEU F 385 -11.82 -30.75 31.44
N GLN F 386 -11.74 -32.00 31.02
CA GLN F 386 -12.20 -33.11 31.87
C GLN F 386 -11.37 -33.26 33.15
N THR F 387 -10.03 -33.14 33.03
CA THR F 387 -9.19 -33.33 34.20
C THR F 387 -9.36 -32.20 35.21
N HIS F 388 -9.51 -30.98 34.71
CA HIS F 388 -9.60 -29.85 35.63
C HIS F 388 -10.99 -29.76 36.28
N ILE F 389 -12.02 -30.19 35.55
CA ILE F 389 -13.35 -30.23 36.15
C ILE F 389 -13.38 -31.30 37.25
N LYS F 390 -12.75 -32.45 36.97
CA LYS F 390 -12.59 -33.44 38.04
C LYS F 390 -11.84 -32.85 39.24
N ALA F 391 -10.85 -32.01 38.98
CA ALA F 391 -10.11 -31.38 40.07
C ALA F 391 -11.02 -30.46 40.87
N LEU F 392 -12.01 -29.87 40.19
CA LEU F 392 -12.97 -29.03 40.88
C LEU F 392 -13.78 -29.88 41.85
N HIS F 393 -14.23 -31.02 41.35
CA HIS F 393 -14.99 -31.94 42.19
C HIS F 393 -14.18 -32.37 43.41
N ASP F 394 -12.90 -32.65 43.19
CA ASP F 394 -12.02 -33.02 44.30
C ASP F 394 -11.96 -31.89 45.33
N ALA F 395 -11.91 -30.66 44.86
CA ALA F 395 -11.88 -29.52 45.77
C ALA F 395 -13.16 -29.41 46.58
N ILE F 396 -14.31 -29.66 45.94
CA ILE F 396 -15.58 -29.60 46.65
C ILE F 396 -15.65 -30.72 47.69
N GLY F 397 -15.14 -31.89 47.34
CA GLY F 397 -15.06 -33.00 48.27
C GLY F 397 -14.23 -32.73 49.50
N LYS F 398 -13.32 -31.76 49.42
CA LYS F 398 -12.51 -31.36 50.56
C LYS F 398 -13.10 -30.18 51.31
N GLY F 399 -14.34 -29.81 50.98
CA GLY F 399 -15.05 -28.79 51.75
C GLY F 399 -15.02 -27.36 51.23
N VAL F 400 -14.45 -27.14 50.04
CA VAL F 400 -14.44 -25.80 49.45
C VAL F 400 -15.83 -25.39 48.99
N ASP F 401 -16.25 -24.18 49.34
CA ASP F 401 -17.58 -23.70 48.98
C ASP F 401 -17.58 -23.11 47.57
N LEU F 402 -17.63 -24.00 46.57
CA LEU F 402 -17.56 -23.61 45.16
C LEU F 402 -18.94 -23.66 44.51
N ARG F 403 -19.39 -22.54 43.97
CA ARG F 403 -20.75 -22.43 43.47
C ARG F 403 -20.86 -22.52 41.95
N GLY F 404 -19.74 -22.45 41.24
CA GLY F 404 -19.81 -22.46 39.78
C GLY F 404 -18.50 -22.50 39.01
N TYR F 405 -18.62 -22.66 37.70
CA TYR F 405 -17.47 -22.84 36.82
C TYR F 405 -17.71 -22.22 35.45
N MET F 406 -16.82 -21.31 35.05
CA MET F 406 -16.91 -20.64 33.76
C MET F 406 -15.70 -20.98 32.88
N VAL F 407 -15.95 -21.56 31.71
CA VAL F 407 -14.86 -21.86 30.78
C VAL F 407 -14.36 -20.60 30.07
N TRP F 408 -13.06 -20.34 30.15
CA TRP F 408 -12.43 -19.39 29.25
C TRP F 408 -11.83 -20.17 28.08
N SER F 409 -12.37 -19.96 26.89
CA SER F 409 -13.37 -18.94 26.64
C SER F 409 -14.49 -19.50 25.77
N LEU F 410 -15.61 -18.79 25.72
CA LEU F 410 -16.70 -19.14 24.82
C LEU F 410 -16.21 -19.12 23.37
N LEU F 411 -15.48 -18.07 23.02
CA LEU F 411 -15.02 -17.87 21.65
C LEU F 411 -13.51 -17.75 21.55
N ASP F 412 -12.94 -18.28 20.47
CA ASP F 412 -11.61 -17.86 20.07
C ASP F 412 -11.65 -16.35 19.95
N ASN F 413 -10.71 -15.66 20.57
CA ASN F 413 -10.74 -14.21 20.57
C ASN F 413 -9.35 -13.58 20.57
N LEU F 414 -9.31 -12.27 20.72
CA LEU F 414 -8.04 -11.55 20.79
C LEU F 414 -7.40 -11.74 22.15
N GLU F 415 -6.31 -12.51 22.19
CA GLU F 415 -5.60 -12.76 23.44
C GLU F 415 -4.65 -11.58 23.67
N TRP F 416 -5.24 -10.40 23.79
CA TRP F 416 -4.54 -9.15 24.05
C TRP F 416 -3.27 -8.97 23.21
N SER F 417 -2.14 -8.72 23.86
CA SER F 417 -0.88 -8.46 23.15
C SER F 417 -0.39 -9.63 22.31
N LEU F 418 -0.91 -10.83 22.59
CA LEU F 418 -0.54 -12.01 21.81
C LEU F 418 -1.42 -12.20 20.58
N GLY F 419 -2.37 -11.30 20.40
CA GLY F 419 -3.21 -11.31 19.22
C GLY F 419 -4.11 -12.52 19.11
N TYR F 420 -4.38 -12.92 17.88
CA TYR F 420 -5.30 -14.01 17.58
C TYR F 420 -4.62 -15.38 17.51
N SER F 421 -3.31 -15.40 17.74
CA SER F 421 -2.55 -16.65 17.66
C SER F 421 -2.86 -17.64 18.78
N LYS F 422 -3.43 -17.16 19.88
CA LYS F 422 -3.76 -18.04 21.01
C LYS F 422 -5.26 -18.27 21.14
N ARG F 423 -5.72 -19.47 20.76
CA ARG F 423 -7.14 -19.77 20.78
C ARG F 423 -7.58 -20.45 22.08
N PHE F 424 -8.47 -19.79 22.82
CA PHE F 424 -8.94 -20.30 24.10
C PHE F 424 -10.37 -20.79 24.02
N GLY F 425 -11.00 -20.58 22.86
CA GLY F 425 -12.41 -20.89 22.70
C GLY F 425 -12.77 -22.37 22.73
N ILE F 426 -13.96 -22.65 23.24
CA ILE F 426 -14.58 -23.96 23.04
C ILE F 426 -15.46 -23.87 21.81
N VAL F 427 -15.63 -22.64 21.32
CA VAL F 427 -16.20 -22.41 20.00
C VAL F 427 -15.15 -21.73 19.13
N HIS F 428 -14.84 -22.37 18.01
CA HIS F 428 -13.89 -21.87 17.01
C HIS F 428 -14.46 -20.68 16.25
N VAL F 429 -13.62 -19.65 16.08
CA VAL F 429 -13.98 -18.51 15.25
C VAL F 429 -13.03 -18.39 14.06
N ASN F 430 -13.57 -18.49 12.86
CA ASN F 430 -12.83 -18.17 11.64
C ASN F 430 -12.83 -16.66 11.47
N PHE F 431 -11.70 -16.03 11.75
CA PHE F 431 -11.62 -14.58 11.78
C PHE F 431 -11.66 -13.92 10.41
N ALA F 432 -11.58 -14.73 9.36
CA ALA F 432 -11.74 -14.23 7.99
C ALA F 432 -13.22 -14.06 7.63
N THR F 433 -14.06 -14.96 8.14
CA THR F 433 -15.47 -15.03 7.75
C THR F 433 -16.43 -14.87 8.92
N GLN F 434 -15.89 -14.84 10.13
CA GLN F 434 -16.67 -14.78 11.37
C GLN F 434 -17.54 -16.02 11.60
N GLU F 435 -17.29 -17.07 10.81
CA GLU F 435 -17.98 -18.34 10.98
C GLU F 435 -17.62 -19.00 12.30
N ARG F 436 -18.64 -19.42 13.04
CA ARG F 436 -18.42 -20.14 14.29
C ARG F 436 -18.60 -21.64 14.11
N THR F 437 -17.69 -22.41 14.71
CA THR F 437 -17.80 -23.87 14.68
C THR F 437 -17.54 -24.43 16.07
N ILE F 438 -18.49 -25.16 16.63
CA ILE F 438 -18.30 -25.69 17.98
C ILE F 438 -17.24 -26.80 17.96
N LYS F 439 -16.23 -26.65 18.82
CA LYS F 439 -15.14 -27.61 18.91
C LYS F 439 -15.58 -28.85 19.68
N ASP F 440 -14.80 -29.92 19.57
CA ASP F 440 -15.05 -31.13 20.35
C ASP F 440 -15.09 -30.83 21.85
N SER F 441 -14.29 -29.87 22.28
CA SER F 441 -14.26 -29.44 23.67
C SER F 441 -15.60 -28.84 24.09
N GLY F 442 -16.19 -28.04 23.21
CA GLY F 442 -17.51 -27.47 23.45
C GLY F 442 -18.61 -28.52 23.55
N LEU F 443 -18.58 -29.47 22.62
CA LEU F 443 -19.52 -30.58 22.64
C LEU F 443 -19.42 -31.35 23.95
N PHE F 444 -18.18 -31.62 24.36
CA PHE F 444 -17.95 -32.33 25.62
C PHE F 444 -18.42 -31.53 26.82
N TYR F 445 -18.16 -30.23 26.81
CA TYR F 445 -18.58 -29.37 27.91
C TYR F 445 -20.09 -29.34 28.01
N ALA F 446 -20.76 -29.35 26.87
CA ALA F 446 -22.21 -29.37 26.83
C ALA F 446 -22.72 -30.64 27.48
N GLU F 447 -22.04 -31.75 27.20
CA GLU F 447 -22.42 -33.01 27.82
C GLU F 447 -22.14 -33.00 29.33
N VAL F 448 -21.05 -32.37 29.76
CA VAL F 448 -20.74 -32.25 31.18
C VAL F 448 -21.84 -31.48 31.92
N ILE F 449 -22.27 -30.37 31.33
CA ILE F 449 -23.36 -29.57 31.92
C ILE F 449 -24.64 -30.40 31.98
N LYS F 450 -24.98 -31.03 30.86
CA LYS F 450 -26.20 -31.80 30.71
C LYS F 450 -26.32 -32.92 31.75
N THR F 451 -25.22 -33.63 31.98
CA THR F 451 -25.22 -34.73 32.95
C THR F 451 -24.87 -34.26 34.35
N HIS F 452 -24.69 -32.94 34.50
CA HIS F 452 -24.27 -32.31 35.76
C HIS F 452 -23.04 -33.01 36.36
N GLY F 453 -22.16 -33.48 35.48
CA GLY F 453 -20.90 -34.05 35.92
C GLY F 453 -20.82 -35.57 35.80
N ASP F 454 -21.97 -36.20 35.61
CA ASP F 454 -22.06 -37.66 35.58
C ASP F 454 -21.29 -38.31 34.42
N VAL F 455 -21.05 -37.53 33.37
CA VAL F 455 -20.37 -38.06 32.19
C VAL F 455 -18.91 -38.40 32.52
N LEU F 456 -18.38 -37.75 33.55
CA LEU F 456 -16.99 -37.97 33.95
C LEU F 456 -16.72 -39.30 34.66
N ASN F 457 -17.74 -39.83 35.35
CA ASN F 457 -17.66 -41.14 36.00
C ASN F 457 -16.85 -42.20 35.26
N SER G 11 67.06 10.38 33.97
CA SER G 11 67.22 10.19 32.53
C SER G 11 66.23 9.17 31.99
N TYR G 12 65.91 9.32 30.71
CA TYR G 12 65.09 8.34 30.04
C TYR G 12 65.78 7.99 28.75
N ARG G 13 67.11 8.14 28.75
CA ARG G 13 67.93 7.70 27.63
C ARG G 13 67.89 6.17 27.60
N PHE G 14 67.70 5.63 26.41
CA PHE G 14 67.57 4.19 26.26
C PHE G 14 68.94 3.59 25.94
N PRO G 15 69.10 2.27 26.16
CA PRO G 15 70.38 1.60 25.89
C PRO G 15 70.87 1.78 24.46
N GLU G 16 72.18 1.66 24.27
CA GLU G 16 72.80 1.78 22.96
C GLU G 16 72.23 0.75 21.99
N GLY G 17 71.89 1.19 20.79
CA GLY G 17 71.35 0.29 19.79
C GLY G 17 69.86 0.04 19.90
N PHE G 18 69.21 0.65 20.89
CA PHE G 18 67.77 0.48 21.07
C PHE G 18 67.03 0.97 19.84
N LEU G 19 66.21 0.10 19.25
CA LEU G 19 65.62 0.38 17.94
C LEU G 19 64.20 0.93 18.03
N TRP G 20 64.00 2.11 17.49
CA TRP G 20 62.68 2.75 17.46
C TRP G 20 62.05 2.58 16.09
N GLY G 21 60.79 2.19 16.06
CA GLY G 21 60.10 2.03 14.79
C GLY G 21 58.59 2.07 14.86
N ALA G 22 57.94 1.70 13.77
CA ALA G 22 56.47 1.67 13.75
C ALA G 22 55.98 0.48 12.95
N ALA G 23 54.74 0.07 13.21
CA ALA G 23 54.25 -1.18 12.65
C ALA G 23 52.93 -1.07 11.91
N THR G 24 52.72 -1.99 10.97
CA THR G 24 51.49 -2.09 10.19
C THR G 24 51.22 -3.57 9.89
N ALA G 25 50.08 -3.84 9.24
CA ALA G 25 49.79 -5.17 8.72
C ALA G 25 49.21 -5.04 7.32
N ALA G 26 49.42 -6.06 6.50
CA ALA G 26 49.11 -6.00 5.08
C ALA G 26 47.65 -5.66 4.78
N TYR G 27 46.73 -6.48 5.29
CA TYR G 27 45.31 -6.28 4.96
C TYR G 27 44.76 -4.99 5.54
N GLN G 28 45.44 -4.45 6.56
CA GLN G 28 44.94 -3.27 7.23
C GLN G 28 45.29 -1.98 6.49
N ILE G 29 46.30 -2.02 5.63
CA ILE G 29 46.73 -0.80 4.93
C ILE G 29 46.81 -0.87 3.41
N GLU G 30 47.01 -2.07 2.86
CA GLU G 30 47.44 -2.18 1.46
C GLU G 30 46.39 -1.82 0.42
N GLY G 31 45.19 -2.37 0.54
CA GLY G 31 44.23 -2.29 -0.53
C GLY G 31 44.70 -3.14 -1.70
N SER G 32 44.07 -3.00 -2.86
CA SER G 32 44.45 -3.75 -4.06
C SER G 32 44.53 -5.25 -3.79
N SER G 33 43.50 -5.80 -3.16
CA SER G 33 43.54 -7.16 -2.65
C SER G 33 43.55 -8.23 -3.75
N MET G 34 42.98 -7.90 -4.90
CA MET G 34 42.95 -8.84 -6.02
C MET G 34 43.80 -8.38 -7.19
N ALA G 35 44.69 -7.42 -6.95
CA ALA G 35 45.45 -6.82 -8.03
C ALA G 35 46.71 -7.60 -8.37
N ASP G 36 47.09 -7.53 -9.65
CA ASP G 36 48.32 -8.11 -10.15
C ASP G 36 48.54 -9.57 -9.75
N GLY G 37 47.53 -10.40 -9.96
CA GLY G 37 47.65 -11.82 -9.68
C GLY G 37 47.34 -12.25 -8.26
N ALA G 38 47.19 -11.30 -7.36
CA ALA G 38 46.98 -11.60 -5.95
C ALA G 38 45.74 -12.46 -5.72
N GLY G 39 45.88 -13.46 -4.86
CA GLY G 39 44.80 -14.36 -4.52
C GLY G 39 43.79 -13.85 -3.51
N GLU G 40 42.73 -14.62 -3.34
CA GLU G 40 41.68 -14.32 -2.37
C GLU G 40 42.09 -14.81 -0.97
N SER G 41 41.98 -13.95 0.03
CA SER G 41 42.25 -14.36 1.41
C SER G 41 40.96 -14.55 2.18
N ILE G 42 41.06 -15.10 3.39
CA ILE G 42 39.89 -15.30 4.22
C ILE G 42 39.24 -13.98 4.61
N TRP G 43 40.02 -12.91 4.62
CA TRP G 43 39.47 -11.59 4.95
C TRP G 43 38.75 -10.94 3.78
N ASP G 44 39.17 -11.29 2.56
CA ASP G 44 38.42 -10.89 1.36
C ASP G 44 36.98 -11.41 1.46
N ARG G 45 36.86 -12.68 1.83
CA ARG G 45 35.57 -13.32 2.02
C ARG G 45 34.82 -12.76 3.23
N PHE G 46 35.51 -12.71 4.37
CA PHE G 46 34.91 -12.31 5.63
C PHE G 46 34.35 -10.89 5.59
N SER G 47 35.14 -9.96 5.06
CA SER G 47 34.74 -8.56 5.06
C SER G 47 33.61 -8.27 4.09
N HIS G 48 33.40 -9.16 3.13
CA HIS G 48 32.33 -8.99 2.15
C HIS G 48 31.13 -9.87 2.49
N THR G 49 31.03 -10.25 3.75
CA THR G 49 29.86 -10.96 4.25
C THR G 49 29.15 -10.01 5.18
N PRO G 50 27.89 -9.68 4.87
CA PRO G 50 27.16 -8.66 5.62
C PRO G 50 27.00 -9.00 7.10
N GLY G 51 27.17 -7.99 7.95
CA GLY G 51 27.06 -8.18 9.39
C GLY G 51 28.39 -8.38 10.10
N ASN G 52 29.41 -8.77 9.34
CA ASN G 52 30.72 -9.08 9.94
C ASN G 52 31.55 -7.85 10.29
N MET G 53 31.43 -6.79 9.51
CA MET G 53 32.29 -5.62 9.68
C MET G 53 31.46 -4.38 10.00
N LYS G 54 31.96 -3.56 10.92
CA LYS G 54 31.30 -2.32 11.27
C LYS G 54 31.18 -1.40 10.07
N ASP G 55 29.97 -0.89 9.85
CA ASP G 55 29.64 -0.01 8.72
C ASP G 55 29.87 -0.66 7.36
N GLY G 56 30.05 -1.98 7.35
CA GLY G 56 30.35 -2.70 6.12
C GLY G 56 31.71 -2.39 5.54
N ASP G 57 32.63 -1.92 6.38
CA ASP G 57 33.98 -1.60 5.92
C ASP G 57 34.72 -2.83 5.40
N THR G 58 35.57 -2.62 4.41
CA THR G 58 36.45 -3.68 3.90
C THR G 58 37.86 -3.14 3.70
N GLY G 59 38.80 -4.05 3.45
CA GLY G 59 40.16 -3.69 3.15
C GLY G 59 40.46 -3.52 1.66
N ASP G 60 39.41 -3.33 0.86
CA ASP G 60 39.55 -3.17 -0.59
C ASP G 60 40.49 -2.03 -0.96
N VAL G 61 40.36 -0.92 -0.24
CA VAL G 61 41.20 0.26 -0.49
C VAL G 61 42.14 0.52 0.68
N ALA G 62 41.58 0.58 1.88
CA ALA G 62 42.33 0.89 3.10
C ALA G 62 43.13 2.17 2.95
N CYS G 63 44.45 2.06 3.12
CA CYS G 63 45.33 3.22 3.01
C CYS G 63 45.96 3.32 1.63
N ASP G 64 45.53 2.45 0.72
CA ASP G 64 46.06 2.40 -0.65
C ASP G 64 47.58 2.31 -0.64
N HIS G 65 48.13 1.62 0.35
CA HIS G 65 49.58 1.55 0.54
C HIS G 65 50.29 0.84 -0.61
N TYR G 66 49.59 -0.08 -1.25
CA TYR G 66 50.11 -0.82 -2.40
C TYR G 66 50.55 0.14 -3.50
N ASN G 67 49.83 1.25 -3.62
CA ASN G 67 50.16 2.29 -4.60
C ASN G 67 50.95 3.47 -4.04
N ARG G 68 50.83 3.73 -2.74
CA ARG G 68 51.41 4.93 -2.13
C ARG G 68 52.57 4.65 -1.15
N TRP G 69 53.18 3.47 -1.29
CA TRP G 69 54.22 3.03 -0.36
C TRP G 69 55.43 3.97 -0.32
N ARG G 70 55.77 4.58 -1.46
CA ARG G 70 56.87 5.52 -1.54
C ARG G 70 56.60 6.75 -0.65
N GLU G 71 55.39 7.29 -0.77
CA GLU G 71 54.93 8.37 0.09
C GLU G 71 55.03 7.95 1.56
N ASP G 72 54.61 6.72 1.83
CA ASP G 72 54.63 6.23 3.20
C ASP G 72 56.06 6.11 3.76
N ILE G 73 57.01 5.71 2.91
CA ILE G 73 58.41 5.66 3.31
C ILE G 73 58.96 7.06 3.59
N GLU G 74 58.59 8.03 2.76
CA GLU G 74 59.00 9.40 3.03
C GLU G 74 58.44 9.88 4.38
N LEU G 75 57.22 9.44 4.69
CA LEU G 75 56.66 9.75 5.99
C LEU G 75 57.46 9.08 7.10
N MET G 76 57.93 7.86 6.86
CA MET G 76 58.78 7.18 7.84
C MET G 76 60.07 7.95 8.10
N LYS G 77 60.69 8.47 7.05
CA LYS G 77 61.91 9.27 7.23
C LYS G 77 61.60 10.55 8.01
N ARG G 78 60.50 11.21 7.68
CA ARG G 78 60.10 12.41 8.39
C ARG G 78 59.85 12.14 9.88
N LEU G 79 59.44 10.92 10.21
CA LEU G 79 59.21 10.52 11.60
C LEU G 79 60.48 9.99 12.26
N ASN G 80 61.58 10.02 11.51
CA ASN G 80 62.89 9.56 11.99
C ASN G 80 62.90 8.08 12.35
N LEU G 81 62.05 7.29 11.69
CA LEU G 81 61.94 5.88 12.02
C LEU G 81 63.22 5.13 11.67
N GLN G 82 63.60 4.22 12.55
CA GLN G 82 64.78 3.40 12.35
C GLN G 82 64.36 2.00 11.94
N ALA G 83 63.08 1.70 12.15
CA ALA G 83 62.55 0.40 11.77
C ALA G 83 61.10 0.49 11.35
N TYR G 84 60.75 -0.35 10.40
CA TYR G 84 59.38 -0.46 9.93
C TYR G 84 58.98 -1.91 9.94
N ARG G 85 58.03 -2.23 10.81
CA ARG G 85 57.51 -3.57 10.92
C ARG G 85 56.26 -3.68 10.09
N PHE G 86 56.25 -4.65 9.19
CA PHE G 86 55.16 -4.83 8.25
C PHE G 86 54.94 -6.32 8.08
N SER G 87 53.80 -6.68 7.50
CA SER G 87 53.55 -8.08 7.20
C SER G 87 53.49 -8.31 5.70
N VAL G 88 53.73 -9.55 5.29
CA VAL G 88 53.63 -9.93 3.88
C VAL G 88 52.35 -10.72 3.69
N SER G 89 51.54 -10.30 2.71
CA SER G 89 50.31 -11.03 2.42
C SER G 89 50.62 -12.33 1.68
N TRP G 90 50.36 -13.45 2.36
CA TRP G 90 50.59 -14.79 1.82
C TRP G 90 49.91 -14.99 0.48
N SER G 91 48.66 -14.57 0.38
CA SER G 91 47.89 -14.79 -0.83
C SER G 91 48.32 -13.84 -1.95
N ARG G 92 48.97 -12.74 -1.61
CA ARG G 92 49.51 -11.86 -2.64
C ARG G 92 50.75 -12.47 -3.28
N VAL G 93 51.50 -13.24 -2.50
CA VAL G 93 52.77 -13.81 -2.96
C VAL G 93 52.53 -15.22 -3.52
N ILE G 94 51.66 -15.97 -2.87
CA ILE G 94 51.29 -17.30 -3.34
C ILE G 94 49.76 -17.39 -3.37
N PRO G 95 49.16 -17.03 -4.51
CA PRO G 95 47.69 -16.84 -4.61
C PRO G 95 46.87 -18.03 -4.11
N GLN G 96 47.36 -19.23 -4.35
CA GLN G 96 46.65 -20.43 -3.90
C GLN G 96 47.23 -21.00 -2.61
N GLY G 97 48.14 -20.26 -2.00
CA GLY G 97 48.75 -20.69 -0.75
C GLY G 97 49.89 -21.67 -0.97
N ARG G 98 49.72 -22.54 -1.95
CA ARG G 98 50.78 -23.43 -2.39
C ARG G 98 51.00 -23.30 -3.90
N GLY G 99 52.17 -23.70 -4.37
CA GLY G 99 52.41 -23.76 -5.80
C GLY G 99 53.06 -22.53 -6.41
N ALA G 100 52.50 -22.08 -7.52
CA ALA G 100 53.09 -21.01 -8.32
C ALA G 100 53.18 -19.70 -7.55
N ILE G 101 54.34 -19.05 -7.64
CA ILE G 101 54.56 -17.74 -7.05
C ILE G 101 53.99 -16.65 -7.97
N ASN G 102 53.47 -15.57 -7.38
CA ASN G 102 53.02 -14.42 -8.16
C ASN G 102 54.12 -13.37 -8.19
N PRO G 103 54.80 -13.26 -9.34
CA PRO G 103 55.97 -12.40 -9.53
C PRO G 103 55.75 -10.94 -9.15
N LYS G 104 54.63 -10.37 -9.57
CA LYS G 104 54.33 -8.96 -9.29
C LYS G 104 54.09 -8.73 -7.80
N GLY G 105 53.40 -9.68 -7.18
CA GLY G 105 53.08 -9.61 -5.76
C GLY G 105 54.33 -9.63 -4.91
N LEU G 106 55.23 -10.55 -5.21
CA LEU G 106 56.51 -10.65 -4.52
C LEU G 106 57.39 -9.43 -4.83
N ALA G 107 57.26 -8.93 -6.06
CA ALA G 107 58.03 -7.79 -6.52
C ALA G 107 57.67 -6.54 -5.73
N PHE G 108 56.40 -6.43 -5.33
CA PHE G 108 55.97 -5.32 -4.47
C PHE G 108 56.81 -5.25 -3.20
N TYR G 109 56.93 -6.38 -2.51
CA TYR G 109 57.67 -6.42 -1.26
C TYR G 109 59.18 -6.30 -1.53
N ASP G 110 59.62 -6.74 -2.69
CA ASP G 110 61.02 -6.55 -3.09
C ASP G 110 61.37 -5.07 -3.17
N ARG G 111 60.55 -4.31 -3.91
CA ARG G 111 60.74 -2.89 -4.04
C ARG G 111 60.60 -2.19 -2.69
N LEU G 112 59.61 -2.60 -1.91
CA LEU G 112 59.38 -1.99 -0.60
C LEU G 112 60.60 -2.16 0.30
N VAL G 113 61.12 -3.38 0.40
CA VAL G 113 62.26 -3.66 1.26
C VAL G 113 63.50 -2.90 0.77
N ASP G 114 63.71 -2.89 -0.54
CA ASP G 114 64.83 -2.13 -1.11
C ASP G 114 64.71 -0.63 -0.80
N GLY G 115 63.49 -0.12 -0.88
CA GLY G 115 63.21 1.28 -0.57
C GLY G 115 63.47 1.62 0.88
N LEU G 116 63.15 0.69 1.77
CA LEU G 116 63.39 0.86 3.20
C LEU G 116 64.88 0.90 3.49
N LEU G 117 65.60 -0.06 2.91
CA LEU G 117 67.05 -0.14 3.09
C LEU G 117 67.72 1.10 2.53
N GLU G 118 67.20 1.59 1.41
CA GLU G 118 67.65 2.84 0.81
C GLU G 118 67.44 4.01 1.76
N ALA G 119 66.38 3.95 2.55
CA ALA G 119 66.05 5.02 3.49
C ALA G 119 66.78 4.88 4.82
N GLY G 120 67.53 3.79 4.98
CA GLY G 120 68.23 3.54 6.22
C GLY G 120 67.32 2.97 7.30
N ILE G 121 66.22 2.37 6.87
CA ILE G 121 65.22 1.82 7.79
C ILE G 121 65.26 0.30 7.84
N GLU G 122 65.29 -0.23 9.06
CA GLU G 122 65.36 -1.67 9.28
C GLU G 122 64.02 -2.31 8.94
N PRO G 123 64.02 -3.21 7.94
CA PRO G 123 62.78 -3.90 7.57
C PRO G 123 62.48 -5.06 8.51
N LEU G 124 61.33 -4.98 9.18
CA LEU G 124 60.93 -6.03 10.10
C LEU G 124 59.72 -6.77 9.53
N ALA G 125 59.94 -7.99 9.04
CA ALA G 125 58.89 -8.68 8.31
C ALA G 125 58.15 -9.72 9.14
N THR G 126 56.82 -9.75 8.98
CA THR G 126 55.97 -10.74 9.61
C THR G 126 55.39 -11.66 8.55
N LEU G 127 55.55 -12.97 8.70
CA LEU G 127 55.06 -13.91 7.70
C LEU G 127 53.53 -13.97 7.70
N TYR G 128 52.94 -14.08 8.89
CA TYR G 128 51.50 -14.26 8.98
C TYR G 128 50.83 -13.25 9.91
N HIS G 129 50.00 -12.39 9.33
CA HIS G 129 49.23 -11.43 10.10
C HIS G 129 47.76 -11.57 9.73
N TRP G 130 47.24 -12.79 9.90
CA TRP G 130 45.82 -13.11 9.97
C TRP G 130 45.16 -13.30 8.59
N ASP G 131 45.93 -13.14 7.53
CA ASP G 131 45.34 -13.19 6.18
C ASP G 131 45.67 -14.48 5.44
N LEU G 132 45.19 -15.61 5.97
CA LEU G 132 45.36 -16.90 5.30
C LEU G 132 44.72 -16.91 3.91
N PRO G 133 45.42 -17.49 2.92
CA PRO G 133 44.85 -17.71 1.58
C PRO G 133 43.57 -18.54 1.67
N ALA G 134 42.52 -18.10 0.98
CA ALA G 134 41.23 -18.78 1.04
C ALA G 134 41.30 -20.22 0.54
N ALA G 135 42.22 -20.47 -0.39
CA ALA G 135 42.40 -21.80 -0.94
C ALA G 135 42.87 -22.80 0.12
N LEU G 136 43.64 -22.30 1.09
CA LEU G 136 44.11 -23.15 2.18
C LEU G 136 43.04 -23.30 3.26
N ASP G 137 42.21 -22.27 3.41
CA ASP G 137 41.08 -22.33 4.31
C ASP G 137 40.08 -23.38 3.82
N ASP G 138 39.99 -23.51 2.50
CA ASP G 138 39.12 -24.52 1.90
C ASP G 138 39.65 -25.93 2.12
N ARG G 139 40.92 -26.03 2.52
CA ARG G 139 41.51 -27.31 2.89
C ARG G 139 41.56 -27.49 4.41
N GLY G 140 40.82 -26.65 5.13
CA GLY G 140 40.67 -26.79 6.57
C GLY G 140 41.38 -25.71 7.36
N GLY G 141 42.21 -24.92 6.69
CA GLY G 141 42.96 -23.85 7.34
C GLY G 141 43.80 -24.32 8.52
N TRP G 142 43.68 -23.62 9.64
CA TRP G 142 44.48 -23.93 10.82
C TRP G 142 44.02 -25.19 11.53
N LEU G 143 42.96 -25.82 11.02
CA LEU G 143 42.50 -27.10 11.56
C LEU G 143 43.22 -28.26 10.89
N ASN G 144 43.88 -27.99 9.77
CA ASN G 144 44.63 -29.00 9.04
C ASN G 144 46.10 -28.96 9.43
N PRO G 145 46.60 -30.04 10.05
CA PRO G 145 47.99 -30.11 10.52
C PRO G 145 49.01 -29.87 9.41
N ASP G 146 48.66 -30.22 8.18
CA ASP G 146 49.56 -30.04 7.05
C ASP G 146 49.94 -28.58 6.84
N ILE G 147 49.17 -27.67 7.45
CA ILE G 147 49.45 -26.25 7.31
C ILE G 147 50.82 -25.93 7.85
N ALA G 148 51.28 -26.72 8.82
CA ALA G 148 52.59 -26.51 9.40
C ALA G 148 53.63 -26.55 8.30
N ASP G 149 53.44 -27.49 7.38
CA ASP G 149 54.32 -27.61 6.23
C ASP G 149 54.08 -26.49 5.23
N TRP G 150 52.80 -26.17 4.97
CA TRP G 150 52.46 -25.17 3.97
C TRP G 150 53.14 -23.87 4.34
N PHE G 151 52.95 -23.51 5.61
CA PHE G 151 53.50 -22.28 6.15
C PHE G 151 55.01 -22.28 5.97
N ALA G 152 55.65 -23.41 6.29
CA ALA G 152 57.09 -23.49 6.21
C ALA G 152 57.52 -23.17 4.78
N ASP G 153 56.82 -23.77 3.82
CA ASP G 153 57.18 -23.59 2.43
C ASP G 153 57.04 -22.12 2.07
N TYR G 154 55.95 -21.52 2.54
CA TYR G 154 55.70 -20.12 2.27
C TYR G 154 56.85 -19.34 2.86
N GLY G 155 57.19 -19.66 4.11
CA GLY G 155 58.27 -18.99 4.80
C GLY G 155 59.54 -19.06 3.99
N GLN G 156 59.81 -20.24 3.43
CA GLN G 156 61.06 -20.45 2.70
C GLN G 156 61.14 -19.45 1.56
N VAL G 157 60.02 -19.29 0.85
CA VAL G 157 59.97 -18.40 -0.31
C VAL G 157 60.46 -17.01 0.08
N LEU G 158 60.05 -16.55 1.25
CA LEU G 158 60.44 -15.22 1.67
C LEU G 158 61.88 -15.25 2.17
N PHE G 159 62.21 -16.28 2.96
CA PHE G 159 63.53 -16.39 3.59
C PHE G 159 64.65 -16.28 2.57
N GLU G 160 64.44 -16.92 1.43
CA GLU G 160 65.42 -16.96 0.35
C GLU G 160 65.40 -15.66 -0.46
N LYS G 161 64.21 -15.10 -0.65
CA LYS G 161 64.07 -13.90 -1.47
C LYS G 161 64.73 -12.69 -0.84
N PHE G 162 64.61 -12.56 0.48
CA PHE G 162 65.13 -11.40 1.18
C PHE G 162 66.32 -11.78 2.04
N LYS G 163 66.93 -12.91 1.70
CA LYS G 163 68.11 -13.38 2.40
C LYS G 163 69.18 -12.30 2.30
N GLY G 164 69.67 -11.85 3.45
CA GLY G 164 70.65 -10.79 3.51
C GLY G 164 70.06 -9.39 3.56
N ARG G 165 68.77 -9.26 3.27
CA ARG G 165 68.09 -7.96 3.35
C ARG G 165 67.18 -7.83 4.58
N VAL G 166 66.34 -8.84 4.81
CA VAL G 166 65.53 -8.89 6.03
C VAL G 166 66.19 -9.82 7.04
N LYS G 167 66.72 -9.26 8.12
CA LYS G 167 67.47 -10.04 9.11
C LYS G 167 66.69 -10.40 10.36
N THR G 168 65.60 -9.69 10.63
CA THR G 168 64.77 -9.99 11.78
C THR G 168 63.36 -10.37 11.36
N TRP G 169 62.98 -11.59 11.69
CA TRP G 169 61.76 -12.22 11.22
C TRP G 169 60.77 -12.56 12.32
N GLY G 170 59.49 -12.27 12.06
CA GLY G 170 58.41 -12.74 12.90
C GLY G 170 57.68 -13.85 12.17
N THR G 171 57.26 -14.88 12.90
CA THR G 171 56.54 -15.99 12.29
C THR G 171 55.05 -15.74 12.31
N ILE G 172 54.47 -15.79 13.51
CA ILE G 172 53.04 -15.60 13.68
C ILE G 172 52.76 -14.36 14.52
N ASN G 173 51.82 -13.53 14.08
CA ASN G 173 51.42 -12.39 14.87
C ASN G 173 50.18 -12.70 15.70
N GLU G 174 50.38 -12.83 17.01
CA GLU G 174 49.30 -13.02 17.96
C GLU G 174 48.43 -14.24 17.70
N PRO G 175 48.95 -15.43 18.04
CA PRO G 175 48.18 -16.68 17.94
C PRO G 175 46.83 -16.59 18.66
N TRP G 176 46.79 -15.92 19.81
CA TRP G 176 45.56 -15.84 20.60
C TRP G 176 44.45 -15.12 19.86
N CYS G 177 44.76 -14.00 19.19
CA CYS G 177 43.74 -13.30 18.43
C CYS G 177 43.23 -14.15 17.26
N ILE G 178 44.16 -14.80 16.57
CA ILE G 178 43.85 -15.69 15.47
C ILE G 178 42.87 -16.78 15.87
N VAL G 179 43.14 -17.43 17.00
CA VAL G 179 42.37 -18.59 17.42
C VAL G 179 41.08 -18.22 18.19
N ASP G 180 41.22 -17.37 19.19
CA ASP G 180 40.11 -16.90 20.00
C ASP G 180 39.12 -16.07 19.19
N GLY G 181 39.65 -15.19 18.34
CA GLY G 181 38.81 -14.39 17.48
C GLY G 181 38.30 -15.12 16.25
N GLY G 182 39.16 -15.95 15.65
CA GLY G 182 38.82 -16.61 14.40
C GLY G 182 38.10 -17.95 14.51
N TYR G 183 38.35 -18.68 15.60
CA TYR G 183 37.84 -20.03 15.71
C TYR G 183 36.98 -20.27 16.95
N LEU G 184 37.27 -19.54 18.02
CA LEU G 184 36.52 -19.72 19.27
C LEU G 184 35.23 -18.92 19.30
N HIS G 185 35.30 -17.63 19.00
CA HIS G 185 34.14 -16.76 19.11
C HIS G 185 33.61 -16.26 17.76
N GLY G 186 34.43 -16.31 16.72
CA GLY G 186 33.99 -15.98 15.37
C GLY G 186 33.82 -14.52 15.01
N ALA G 187 34.49 -13.64 15.76
CA ALA G 187 34.43 -12.21 15.47
C ALA G 187 35.41 -11.84 14.36
N LEU G 188 36.42 -12.69 14.17
CA LEU G 188 37.41 -12.51 13.11
C LEU G 188 37.33 -13.66 12.09
N ALA G 189 37.85 -13.41 10.89
CA ALA G 189 38.00 -14.47 9.88
C ALA G 189 38.80 -15.65 10.44
N PRO G 190 38.40 -16.88 10.10
CA PRO G 190 37.33 -17.25 9.16
C PRO G 190 35.94 -17.33 9.78
N GLY G 191 35.78 -16.80 10.99
CA GLY G 191 34.46 -16.71 11.59
C GLY G 191 33.84 -18.01 12.11
N HIS G 192 34.66 -18.91 12.62
CA HIS G 192 34.15 -20.11 13.27
C HIS G 192 33.91 -19.88 14.75
N ARG G 193 32.99 -20.63 15.34
CA ARG G 193 32.73 -20.56 16.77
C ARG G 193 32.65 -21.95 17.35
N SER G 194 33.79 -22.42 17.86
CA SER G 194 33.92 -23.80 18.32
C SER G 194 35.16 -23.94 19.21
N ALA G 195 34.95 -24.46 20.42
CA ALA G 195 36.06 -24.71 21.33
C ALA G 195 36.96 -25.84 20.82
N TYR G 196 36.34 -26.85 20.23
CA TYR G 196 37.07 -27.98 19.64
C TYR G 196 38.07 -27.46 18.60
N GLU G 197 37.55 -26.60 17.72
CA GLU G 197 38.33 -26.04 16.63
C GLU G 197 39.37 -25.08 17.21
N ALA G 198 39.01 -24.36 18.26
CA ALA G 198 39.95 -23.44 18.89
C ALA G 198 41.18 -24.19 19.41
N VAL G 199 40.94 -25.31 20.10
CA VAL G 199 42.03 -26.11 20.65
C VAL G 199 42.93 -26.64 19.53
N ILE G 200 42.31 -27.24 18.52
CA ILE G 200 43.10 -27.78 17.41
C ILE G 200 43.87 -26.71 16.64
N ALA G 201 43.21 -25.60 16.34
CA ALA G 201 43.82 -24.49 15.62
C ALA G 201 44.99 -23.88 16.37
N GLY G 202 44.84 -23.70 17.68
CA GLY G 202 45.93 -23.20 18.50
C GLY G 202 47.12 -24.12 18.38
N HIS G 203 46.86 -25.41 18.50
CA HIS G 203 47.94 -26.40 18.40
C HIS G 203 48.68 -26.31 17.06
N ASN G 204 47.92 -26.23 15.97
CA ASN G 204 48.54 -26.18 14.65
C ASN G 204 49.22 -24.85 14.31
N VAL G 205 48.75 -23.75 14.91
CA VAL G 205 49.46 -22.48 14.78
C VAL G 205 50.83 -22.60 15.43
N LEU G 206 50.86 -23.19 16.62
CA LEU G 206 52.15 -23.40 17.30
C LEU G 206 53.08 -24.29 16.46
N ARG G 207 52.53 -25.37 15.93
CA ARG G 207 53.31 -26.28 15.09
C ARG G 207 53.85 -25.55 13.85
N ALA G 208 53.03 -24.69 13.27
CA ALA G 208 53.44 -23.95 12.08
C ALA G 208 54.61 -23.02 12.41
N HIS G 209 54.52 -22.35 13.56
CA HIS G 209 55.64 -21.53 14.02
C HIS G 209 56.92 -22.35 14.11
N GLY G 210 56.84 -23.51 14.77
CA GLY G 210 58.00 -24.36 14.91
C GLY G 210 58.62 -24.83 13.59
N ALA G 211 57.75 -25.26 12.68
CA ALA G 211 58.17 -25.70 11.35
C ALA G 211 58.86 -24.58 10.60
N ALA G 212 58.31 -23.38 10.72
CA ALA G 212 58.88 -22.21 10.06
C ALA G 212 60.26 -21.89 10.63
N VAL G 213 60.42 -22.04 11.94
CA VAL G 213 61.72 -21.78 12.56
C VAL G 213 62.76 -22.79 12.09
N ARG G 214 62.38 -24.06 12.04
CA ARG G 214 63.28 -25.10 11.51
C ARG G 214 63.70 -24.82 10.07
N ARG G 215 62.71 -24.48 9.24
CA ARG G 215 62.98 -24.16 7.84
C ARG G 215 63.94 -22.96 7.75
N PHE G 216 63.76 -22.01 8.65
CA PHE G 216 64.64 -20.85 8.71
C PHE G 216 66.06 -21.28 9.05
N ARG G 217 66.18 -22.28 9.94
CA ARG G 217 67.48 -22.82 10.26
C ARG G 217 68.12 -23.46 9.03
N GLU G 218 67.28 -24.08 8.19
CA GLU G 218 67.81 -24.75 7.00
C GLU G 218 68.24 -23.80 5.90
N VAL G 219 67.47 -22.74 5.64
CA VAL G 219 67.74 -21.92 4.47
C VAL G 219 67.82 -20.42 4.75
N GLY G 220 67.55 -20.01 5.99
CA GLY G 220 67.44 -18.59 6.27
C GLY G 220 68.68 -17.97 6.90
N GLU G 221 68.64 -16.65 7.09
CA GLU G 221 69.76 -15.92 7.65
C GLU G 221 69.28 -14.79 8.55
N GLY G 222 69.81 -14.73 9.77
CA GLY G 222 69.43 -13.69 10.72
C GLY G 222 68.75 -14.26 11.95
N GLN G 223 67.82 -13.50 12.50
CA GLN G 223 67.12 -13.88 13.73
C GLN G 223 65.62 -14.05 13.48
N ILE G 224 65.03 -15.05 14.11
CA ILE G 224 63.61 -15.36 13.92
C ILE G 224 62.93 -15.56 15.27
N GLY G 225 61.66 -15.18 15.34
CA GLY G 225 60.90 -15.34 16.58
C GLY G 225 59.41 -15.19 16.38
N ILE G 226 58.65 -15.50 17.43
CA ILE G 226 57.21 -15.34 17.38
C ILE G 226 56.80 -14.02 18.03
N VAL G 227 55.57 -13.59 17.75
CA VAL G 227 55.05 -12.37 18.35
C VAL G 227 53.77 -12.68 19.12
N LEU G 228 53.82 -12.49 20.44
CA LEU G 228 52.66 -12.75 21.28
C LEU G 228 52.09 -11.45 21.83
N ASN G 229 50.77 -11.35 21.88
CA ASN G 229 50.14 -10.31 22.66
C ASN G 229 49.84 -10.84 24.06
N ILE G 230 50.05 -9.99 25.06
CA ILE G 230 49.81 -10.36 26.44
C ILE G 230 48.97 -9.29 27.11
N GLU G 231 47.96 -9.72 27.85
CA GLU G 231 47.12 -8.80 28.59
C GLU G 231 47.09 -9.24 30.04
N PRO G 232 47.97 -8.65 30.85
CA PRO G 232 48.18 -9.05 32.25
C PRO G 232 46.87 -9.05 33.04
N LYS G 233 46.64 -10.13 33.78
CA LYS G 233 45.39 -10.28 34.52
C LYS G 233 45.60 -9.99 36.00
N TYR G 234 45.00 -8.90 36.47
CA TYR G 234 45.15 -8.48 37.85
C TYR G 234 43.96 -8.94 38.70
N PRO G 235 44.18 -9.10 40.02
CA PRO G 235 43.13 -9.58 40.92
C PRO G 235 42.00 -8.58 41.10
N ALA G 236 40.76 -9.06 41.05
CA ALA G 236 39.59 -8.22 41.26
C ALA G 236 39.35 -8.11 42.76
N SER G 237 39.84 -9.11 43.47
CA SER G 237 39.65 -9.23 44.91
C SER G 237 40.59 -10.31 45.45
N ASP G 238 40.46 -10.62 46.73
CA ASP G 238 41.25 -11.67 47.34
C ASP G 238 40.41 -12.92 47.49
N LYS G 239 39.18 -12.85 47.00
CA LYS G 239 38.28 -14.01 46.95
C LYS G 239 38.90 -15.10 46.09
N PRO G 240 38.89 -16.33 46.58
CA PRO G 240 39.50 -17.47 45.88
C PRO G 240 38.81 -17.80 44.56
N GLU G 241 37.50 -17.57 44.46
CA GLU G 241 36.80 -17.81 43.21
C GLU G 241 37.29 -16.84 42.13
N ASP G 242 37.64 -15.63 42.55
CA ASP G 242 38.13 -14.60 41.65
C ASP G 242 39.57 -14.86 41.23
N GLU G 243 40.35 -15.45 42.14
CA GLU G 243 41.73 -15.80 41.81
C GLU G 243 41.75 -16.98 40.86
N ALA G 244 40.83 -17.92 41.07
CA ALA G 244 40.67 -19.04 40.14
C ALA G 244 40.22 -18.55 38.77
N ALA G 245 39.31 -17.57 38.76
CA ALA G 245 38.88 -16.94 37.52
C ALA G 245 40.04 -16.27 36.80
N ARG G 246 40.80 -15.48 37.55
CA ARG G 246 41.99 -14.81 37.05
C ARG G 246 42.95 -15.81 36.42
N ARG G 247 43.14 -16.95 37.08
CA ARG G 247 44.06 -17.96 36.57
C ARG G 247 43.53 -18.64 35.30
N ARG G 248 42.23 -18.87 35.23
CA ARG G 248 41.63 -19.37 33.99
C ARG G 248 41.86 -18.41 32.83
N ALA G 249 41.58 -17.13 33.06
CA ALA G 249 41.71 -16.11 32.02
C ALA G 249 43.17 -15.96 31.58
N GLU G 250 44.05 -15.90 32.56
CA GLU G 250 45.50 -15.80 32.34
C GLU G 250 46.01 -17.00 31.55
N ALA G 251 45.53 -18.18 31.89
CA ALA G 251 45.95 -19.40 31.21
C ALA G 251 45.47 -19.41 29.77
N GLN G 252 44.21 -19.04 29.54
CA GLN G 252 43.64 -19.08 28.20
C GLN G 252 44.24 -18.02 27.29
N MET G 253 44.60 -16.86 27.85
CA MET G 253 45.06 -15.76 27.01
C MET G 253 46.60 -15.61 27.00
N ASN G 254 47.23 -15.68 28.16
CA ASN G 254 48.65 -15.33 28.25
C ASN G 254 49.62 -16.51 28.29
N ARG G 255 49.16 -17.67 28.72
CA ARG G 255 50.05 -18.82 28.91
C ARG G 255 49.82 -19.94 27.91
N TRP G 256 48.67 -19.92 27.25
CA TRP G 256 48.29 -20.93 26.27
C TRP G 256 49.40 -21.21 25.25
N PHE G 257 50.02 -20.15 24.75
CA PHE G 257 51.04 -20.29 23.72
C PHE G 257 52.47 -20.19 24.26
N LEU G 258 52.69 -19.28 25.20
CA LEU G 258 54.02 -19.08 25.77
C LEU G 258 54.58 -20.33 26.45
N ASP G 259 53.77 -21.01 27.25
CA ASP G 259 54.24 -22.18 27.99
C ASP G 259 54.75 -23.32 27.09
N PRO G 260 53.95 -23.76 26.09
CA PRO G 260 54.53 -24.80 25.24
C PRO G 260 55.72 -24.30 24.42
N LEU G 261 55.75 -23.00 24.11
CA LEU G 261 56.90 -22.42 23.43
C LEU G 261 58.15 -22.46 24.29
N MET G 262 57.96 -22.46 25.61
CA MET G 262 59.07 -22.52 26.54
C MET G 262 59.35 -23.94 26.99
N GLY G 263 58.67 -24.90 26.36
CA GLY G 263 58.89 -26.29 26.68
C GLY G 263 58.21 -26.75 27.96
N ARG G 264 57.19 -26.00 28.38
CA ARG G 264 56.52 -26.27 29.65
C ARG G 264 55.21 -27.03 29.48
N GLY G 265 54.90 -27.44 28.25
CA GLY G 265 53.62 -28.07 27.98
C GLY G 265 52.45 -27.10 28.07
N TYR G 266 51.23 -27.60 27.91
CA TYR G 266 50.03 -26.78 28.04
C TYR G 266 49.66 -26.54 29.50
N PRO G 267 49.22 -25.32 29.82
CA PRO G 267 48.70 -24.99 31.15
C PRO G 267 47.63 -25.98 31.61
N GLU G 268 47.69 -26.39 32.86
CA GLU G 268 46.73 -27.37 33.39
C GLU G 268 45.30 -26.83 33.36
N GLU G 269 45.17 -25.53 33.58
CA GLU G 269 43.87 -24.88 33.69
C GLU G 269 43.05 -25.01 32.42
N LEU G 270 43.73 -25.22 31.29
CA LEU G 270 43.04 -25.33 30.02
C LEU G 270 42.12 -26.55 30.01
N THR G 271 42.53 -27.61 30.72
CA THR G 271 41.70 -28.81 30.85
C THR G 271 40.35 -28.41 31.43
N ASP G 272 40.37 -27.45 32.34
CA ASP G 272 39.16 -26.94 32.96
C ASP G 272 38.43 -25.96 32.06
N VAL G 273 39.18 -25.15 31.31
CA VAL G 273 38.57 -24.12 30.48
C VAL G 273 37.79 -24.73 29.31
N TYR G 274 38.40 -25.71 28.66
CA TYR G 274 37.85 -26.26 27.42
C TYR G 274 37.10 -27.58 27.58
N GLY G 275 37.23 -28.20 28.74
CA GLY G 275 36.48 -29.41 29.06
C GLY G 275 36.61 -30.51 28.02
N ALA G 276 35.47 -30.97 27.52
CA ALA G 276 35.43 -32.05 26.54
C ALA G 276 36.08 -31.68 25.21
N ALA G 277 36.31 -30.40 24.98
CA ALA G 277 36.96 -29.97 23.75
C ALA G 277 38.47 -30.07 23.86
N TRP G 278 39.00 -30.19 25.07
CA TRP G 278 40.44 -30.30 25.25
C TRP G 278 40.97 -31.62 24.73
N ARG G 279 42.21 -31.60 24.25
CA ARG G 279 42.84 -32.78 23.68
C ARG G 279 44.28 -32.97 24.13
N GLU G 280 44.73 -34.23 24.09
CA GLU G 280 46.12 -34.54 24.26
C GLU G 280 46.76 -34.68 22.88
N PHE G 281 47.95 -34.13 22.70
CA PHE G 281 48.64 -34.19 21.42
C PHE G 281 49.94 -34.99 21.51
N PRO G 282 50.40 -35.56 20.38
CA PRO G 282 51.66 -36.32 20.36
C PRO G 282 52.85 -35.52 20.89
N LYS G 283 53.76 -36.18 21.60
CA LYS G 283 54.90 -35.54 22.25
C LYS G 283 55.86 -34.82 21.28
N GLU G 284 56.07 -35.40 20.11
CA GLU G 284 57.02 -34.84 19.16
C GLU G 284 56.50 -33.51 18.65
N ASP G 285 55.18 -33.31 18.72
CA ASP G 285 54.58 -32.03 18.40
C ASP G 285 55.15 -30.96 19.31
N PHE G 286 55.24 -31.29 20.60
CA PHE G 286 55.76 -30.36 21.59
C PHE G 286 57.26 -30.19 21.42
N GLU G 287 57.93 -31.21 20.91
CA GLU G 287 59.33 -30.99 20.54
C GLU G 287 59.45 -29.96 19.42
N LEU G 288 58.60 -30.08 18.40
CA LEU G 288 58.56 -29.13 17.29
C LEU G 288 58.22 -27.70 17.73
N ILE G 289 57.22 -27.58 18.60
CA ILE G 289 56.72 -26.28 19.05
C ILE G 289 57.77 -25.47 19.83
N ALA G 290 58.61 -26.17 20.59
CA ALA G 290 59.59 -25.51 21.42
C ALA G 290 60.92 -25.26 20.72
N GLU G 291 60.94 -25.38 19.40
CA GLU G 291 62.13 -25.07 18.60
C GLU G 291 62.71 -23.71 18.95
N PRO G 292 63.98 -23.68 19.38
CA PRO G 292 64.66 -22.49 19.89
C PRO G 292 64.62 -21.30 18.94
N THR G 293 64.23 -20.15 19.47
CA THR G 293 64.13 -18.92 18.70
C THR G 293 65.20 -17.92 19.11
N ASP G 294 65.31 -16.84 18.35
CA ASP G 294 66.35 -15.84 18.60
C ASP G 294 65.82 -14.62 19.35
N TRP G 295 64.54 -14.31 19.20
CA TRP G 295 63.93 -13.15 19.84
C TRP G 295 62.43 -13.35 20.01
N MET G 296 61.80 -12.50 20.81
CA MET G 296 60.35 -12.55 20.93
C MET G 296 59.72 -11.15 20.91
N GLY G 297 58.59 -11.06 20.22
CA GLY G 297 57.85 -9.81 20.15
C GLY G 297 56.71 -9.80 21.14
N LEU G 298 56.54 -8.67 21.82
CA LEU G 298 55.40 -8.45 22.68
C LEU G 298 54.52 -7.36 22.11
N ASN G 299 53.26 -7.71 21.89
CA ASN G 299 52.24 -6.73 21.57
C ASN G 299 51.48 -6.42 22.84
N TRP G 300 51.48 -5.16 23.25
CA TRP G 300 50.89 -4.79 24.52
C TRP G 300 50.08 -3.50 24.42
N TYR G 301 48.92 -3.48 25.06
CA TYR G 301 48.04 -2.33 25.01
C TYR G 301 47.44 -1.98 26.36
N THR G 302 47.10 -3.00 27.14
CA THR G 302 46.34 -2.79 28.37
C THR G 302 46.39 -3.99 29.29
N ARG G 303 45.68 -3.88 30.40
CA ARG G 303 45.52 -4.98 31.34
C ARG G 303 44.04 -5.32 31.50
N ALA G 304 43.75 -6.38 32.24
CA ALA G 304 42.37 -6.68 32.59
C ALA G 304 42.31 -7.06 34.07
N VAL G 305 41.12 -6.91 34.65
CA VAL G 305 40.90 -7.24 36.05
C VAL G 305 39.74 -8.20 36.13
N PRO G 306 40.02 -9.50 35.90
CA PRO G 306 38.96 -10.50 35.77
C PRO G 306 38.39 -10.96 37.11
N GLU G 307 37.08 -11.19 37.11
CA GLU G 307 36.39 -11.76 38.25
C GLU G 307 35.62 -12.99 37.78
N ASN G 308 35.14 -13.78 38.73
CA ASN G 308 34.39 -15.00 38.42
C ASN G 308 33.09 -14.68 37.69
N ALA G 309 32.77 -15.47 36.66
CA ALA G 309 31.56 -15.28 35.88
C ALA G 309 31.11 -16.61 35.31
N PRO G 310 30.31 -17.36 36.09
CA PRO G 310 29.93 -18.74 35.79
C PRO G 310 29.30 -18.96 34.42
N ASP G 311 28.68 -17.93 33.85
CA ASP G 311 27.99 -18.06 32.57
C ASP G 311 28.84 -17.58 31.39
N ALA G 312 30.06 -17.13 31.68
CA ALA G 312 30.95 -16.64 30.63
C ALA G 312 31.69 -17.79 29.95
N TRP G 313 31.39 -18.04 28.68
CA TRP G 313 31.97 -19.16 27.96
C TRP G 313 33.22 -18.72 27.19
N PRO G 314 34.31 -19.48 27.30
CA PRO G 314 34.43 -20.70 28.12
C PRO G 314 35.27 -20.53 29.39
N THR G 315 35.84 -19.35 29.63
CA THR G 315 36.77 -19.15 30.74
C THR G 315 36.09 -18.88 32.08
N ARG G 316 34.77 -18.70 32.05
CA ARG G 316 33.98 -18.36 33.23
C ARG G 316 34.57 -17.20 34.01
N SER G 317 34.97 -16.15 33.28
CA SER G 317 35.52 -14.96 33.88
C SER G 317 35.10 -13.74 33.07
N ARG G 318 35.14 -12.57 33.70
CA ARG G 318 34.85 -11.33 32.97
C ARG G 318 35.60 -10.17 33.59
N PRO G 319 36.08 -9.25 32.77
CA PRO G 319 36.82 -8.09 33.29
C PRO G 319 35.95 -7.11 34.06
N VAL G 320 36.49 -6.56 35.13
CA VAL G 320 35.82 -5.50 35.90
C VAL G 320 36.27 -4.15 35.39
N ARG G 321 35.30 -3.30 35.03
CA ARG G 321 35.62 -1.99 34.48
C ARG G 321 36.37 -1.14 35.50
N GLN G 322 37.55 -0.68 35.13
CA GLN G 322 38.36 0.13 36.03
C GLN G 322 38.05 1.60 35.77
N THR G 323 36.97 2.08 36.37
CA THR G 323 36.43 3.40 36.08
C THR G 323 37.30 4.55 36.58
N GLN G 324 38.31 4.25 37.39
CA GLN G 324 39.20 5.28 37.91
C GLN G 324 40.20 5.78 36.88
N HIS G 325 40.32 5.07 35.77
CA HIS G 325 41.29 5.44 34.74
C HIS G 325 40.64 5.72 33.38
N ALA G 326 41.37 6.41 32.52
CA ALA G 326 40.93 6.69 31.17
C ALA G 326 40.83 5.40 30.35
N HIS G 327 39.89 5.37 29.41
CA HIS G 327 39.76 4.25 28.49
C HIS G 327 39.81 4.72 27.05
N THR G 328 40.41 3.90 26.18
CA THR G 328 40.52 4.21 24.76
C THR G 328 39.18 3.99 24.06
N GLU G 329 39.11 4.34 22.78
CA GLU G 329 37.87 4.15 22.02
C GLU G 329 37.59 2.67 21.76
N THR G 330 38.60 1.83 21.93
CA THR G 330 38.40 0.39 21.84
C THR G 330 38.00 -0.18 23.21
N GLY G 331 37.85 0.72 24.20
CA GLY G 331 37.43 0.30 25.52
C GLY G 331 38.52 -0.29 26.40
N TRP G 332 39.77 0.04 26.11
CA TRP G 332 40.90 -0.49 26.88
C TRP G 332 41.40 0.48 27.92
N GLU G 333 41.52 0.00 29.16
CA GLU G 333 42.02 0.81 30.25
C GLU G 333 43.44 1.31 29.96
N VAL G 334 43.69 2.57 30.26
CA VAL G 334 45.03 3.13 30.14
C VAL G 334 45.75 2.99 31.48
N TYR G 335 46.74 2.12 31.54
CA TYR G 335 47.44 1.85 32.78
C TYR G 335 48.87 1.37 32.53
N PRO G 336 49.78 2.33 32.32
CA PRO G 336 51.19 2.11 31.98
C PRO G 336 52.00 1.20 32.92
N PRO G 337 51.74 1.22 34.26
CA PRO G 337 52.57 0.34 35.07
C PRO G 337 52.47 -1.13 34.67
N ALA G 338 51.31 -1.53 34.18
CA ALA G 338 51.07 -2.91 33.80
C ALA G 338 51.95 -3.32 32.63
N LEU G 339 52.40 -2.35 31.85
CA LEU G 339 53.33 -2.66 30.78
C LEU G 339 54.65 -3.10 31.40
N THR G 340 55.14 -2.30 32.36
CA THR G 340 56.39 -2.60 33.02
C THR G 340 56.34 -3.99 33.63
N ASP G 341 55.30 -4.24 34.41
CA ASP G 341 55.13 -5.52 35.07
C ASP G 341 55.18 -6.63 34.03
N THR G 342 54.47 -6.41 32.93
CA THR G 342 54.33 -7.47 31.95
C THR G 342 55.70 -7.80 31.40
N LEU G 343 56.50 -6.77 31.14
CA LEU G 343 57.80 -7.02 30.54
C LEU G 343 58.63 -7.83 31.50
N VAL G 344 58.53 -7.50 32.79
CA VAL G 344 59.30 -8.21 33.79
C VAL G 344 58.84 -9.65 33.77
N TRP G 345 57.53 -9.83 33.78
CA TRP G 345 56.97 -11.16 33.81
C TRP G 345 57.47 -11.95 32.62
N LEU G 346 57.54 -11.29 31.47
CA LEU G 346 57.85 -12.02 30.26
C LEU G 346 59.31 -12.41 30.33
N SER G 347 60.13 -11.49 30.83
CA SER G 347 61.55 -11.75 31.01
C SER G 347 61.74 -12.97 31.89
N GLU G 348 60.90 -13.08 32.92
CA GLU G 348 61.02 -14.19 33.84
C GLU G 348 60.59 -15.49 33.18
N GLN G 349 59.54 -15.41 32.36
CA GLN G 349 59.02 -16.61 31.72
C GLN G 349 59.99 -17.14 30.67
N THR G 350 60.78 -16.25 30.10
CA THR G 350 61.74 -16.61 29.06
C THR G 350 63.16 -16.75 29.63
N GLY G 351 63.29 -16.64 30.94
CA GLY G 351 64.56 -16.86 31.61
C GLY G 351 65.61 -15.78 31.41
N GLY G 352 65.20 -14.64 30.85
CA GLY G 352 66.12 -13.54 30.61
C GLY G 352 67.07 -13.79 29.45
N LYS G 353 67.02 -15.01 28.92
CA LYS G 353 67.93 -15.42 27.85
C LYS G 353 67.42 -15.03 26.46
N LEU G 354 66.14 -14.71 26.35
CA LEU G 354 65.55 -14.41 25.06
C LEU G 354 65.35 -12.91 24.87
N PRO G 355 66.06 -12.33 23.89
CA PRO G 355 65.92 -10.90 23.57
C PRO G 355 64.50 -10.50 23.25
N LEU G 356 64.02 -9.43 23.88
CA LEU G 356 62.63 -9.04 23.72
C LEU G 356 62.51 -7.72 22.96
N MET G 357 61.40 -7.58 22.25
CA MET G 357 61.10 -6.33 21.56
C MET G 357 59.61 -6.06 21.64
N VAL G 358 59.22 -4.83 21.96
CA VAL G 358 57.82 -4.47 21.91
C VAL G 358 57.46 -4.20 20.46
N THR G 359 56.79 -5.16 19.84
CA THR G 359 56.48 -5.06 18.42
C THR G 359 55.18 -4.30 18.16
N GLU G 360 54.37 -4.12 19.20
CA GLU G 360 53.18 -3.28 19.09
C GLU G 360 52.79 -2.64 20.42
N ASN G 361 52.58 -1.33 20.37
CA ASN G 361 52.01 -0.57 21.47
C ASN G 361 51.44 0.75 20.97
N GLY G 362 50.24 1.10 21.43
CA GLY G 362 49.57 2.31 20.99
C GLY G 362 48.15 2.43 21.51
N SER G 363 47.43 3.43 21.02
CA SER G 363 46.09 3.71 21.54
C SER G 363 45.18 4.33 20.48
N ALA G 364 43.90 4.01 20.58
CA ALA G 364 42.91 4.56 19.65
C ALA G 364 42.05 5.63 20.32
N TRP G 365 42.06 6.83 19.75
CA TRP G 365 41.19 7.90 20.21
C TRP G 365 40.50 8.52 19.01
N TYR G 366 39.44 9.28 19.25
CA TYR G 366 38.74 9.90 18.13
C TYR G 366 39.57 10.99 17.48
N ASP G 367 39.65 10.92 16.16
CA ASP G 367 40.19 12.00 15.35
C ASP G 367 39.15 12.33 14.29
N PRO G 368 39.09 13.60 13.87
CA PRO G 368 38.20 13.95 12.76
C PRO G 368 38.62 13.26 11.46
N PRO G 369 37.69 13.11 10.50
CA PRO G 369 37.96 12.37 9.26
C PRO G 369 38.90 13.11 8.32
N HIS G 370 39.13 14.39 8.58
CA HIS G 370 40.03 15.21 7.79
C HIS G 370 40.94 16.02 8.70
N ALA G 371 42.08 16.46 8.17
CA ALA G 371 42.95 17.34 8.93
C ALA G 371 42.28 18.69 9.16
N ILE G 372 42.71 19.40 10.19
CA ILE G 372 42.18 20.73 10.50
C ILE G 372 43.31 21.75 10.51
N ASP G 373 43.20 22.74 9.63
CA ASP G 373 44.34 23.37 8.95
C ASP G 373 45.69 22.67 9.12
N GLY G 374 45.86 21.57 8.39
CA GLY G 374 47.10 20.83 8.34
C GLY G 374 47.54 20.17 9.63
N ARG G 375 46.61 19.97 10.56
CA ARG G 375 46.98 19.41 11.85
C ARG G 375 45.93 18.43 12.38
N ILE G 376 46.39 17.50 13.21
CA ILE G 376 45.51 16.63 13.98
C ILE G 376 45.98 16.61 15.43
N HIS G 377 45.19 17.18 16.32
CA HIS G 377 45.56 17.27 17.72
C HIS G 377 44.98 16.15 18.57
N ASP G 378 45.86 15.21 18.95
CA ASP G 378 45.47 14.04 19.71
C ASP G 378 46.25 13.92 21.02
N PRO G 379 45.97 14.83 21.98
CA PRO G 379 46.74 14.91 23.23
C PRO G 379 46.70 13.64 24.08
N MET G 380 45.60 12.89 24.01
CA MET G 380 45.49 11.65 24.78
C MET G 380 46.41 10.56 24.24
N ARG G 381 46.59 10.54 22.91
CA ARG G 381 47.48 9.57 22.28
C ARG G 381 48.93 9.91 22.58
N VAL G 382 49.23 11.21 22.60
CA VAL G 382 50.53 11.71 23.01
C VAL G 382 50.84 11.30 24.44
N HIS G 383 49.84 11.47 25.31
CA HIS G 383 49.95 11.07 26.71
C HIS G 383 50.25 9.58 26.87
N TYR G 384 49.48 8.77 26.14
CA TYR G 384 49.67 7.33 26.15
C TYR G 384 51.09 6.98 25.77
N LEU G 385 51.55 7.65 24.70
CA LEU G 385 52.88 7.40 24.14
C LEU G 385 53.96 7.68 25.18
N GLN G 386 53.90 8.86 25.77
CA GLN G 386 54.95 9.29 26.71
C GLN G 386 54.96 8.42 27.99
N THR G 387 53.79 8.11 28.52
CA THR G 387 53.75 7.33 29.76
C THR G 387 54.20 5.89 29.53
N HIS G 388 53.82 5.30 28.41
CA HIS G 388 54.17 3.91 28.17
C HIS G 388 55.64 3.73 27.78
N ILE G 389 56.19 4.72 27.08
CA ILE G 389 57.62 4.65 26.76
C ILE G 389 58.43 4.80 28.05
N LYS G 390 57.99 5.70 28.93
CA LYS G 390 58.59 5.78 30.26
C LYS G 390 58.52 4.43 30.99
N ALA G 391 57.39 3.74 30.82
CA ALA G 391 57.23 2.43 31.45
C ALA G 391 58.23 1.42 30.87
N LEU G 392 58.57 1.59 29.60
CA LEU G 392 59.59 0.72 29.00
C LEU G 392 60.92 0.97 29.68
N HIS G 393 61.26 2.25 29.84
CA HIS G 393 62.52 2.55 30.50
C HIS G 393 62.57 1.92 31.89
N ASP G 394 61.46 1.98 32.62
CA ASP G 394 61.40 1.35 33.94
C ASP G 394 61.68 -0.16 33.86
N ALA G 395 61.08 -0.80 32.85
CA ALA G 395 61.27 -2.23 32.68
C ALA G 395 62.72 -2.59 32.38
N ILE G 396 63.38 -1.77 31.57
CA ILE G 396 64.79 -1.99 31.26
C ILE G 396 65.61 -1.80 32.53
N GLY G 397 65.20 -0.82 33.34
CA GLY G 397 65.82 -0.58 34.62
C GLY G 397 65.68 -1.75 35.58
N LYS G 398 64.69 -2.61 35.36
CA LYS G 398 64.57 -3.81 36.19
C LYS G 398 65.25 -5.05 35.58
N GLY G 399 66.05 -4.84 34.54
CA GLY G 399 66.88 -5.90 33.99
C GLY G 399 66.32 -6.66 32.79
N VAL G 400 65.17 -6.21 32.27
CA VAL G 400 64.58 -6.85 31.11
C VAL G 400 65.40 -6.52 29.85
N ASP G 401 65.69 -7.55 29.06
CA ASP G 401 66.50 -7.38 27.85
C ASP G 401 65.65 -6.92 26.68
N LEU G 402 65.36 -5.63 26.64
CA LEU G 402 64.49 -5.02 25.63
C LEU G 402 65.30 -4.28 24.57
N ARG G 403 65.14 -4.68 23.32
CA ARG G 403 65.99 -4.14 22.25
C ARG G 403 65.30 -3.07 21.40
N GLY G 404 63.97 -2.96 21.52
CA GLY G 404 63.25 -2.03 20.67
C GLY G 404 61.76 -1.84 20.93
N TYR G 405 61.19 -0.88 20.21
CA TYR G 405 59.80 -0.46 20.40
C TYR G 405 59.17 -0.05 19.08
N MET G 406 58.05 -0.68 18.75
CA MET G 406 57.33 -0.37 17.52
C MET G 406 55.95 0.19 17.86
N VAL G 407 55.66 1.41 17.41
CA VAL G 407 54.34 1.98 17.63
C VAL G 407 53.30 1.39 16.70
N TRP G 408 52.22 0.87 17.28
CA TRP G 408 51.03 0.60 16.49
C TRP G 408 50.10 1.80 16.62
N SER G 409 49.88 2.52 15.52
CA SER G 409 50.39 2.10 14.21
C SER G 409 50.95 3.30 13.46
N LEU G 410 51.71 3.03 12.40
CA LEU G 410 52.20 4.10 11.53
C LEU G 410 51.04 4.89 10.92
N LEU G 411 50.04 4.18 10.43
CA LEU G 411 48.90 4.80 9.76
C LEU G 411 47.57 4.44 10.40
N ASP G 412 46.64 5.38 10.40
CA ASP G 412 45.23 5.03 10.60
C ASP G 412 44.91 3.95 9.58
N ASN G 413 44.31 2.86 10.01
CA ASN G 413 44.06 1.75 9.11
C ASN G 413 42.77 1.01 9.46
N LEU G 414 42.53 -0.10 8.78
CA LEU G 414 41.36 -0.92 9.06
C LEU G 414 41.56 -1.75 10.32
N GLU G 415 40.84 -1.42 11.39
CA GLU G 415 40.95 -2.17 12.62
C GLU G 415 40.06 -3.41 12.51
N TRP G 416 40.36 -4.23 11.51
CA TRP G 416 39.66 -5.47 11.25
C TRP G 416 38.14 -5.31 11.33
N SER G 417 37.50 -6.13 12.15
CA SER G 417 36.04 -6.12 12.28
C SER G 417 35.47 -4.80 12.81
N LEU G 418 36.30 -3.97 13.44
CA LEU G 418 35.84 -2.68 13.93
C LEU G 418 35.94 -1.60 12.87
N GLY G 419 36.43 -1.97 11.70
CA GLY G 419 36.49 -1.07 10.56
C GLY G 419 37.40 0.12 10.75
N TYR G 420 37.07 1.24 10.11
CA TYR G 420 37.91 2.43 10.13
C TYR G 420 37.59 3.38 11.28
N SER G 421 36.60 3.02 12.10
CA SER G 421 36.19 3.87 13.21
C SER G 421 37.24 3.96 14.32
N LYS G 422 38.16 2.99 14.37
CA LYS G 422 39.19 2.98 15.40
C LYS G 422 40.55 3.37 14.83
N ARG G 423 40.99 4.58 15.13
CA ARG G 423 42.25 5.10 14.59
C ARG G 423 43.42 4.90 15.54
N PHE G 424 44.40 4.12 15.09
CA PHE G 424 45.58 3.80 15.90
C PHE G 424 46.83 4.52 15.39
N GLY G 425 46.69 5.20 14.26
CA GLY G 425 47.83 5.83 13.62
C GLY G 425 48.43 7.01 14.37
N ILE G 426 49.74 7.16 14.23
CA ILE G 426 50.41 8.39 14.61
C ILE G 426 50.47 9.28 13.37
N VAL G 427 50.11 8.68 12.24
CA VAL G 427 49.83 9.46 11.03
C VAL G 427 48.37 9.29 10.65
N HIS G 428 47.66 10.41 10.59
CA HIS G 428 46.26 10.46 10.20
C HIS G 428 46.08 10.18 8.72
N VAL G 429 45.09 9.37 8.39
CA VAL G 429 44.72 9.14 7.00
C VAL G 429 43.29 9.59 6.74
N ASN G 430 43.13 10.54 5.82
CA ASN G 430 41.82 10.90 5.32
C ASN G 430 41.41 9.85 4.29
N PHE G 431 40.48 8.98 4.69
CA PHE G 431 40.13 7.83 3.86
C PHE G 431 39.30 8.22 2.64
N ALA G 432 38.86 9.47 2.60
CA ALA G 432 38.18 9.99 1.41
C ALA G 432 39.18 10.39 0.33
N THR G 433 40.35 10.87 0.74
CA THR G 433 41.31 11.46 -0.19
C THR G 433 42.66 10.76 -0.18
N GLN G 434 42.84 9.85 0.77
CA GLN G 434 44.12 9.14 0.98
C GLN G 434 45.26 10.06 1.38
N GLU G 435 44.92 11.32 1.67
CA GLU G 435 45.88 12.29 2.17
C GLU G 435 46.39 11.95 3.57
N ARG G 436 47.70 12.01 3.76
CA ARG G 436 48.29 11.77 5.08
C ARG G 436 48.61 13.07 5.81
N THR G 437 48.32 13.09 7.11
CA THR G 437 48.66 14.23 7.96
C THR G 437 49.28 13.72 9.26
N ILE G 438 50.51 14.15 9.56
CA ILE G 438 51.14 13.66 10.79
C ILE G 438 50.48 14.26 12.02
N LYS G 439 50.06 13.40 12.95
CA LYS G 439 49.40 13.82 14.17
C LYS G 439 50.42 14.36 15.18
N ASP G 440 49.93 15.04 16.21
CA ASP G 440 50.75 15.51 17.32
C ASP G 440 51.53 14.36 17.96
N SER G 441 50.93 13.18 17.98
CA SER G 441 51.58 12.00 18.52
C SER G 441 52.78 11.59 17.68
N GLY G 442 52.65 11.66 16.35
CA GLY G 442 53.77 11.41 15.46
C GLY G 442 54.88 12.42 15.62
N LEU G 443 54.51 13.69 15.70
CA LEU G 443 55.45 14.78 15.93
C LEU G 443 56.24 14.57 17.23
N PHE G 444 55.54 14.17 18.28
CA PHE G 444 56.19 13.87 19.55
C PHE G 444 57.09 12.64 19.49
N TYR G 445 56.62 11.60 18.82
CA TYR G 445 57.36 10.35 18.68
C TYR G 445 58.67 10.56 17.95
N ALA G 446 58.64 11.45 16.96
CA ALA G 446 59.85 11.79 16.22
C ALA G 446 60.90 12.38 17.16
N GLU G 447 60.43 13.20 18.10
CA GLU G 447 61.29 13.76 19.13
C GLU G 447 61.81 12.70 20.09
N VAL G 448 60.97 11.73 20.43
CA VAL G 448 61.41 10.63 21.31
C VAL G 448 62.55 9.84 20.66
N ILE G 449 62.40 9.53 19.37
CA ILE G 449 63.46 8.84 18.63
C ILE G 449 64.72 9.69 18.57
N LYS G 450 64.55 10.96 18.19
CA LYS G 450 65.66 11.89 18.01
C LYS G 450 66.52 12.06 19.26
N THR G 451 65.88 12.20 20.41
CA THR G 451 66.59 12.42 21.66
C THR G 451 66.92 11.11 22.36
N HIS G 452 66.59 10.00 21.69
CA HIS G 452 66.76 8.66 22.25
C HIS G 452 66.20 8.56 23.67
N GLY G 453 65.11 9.28 23.90
CA GLY G 453 64.39 9.23 25.17
C GLY G 453 64.57 10.45 26.06
N ASP G 454 65.55 11.28 25.76
CA ASP G 454 65.86 12.44 26.60
C ASP G 454 64.75 13.50 26.65
N VAL G 455 63.88 13.51 25.64
CA VAL G 455 62.79 14.48 25.56
C VAL G 455 61.74 14.23 26.66
N LEU G 456 61.71 13.02 27.18
CA LEU G 456 60.75 12.63 28.20
C LEU G 456 61.08 13.35 29.50
N ASN G 457 62.34 13.77 29.62
CA ASN G 457 62.80 14.56 30.76
C ASN G 457 62.10 15.91 30.75
N THR G 458 62.48 16.74 29.78
CA THR G 458 61.98 18.09 29.64
C THR G 458 60.50 18.13 29.29
N SER H 11 -11.97 -43.19 -6.09
CA SER H 11 -11.00 -44.26 -5.85
C SER H 11 -9.61 -43.72 -5.51
N TYR H 12 -8.88 -44.45 -4.69
CA TYR H 12 -7.50 -44.07 -4.38
C TYR H 12 -6.54 -45.26 -4.30
N ARG H 13 -6.85 -46.37 -4.97
CA ARG H 13 -5.89 -47.48 -5.02
C ARG H 13 -4.66 -47.06 -5.80
N PHE H 14 -3.48 -47.41 -5.27
CA PHE H 14 -2.22 -47.01 -5.87
C PHE H 14 -1.71 -48.06 -6.84
N PRO H 15 -0.79 -47.68 -7.75
CA PRO H 15 -0.26 -48.64 -8.72
C PRO H 15 0.37 -49.85 -8.06
N GLU H 16 0.36 -50.99 -8.76
CA GLU H 16 0.99 -52.21 -8.25
C GLU H 16 2.49 -52.01 -8.06
N GLY H 17 3.01 -52.48 -6.92
CA GLY H 17 4.41 -52.35 -6.61
C GLY H 17 4.77 -51.01 -5.97
N PHE H 18 3.78 -50.14 -5.81
CA PHE H 18 4.01 -48.86 -5.15
C PHE H 18 4.44 -49.12 -3.71
N LEU H 19 5.58 -48.56 -3.34
CA LEU H 19 6.24 -48.93 -2.09
C LEU H 19 5.93 -47.96 -0.95
N TRP H 20 5.35 -48.47 0.13
CA TRP H 20 5.03 -47.66 1.30
C TRP H 20 6.06 -47.87 2.40
N GLY H 21 6.55 -46.78 2.98
CA GLY H 21 7.52 -46.89 4.04
C GLY H 21 7.66 -45.69 4.95
N ALA H 22 8.73 -45.68 5.75
CA ALA H 22 8.96 -44.53 6.63
C ALA H 22 10.45 -44.21 6.73
N ALA H 23 10.78 -42.99 7.13
CA ALA H 23 12.16 -42.55 7.05
C ALA H 23 12.72 -42.01 8.37
N THR H 24 14.04 -42.11 8.52
CA THR H 24 14.77 -41.60 9.68
C THR H 24 16.13 -41.11 9.21
N ALA H 25 16.91 -40.54 10.13
CA ALA H 25 18.30 -40.21 9.85
C ALA H 25 19.14 -40.61 11.05
N ALA H 26 20.41 -40.94 10.81
CA ALA H 26 21.25 -41.54 11.83
C ALA H 26 21.39 -40.66 13.07
N TYR H 27 21.87 -39.42 12.90
CA TYR H 27 22.10 -38.56 14.06
C TYR H 27 20.82 -38.17 14.77
N GLN H 28 19.69 -38.25 14.08
CA GLN H 28 18.43 -37.80 14.66
C GLN H 28 17.80 -38.84 15.57
N ILE H 29 18.17 -40.11 15.41
CA ILE H 29 17.55 -41.16 16.22
C ILE H 29 18.50 -42.09 16.98
N GLU H 30 19.72 -42.25 16.49
CA GLU H 30 20.55 -43.36 16.95
C GLU H 30 21.06 -43.19 18.38
N GLY H 31 21.59 -42.02 18.70
CA GLY H 31 22.32 -41.86 19.94
C GLY H 31 23.61 -42.65 19.85
N SER H 32 24.31 -42.82 20.97
CA SER H 32 25.55 -43.59 21.01
C SER H 32 26.47 -43.12 19.89
N SER H 33 26.61 -41.81 19.75
CA SER H 33 27.22 -41.22 18.56
C SER H 33 28.72 -41.48 18.44
N MET H 34 29.40 -41.59 19.57
CA MET H 34 30.83 -41.88 19.56
C MET H 34 31.12 -43.23 20.21
N ALA H 35 30.09 -44.07 20.29
CA ALA H 35 30.15 -45.38 20.94
C ALA H 35 30.65 -46.47 19.99
N ASP H 36 31.26 -47.50 20.57
CA ASP H 36 31.74 -48.68 19.84
C ASP H 36 32.65 -48.33 18.67
N GLY H 37 33.64 -47.48 18.93
CA GLY H 37 34.63 -47.11 17.92
C GLY H 37 34.25 -45.95 17.03
N ALA H 38 32.99 -45.52 17.10
CA ALA H 38 32.48 -44.46 16.23
C ALA H 38 33.26 -43.16 16.41
N GLY H 39 33.56 -42.51 15.29
CA GLY H 39 34.27 -41.25 15.30
C GLY H 39 33.40 -40.06 15.64
N GLU H 40 34.05 -38.91 15.80
CA GLU H 40 33.38 -37.65 16.08
C GLU H 40 32.82 -37.05 14.78
N SER H 41 31.55 -36.65 14.79
CA SER H 41 30.98 -35.99 13.63
C SER H 41 30.86 -34.49 13.90
N ILE H 42 30.56 -33.71 12.86
CA ILE H 42 30.42 -32.27 13.01
C ILE H 42 29.24 -31.89 13.91
N TRP H 43 28.26 -32.77 14.02
CA TRP H 43 27.12 -32.51 14.89
C TRP H 43 27.45 -32.81 16.35
N ASP H 44 28.40 -33.70 16.58
CA ASP H 44 28.96 -33.90 17.92
C ASP H 44 29.52 -32.58 18.46
N ARG H 45 30.31 -31.91 17.62
CA ARG H 45 30.89 -30.62 17.97
C ARG H 45 29.84 -29.52 18.06
N PHE H 46 29.03 -29.41 17.01
CA PHE H 46 28.03 -28.34 16.88
C PHE H 46 27.01 -28.36 18.02
N SER H 47 26.50 -29.54 18.35
CA SER H 47 25.46 -29.64 19.36
C SER H 47 26.00 -29.41 20.78
N HIS H 48 27.31 -29.55 20.95
CA HIS H 48 27.92 -29.36 22.26
C HIS H 48 28.62 -28.01 22.36
N THR H 49 28.21 -27.07 21.50
CA THR H 49 28.67 -25.70 21.57
C THR H 49 27.47 -24.86 21.97
N PRO H 50 27.60 -24.09 23.06
CA PRO H 50 26.46 -23.34 23.61
C PRO H 50 25.84 -22.36 22.62
N GLY H 51 24.51 -22.29 22.59
CA GLY H 51 23.81 -21.38 21.70
C GLY H 51 23.33 -21.99 20.39
N ASN H 52 23.91 -23.13 20.00
CA ASN H 52 23.58 -23.73 18.70
C ASN H 52 22.24 -24.45 18.65
N MET H 53 21.86 -25.08 19.76
CA MET H 53 20.68 -25.94 19.78
C MET H 53 19.63 -25.43 20.76
N LYS H 54 18.37 -25.52 20.37
CA LYS H 54 17.25 -25.14 21.24
C LYS H 54 17.25 -25.98 22.51
N ASP H 55 17.14 -25.31 23.65
CA ASP H 55 17.13 -25.94 24.97
C ASP H 55 18.41 -26.72 25.28
N GLY H 56 19.45 -26.52 24.48
CA GLY H 56 20.69 -27.26 24.63
C GLY H 56 20.57 -28.73 24.31
N ASP H 57 19.56 -29.09 23.51
CA ASP H 57 19.34 -30.47 23.12
C ASP H 57 20.53 -30.98 22.30
N THR H 58 20.85 -32.26 22.45
CA THR H 58 21.88 -32.89 21.62
C THR H 58 21.40 -34.25 21.13
N GLY H 59 22.14 -34.84 20.22
CA GLY H 59 21.84 -36.18 19.73
C GLY H 59 22.54 -37.29 20.50
N ASP H 60 23.02 -36.98 21.71
CA ASP H 60 23.72 -37.96 22.54
C ASP H 60 22.88 -39.20 22.82
N VAL H 61 21.59 -38.99 23.10
CA VAL H 61 20.69 -40.09 23.39
C VAL H 61 19.65 -40.26 22.29
N ALA H 62 18.98 -39.17 21.95
CA ALA H 62 17.91 -39.18 20.95
C ALA H 62 16.87 -40.26 21.26
N CYS H 63 16.68 -41.17 20.31
CA CYS H 63 15.73 -42.26 20.49
C CYS H 63 16.38 -43.55 20.97
N ASP H 64 17.68 -43.48 21.28
CA ASP H 64 18.44 -44.66 21.71
C ASP H 64 18.30 -45.80 20.71
N HIS H 65 18.17 -45.47 19.43
CA HIS H 65 17.90 -46.46 18.40
C HIS H 65 19.03 -47.47 18.22
N TYR H 66 20.26 -47.04 18.49
CA TYR H 66 21.43 -47.90 18.39
C TYR H 66 21.27 -49.13 19.27
N ASN H 67 20.58 -48.96 20.40
CA ASN H 67 20.30 -50.04 21.34
C ASN H 67 18.91 -50.68 21.16
N ARG H 68 17.95 -49.93 20.64
CA ARG H 68 16.54 -50.36 20.59
C ARG H 68 15.99 -50.62 19.19
N TRP H 69 16.89 -50.84 18.23
CA TRP H 69 16.49 -51.02 16.84
C TRP H 69 15.56 -52.21 16.63
N ARG H 70 15.73 -53.28 17.40
CA ARG H 70 14.86 -54.44 17.29
C ARG H 70 13.41 -54.10 17.63
N GLU H 71 13.23 -53.39 18.74
CA GLU H 71 11.92 -52.89 19.14
C GLU H 71 11.34 -52.01 18.04
N ASP H 72 12.20 -51.16 17.46
CA ASP H 72 11.73 -50.27 16.41
C ASP H 72 11.29 -51.04 15.16
N ILE H 73 11.98 -52.15 14.85
CA ILE H 73 11.57 -53.01 13.74
C ILE H 73 10.21 -53.66 14.03
N GLU H 74 10.00 -54.09 15.28
CA GLU H 74 8.70 -54.63 15.64
C GLU H 74 7.62 -53.57 15.41
N LEU H 75 7.97 -52.32 15.70
CA LEU H 75 7.07 -51.20 15.44
C LEU H 75 6.80 -51.02 13.95
N MET H 76 7.84 -51.19 13.12
CA MET H 76 7.67 -51.12 11.68
C MET H 76 6.69 -52.18 11.19
N LYS H 77 6.81 -53.38 11.74
CA LYS H 77 5.91 -54.48 11.38
C LYS H 77 4.47 -54.18 11.77
N ARG H 78 4.26 -53.64 12.97
CA ARG H 78 2.89 -53.26 13.38
C ARG H 78 2.27 -52.21 12.45
N LEU H 79 3.11 -51.38 11.84
CA LEU H 79 2.66 -50.34 10.93
C LEU H 79 2.51 -50.81 9.48
N ASN H 80 2.79 -52.10 9.25
CA ASN H 80 2.73 -52.69 7.92
C ASN H 80 3.71 -52.06 6.94
N LEU H 81 4.85 -51.55 7.42
CA LEU H 81 5.80 -50.91 6.53
C LEU H 81 6.38 -51.91 5.53
N GLN H 82 6.54 -51.46 4.29
CA GLN H 82 7.12 -52.29 3.25
C GLN H 82 8.53 -51.82 2.99
N ALA H 83 8.86 -50.62 3.49
CA ALA H 83 10.19 -50.08 3.33
C ALA H 83 10.60 -49.20 4.50
N TYR H 84 11.89 -49.22 4.80
CA TYR H 84 12.45 -48.36 5.83
C TYR H 84 13.64 -47.63 5.25
N ARG H 85 13.51 -46.31 5.17
CA ARG H 85 14.57 -45.47 4.66
C ARG H 85 15.35 -44.92 5.84
N PHE H 86 16.66 -45.15 5.81
CA PHE H 86 17.52 -44.76 6.91
C PHE H 86 18.84 -44.27 6.36
N SER H 87 19.62 -43.57 7.19
CA SER H 87 20.93 -43.14 6.76
C SER H 87 22.03 -43.85 7.54
N VAL H 88 23.21 -43.92 6.95
CA VAL H 88 24.36 -44.51 7.60
C VAL H 88 25.29 -43.43 8.10
N SER H 89 25.66 -43.49 9.39
CA SER H 89 26.60 -42.54 9.93
C SER H 89 28.02 -42.84 9.44
N TRP H 90 28.53 -41.94 8.62
CA TRP H 90 29.86 -42.02 8.04
C TRP H 90 30.90 -42.22 9.14
N SER H 91 30.76 -41.46 10.22
CA SER H 91 31.72 -41.48 11.30
C SER H 91 31.62 -42.75 12.14
N ARG H 92 30.46 -43.41 12.10
CA ARG H 92 30.29 -44.68 12.79
C ARG H 92 30.98 -45.80 12.02
N VAL H 93 31.03 -45.67 10.69
CA VAL H 93 31.60 -46.71 9.83
C VAL H 93 33.09 -46.46 9.55
N ILE H 94 33.45 -45.21 9.30
CA ILE H 94 34.85 -44.83 9.09
C ILE H 94 35.18 -43.62 9.95
N PRO H 95 35.68 -43.88 11.17
CA PRO H 95 35.83 -42.87 12.24
C PRO H 95 36.60 -41.62 11.83
N GLN H 96 37.63 -41.75 11.01
CA GLN H 96 38.39 -40.58 10.56
C GLN H 96 37.94 -40.13 9.19
N GLY H 97 36.86 -40.72 8.69
CA GLY H 97 36.33 -40.36 7.39
C GLY H 97 37.04 -41.05 6.24
N ARG H 98 38.35 -41.18 6.39
CA ARG H 98 39.17 -41.96 5.48
C ARG H 98 39.92 -43.01 6.28
N GLY H 99 40.39 -44.07 5.62
CA GLY H 99 41.25 -45.03 6.29
C GLY H 99 40.52 -46.23 6.87
N ALA H 100 40.88 -46.56 8.11
CA ALA H 100 40.41 -47.77 8.76
C ALA H 100 38.89 -47.80 8.96
N ILE H 101 38.30 -48.95 8.64
CA ILE H 101 36.88 -49.19 8.88
C ILE H 101 36.69 -49.59 10.34
N ASN H 102 35.57 -49.16 10.92
CA ASN H 102 35.20 -49.55 12.27
C ASN H 102 34.25 -50.73 12.23
N PRO H 103 34.76 -51.92 12.57
CA PRO H 103 34.03 -53.20 12.48
C PRO H 103 32.69 -53.18 13.20
N LYS H 104 32.65 -52.66 14.43
CA LYS H 104 31.41 -52.64 15.22
C LYS H 104 30.34 -51.74 14.62
N GLY H 105 30.77 -50.58 14.12
CA GLY H 105 29.85 -49.61 13.54
C GLY H 105 29.16 -50.17 12.33
N LEU H 106 29.94 -50.79 11.45
CA LEU H 106 29.43 -51.45 10.27
C LEU H 106 28.57 -52.64 10.66
N ALA H 107 28.97 -53.31 11.74
CA ALA H 107 28.26 -54.48 12.22
C ALA H 107 26.84 -54.12 12.68
N PHE H 108 26.68 -52.93 13.25
CA PHE H 108 25.34 -52.46 13.60
C PHE H 108 24.40 -52.40 12.40
N TYR H 109 24.85 -51.77 11.32
CA TYR H 109 24.02 -51.65 10.13
C TYR H 109 23.84 -52.99 9.43
N ASP H 110 24.82 -53.87 9.58
CA ASP H 110 24.70 -55.24 9.10
C ASP H 110 23.53 -55.94 9.81
N ARG H 111 23.53 -55.85 11.15
CA ARG H 111 22.47 -56.45 11.95
C ARG H 111 21.13 -55.84 11.57
N LEU H 112 21.10 -54.52 11.43
CA LEU H 112 19.88 -53.80 11.07
C LEU H 112 19.31 -54.26 9.73
N VAL H 113 20.15 -54.31 8.72
CA VAL H 113 19.72 -54.69 7.38
C VAL H 113 19.22 -56.13 7.36
N ASP H 114 19.96 -57.02 8.01
CA ASP H 114 19.52 -58.42 8.08
C ASP H 114 18.19 -58.54 8.82
N GLY H 115 18.02 -57.76 9.89
CA GLY H 115 16.78 -57.74 10.64
C GLY H 115 15.60 -57.24 9.83
N LEU H 116 15.86 -56.24 8.99
CA LEU H 116 14.82 -55.69 8.11
C LEU H 116 14.42 -56.68 7.03
N LEU H 117 15.40 -57.29 6.38
CA LEU H 117 15.14 -58.27 5.33
C LEU H 117 14.40 -59.47 5.90
N GLU H 118 14.79 -59.85 7.12
CA GLU H 118 14.13 -60.90 7.86
C GLU H 118 12.66 -60.57 8.11
N ALA H 119 12.37 -59.29 8.32
CA ALA H 119 11.01 -58.85 8.59
C ALA H 119 10.23 -58.61 7.30
N GLY H 120 10.90 -58.75 6.16
CA GLY H 120 10.26 -58.50 4.89
C GLY H 120 10.18 -57.03 4.53
N ILE H 121 11.03 -56.22 5.15
CA ILE H 121 11.01 -54.77 4.92
C ILE H 121 12.19 -54.35 4.03
N GLU H 122 11.88 -53.61 2.97
CA GLU H 122 12.91 -53.18 2.02
C GLU H 122 13.77 -52.06 2.61
N PRO H 123 15.08 -52.32 2.74
CA PRO H 123 16.01 -51.31 3.28
C PRO H 123 16.45 -50.29 2.24
N LEU H 124 16.17 -49.01 2.50
CA LEU H 124 16.55 -47.93 1.60
C LEU H 124 17.65 -47.10 2.26
N ALA H 125 18.88 -47.21 1.74
CA ALA H 125 19.99 -46.60 2.49
C ALA H 125 20.45 -45.26 1.93
N THR H 126 20.71 -44.31 2.82
CA THR H 126 21.26 -43.00 2.45
C THR H 126 22.69 -42.89 2.94
N LEU H 127 23.61 -42.53 2.05
CA LEU H 127 25.02 -42.44 2.42
C LEU H 127 25.29 -41.24 3.33
N TYR H 128 24.76 -40.08 2.98
CA TYR H 128 25.04 -38.86 3.73
C TYR H 128 23.80 -38.09 4.14
N HIS H 129 23.57 -38.02 5.46
CA HIS H 129 22.47 -37.25 6.00
C HIS H 129 23.01 -36.27 7.05
N TRP H 130 23.95 -35.43 6.60
CA TRP H 130 24.38 -34.19 7.27
C TRP H 130 25.45 -34.38 8.34
N ASP H 131 25.87 -35.62 8.57
CA ASP H 131 26.80 -35.90 9.67
C ASP H 131 28.21 -36.21 9.18
N LEU H 132 28.85 -35.22 8.57
CA LEU H 132 30.25 -35.34 8.13
C LEU H 132 31.17 -35.64 9.31
N PRO H 133 32.11 -36.59 9.12
CA PRO H 133 33.17 -36.85 10.10
C PRO H 133 34.00 -35.61 10.39
N ALA H 134 34.22 -35.32 11.67
CA ALA H 134 34.93 -34.11 12.08
C ALA H 134 36.34 -34.01 11.53
N ALA H 135 36.98 -35.17 11.32
CA ALA H 135 38.32 -35.21 10.78
C ALA H 135 38.36 -34.67 9.35
N LEU H 136 37.26 -34.86 8.62
CA LEU H 136 37.17 -34.36 7.26
C LEU H 136 36.81 -32.87 7.24
N ASP H 137 36.04 -32.44 8.24
CA ASP H 137 35.76 -31.01 8.39
C ASP H 137 37.03 -30.25 8.72
N ASP H 138 37.93 -30.89 9.47
CA ASP H 138 39.23 -30.29 9.76
C ASP H 138 40.09 -30.23 8.50
N ARG H 139 39.70 -30.96 7.48
CA ARG H 139 40.38 -30.88 6.19
C ARG H 139 39.57 -30.03 5.20
N GLY H 140 38.59 -29.29 5.72
CA GLY H 140 37.86 -28.34 4.89
C GLY H 140 36.44 -28.78 4.59
N GLY H 141 36.14 -30.04 4.89
CA GLY H 141 34.81 -30.58 4.62
C GLY H 141 34.37 -30.43 3.19
N TRP H 142 33.15 -29.91 3.01
CA TRP H 142 32.56 -29.76 1.68
C TRP H 142 33.21 -28.64 0.88
N LEU H 143 34.18 -27.95 1.49
CA LEU H 143 34.94 -26.92 0.77
C LEU H 143 36.16 -27.52 0.08
N ASN H 144 36.52 -28.74 0.48
CA ASN H 144 37.66 -29.42 -0.10
C ASN H 144 37.17 -30.34 -1.23
N PRO H 145 37.58 -30.05 -2.47
CA PRO H 145 37.15 -30.83 -3.63
C PRO H 145 37.49 -32.32 -3.50
N ASP H 146 38.54 -32.63 -2.75
CA ASP H 146 38.95 -34.02 -2.55
C ASP H 146 37.85 -34.85 -1.91
N ILE H 147 36.87 -34.18 -1.33
CA ILE H 147 35.77 -34.89 -0.68
C ILE H 147 35.01 -35.76 -1.67
N ALA H 148 35.01 -35.33 -2.95
CA ALA H 148 34.33 -36.12 -3.97
C ALA H 148 34.91 -37.53 -3.99
N ASP H 149 36.22 -37.61 -3.82
CA ASP H 149 36.90 -38.88 -3.75
C ASP H 149 36.62 -39.58 -2.41
N TRP H 150 36.68 -38.81 -1.31
CA TRP H 150 36.51 -39.40 0.02
C TRP H 150 35.17 -40.09 0.08
N PHE H 151 34.15 -39.35 -0.34
CA PHE H 151 32.79 -39.82 -0.33
C PHE H 151 32.69 -41.10 -1.13
N ALA H 152 33.32 -41.11 -2.30
CA ALA H 152 33.24 -42.27 -3.16
C ALA H 152 33.75 -43.49 -2.42
N ASP H 153 34.88 -43.34 -1.75
CA ASP H 153 35.49 -44.45 -1.06
C ASP H 153 34.52 -44.95 0.00
N TYR H 154 33.92 -44.01 0.73
CA TYR H 154 32.99 -44.35 1.78
C TYR H 154 31.85 -45.13 1.15
N GLY H 155 31.33 -44.60 0.06
CA GLY H 155 30.22 -45.24 -0.63
C GLY H 155 30.58 -46.67 -0.96
N GLN H 156 31.80 -46.87 -1.44
CA GLN H 156 32.24 -48.18 -1.89
C GLN H 156 32.11 -49.17 -0.75
N VAL H 157 32.56 -48.74 0.44
CA VAL H 157 32.55 -49.62 1.62
C VAL H 157 31.16 -50.19 1.83
N LEU H 158 30.15 -49.35 1.66
CA LEU H 158 28.79 -49.80 1.89
C LEU H 158 28.34 -50.65 0.70
N PHE H 159 28.65 -50.16 -0.51
CA PHE H 159 28.21 -50.80 -1.75
C PHE H 159 28.60 -52.26 -1.77
N GLU H 160 29.81 -52.54 -1.32
CA GLU H 160 30.34 -53.89 -1.30
C GLU H 160 29.81 -54.69 -0.11
N LYS H 161 29.66 -54.04 1.04
CA LYS H 161 29.22 -54.76 2.24
C LYS H 161 27.78 -55.24 2.13
N PHE H 162 26.93 -54.44 1.50
CA PHE H 162 25.51 -54.75 1.44
C PHE H 162 25.06 -55.10 0.03
N LYS H 163 26.01 -55.54 -0.80
CA LYS H 163 25.69 -55.99 -2.16
C LYS H 163 24.65 -57.11 -2.13
N GLY H 164 23.55 -56.91 -2.84
CA GLY H 164 22.49 -57.89 -2.90
C GLY H 164 21.47 -57.80 -1.78
N ARG H 165 21.78 -57.02 -0.74
CA ARG H 165 20.84 -56.81 0.36
C ARG H 165 20.18 -55.44 0.31
N VAL H 166 20.98 -54.38 0.19
CA VAL H 166 20.46 -53.05 -0.02
C VAL H 166 20.52 -52.71 -1.51
N LYS H 167 19.36 -52.66 -2.14
CA LYS H 167 19.28 -52.48 -3.59
C LYS H 167 18.95 -51.04 -3.99
N THR H 168 18.43 -50.25 -3.05
CA THR H 168 18.10 -48.85 -3.35
C THR H 168 18.92 -47.88 -2.50
N TRP H 169 19.72 -47.08 -3.21
CA TRP H 169 20.71 -46.21 -2.63
C TRP H 169 20.44 -44.74 -2.92
N GLY H 170 20.55 -43.94 -1.86
CA GLY H 170 20.57 -42.50 -1.94
C GLY H 170 21.98 -42.03 -1.66
N THR H 171 22.42 -41.01 -2.38
CA THR H 171 23.76 -40.47 -2.19
C THR H 171 23.75 -39.36 -1.14
N ILE H 172 23.16 -38.23 -1.51
CA ILE H 172 23.09 -37.07 -0.64
C ILE H 172 21.63 -36.74 -0.29
N ASN H 173 21.37 -36.48 0.98
CA ASN H 173 20.04 -36.06 1.39
C ASN H 173 19.97 -34.53 1.50
N GLU H 174 19.25 -33.91 0.56
CA GLU H 174 18.99 -32.48 0.58
C GLU H 174 20.23 -31.61 0.58
N PRO H 175 20.89 -31.48 -0.58
CA PRO H 175 22.05 -30.59 -0.75
C PRO H 175 21.79 -29.17 -0.29
N TRP H 176 20.59 -28.66 -0.55
CA TRP H 176 20.26 -27.28 -0.19
C TRP H 176 20.30 -27.04 1.30
N CYS H 177 19.77 -27.97 2.10
CA CYS H 177 19.81 -27.81 3.55
C CYS H 177 21.24 -27.84 4.06
N ILE H 178 22.02 -28.78 3.53
CA ILE H 178 23.42 -28.92 3.88
C ILE H 178 24.20 -27.63 3.66
N VAL H 179 24.02 -27.02 2.49
CA VAL H 179 24.81 -25.85 2.11
C VAL H 179 24.26 -24.54 2.66
N ASP H 180 22.96 -24.32 2.47
CA ASP H 180 22.29 -23.12 2.94
C ASP H 180 22.28 -23.04 4.46
N GLY H 181 22.03 -24.17 5.12
CA GLY H 181 22.03 -24.20 6.57
C GLY H 181 23.41 -24.29 7.17
N GLY H 182 24.27 -25.09 6.54
CA GLY H 182 25.59 -25.36 7.09
C GLY H 182 26.68 -24.38 6.73
N TYR H 183 26.54 -23.73 5.57
CA TYR H 183 27.61 -22.88 5.06
C TYR H 183 27.19 -21.45 4.76
N LEU H 184 25.93 -21.24 4.39
CA LEU H 184 25.46 -19.91 4.04
C LEU H 184 25.02 -19.10 5.26
N HIS H 185 24.16 -19.69 6.09
CA HIS H 185 23.59 -18.98 7.22
C HIS H 185 24.12 -19.44 8.59
N GLY H 186 24.67 -20.66 8.64
CA GLY H 186 25.30 -21.15 9.85
C GLY H 186 24.39 -21.64 10.95
N ALA H 187 23.16 -21.99 10.62
CA ALA H 187 22.22 -22.49 11.60
C ALA H 187 22.43 -23.99 11.82
N LEU H 188 23.05 -24.64 10.84
CA LEU H 188 23.37 -26.06 10.93
C LEU H 188 24.89 -26.28 10.94
N ALA H 189 25.31 -27.43 11.45
CA ALA H 189 26.70 -27.85 11.34
C ALA H 189 27.14 -27.84 9.88
N PRO H 190 28.37 -27.38 9.61
CA PRO H 190 29.43 -27.02 10.57
C PRO H 190 29.35 -25.57 11.04
N GLY H 191 28.24 -24.89 10.80
CA GLY H 191 28.03 -23.55 11.33
C GLY H 191 28.83 -22.45 10.67
N HIS H 192 29.04 -22.54 9.37
CA HIS H 192 29.68 -21.45 8.64
C HIS H 192 28.65 -20.49 8.08
N ARG H 193 29.04 -19.22 7.91
CA ARG H 193 28.15 -18.23 7.32
C ARG H 193 28.92 -17.43 6.26
N SER H 194 28.81 -17.88 5.02
CA SER H 194 29.60 -17.32 3.92
C SER H 194 29.03 -17.73 2.57
N ALA H 195 28.75 -16.75 1.72
CA ALA H 195 28.26 -17.03 0.37
C ALA H 195 29.32 -17.68 -0.52
N TYR H 196 30.56 -17.24 -0.37
CA TYR H 196 31.69 -17.80 -1.10
C TYR H 196 31.77 -19.31 -0.84
N GLU H 197 31.71 -19.63 0.46
CA GLU H 197 31.80 -21.02 0.91
C GLU H 197 30.57 -21.78 0.49
N ALA H 198 29.41 -21.12 0.52
CA ALA H 198 28.16 -21.76 0.10
C ALA H 198 28.24 -22.22 -1.36
N VAL H 199 28.74 -21.34 -2.23
CA VAL H 199 28.87 -21.68 -3.65
C VAL H 199 29.81 -22.86 -3.82
N ILE H 200 30.99 -22.77 -3.18
CA ILE H 200 31.96 -23.85 -3.29
C ILE H 200 31.44 -25.20 -2.76
N ALA H 201 30.81 -25.17 -1.58
CA ALA H 201 30.25 -26.34 -0.94
C ALA H 201 29.16 -27.00 -1.77
N GLY H 202 28.26 -26.19 -2.32
CA GLY H 202 27.22 -26.72 -3.18
C GLY H 202 27.84 -27.47 -4.35
N HIS H 203 28.83 -26.83 -4.98
CA HIS H 203 29.49 -27.48 -6.10
C HIS H 203 30.13 -28.82 -5.72
N ASN H 204 30.83 -28.86 -4.60
CA ASN H 204 31.49 -30.10 -4.20
C ASN H 204 30.53 -31.19 -3.72
N VAL H 205 29.37 -30.80 -3.18
CA VAL H 205 28.33 -31.77 -2.86
C VAL H 205 27.84 -32.45 -4.14
N LEU H 206 27.59 -31.63 -5.17
CA LEU H 206 27.16 -32.19 -6.45
C LEU H 206 28.21 -33.13 -7.04
N ARG H 207 29.47 -32.69 -7.00
CA ARG H 207 30.57 -33.51 -7.48
C ARG H 207 30.68 -34.82 -6.70
N ALA H 208 30.48 -34.76 -5.39
CA ALA H 208 30.56 -35.94 -4.53
C ALA H 208 29.47 -36.93 -4.93
N HIS H 209 28.27 -36.41 -5.18
CA HIS H 209 27.18 -37.25 -5.69
C HIS H 209 27.60 -37.97 -6.98
N GLY H 210 28.14 -37.22 -7.92
CA GLY H 210 28.58 -37.82 -9.17
C GLY H 210 29.63 -38.92 -9.00
N ALA H 211 30.63 -38.62 -8.17
CA ALA H 211 31.70 -39.58 -7.89
C ALA H 211 31.16 -40.86 -7.26
N ALA H 212 30.21 -40.71 -6.35
CA ALA H 212 29.60 -41.87 -5.71
C ALA H 212 28.82 -42.70 -6.73
N VAL H 213 28.16 -42.03 -7.67
CA VAL H 213 27.42 -42.76 -8.70
C VAL H 213 28.37 -43.55 -9.61
N ARG H 214 29.47 -42.93 -10.02
CA ARG H 214 30.49 -43.63 -10.82
C ARG H 214 31.04 -44.86 -10.10
N ARG H 215 31.40 -44.66 -8.83
CA ARG H 215 31.94 -45.75 -8.03
C ARG H 215 30.92 -46.87 -7.91
N PHE H 216 29.65 -46.48 -7.79
CA PHE H 216 28.56 -47.45 -7.72
C PHE H 216 28.45 -48.24 -9.00
N ARG H 217 28.67 -47.58 -10.14
CA ARG H 217 28.66 -48.27 -11.41
C ARG H 217 29.77 -49.30 -11.46
N GLU H 218 30.91 -48.97 -10.85
CA GLU H 218 32.03 -49.91 -10.89
C GLU H 218 31.88 -51.11 -9.92
N VAL H 219 31.36 -50.89 -8.72
CA VAL H 219 31.39 -51.95 -7.70
C VAL H 219 30.03 -52.28 -7.07
N GLY H 220 29.00 -51.53 -7.42
CA GLY H 220 27.72 -51.68 -6.74
C GLY H 220 26.71 -52.51 -7.49
N GLU H 221 25.56 -52.73 -6.85
CA GLU H 221 24.47 -53.51 -7.44
C GLU H 221 23.13 -52.90 -7.04
N GLY H 222 22.29 -52.63 -8.04
CA GLY H 222 20.98 -52.04 -7.78
C GLY H 222 20.78 -50.66 -8.40
N GLN H 223 20.02 -49.84 -7.71
CA GLN H 223 19.66 -48.52 -8.22
C GLN H 223 20.17 -47.43 -7.29
N ILE H 224 20.68 -46.35 -7.87
CA ILE H 224 21.27 -45.27 -7.08
C ILE H 224 20.73 -43.92 -7.55
N GLY H 225 20.56 -42.98 -6.61
CA GLY H 225 20.06 -41.66 -6.95
C GLY H 225 20.26 -40.65 -5.83
N ILE H 226 19.99 -39.39 -6.14
CA ILE H 226 20.08 -38.31 -5.14
C ILE H 226 18.70 -37.98 -4.57
N VAL H 227 18.67 -37.28 -3.45
CA VAL H 227 17.42 -36.86 -2.83
C VAL H 227 17.39 -35.34 -2.67
N LEU H 228 16.45 -34.69 -3.34
CA LEU H 228 16.32 -33.23 -3.25
C LEU H 228 15.08 -32.79 -2.49
N ASN H 229 15.22 -31.74 -1.69
CA ASN H 229 14.05 -31.06 -1.17
C ASN H 229 13.66 -29.93 -2.10
N ILE H 230 12.35 -29.76 -2.30
CA ILE H 230 11.83 -28.71 -3.17
C ILE H 230 10.73 -27.98 -2.42
N GLU H 231 10.79 -26.65 -2.45
CA GLU H 231 9.77 -25.83 -1.85
C GLU H 231 9.28 -24.84 -2.90
N PRO H 232 8.22 -25.21 -3.63
CA PRO H 232 7.69 -24.45 -4.76
C PRO H 232 7.36 -23.02 -4.38
N LYS H 233 7.80 -22.07 -5.21
CA LYS H 233 7.60 -20.65 -4.90
C LYS H 233 6.45 -20.04 -5.71
N TYR H 234 5.39 -19.67 -5.00
CA TYR H 234 4.18 -19.10 -5.59
C TYR H 234 4.19 -17.57 -5.51
N PRO H 235 3.44 -16.91 -6.41
CA PRO H 235 3.41 -15.44 -6.46
C PRO H 235 2.73 -14.78 -5.25
N ALA H 236 3.39 -13.76 -4.70
CA ALA H 236 2.82 -13.00 -3.59
C ALA H 236 1.93 -11.86 -4.08
N SER H 237 2.21 -11.39 -5.28
CA SER H 237 1.53 -10.22 -5.85
C SER H 237 1.84 -10.09 -7.34
N ASP H 238 1.34 -9.01 -7.94
CA ASP H 238 1.61 -8.74 -9.34
C ASP H 238 2.70 -7.69 -9.50
N LYS H 239 3.25 -7.27 -8.38
CA LYS H 239 4.40 -6.38 -8.35
C LYS H 239 5.60 -7.07 -9.00
N PRO H 240 6.28 -6.38 -9.93
CA PRO H 240 7.41 -6.99 -10.64
C PRO H 240 8.63 -7.27 -9.75
N GLU H 241 8.84 -6.45 -8.72
CA GLU H 241 9.95 -6.69 -7.80
C GLU H 241 9.72 -7.99 -7.05
N ASP H 242 8.45 -8.33 -6.83
CA ASP H 242 8.09 -9.56 -6.16
C ASP H 242 8.27 -10.78 -7.04
N GLU H 243 8.05 -10.63 -8.34
CA GLU H 243 8.28 -11.74 -9.27
C GLU H 243 9.77 -11.99 -9.41
N ALA H 244 10.55 -10.91 -9.44
CA ALA H 244 12.01 -11.05 -9.44
C ALA H 244 12.46 -11.76 -8.17
N ALA H 245 11.84 -11.39 -7.04
CA ALA H 245 12.10 -12.05 -5.78
C ALA H 245 11.80 -13.55 -5.84
N ARG H 246 10.61 -13.88 -6.34
CA ARG H 246 10.19 -15.26 -6.50
C ARG H 246 11.18 -16.06 -7.32
N ARG H 247 11.66 -15.49 -8.42
CA ARG H 247 12.61 -16.20 -9.27
C ARG H 247 13.97 -16.36 -8.62
N ARG H 248 14.44 -15.34 -7.88
CA ARG H 248 15.67 -15.49 -7.10
C ARG H 248 15.57 -16.63 -6.08
N ALA H 249 14.49 -16.65 -5.30
CA ALA H 249 14.30 -17.66 -4.27
C ALA H 249 14.20 -19.05 -4.89
N GLU H 250 13.41 -19.14 -5.96
CA GLU H 250 13.22 -20.37 -6.71
C GLU H 250 14.55 -20.90 -7.25
N ALA H 251 15.37 -20.01 -7.77
CA ALA H 251 16.66 -20.39 -8.33
C ALA H 251 17.61 -20.88 -7.25
N GLN H 252 17.65 -20.16 -6.13
CA GLN H 252 18.59 -20.49 -5.06
C GLN H 252 18.20 -21.79 -4.37
N MET H 253 16.90 -22.07 -4.27
CA MET H 253 16.46 -23.23 -3.50
C MET H 253 16.12 -24.46 -4.35
N ASN H 254 15.37 -24.25 -5.43
CA ASN H 254 14.80 -25.37 -6.17
C ASN H 254 15.55 -25.77 -7.45
N ARG H 255 16.29 -24.83 -8.04
CA ARG H 255 16.95 -25.08 -9.31
C ARG H 255 18.48 -25.18 -9.20
N TRP H 256 19.03 -24.70 -8.09
CA TRP H 256 20.47 -24.71 -7.84
C TRP H 256 21.12 -26.06 -8.11
N PHE H 257 20.47 -27.12 -7.65
CA PHE H 257 21.04 -28.47 -7.78
C PHE H 257 20.41 -29.29 -8.91
N LEU H 258 19.10 -29.19 -9.07
CA LEU H 258 18.40 -29.95 -10.10
C LEU H 258 18.93 -29.67 -11.52
N ASP H 259 19.13 -28.40 -11.83
CA ASP H 259 19.57 -27.99 -13.17
C ASP H 259 20.93 -28.59 -13.59
N PRO H 260 21.98 -28.45 -12.77
CA PRO H 260 23.23 -29.09 -13.20
C PRO H 260 23.13 -30.62 -13.21
N LEU H 261 22.28 -31.17 -12.35
CA LEU H 261 22.02 -32.60 -12.37
C LEU H 261 21.36 -33.05 -13.67
N MET H 262 20.62 -32.13 -14.29
CA MET H 262 19.95 -32.44 -15.55
C MET H 262 20.76 -31.96 -16.76
N GLY H 263 22.00 -31.54 -16.52
CA GLY H 263 22.87 -31.11 -17.58
C GLY H 263 22.61 -29.72 -18.12
N ARG H 264 21.92 -28.90 -17.35
CA ARG H 264 21.56 -27.55 -17.79
C ARG H 264 22.44 -26.45 -17.20
N GLY H 265 23.51 -26.85 -16.49
CA GLY H 265 24.35 -25.87 -15.83
C GLY H 265 23.65 -25.20 -14.65
N TYR H 266 24.33 -24.22 -14.06
CA TYR H 266 23.74 -23.46 -12.96
C TYR H 266 22.77 -22.40 -13.47
N PRO H 267 21.67 -22.19 -12.74
CA PRO H 267 20.69 -21.13 -13.01
C PRO H 267 21.37 -19.77 -13.15
N GLU H 268 20.93 -18.98 -14.14
CA GLU H 268 21.52 -17.67 -14.39
C GLU H 268 21.34 -16.74 -13.20
N GLU H 269 20.21 -16.89 -12.51
CA GLU H 269 19.84 -16.00 -11.42
C GLU H 269 20.83 -16.05 -10.26
N LEU H 270 21.58 -17.13 -10.17
CA LEU H 270 22.55 -17.28 -9.09
C LEU H 270 23.62 -16.21 -9.20
N THR H 271 23.94 -15.81 -10.44
CA THR H 271 24.90 -14.74 -10.67
C THR H 271 24.43 -13.48 -9.93
N ASP H 272 23.12 -13.28 -9.92
CA ASP H 272 22.54 -12.14 -9.22
C ASP H 272 22.45 -12.38 -7.72
N VAL H 273 22.19 -13.62 -7.31
CA VAL H 273 22.01 -13.93 -5.89
C VAL H 273 23.30 -13.85 -5.10
N TYR H 274 24.36 -14.43 -5.65
CA TYR H 274 25.63 -14.59 -4.91
C TYR H 274 26.67 -13.55 -5.27
N GLY H 275 26.41 -12.79 -6.33
CA GLY H 275 27.27 -11.69 -6.74
C GLY H 275 28.72 -12.06 -6.90
N ALA H 276 29.58 -11.35 -6.20
CA ALA H 276 31.03 -11.55 -6.28
C ALA H 276 31.47 -12.92 -5.76
N ALA H 277 30.60 -13.59 -5.03
CA ALA H 277 30.93 -14.90 -4.49
C ALA H 277 30.70 -16.01 -5.51
N TRP H 278 29.96 -15.71 -6.57
CA TRP H 278 29.70 -16.70 -7.61
C TRP H 278 30.97 -17.02 -8.38
N ARG H 279 31.05 -18.26 -8.85
CA ARG H 279 32.25 -18.73 -9.54
C ARG H 279 31.90 -19.50 -10.80
N GLU H 280 32.82 -19.50 -11.75
CA GLU H 280 32.74 -20.39 -12.90
C GLU H 280 33.60 -21.62 -12.65
N PHE H 281 33.08 -22.79 -12.98
CA PHE H 281 33.77 -24.05 -12.76
C PHE H 281 34.11 -24.78 -14.07
N PRO H 282 35.15 -25.63 -14.04
CA PRO H 282 35.58 -26.45 -15.18
C PRO H 282 34.47 -27.36 -15.75
N LYS H 283 34.49 -27.57 -17.07
CA LYS H 283 33.47 -28.35 -17.77
C LYS H 283 33.30 -29.78 -17.26
N GLU H 284 34.43 -30.40 -16.93
CA GLU H 284 34.44 -31.80 -16.52
C GLU H 284 33.76 -31.98 -15.18
N ASP H 285 33.73 -30.93 -14.38
CA ASP H 285 32.99 -30.95 -13.12
C ASP H 285 31.52 -31.22 -13.41
N PHE H 286 31.00 -30.54 -14.42
CA PHE H 286 29.61 -30.68 -14.81
C PHE H 286 29.37 -32.01 -15.49
N GLU H 287 30.37 -32.55 -16.18
CA GLU H 287 30.19 -33.91 -16.68
C GLU H 287 30.07 -34.90 -15.52
N LEU H 288 30.91 -34.74 -14.50
CA LEU H 288 30.82 -35.59 -13.31
C LEU H 288 29.49 -35.46 -12.57
N ILE H 289 29.01 -34.24 -12.41
CA ILE H 289 27.79 -33.95 -11.67
C ILE H 289 26.56 -34.59 -12.33
N ALA H 290 26.56 -34.63 -13.66
CA ALA H 290 25.42 -35.12 -14.42
C ALA H 290 25.44 -36.62 -14.72
N GLU H 291 26.31 -37.36 -14.04
CA GLU H 291 26.33 -38.82 -14.17
C GLU H 291 24.94 -39.42 -14.01
N PRO H 292 24.48 -40.16 -15.04
CA PRO H 292 23.11 -40.68 -15.09
C PRO H 292 22.74 -41.50 -13.85
N THR H 293 21.58 -41.21 -13.28
CA THR H 293 21.12 -41.91 -12.09
C THR H 293 19.94 -42.82 -12.43
N ASP H 294 19.54 -43.65 -11.47
CA ASP H 294 18.49 -44.63 -11.70
C ASP H 294 17.14 -44.16 -11.17
N TRP H 295 17.16 -43.31 -10.15
CA TRP H 295 15.93 -42.81 -9.53
C TRP H 295 16.19 -41.48 -8.83
N MET H 296 15.13 -40.79 -8.44
CA MET H 296 15.33 -39.57 -7.66
C MET H 296 14.33 -39.48 -6.52
N GLY H 297 14.83 -39.02 -5.37
CA GLY H 297 14.00 -38.84 -4.21
C GLY H 297 13.58 -37.39 -4.07
N LEU H 298 12.31 -37.19 -3.75
CA LEU H 298 11.80 -35.88 -3.43
C LEU H 298 11.39 -35.82 -1.97
N ASN H 299 11.97 -34.86 -1.26
CA ASN H 299 11.53 -34.51 0.08
C ASN H 299 10.63 -33.27 -0.03
N TRP H 300 9.39 -33.39 0.43
CA TRP H 300 8.43 -32.30 0.24
C TRP H 300 7.60 -32.08 1.49
N TYR H 301 7.38 -30.82 1.85
CA TYR H 301 6.62 -30.49 3.04
C TYR H 301 5.63 -29.35 2.84
N THR H 302 6.02 -28.35 2.05
CA THR H 302 5.25 -27.12 1.98
C THR H 302 5.64 -26.27 0.78
N ARG H 303 5.00 -25.11 0.67
CA ARG H 303 5.34 -24.12 -0.34
C ARG H 303 5.75 -22.83 0.35
N ALA H 304 6.21 -21.86 -0.44
CA ALA H 304 6.46 -20.54 0.08
C ALA H 304 5.91 -19.49 -0.87
N VAL H 305 5.64 -18.30 -0.34
CA VAL H 305 5.10 -17.21 -1.14
C VAL H 305 5.99 -16.01 -0.95
N PRO H 306 7.10 -15.96 -1.71
CA PRO H 306 8.13 -14.94 -1.50
C PRO H 306 7.77 -13.57 -2.05
N GLU H 307 8.19 -12.54 -1.32
CA GLU H 307 8.07 -11.15 -1.72
C GLU H 307 9.47 -10.53 -1.66
N ASN H 308 9.63 -9.37 -2.27
CA ASN H 308 10.91 -8.68 -2.30
C ASN H 308 11.35 -8.25 -0.90
N ALA H 309 12.63 -8.43 -0.60
CA ALA H 309 13.17 -8.05 0.72
C ALA H 309 14.64 -7.69 0.60
N PRO H 310 14.92 -6.41 0.29
CA PRO H 310 16.26 -5.91 -0.04
C PRO H 310 17.31 -6.17 1.03
N ASP H 311 16.91 -6.32 2.29
CA ASP H 311 17.88 -6.54 3.36
C ASP H 311 18.03 -8.02 3.72
N ALA H 312 17.25 -8.87 3.03
CA ALA H 312 17.35 -10.30 3.27
C ALA H 312 18.48 -10.88 2.43
N TRP H 313 19.55 -11.31 3.09
CA TRP H 313 20.75 -11.81 2.41
C TRP H 313 20.70 -13.33 2.29
N PRO H 314 21.03 -13.85 1.09
CA PRO H 314 21.42 -13.13 -0.12
C PRO H 314 20.36 -13.10 -1.23
N THR H 315 19.22 -13.76 -1.04
CA THR H 315 18.24 -13.86 -2.12
C THR H 315 17.34 -12.63 -2.22
N ARG H 316 17.44 -11.75 -1.23
CA ARG H 316 16.60 -10.56 -1.16
C ARG H 316 15.12 -10.88 -1.35
N SER H 317 14.68 -11.92 -0.66
CA SER H 317 13.29 -12.35 -0.69
C SER H 317 12.89 -12.85 0.69
N ARG H 318 11.60 -12.87 0.96
CA ARG H 318 11.10 -13.40 2.23
C ARG H 318 9.69 -13.93 2.05
N PRO H 319 9.36 -15.03 2.73
CA PRO H 319 8.02 -15.61 2.57
C PRO H 319 6.91 -14.77 3.21
N VAL H 320 5.77 -14.70 2.53
CA VAL H 320 4.58 -14.04 3.06
C VAL H 320 3.70 -15.04 3.76
N ARG H 321 3.34 -14.75 5.01
CA ARG H 321 2.53 -15.67 5.81
C ARG H 321 1.14 -15.85 5.20
N GLN H 322 0.79 -17.09 4.90
CA GLN H 322 -0.50 -17.41 4.29
C GLN H 322 -1.52 -17.76 5.37
N THR H 323 -2.10 -16.73 5.97
CA THR H 323 -2.95 -16.88 7.15
C THR H 323 -4.27 -17.59 6.87
N GLN H 324 -4.60 -17.82 5.60
CA GLN H 324 -5.84 -18.51 5.25
C GLN H 324 -5.72 -20.00 5.48
N HIS H 325 -4.50 -20.49 5.68
CA HIS H 325 -4.26 -21.92 5.85
C HIS H 325 -3.61 -22.28 7.18
N ALA H 326 -3.75 -23.55 7.56
CA ALA H 326 -3.11 -24.08 8.76
C ALA H 326 -1.60 -24.09 8.63
N HIS H 327 -0.91 -23.90 9.74
CA HIS H 327 0.54 -23.99 9.77
C HIS H 327 1.01 -25.00 10.81
N THR H 328 2.09 -25.72 10.47
CA THR H 328 2.67 -26.70 11.37
C THR H 328 3.45 -26.02 12.47
N GLU H 329 3.97 -26.79 13.42
CA GLU H 329 4.74 -26.22 14.52
C GLU H 329 6.09 -25.68 14.05
N THR H 330 6.52 -26.09 12.86
CA THR H 330 7.72 -25.53 12.25
C THR H 330 7.40 -24.29 11.42
N GLY H 331 6.14 -23.88 11.43
CA GLY H 331 5.73 -22.68 10.71
C GLY H 331 5.55 -22.89 9.21
N TRP H 332 5.30 -24.13 8.80
CA TRP H 332 5.13 -24.45 7.39
C TRP H 332 3.65 -24.53 7.03
N GLU H 333 3.28 -23.79 5.99
CA GLU H 333 1.91 -23.81 5.50
C GLU H 333 1.50 -25.21 5.07
N VAL H 334 0.27 -25.59 5.42
CA VAL H 334 -0.31 -26.85 4.94
C VAL H 334 -1.07 -26.59 3.66
N TYR H 335 -0.55 -27.08 2.54
CA TYR H 335 -1.16 -26.82 1.23
C TYR H 335 -0.84 -27.94 0.24
N PRO H 336 -1.60 -29.04 0.32
CA PRO H 336 -1.42 -30.26 -0.46
C PRO H 336 -1.37 -30.11 -2.00
N PRO H 337 -2.13 -29.19 -2.61
CA PRO H 337 -2.03 -29.13 -4.07
C PRO H 337 -0.61 -28.84 -4.59
N ALA H 338 0.16 -28.10 -3.80
CA ALA H 338 1.51 -27.73 -4.19
C ALA H 338 2.40 -28.96 -4.28
N LEU H 339 2.01 -30.03 -3.60
CA LEU H 339 2.73 -31.28 -3.73
C LEU H 339 2.51 -31.83 -5.13
N THR H 340 1.23 -31.88 -5.53
CA THR H 340 0.88 -32.41 -6.84
C THR H 340 1.64 -31.63 -7.91
N ASP H 341 1.53 -30.32 -7.84
CA ASP H 341 2.17 -29.46 -8.81
C ASP H 341 3.67 -29.77 -8.85
N THR H 342 4.27 -29.88 -7.67
CA THR H 342 5.71 -30.03 -7.61
C THR H 342 6.09 -31.33 -8.30
N LEU H 343 5.31 -32.38 -8.06
CA LEU H 343 5.66 -33.67 -8.62
C LEU H 343 5.62 -33.56 -10.14
N VAL H 344 4.62 -32.85 -10.64
CA VAL H 344 4.48 -32.72 -12.09
C VAL H 344 5.70 -31.98 -12.60
N TRP H 345 6.05 -30.89 -11.90
CA TRP H 345 7.16 -30.06 -12.30
C TRP H 345 8.41 -30.92 -12.36
N LEU H 346 8.54 -31.81 -11.38
CA LEU H 346 9.77 -32.57 -11.28
C LEU H 346 9.80 -33.57 -12.43
N SER H 347 8.63 -34.16 -12.70
CA SER H 347 8.49 -35.10 -13.80
C SER H 347 8.92 -34.41 -15.08
N GLU H 348 8.57 -33.14 -15.19
CA GLU H 348 8.90 -32.38 -16.39
C GLU H 348 10.38 -32.07 -16.47
N GLN H 349 10.98 -31.73 -15.33
CA GLN H 349 12.39 -31.34 -15.34
C GLN H 349 13.28 -32.54 -15.63
N THR H 350 12.79 -33.73 -15.28
CA THR H 350 13.52 -34.96 -15.47
C THR H 350 13.08 -35.71 -16.74
N GLY H 351 12.20 -35.07 -17.51
CA GLY H 351 11.77 -35.62 -18.78
C GLY H 351 10.84 -36.82 -18.69
N GLY H 352 10.33 -37.08 -17.49
CA GLY H 352 9.41 -38.19 -17.28
C GLY H 352 10.07 -39.56 -17.28
N LYS H 353 11.34 -39.59 -17.64
CA LYS H 353 12.10 -40.82 -17.78
C LYS H 353 12.73 -41.33 -16.49
N LEU H 354 12.83 -40.47 -15.48
CA LEU H 354 13.51 -40.86 -14.26
C LEU H 354 12.49 -41.18 -13.17
N PRO H 355 12.44 -42.46 -12.75
CA PRO H 355 11.54 -42.90 -11.68
C PRO H 355 11.73 -42.10 -10.39
N LEU H 356 10.61 -41.63 -9.85
CA LEU H 356 10.63 -40.76 -8.68
C LEU H 356 10.04 -41.46 -7.47
N MET H 357 10.49 -41.05 -6.29
CA MET H 357 9.93 -41.52 -5.05
C MET H 357 9.90 -40.39 -4.03
N VAL H 358 8.78 -40.23 -3.33
CA VAL H 358 8.74 -39.27 -2.25
C VAL H 358 9.42 -39.91 -1.05
N THR H 359 10.66 -39.49 -0.81
CA THR H 359 11.44 -40.11 0.26
C THR H 359 11.19 -39.44 1.61
N GLU H 360 10.54 -38.28 1.58
CA GLU H 360 10.11 -37.63 2.83
C GLU H 360 8.88 -36.76 2.66
N ASN H 361 7.89 -37.00 3.52
CA ASN H 361 6.72 -36.13 3.64
C ASN H 361 6.06 -36.34 5.00
N GLY H 362 5.70 -35.25 5.67
CA GLY H 362 5.11 -35.34 6.99
C GLY H 362 4.93 -33.97 7.62
N SER H 363 4.55 -33.96 8.89
CA SER H 363 4.23 -32.70 9.56
C SER H 363 4.49 -32.75 11.07
N ALA H 364 4.84 -31.60 11.63
CA ALA H 364 5.09 -31.49 13.07
C ALA H 364 3.96 -30.75 13.77
N TRP H 365 3.35 -31.41 14.75
CA TRP H 365 2.33 -30.78 15.58
C TRP H 365 2.63 -31.06 17.04
N TYR H 366 2.03 -30.30 17.93
CA TYR H 366 2.30 -30.52 19.34
C TYR H 366 1.69 -31.83 19.82
N ASP H 367 2.53 -32.62 20.48
CA ASP H 367 2.08 -33.78 21.22
C ASP H 367 2.62 -33.67 22.64
N PRO H 368 1.87 -34.18 23.62
CA PRO H 368 2.42 -34.21 24.98
C PRO H 368 3.64 -35.12 25.09
N PRO H 369 4.48 -34.90 26.11
CA PRO H 369 5.73 -35.67 26.21
C PRO H 369 5.51 -37.13 26.63
N HIS H 370 4.30 -37.45 27.07
CA HIS H 370 3.94 -38.81 27.45
C HIS H 370 2.60 -39.21 26.84
N ALA H 371 2.35 -40.51 26.71
CA ALA H 371 1.07 -41.01 26.20
C ALA H 371 -0.13 -40.82 27.15
N ILE H 372 -1.33 -40.79 26.55
CA ILE H 372 -2.60 -40.72 27.27
C ILE H 372 -3.71 -41.44 26.50
N ASP H 373 -4.29 -42.52 27.01
CA ASP H 373 -3.70 -43.43 27.97
C ASP H 373 -3.08 -44.52 27.10
N GLY H 374 -1.78 -44.47 26.89
CA GLY H 374 -1.15 -45.41 25.98
C GLY H 374 -1.57 -45.06 24.57
N ARG H 375 -1.96 -43.79 24.40
CA ARG H 375 -2.42 -43.27 23.12
C ARG H 375 -1.91 -41.85 22.89
N ILE H 376 -1.80 -41.49 21.61
CA ILE H 376 -1.52 -40.11 21.22
C ILE H 376 -2.46 -39.69 20.11
N HIS H 377 -3.36 -38.75 20.41
CA HIS H 377 -4.34 -38.31 19.43
C HIS H 377 -3.85 -37.07 18.70
N ASP H 378 -3.45 -37.27 17.43
CA ASP H 378 -2.88 -36.20 16.61
C ASP H 378 -3.67 -36.00 15.32
N PRO H 379 -4.90 -35.45 15.43
CA PRO H 379 -5.80 -35.34 14.28
C PRO H 379 -5.28 -34.50 13.11
N MET H 380 -4.49 -33.47 13.38
CA MET H 380 -3.94 -32.64 12.30
C MET H 380 -2.86 -33.38 11.51
N ARG H 381 -2.11 -34.25 12.17
CA ARG H 381 -1.08 -35.03 11.50
C ARG H 381 -1.76 -36.08 10.62
N VAL H 382 -2.87 -36.63 11.12
CA VAL H 382 -3.70 -37.55 10.34
C VAL H 382 -4.28 -36.86 9.10
N HIS H 383 -4.80 -35.65 9.30
CA HIS H 383 -5.33 -34.86 8.19
C HIS H 383 -4.28 -34.57 7.13
N TYR H 384 -3.11 -34.13 7.58
CA TYR H 384 -1.99 -33.84 6.70
C TYR H 384 -1.68 -35.09 5.90
N LEU H 385 -1.64 -36.23 6.59
CA LEU H 385 -1.31 -37.49 5.97
C LEU H 385 -2.29 -37.84 4.85
N GLN H 386 -3.58 -37.81 5.15
CA GLN H 386 -4.57 -38.23 4.16
C GLN H 386 -4.60 -37.28 2.95
N THR H 387 -4.50 -35.99 3.21
CA THR H 387 -4.60 -35.02 2.11
C THR H 387 -3.38 -35.08 1.20
N HIS H 388 -2.19 -35.26 1.78
CA HIS H 388 -0.99 -35.29 0.96
C HIS H 388 -0.83 -36.62 0.22
N ILE H 389 -1.31 -37.71 0.82
CA ILE H 389 -1.28 -38.99 0.12
C ILE H 389 -2.27 -38.94 -1.06
N LYS H 390 -3.44 -38.35 -0.82
CA LYS H 390 -4.38 -38.11 -1.91
C LYS H 390 -3.73 -37.26 -3.01
N ALA H 391 -2.94 -36.28 -2.62
CA ALA H 391 -2.27 -35.43 -3.59
C ALA H 391 -1.26 -36.24 -4.42
N LEU H 392 -0.67 -37.25 -3.79
CA LEU H 392 0.24 -38.12 -4.51
C LEU H 392 -0.53 -38.86 -5.58
N HIS H 393 -1.69 -39.39 -5.18
CA HIS H 393 -2.54 -40.08 -6.12
C HIS H 393 -2.91 -39.20 -7.30
N ASP H 394 -3.25 -37.94 -7.02
CA ASP H 394 -3.55 -36.99 -8.09
C ASP H 394 -2.37 -36.84 -9.04
N ALA H 395 -1.16 -36.79 -8.48
CA ALA H 395 0.02 -36.67 -9.34
C ALA H 395 0.19 -37.90 -10.22
N ILE H 396 -0.08 -39.08 -9.67
CA ILE H 396 0.05 -40.31 -10.44
C ILE H 396 -0.98 -40.36 -11.56
N GLY H 397 -2.19 -39.88 -11.28
CA GLY H 397 -3.22 -39.77 -12.30
C GLY H 397 -2.86 -38.87 -13.47
N LYS H 398 -1.91 -37.97 -13.25
CA LYS H 398 -1.45 -37.08 -14.32
C LYS H 398 -0.22 -37.61 -15.05
N GLY H 399 0.16 -38.85 -14.77
CA GLY H 399 1.23 -39.49 -15.52
C GLY H 399 2.63 -39.42 -14.91
N VAL H 400 2.75 -38.92 -13.69
CA VAL H 400 4.05 -38.88 -13.01
C VAL H 400 4.48 -40.28 -12.60
N ASP H 401 5.72 -40.65 -12.91
CA ASP H 401 6.22 -41.98 -12.58
C ASP H 401 6.73 -42.03 -11.13
N LEU H 402 5.78 -42.14 -10.20
CA LEU H 402 6.06 -42.15 -8.77
C LEU H 402 6.00 -43.58 -8.25
N ARG H 403 7.09 -44.05 -7.66
CA ARG H 403 7.20 -45.46 -7.29
C ARG H 403 6.99 -45.73 -5.80
N GLY H 404 6.97 -44.68 -4.98
CA GLY H 404 6.84 -44.89 -3.55
C GLY H 404 6.70 -43.66 -2.68
N TYR H 405 6.45 -43.90 -1.38
CA TYR H 405 6.17 -42.85 -0.41
C TYR H 405 6.71 -43.23 0.97
N MET H 406 7.56 -42.37 1.51
CA MET H 406 8.12 -42.58 2.84
C MET H 406 7.69 -41.47 3.79
N VAL H 407 7.03 -41.83 4.88
CA VAL H 407 6.64 -40.82 5.87
C VAL H 407 7.82 -40.36 6.71
N TRP H 408 8.05 -39.05 6.74
CA TRP H 408 8.91 -38.48 7.77
C TRP H 408 8.04 -38.04 8.94
N SER H 409 8.18 -38.69 10.09
CA SER H 409 9.22 -39.70 10.30
C SER H 409 8.62 -40.88 11.05
N LEU H 410 9.33 -42.00 11.06
CA LEU H 410 8.90 -43.16 11.84
C LEU H 410 8.80 -42.80 13.32
N LEU H 411 9.80 -42.11 13.84
CA LEU H 411 9.87 -41.79 15.26
C LEU H 411 9.96 -40.28 15.50
N ASP H 412 9.33 -39.80 16.58
CA ASP H 412 9.68 -38.50 17.11
C ASP H 412 11.19 -38.50 17.35
N ASN H 413 11.88 -37.48 16.85
CA ASN H 413 13.33 -37.48 16.96
C ASN H 413 13.92 -36.07 17.10
N LEU H 414 15.23 -35.98 17.02
CA LEU H 414 15.91 -34.69 17.10
C LEU H 414 15.79 -33.92 15.80
N GLU H 415 15.01 -32.85 15.83
CA GLU H 415 14.84 -31.99 14.66
C GLU H 415 16.02 -31.01 14.62
N TRP H 416 17.21 -31.58 14.56
CA TRP H 416 18.47 -30.84 14.49
C TRP H 416 18.53 -29.66 15.46
N SER H 417 18.82 -28.47 14.95
CA SER H 417 18.98 -27.28 15.79
C SER H 417 17.71 -26.87 16.56
N LEU H 418 16.55 -27.34 16.13
CA LEU H 418 15.31 -27.04 16.83
C LEU H 418 15.04 -28.04 17.94
N GLY H 419 15.96 -28.99 18.10
CA GLY H 419 15.89 -29.96 19.18
C GLY H 419 14.71 -30.92 19.09
N TYR H 420 14.24 -31.37 20.25
CA TYR H 420 13.18 -32.37 20.32
C TYR H 420 11.79 -31.75 20.37
N SER H 421 11.73 -30.42 20.32
CA SER H 421 10.47 -29.70 20.41
C SER H 421 9.57 -29.89 19.18
N LYS H 422 10.16 -30.34 18.07
CA LYS H 422 9.41 -30.57 16.84
C LYS H 422 9.24 -32.07 16.58
N ARG H 423 8.03 -32.58 16.82
CA ARG H 423 7.74 -34.00 16.68
C ARG H 423 7.15 -34.32 15.31
N PHE H 424 7.88 -35.13 14.53
CA PHE H 424 7.47 -35.50 13.19
C PHE H 424 7.01 -36.95 13.10
N GLY H 425 7.18 -37.66 14.20
CA GLY H 425 6.92 -39.09 14.22
C GLY H 425 5.47 -39.48 14.06
N ILE H 426 5.26 -40.63 13.42
CA ILE H 426 3.97 -41.30 13.48
C ILE H 426 4.00 -42.27 14.64
N VAL H 427 5.20 -42.45 15.21
CA VAL H 427 5.35 -43.11 16.49
C VAL H 427 5.91 -42.11 17.49
N HIS H 428 5.17 -41.91 18.58
CA HIS H 428 5.57 -41.04 19.67
C HIS H 428 6.70 -41.64 20.48
N VAL H 429 7.67 -40.81 20.82
CA VAL H 429 8.74 -41.21 21.71
C VAL H 429 8.71 -40.37 22.98
N ASN H 430 8.53 -41.02 24.12
CA ASN H 430 8.69 -40.38 25.41
C ASN H 430 10.18 -40.32 25.71
N PHE H 431 10.75 -39.12 25.59
CA PHE H 431 12.20 -38.95 25.69
C PHE H 431 12.70 -39.08 27.13
N ALA H 432 11.79 -39.14 28.09
CA ALA H 432 12.15 -39.41 29.47
C ALA H 432 12.38 -40.89 29.69
N THR H 433 11.62 -41.72 28.99
CA THR H 433 11.61 -43.16 29.23
C THR H 433 11.95 -44.01 28.00
N GLN H 434 12.06 -43.38 26.84
CA GLN H 434 12.28 -44.08 25.55
C GLN H 434 11.12 -44.98 25.16
N GLU H 435 10.01 -44.83 25.87
CA GLU H 435 8.78 -45.54 25.58
C GLU H 435 8.19 -45.10 24.24
N ARG H 436 7.88 -46.08 23.39
CA ARG H 436 7.23 -45.77 22.10
C ARG H 436 5.73 -46.02 22.14
N THR H 437 4.97 -45.09 21.55
CA THR H 437 3.53 -45.24 21.44
C THR H 437 3.07 -44.87 20.04
N ILE H 438 2.41 -45.79 19.34
CA ILE H 438 1.99 -45.47 17.98
C ILE H 438 0.86 -44.46 18.03
N LYS H 439 1.04 -43.36 17.29
CA LYS H 439 0.06 -42.28 17.24
C LYS H 439 -1.10 -42.68 16.34
N ASP H 440 -2.20 -41.93 16.43
CA ASP H 440 -3.33 -42.15 15.54
C ASP H 440 -2.90 -42.07 14.07
N SER H 441 -1.92 -41.21 13.80
CA SER H 441 -1.39 -41.06 12.46
C SER H 441 -0.71 -42.33 11.98
N GLY H 442 0.03 -42.98 12.87
CA GLY H 442 0.65 -44.26 12.56
C GLY H 442 -0.37 -45.34 12.28
N LEU H 443 -1.41 -45.40 13.11
CA LEU H 443 -2.51 -46.33 12.94
C LEU H 443 -3.19 -46.16 11.56
N PHE H 444 -3.47 -44.91 11.24
CA PHE H 444 -4.11 -44.57 9.98
C PHE H 444 -3.19 -44.91 8.81
N TYR H 445 -1.91 -44.63 8.94
CA TYR H 445 -0.95 -44.92 7.88
C TYR H 445 -0.84 -46.42 7.65
N ALA H 446 -0.91 -47.19 8.74
CA ALA H 446 -0.88 -48.65 8.65
C ALA H 446 -2.09 -49.12 7.86
N GLU H 447 -3.22 -48.49 8.11
CA GLU H 447 -4.41 -48.83 7.32
C GLU H 447 -4.27 -48.42 5.85
N VAL H 448 -3.62 -47.29 5.58
CA VAL H 448 -3.39 -46.88 4.19
C VAL H 448 -2.53 -47.89 3.45
N ILE H 449 -1.46 -48.35 4.09
CA ILE H 449 -0.61 -49.38 3.49
C ILE H 449 -1.39 -50.67 3.24
N LYS H 450 -2.11 -51.12 4.26
CA LYS H 450 -2.85 -52.38 4.14
C LYS H 450 -3.85 -52.39 2.99
N THR H 451 -4.60 -51.30 2.85
CA THR H 451 -5.63 -51.21 1.83
C THR H 451 -5.07 -50.66 0.52
N HIS H 452 -3.77 -50.44 0.50
CA HIS H 452 -3.07 -49.86 -0.64
C HIS H 452 -3.77 -48.61 -1.17
N GLY H 453 -4.35 -47.83 -0.26
CA GLY H 453 -4.98 -46.57 -0.60
C GLY H 453 -6.50 -46.58 -0.56
N ASP H 454 -7.09 -47.77 -0.50
CA ASP H 454 -8.55 -47.91 -0.54
C ASP H 454 -9.26 -47.27 0.65
N VAL H 455 -8.54 -47.08 1.74
CA VAL H 455 -9.13 -46.49 2.95
C VAL H 455 -9.47 -45.02 2.71
N LEU H 456 -8.78 -44.40 1.76
CA LEU H 456 -9.03 -43.02 1.40
C LEU H 456 -10.31 -42.91 0.57
N ASN H 457 -10.67 -44.05 -0.04
CA ASN H 457 -11.85 -44.34 -0.89
C ASN H 457 -11.39 -44.77 -2.27
C2 BGC I . 1.78 0.86 -35.75
C3 BGC I . 2.87 0.11 -35.03
C4 BGC I . 3.38 -1.08 -35.84
C5 BGC I . 3.67 -0.64 -37.27
C6 BGC I . 4.06 -1.77 -38.20
C1 BGC I . 2.34 1.14 -37.12
O1 BGC I . 1.59 2.04 -37.89
O2 BGC I . 1.50 2.06 -35.08
O3 BGC I . 2.39 -0.33 -33.77
O4 BGC I . 4.57 -1.53 -35.24
O5 BGC I . 2.53 -0.05 -37.80
O6 BGC I . 2.90 -2.42 -38.66
C2 BGC J . -2.67 50.38 -7.52
C3 BGC J . -2.70 49.63 -6.20
C4 BGC J . -3.27 50.50 -5.09
C5 BGC J . -4.62 51.00 -5.54
C6 BGC J . -5.34 51.86 -4.53
C1 BGC J . -4.04 50.99 -7.74
O1 BGC J . -4.13 51.74 -8.92
O2 BGC J . -2.36 49.48 -8.56
O3 BGC J . -1.40 49.20 -5.88
O4 BGC J . -3.41 49.71 -3.93
O5 BGC J . -4.41 51.78 -6.67
O6 BGC J . -4.78 53.16 -4.57
C2 BGC K . -46.98 13.38 -3.27
C3 BGC K . -47.38 14.60 -4.08
C4 BGC K . -48.49 15.37 -3.39
C5 BGC K . -48.06 15.68 -1.97
C6 BGC K . -49.14 16.38 -1.19
C1 BGC K . -46.72 13.80 -1.84
O1 BGC K . -46.46 12.72 -0.99
O2 BGC K . -45.80 12.83 -3.83
O3 BGC K . -47.79 14.21 -5.36
O4 BGC K . -48.72 16.55 -4.10
O5 BGC K . -47.83 14.47 -1.31
O6 BGC K . -50.14 15.44 -0.87
C2 BGC L . -26.06 -31.48 -33.53
C3 BGC L . -26.54 -31.63 -34.94
C4 BGC L . -25.31 -31.77 -35.79
C5 BGC L . -24.77 -33.15 -35.55
C6 BGC L . -23.34 -33.28 -36.04
C1 BGC L . -25.11 -32.60 -33.14
O1 BGC L . -23.91 -32.05 -32.63
O2 BGC L . -27.17 -31.48 -32.66
O3 BGC L . -27.26 -30.48 -35.31
O4 BGC L . -25.68 -31.64 -37.15
O5 BGC L . -24.82 -33.53 -34.17
O6 BGC L . -22.61 -32.12 -35.69
C1 GOL M . 21.65 13.89 14.41
O1 GOL M . 20.28 14.04 14.72
C2 GOL M . 21.80 13.68 12.91
O2 GOL M . 21.51 12.34 12.60
C3 GOL M . 23.24 14.01 12.50
O3 GOL M . 23.58 15.28 12.99
C2 BGC N . 19.07 19.77 26.51
C3 BGC N . 20.01 19.22 27.58
C4 BGC N . 20.89 18.13 27.00
C5 BGC N . 21.62 18.71 25.81
C6 BGC N . 22.62 17.75 25.20
C1 BGC N . 19.92 20.14 25.32
O1 BGC N . 19.20 20.72 24.28
O2 BGC N . 18.42 20.92 27.01
O3 BGC N . 19.25 18.71 28.65
O4 BGC N . 21.82 17.74 27.97
O5 BGC N . 20.64 19.04 24.86
O6 BGC N . 21.94 16.70 24.54
C2 BGC O . -7.82 -12.94 31.24
C3 BGC O . -8.21 -12.98 29.78
C4 BGC O . -7.13 -13.64 28.94
C5 BGC O . -6.77 -14.97 29.56
C6 BGC O . -5.68 -15.73 28.82
C1 BGC O . -7.39 -14.33 31.63
O1 BGC O . -7.06 -14.48 32.97
O2 BGC O . -8.94 -12.55 32.01
O3 BGC O . -8.42 -11.66 29.32
O4 BGC O . -7.64 -13.86 27.65
O5 BGC O . -6.30 -14.72 30.85
O6 BGC O . -4.45 -15.06 28.93
C2 BGC P . 46.75 -6.58 16.21
C3 BGC P . 46.45 -5.51 15.19
C4 BGC P . 45.26 -4.69 15.64
C5 BGC P . 45.57 -4.12 17.01
C6 BGC P . 44.40 -3.39 17.61
C1 BGC P . 46.98 -5.89 17.53
O1 BGC P . 47.27 -6.76 18.58
O2 BGC P . 47.91 -7.28 15.81
O3 BGC P . 46.20 -6.08 13.93
O4 BGC P . 45.04 -3.66 14.71
O5 BGC P . 45.85 -5.17 17.88
O6 BGC P . 43.54 -4.34 18.22
C2 BGC Q . 15.25 -33.58 6.66
C3 BGC Q . 15.05 -34.16 8.04
C4 BGC Q . 14.37 -33.16 8.95
C5 BGC Q . 13.07 -32.74 8.29
C6 BGC Q . 12.30 -31.72 9.08
C1 BGC Q . 13.89 -33.08 6.18
O1 BGC Q . 13.94 -32.53 4.90
O2 BGC Q . 15.73 -34.56 5.78
O3 BGC Q . 16.30 -34.54 8.57
O4 BGC Q . 14.09 -33.77 10.18
O5 BGC Q . 13.39 -32.13 7.07
O6 BGC Q . 12.87 -30.44 8.89
#